data_8D0Z
#
_entry.id   8D0Z
#
_cell.length_a   1.00
_cell.length_b   1.00
_cell.length_c   1.00
_cell.angle_alpha   90.00
_cell.angle_beta   90.00
_cell.angle_gamma   90.00
#
_symmetry.space_group_name_H-M   'P 1'
#
loop_
_entity.id
_entity.type
_entity.pdbx_description
1 polymer 'Spike glycoprotein'
2 polymer 'S728-1157 Fab heavy chain variable region'
3 polymer 'S728-1157 Fab light chain variable region'
4 non-polymer 2-acetamido-2-deoxy-beta-D-glucopyranose
#
loop_
_entity_poly.entity_id
_entity_poly.type
_entity_poly.pdbx_seq_one_letter_code
_entity_poly.pdbx_strand_id
1 'polypeptide(L)'
;MFVFLVLLPLVSSQCVNLTTRTQLPPAYTNSFTRGVYYPDKVFRSSVLHSTQDLFLPFFSNVTWFHAIHVSGTNGTKRFD
NPVLPFNDGVYFASTEKSNIIRGWIFGTTLDSKTQSLLIVNNATNVVIKVCEFQFCNDPFLGVYYHKNNKSWMESEFRVY
SSANNCTFEYVSQPFLMDLEGKQGNFKNLREFVFKNIDGYFKIYSKHTPINLVRDLPQGFSALEPLVDLPIGINITRFQT
LLALHRSYLTPGDSSSGWTAGAAAYYVGYLQPRTFLLKYNENGTITDAVDCALDPLSETKCTLKSFTVEKGIYQTSNFRV
QPTESIVRFPNITNLCPFGEVFNATRFASVYAWNRKRISNCVADYSVLYNSASFSTFKCYGVSPTKLNDLCFTNVYADSF
VIRGDEVRQIAPGQTGKIADYNYKLPDDFTGCVIAWNSNNLDSKVGGNYNYLYRLFRKSNLKPFERDISTEIYQAGSTPC
NGVEGFNCYFPLQSYGFQPTNGVGYQPYRVVVLSFELLHAPATVCGPKKSTNLVKNKCVNFNFNGLTGTGVLTESNKKFL
PFQQFGRDIADTTDAVRDPQTLEILDITPCSFGGVSVITPGTNTSNQVAVLYQDVNCTEVPVAIHADQLTPTWRVYSTGS
NVFQTRAGCLIGAEHVNNSYECDIPIGAGICASYQTQTNSPGSASSVASQSIIAYTMSLGAENSCAYSNNSIAIPTNFTI
SVTTEILPVSMTKTSVDCTMYICGDSTECSNLLLQYGSFCTQLNRALTGIAVEQDKNTQEVFAQVKQIYKTPPIKDFGGF
NFSQILPDPSKPSKRSPIEDLLFNKVTLADAGFIKQYGDCLGDIAARDLICAQKFNGLTVLPPLLTDEMIAQYTSALLAG
TICSGWTFGAGPALQIPFPMQMAYRFNGIGVTQNVLYENQKLIANQFNSAIGKIQDSLSSTPSALGKLQDVVNQNAQALN
TLVKQLSSNFGAISSVLNDILSRLDPPEAEVQIDRLITGRLQSLQTYVTQQLIRAAEIRASANLAATKMSECVLGQSKRV
DFCGKGYHLMSFPQSAPHGVVFLHVTYVPAQEKNFTTAPAICHDGKAHFPREGVFVSNGTHWFVTQRNFYEPQIITTDNT
FVSGNCDVVIGIVNNTVYDPLQPELDSFKEELDKYFKNHTSPDVDLGDISGINASVVNIQKEIDRLNEVAKNLNESLIDL
QELGKYEQGSGYIPEAPRDGQAYVRKDGEWVLLSTFLGRSLEVLFQGPGSAWSHPQFEKGGGSGGGGSGGSAWSHPQFEK
;
C,A,B
2 'polypeptide(L)'
;EVQLVESGGGLVQPGGSLRLSCAASGLLVSRNYMNWVRQAPGKGLEWVSIIYSGGSTFYADSVEGRFTISRDESKNTLYL
QMNSLRTDDTAVYYCARDLSDYGGIDCWGQGTLVTVSS
;
H
3 'polypeptide(L)'
;ELTQPLSVSMALGQTARISCGGDNVGSQNVHWYQQRPGQAPVLVIYRDSNRPSGIPERFSGSKSGNTATLTISRAQAGDE
ADYYCQVWDSSTVAFGGGTKLTVL
;
L
#
loop_
_chem_comp.id
_chem_comp.type
_chem_comp.name
_chem_comp.formula
NAG D-saccharide, beta linking 2-acetamido-2-deoxy-beta-D-glucopyranose 'C8 H15 N O6'
#
# COMPACT_ATOMS: atom_id res chain seq x y z
N TYR A 28 -3.64 -5.03 61.91
CA TYR A 28 -3.41 -4.89 60.48
C TYR A 28 -1.92 -5.02 60.19
N THR A 29 -1.58 -5.60 59.01
CA THR A 29 -0.21 -5.79 58.51
C THR A 29 -0.09 -5.56 57.03
N ASN A 30 1.13 -5.69 56.52
CA ASN A 30 1.36 -5.56 55.09
C ASN A 30 1.38 -6.93 54.45
N SER A 31 0.95 -7.01 53.21
CA SER A 31 1.03 -8.24 52.43
C SER A 31 2.43 -8.50 51.91
N PHE A 32 3.24 -7.48 51.96
CA PHE A 32 4.58 -7.52 51.43
C PHE A 32 4.56 -8.05 50.00
N THR A 33 5.24 -9.16 49.77
CA THR A 33 5.38 -9.77 48.47
C THR A 33 4.75 -11.14 48.42
N ARG A 34 3.86 -11.40 49.37
CA ARG A 34 3.15 -12.66 49.51
C ARG A 34 1.92 -12.68 48.61
N GLY A 35 1.43 -13.86 48.27
CA GLY A 35 0.21 -13.96 47.47
C GLY A 35 0.42 -14.34 46.00
N VAL A 36 1.64 -14.66 45.63
CA VAL A 36 1.95 -15.06 44.27
C VAL A 36 1.50 -16.48 44.04
N TYR A 37 0.89 -16.71 42.91
CA TYR A 37 0.44 -18.04 42.57
C TYR A 37 0.59 -18.23 41.11
N TYR A 38 0.62 -19.47 40.66
CA TYR A 38 0.76 -19.71 39.24
C TYR A 38 -0.57 -19.41 38.55
N PRO A 39 -0.63 -18.42 37.66
CA PRO A 39 -1.82 -17.96 37.00
C PRO A 39 -2.32 -18.93 35.95
N ASP A 40 -1.46 -19.87 35.58
CA ASP A 40 -1.76 -20.77 34.52
C ASP A 40 -1.13 -22.13 34.78
N LYS A 41 -1.20 -22.98 33.77
CA LYS A 41 -0.69 -24.32 33.85
C LYS A 41 0.43 -24.53 32.87
N VAL A 42 1.26 -23.51 32.61
CA VAL A 42 2.32 -23.80 31.65
C VAL A 42 3.70 -23.60 32.18
N PHE A 43 4.57 -24.41 31.64
CA PHE A 43 5.96 -24.43 31.97
C PHE A 43 6.73 -23.43 31.16
N ARG A 44 7.53 -22.64 31.84
CA ARG A 44 8.36 -21.66 31.19
C ARG A 44 9.72 -21.79 31.84
N SER A 45 10.78 -21.73 31.06
CA SER A 45 12.10 -21.89 31.65
C SER A 45 12.94 -20.66 31.45
N SER A 46 13.26 -20.02 32.55
CA SER A 46 14.03 -18.77 32.56
C SER A 46 13.43 -17.69 31.66
N VAL A 47 12.13 -17.51 31.79
CA VAL A 47 11.36 -16.54 31.04
C VAL A 47 10.70 -15.55 31.96
N LEU A 48 10.80 -14.28 31.66
CA LEU A 48 10.03 -13.37 32.47
C LEU A 48 8.72 -13.29 31.72
N HIS A 49 7.62 -13.31 32.42
CA HIS A 49 6.34 -13.27 31.76
C HIS A 49 5.41 -12.24 32.34
N SER A 50 4.82 -11.44 31.48
CA SER A 50 3.88 -10.43 31.94
C SER A 50 2.45 -10.88 31.80
N THR A 51 1.75 -10.92 32.91
CA THR A 51 0.37 -11.35 32.90
C THR A 51 -0.51 -10.50 33.77
N GLN A 52 -1.82 -10.74 33.70
CA GLN A 52 -2.76 -10.02 34.53
C GLN A 52 -3.85 -10.91 35.05
N ASP A 53 -4.08 -10.81 36.35
CA ASP A 53 -5.11 -11.59 37.02
C ASP A 53 -5.51 -10.92 38.31
N LEU A 54 -6.46 -11.50 39.02
CA LEU A 54 -6.78 -11.01 40.35
C LEU A 54 -5.63 -11.36 41.26
N PHE A 55 -5.19 -10.41 42.05
CA PHE A 55 -4.03 -10.65 42.85
C PHE A 55 -4.01 -9.81 44.10
N LEU A 56 -3.40 -10.30 45.18
CA LEU A 56 -3.25 -9.47 46.36
C LEU A 56 -2.15 -8.46 46.08
N PRO A 57 -2.40 -7.16 46.03
CA PRO A 57 -1.39 -6.19 45.68
C PRO A 57 -0.23 -6.25 46.63
N PHE A 58 0.95 -5.94 46.13
CA PHE A 58 2.08 -5.94 47.02
C PHE A 58 1.91 -4.79 47.96
N PHE A 59 2.28 -5.04 49.19
CA PHE A 59 2.21 -4.12 50.31
C PHE A 59 0.79 -3.66 50.66
N SER A 60 -0.21 -4.45 50.27
CA SER A 60 -1.61 -4.24 50.60
C SER A 60 -1.85 -4.35 52.09
N ASN A 61 -2.87 -3.62 52.56
CA ASN A 61 -3.24 -3.62 53.98
C ASN A 61 -4.15 -4.81 54.31
N VAL A 62 -3.58 -5.76 55.04
CA VAL A 62 -4.16 -7.06 55.43
C VAL A 62 -4.67 -7.08 56.86
N THR A 63 -5.87 -7.61 57.10
CA THR A 63 -6.42 -7.60 58.46
C THR A 63 -5.91 -8.80 59.26
N TRP A 64 -5.46 -8.54 60.49
CA TRP A 64 -4.90 -9.57 61.36
C TRP A 64 -5.85 -10.02 62.47
N PHE A 65 -6.20 -11.29 62.45
CA PHE A 65 -7.13 -11.84 63.41
C PHE A 65 -6.37 -12.74 64.40
N HIS A 66 -6.64 -12.59 65.72
CA HIS A 66 -6.01 -13.33 66.82
C HIS A 66 -6.62 -12.85 68.13
N PHE A 79 -9.93 -17.54 67.95
CA PHE A 79 -10.07 -16.29 68.68
C PHE A 79 -11.26 -15.48 68.14
N ASP A 80 -11.19 -15.06 66.85
CA ASP A 80 -12.13 -14.18 66.16
C ASP A 80 -12.29 -14.62 64.71
N ASN A 81 -13.45 -15.17 64.37
CA ASN A 81 -13.76 -15.68 63.04
C ASN A 81 -15.09 -15.12 62.52
N PRO A 82 -15.22 -13.81 62.31
CA PRO A 82 -16.42 -13.09 61.97
C PRO A 82 -16.74 -13.35 60.52
N VAL A 83 -17.93 -13.00 60.08
CA VAL A 83 -18.17 -13.17 58.67
C VAL A 83 -17.59 -11.97 57.92
N LEU A 84 -16.73 -12.28 56.98
CA LEU A 84 -15.99 -11.38 56.15
C LEU A 84 -16.57 -11.43 54.74
N PRO A 85 -16.31 -10.44 53.89
CA PRO A 85 -16.66 -10.45 52.49
C PRO A 85 -15.75 -11.40 51.74
N PHE A 86 -16.18 -11.83 50.56
CA PHE A 86 -15.31 -12.59 49.66
C PHE A 86 -14.77 -11.72 48.54
N ASN A 87 -15.55 -10.73 48.13
CA ASN A 87 -15.22 -9.86 47.02
C ASN A 87 -14.93 -10.67 45.76
N ASP A 88 -13.77 -10.47 45.14
CA ASP A 88 -13.43 -11.19 43.92
C ASP A 88 -12.49 -12.34 44.19
N GLY A 89 -12.26 -12.60 45.45
CA GLY A 89 -11.34 -13.63 45.85
C GLY A 89 -10.62 -13.18 47.10
N VAL A 90 -10.17 -14.16 47.84
CA VAL A 90 -9.56 -13.94 49.12
C VAL A 90 -8.17 -14.48 49.29
N TYR A 91 -7.28 -13.63 49.79
CA TYR A 91 -5.98 -14.12 50.15
C TYR A 91 -6.05 -14.48 51.60
N PHE A 92 -5.76 -15.70 51.90
CA PHE A 92 -5.85 -16.15 53.27
C PHE A 92 -4.56 -16.77 53.69
N ALA A 93 -4.12 -16.46 54.87
CA ALA A 93 -2.94 -17.14 55.32
C ALA A 93 -3.02 -17.34 56.78
N SER A 94 -2.38 -18.37 57.25
CA SER A 94 -2.37 -18.60 58.67
C SER A 94 -1.13 -19.23 59.18
N THR A 95 -0.93 -19.02 60.46
CA THR A 95 0.20 -19.59 61.14
C THR A 95 -0.36 -20.47 62.23
N GLU A 96 0.21 -21.66 62.35
CA GLU A 96 -0.32 -22.64 63.28
C GLU A 96 0.71 -23.51 64.02
N LYS A 97 0.25 -24.03 65.17
CA LYS A 97 0.92 -25.06 65.98
C LYS A 97 0.03 -26.26 66.31
N SER A 98 -1.26 -26.02 66.58
CA SER A 98 -2.11 -27.07 67.15
C SER A 98 -3.40 -27.42 66.41
N ASN A 99 -3.41 -27.31 65.10
CA ASN A 99 -4.59 -27.68 64.30
C ASN A 99 -5.91 -27.04 64.75
N ILE A 100 -5.91 -25.73 64.96
CA ILE A 100 -7.09 -24.98 65.33
C ILE A 100 -7.78 -24.45 64.10
N ILE A 101 -7.01 -24.01 63.12
CA ILE A 101 -7.61 -23.47 61.91
C ILE A 101 -7.91 -24.65 60.98
N ARG A 102 -9.20 -24.91 60.77
CA ARG A 102 -9.64 -26.10 60.04
C ARG A 102 -10.30 -25.91 58.70
N GLY A 103 -10.92 -24.78 58.49
CA GLY A 103 -11.66 -24.70 57.24
C GLY A 103 -12.34 -23.40 56.99
N TRP A 104 -13.15 -23.40 55.94
CA TRP A 104 -13.84 -22.21 55.52
C TRP A 104 -15.29 -22.47 55.06
N ILE A 105 -16.12 -21.43 55.17
CA ILE A 105 -17.47 -21.43 54.63
C ILE A 105 -17.59 -20.37 53.54
N PHE A 106 -18.07 -20.76 52.37
CA PHE A 106 -18.24 -19.78 51.31
C PHE A 106 -19.65 -19.82 50.74
N GLY A 107 -20.16 -18.69 50.32
CA GLY A 107 -21.48 -18.67 49.69
C GLY A 107 -21.96 -17.25 49.65
N THR A 108 -23.26 -17.05 49.44
CA THR A 108 -23.73 -15.68 49.42
C THR A 108 -24.07 -15.28 50.86
N THR A 109 -25.23 -15.67 51.36
CA THR A 109 -25.61 -15.33 52.73
C THR A 109 -25.07 -16.25 53.86
N LEU A 110 -24.77 -17.51 53.50
CA LEU A 110 -24.25 -18.60 54.36
C LEU A 110 -25.21 -19.12 55.44
N ASP A 111 -26.52 -18.87 55.31
CA ASP A 111 -27.53 -19.24 56.31
C ASP A 111 -28.69 -20.16 55.91
N SER A 112 -28.47 -21.03 54.94
CA SER A 112 -29.43 -21.98 54.35
C SER A 112 -30.17 -21.39 53.17
N LYS A 113 -29.90 -20.12 52.86
CA LYS A 113 -30.52 -19.50 51.69
C LYS A 113 -29.59 -19.59 50.46
N THR A 114 -28.45 -20.27 50.65
CA THR A 114 -27.45 -20.48 49.60
C THR A 114 -26.83 -21.87 49.78
N GLN A 115 -26.41 -22.50 48.68
CA GLN A 115 -25.76 -23.79 48.85
C GLN A 115 -24.30 -23.62 49.21
N SER A 116 -24.08 -23.35 50.48
CA SER A 116 -22.78 -23.03 51.02
C SER A 116 -21.77 -24.12 50.79
N LEU A 117 -20.58 -23.68 50.49
CA LEU A 117 -19.46 -24.53 50.30
C LEU A 117 -18.68 -24.67 51.57
N LEU A 118 -18.65 -25.89 52.07
CA LEU A 118 -17.97 -26.16 53.31
C LEU A 118 -16.73 -26.94 53.00
N ILE A 119 -15.58 -26.36 53.25
CA ILE A 119 -14.34 -27.08 53.01
C ILE A 119 -13.71 -27.24 54.36
N VAL A 120 -13.80 -28.45 54.92
CA VAL A 120 -13.38 -28.56 56.30
C VAL A 120 -12.58 -29.80 56.65
N ASN A 121 -11.48 -29.61 57.40
CA ASN A 121 -10.77 -30.75 57.94
C ASN A 121 -11.30 -31.01 59.35
N ASN A 122 -12.08 -32.08 59.49
CA ASN A 122 -12.74 -32.40 60.75
C ASN A 122 -12.07 -33.56 61.47
N ALA A 123 -10.80 -33.83 61.13
CA ALA A 123 -9.97 -34.90 61.69
C ALA A 123 -10.40 -36.29 61.22
N THR A 124 -11.68 -36.61 61.30
CA THR A 124 -12.15 -37.89 60.82
C THR A 124 -11.76 -37.98 59.36
N ASN A 125 -12.06 -36.91 58.64
CA ASN A 125 -11.74 -36.76 57.24
C ASN A 125 -11.82 -35.30 56.76
N VAL A 126 -11.48 -35.10 55.50
CA VAL A 126 -11.67 -33.81 54.83
C VAL A 126 -12.86 -33.84 53.91
N VAL A 127 -13.73 -32.86 54.06
CA VAL A 127 -14.89 -32.85 53.19
C VAL A 127 -15.08 -31.56 52.43
N ILE A 128 -15.76 -31.69 51.30
CA ILE A 128 -16.22 -30.57 50.51
C ILE A 128 -17.69 -30.78 50.28
N LYS A 129 -18.52 -29.91 50.81
CA LYS A 129 -19.94 -30.10 50.60
C LYS A 129 -20.51 -28.83 50.07
N VAL A 130 -21.46 -28.93 49.14
CA VAL A 130 -22.08 -27.72 48.66
C VAL A 130 -23.55 -27.78 48.98
N CYS A 131 -24.00 -27.15 50.11
CA CYS A 131 -25.40 -27.24 50.51
C CYS A 131 -25.84 -26.16 51.51
N GLU A 132 -27.15 -26.13 51.72
CA GLU A 132 -27.87 -25.20 52.55
C GLU A 132 -28.02 -25.58 54.02
N PHE A 133 -27.21 -24.91 54.83
CA PHE A 133 -27.14 -25.07 56.29
C PHE A 133 -27.45 -23.73 56.92
N GLN A 134 -28.05 -23.75 58.10
CA GLN A 134 -28.36 -22.56 58.86
C GLN A 134 -27.12 -21.98 59.50
N PHE A 135 -27.15 -20.68 59.79
CA PHE A 135 -25.97 -20.03 60.35
C PHE A 135 -26.12 -19.82 61.85
N CYS A 136 -25.05 -20.07 62.58
CA CYS A 136 -25.04 -19.93 64.03
C CYS A 136 -24.57 -18.58 64.54
N ASN A 137 -25.06 -18.20 65.71
CA ASN A 137 -24.67 -16.96 66.37
C ASN A 137 -23.23 -17.02 66.87
N ASP A 138 -22.75 -18.23 67.14
CA ASP A 138 -21.43 -18.46 67.67
C ASP A 138 -20.86 -19.71 66.96
N PRO A 139 -20.55 -19.61 65.66
CA PRO A 139 -20.26 -20.72 64.74
C PRO A 139 -18.87 -21.32 64.88
N PHE A 140 -18.57 -21.85 66.05
CA PHE A 140 -17.29 -22.51 66.30
C PHE A 140 -17.43 -23.99 66.33
N LEU A 141 -16.36 -24.66 65.97
CA LEU A 141 -16.33 -26.10 66.05
C LEU A 141 -15.51 -26.43 67.28
N GLY A 142 -15.64 -27.61 67.81
CA GLY A 142 -14.80 -27.98 68.94
C GLY A 142 -13.60 -28.80 68.43
N VAL A 143 -12.75 -29.21 69.37
CA VAL A 143 -11.58 -30.09 69.19
C VAL A 143 -11.25 -30.59 70.59
N MET A 153 -10.83 -37.21 70.12
CA MET A 153 -11.72 -36.40 70.93
C MET A 153 -11.90 -34.98 70.36
N GLU A 154 -12.97 -34.78 69.54
CA GLU A 154 -13.39 -33.46 69.04
C GLU A 154 -14.83 -33.30 69.50
N SER A 155 -15.01 -32.35 70.41
CA SER A 155 -16.28 -32.18 71.11
C SER A 155 -17.50 -31.48 70.47
N GLU A 156 -17.37 -30.72 69.37
CA GLU A 156 -18.57 -29.97 68.93
C GLU A 156 -18.66 -29.55 67.45
N PHE A 157 -19.91 -29.33 66.99
CA PHE A 157 -20.23 -28.74 65.67
C PHE A 157 -21.26 -27.60 65.68
N ARG A 158 -21.06 -26.67 64.76
CA ARG A 158 -21.92 -25.53 64.49
C ARG A 158 -22.00 -25.35 63.00
N VAL A 159 -23.17 -24.89 62.54
CA VAL A 159 -23.54 -24.66 61.13
C VAL A 159 -23.77 -26.04 60.50
N TYR A 160 -22.76 -26.90 60.57
CA TYR A 160 -22.86 -28.25 60.06
C TYR A 160 -23.69 -29.14 60.97
N SER A 161 -24.98 -28.95 60.88
CA SER A 161 -26.02 -29.65 61.60
C SER A 161 -26.79 -30.52 60.60
N SER A 162 -27.70 -29.90 59.87
CA SER A 162 -28.50 -30.59 58.86
C SER A 162 -28.67 -29.71 57.63
N ALA A 163 -29.04 -30.31 56.52
CA ALA A 163 -29.18 -29.52 55.32
C ALA A 163 -30.20 -30.09 54.35
N ASN A 164 -30.56 -29.24 53.40
CA ASN A 164 -31.54 -29.50 52.34
C ASN A 164 -31.01 -30.31 51.17
N ASN A 165 -31.89 -30.58 50.19
CA ASN A 165 -31.47 -31.30 49.00
C ASN A 165 -30.61 -30.33 48.18
N CYS A 166 -29.37 -30.74 47.81
CA CYS A 166 -28.36 -29.89 47.16
C CYS A 166 -27.54 -30.65 46.12
N THR A 167 -26.70 -29.93 45.35
CA THR A 167 -25.94 -30.54 44.26
C THR A 167 -24.94 -31.65 44.63
N PHE A 168 -24.07 -31.48 45.63
CA PHE A 168 -23.17 -32.61 45.91
C PHE A 168 -22.51 -32.60 47.28
N GLU A 169 -21.98 -33.77 47.63
CA GLU A 169 -21.12 -33.94 48.80
C GLU A 169 -19.93 -34.82 48.44
N TYR A 170 -18.75 -34.34 48.74
CA TYR A 170 -17.50 -35.04 48.50
C TYR A 170 -16.71 -35.30 49.76
N VAL A 171 -16.18 -36.50 49.86
CA VAL A 171 -15.35 -36.81 51.00
C VAL A 171 -14.01 -37.27 50.48
N SER A 172 -12.95 -36.73 51.05
CA SER A 172 -11.59 -37.02 50.68
C SER A 172 -11.00 -38.11 51.55
N GLN A 173 -9.79 -37.88 52.02
CA GLN A 173 -9.07 -38.88 52.76
C GLN A 173 -9.39 -38.80 54.25
N PRO A 174 -9.22 -39.90 54.99
CA PRO A 174 -9.31 -39.96 56.44
C PRO A 174 -8.09 -39.27 57.02
N PHE A 175 -8.23 -38.67 58.22
CA PHE A 175 -7.15 -37.97 58.96
C PHE A 175 -7.18 -38.32 60.44
N ASN A 185 4.50 -18.05 69.00
CA ASN A 185 5.44 -18.71 68.10
C ASN A 185 4.67 -19.77 67.30
N PHE A 186 4.94 -19.87 65.97
CA PHE A 186 4.30 -20.80 65.03
C PHE A 186 5.32 -21.59 64.21
N LYS A 187 4.93 -22.82 63.84
CA LYS A 187 5.81 -23.71 63.08
C LYS A 187 5.32 -24.02 61.67
N ASN A 188 4.04 -23.79 61.40
CA ASN A 188 3.47 -24.12 60.11
C ASN A 188 2.77 -22.96 59.42
N LEU A 189 3.26 -22.56 58.26
CA LEU A 189 2.63 -21.50 57.50
C LEU A 189 1.85 -22.04 56.36
N ARG A 190 0.61 -21.63 56.27
CA ARG A 190 -0.17 -22.08 55.15
C ARG A 190 -0.75 -20.87 54.46
N GLU A 191 -0.49 -20.79 53.16
CA GLU A 191 -0.98 -19.67 52.37
C GLU A 191 -1.94 -20.19 51.33
N PHE A 192 -3.06 -19.52 51.16
CA PHE A 192 -4.09 -19.91 50.22
C PHE A 192 -4.69 -18.76 49.42
N VAL A 193 -5.09 -19.07 48.21
CA VAL A 193 -5.89 -18.13 47.45
C VAL A 193 -7.17 -18.78 47.04
N PHE A 194 -8.27 -18.13 47.40
CA PHE A 194 -9.59 -18.61 47.07
C PHE A 194 -10.19 -17.70 46.02
N LYS A 195 -10.34 -18.20 44.82
CA LYS A 195 -10.83 -17.38 43.72
C LYS A 195 -12.05 -18.05 43.10
N ASN A 196 -13.02 -17.30 42.59
CA ASN A 196 -14.21 -17.98 42.04
C ASN A 196 -14.60 -17.47 40.65
N ILE A 197 -14.26 -18.25 39.63
CA ILE A 197 -14.49 -17.82 38.25
C ILE A 197 -15.37 -18.76 37.46
N ASP A 198 -16.46 -18.20 36.94
CA ASP A 198 -17.43 -18.92 36.12
C ASP A 198 -17.95 -20.19 36.78
N GLY A 199 -18.18 -20.13 38.07
CA GLY A 199 -18.70 -21.27 38.80
C GLY A 199 -17.60 -22.15 39.37
N TYR A 200 -16.35 -21.88 39.00
CA TYR A 200 -15.27 -22.70 39.49
C TYR A 200 -14.51 -22.10 40.64
N PHE A 201 -14.46 -22.86 41.70
CA PHE A 201 -13.80 -22.41 42.89
C PHE A 201 -12.40 -22.94 42.84
N LYS A 202 -11.48 -22.02 42.63
CA LYS A 202 -10.09 -22.36 42.42
C LYS A 202 -9.32 -22.12 43.68
N ILE A 203 -8.59 -23.11 44.11
CA ILE A 203 -7.84 -22.92 45.32
C ILE A 203 -6.42 -23.17 45.03
N TYR A 204 -5.59 -22.24 45.43
CA TYR A 204 -4.16 -22.33 45.34
C TYR A 204 -3.60 -22.41 46.72
N SER A 205 -2.50 -23.10 46.90
CA SER A 205 -1.89 -23.09 48.22
C SER A 205 -0.44 -23.51 48.27
N LYS A 206 0.14 -23.25 49.43
CA LYS A 206 1.47 -23.70 49.77
C LYS A 206 1.61 -23.93 51.25
N HIS A 207 2.34 -24.97 51.62
CA HIS A 207 2.65 -25.23 53.02
C HIS A 207 4.15 -25.04 53.19
N THR A 208 4.51 -24.04 53.99
CA THR A 208 5.87 -23.64 54.23
C THR A 208 6.27 -23.87 55.70
N PRO A 209 7.38 -24.55 55.99
CA PRO A 209 7.85 -24.73 57.35
C PRO A 209 8.32 -23.36 57.80
N ILE A 210 7.95 -22.96 59.00
CA ILE A 210 8.33 -21.65 59.51
C ILE A 210 8.85 -21.59 60.92
N ASN A 211 9.42 -20.42 61.22
CA ASN A 211 9.79 -20.01 62.55
C ASN A 211 9.30 -18.58 62.71
N LEU A 212 8.00 -18.41 62.94
CA LEU A 212 7.42 -17.07 63.04
C LEU A 212 7.03 -16.79 64.47
N VAL A 213 7.01 -15.53 64.84
CA VAL A 213 6.60 -15.19 66.19
C VAL A 213 5.19 -14.59 66.20
N ARG A 214 4.96 -13.59 65.35
CA ARG A 214 3.64 -12.98 65.25
C ARG A 214 3.12 -12.80 63.84
N ASP A 215 4.01 -12.59 62.88
CA ASP A 215 3.56 -12.27 61.55
C ASP A 215 4.47 -12.87 60.51
N LEU A 216 4.10 -12.66 59.25
CA LEU A 216 4.80 -13.19 58.11
C LEU A 216 5.62 -12.11 57.40
N PRO A 217 6.96 -12.17 57.40
CA PRO A 217 7.85 -11.20 56.82
C PRO A 217 7.89 -11.28 55.33
N GLN A 218 8.44 -10.25 54.74
CA GLN A 218 8.63 -10.26 53.31
C GLN A 218 9.56 -11.39 52.94
N GLY A 219 9.18 -12.10 51.89
CA GLY A 219 9.90 -13.22 51.34
C GLY A 219 9.14 -13.66 50.10
N PHE A 220 9.63 -14.64 49.38
CA PHE A 220 8.91 -14.98 48.17
C PHE A 220 8.65 -16.44 48.01
N SER A 221 7.45 -16.75 47.60
CA SER A 221 7.02 -18.09 47.30
C SER A 221 5.87 -17.99 46.34
N ALA A 222 5.49 -19.10 45.73
CA ALA A 222 4.32 -19.07 44.89
C ALA A 222 3.47 -20.27 45.23
N LEU A 223 2.17 -20.09 45.13
CA LEU A 223 1.21 -21.12 45.46
C LEU A 223 0.86 -21.94 44.24
N GLU A 224 0.66 -23.22 44.43
CA GLU A 224 0.31 -24.10 43.33
C GLU A 224 -1.17 -24.30 43.34
N PRO A 225 -1.82 -24.53 42.23
CA PRO A 225 -3.22 -24.84 42.20
C PRO A 225 -3.40 -26.19 42.83
N LEU A 226 -4.48 -26.36 43.59
CA LEU A 226 -4.84 -27.64 44.16
C LEU A 226 -6.10 -28.16 43.54
N VAL A 227 -7.12 -27.30 43.50
CA VAL A 227 -8.40 -27.71 42.93
C VAL A 227 -8.95 -26.66 42.01
N ASP A 228 -9.90 -27.09 41.20
CA ASP A 228 -10.67 -26.25 40.33
C ASP A 228 -12.04 -26.89 40.37
N LEU A 229 -12.84 -26.50 41.34
CA LEU A 229 -14.06 -27.22 41.66
C LEU A 229 -15.32 -26.68 40.99
N PRO A 230 -16.16 -27.55 40.39
CA PRO A 230 -17.42 -27.21 39.73
C PRO A 230 -18.53 -26.98 40.74
N ILE A 231 -18.39 -25.94 41.54
CA ILE A 231 -19.34 -25.68 42.60
C ILE A 231 -20.61 -25.04 42.06
N GLY A 232 -20.46 -24.06 41.15
CA GLY A 232 -21.62 -23.42 40.53
C GLY A 232 -22.36 -22.38 41.37
N ILE A 233 -21.71 -21.73 42.33
CA ILE A 233 -22.43 -20.77 43.17
C ILE A 233 -21.74 -19.44 43.17
N ASN A 234 -22.49 -18.40 43.54
CA ASN A 234 -21.92 -17.09 43.76
C ASN A 234 -21.42 -17.06 45.18
N ILE A 235 -20.30 -16.40 45.41
CA ILE A 235 -19.79 -16.25 46.75
C ILE A 235 -19.63 -14.77 47.05
N THR A 236 -20.29 -14.28 48.09
CA THR A 236 -20.19 -12.88 48.44
C THR A 236 -19.66 -12.76 49.86
N ARG A 237 -19.77 -13.84 50.61
CA ARG A 237 -19.32 -13.90 52.00
C ARG A 237 -18.34 -15.03 52.20
N PHE A 238 -17.46 -14.79 53.14
CA PHE A 238 -16.42 -15.67 53.57
C PHE A 238 -16.27 -15.80 55.07
N GLN A 239 -16.16 -17.01 55.58
CA GLN A 239 -15.91 -17.14 57.00
C GLN A 239 -14.93 -18.25 57.30
N THR A 240 -14.03 -18.02 58.23
CA THR A 240 -13.10 -19.07 58.58
C THR A 240 -13.68 -19.94 59.69
N LEU A 241 -13.12 -21.13 59.83
CA LEU A 241 -13.54 -22.06 60.87
C LEU A 241 -12.41 -22.44 61.80
N LEU A 242 -12.64 -22.14 63.06
CA LEU A 242 -11.69 -22.40 64.11
C LEU A 242 -12.29 -23.41 65.05
N ALA A 243 -11.45 -24.25 65.65
CA ALA A 243 -11.90 -25.23 66.62
C ALA A 243 -11.57 -24.84 68.09
N LEU A 244 -12.42 -25.24 69.03
CA LEU A 244 -12.22 -24.97 70.46
C LEU A 244 -11.73 -26.20 71.24
N HIS A 245 -10.47 -26.12 71.67
CA HIS A 245 -9.78 -27.20 72.35
C HIS A 245 -10.09 -27.41 73.83
N ARG A 246 -10.17 -28.70 74.18
CA ARG A 246 -10.34 -29.24 75.51
C ARG A 246 -9.91 -30.72 75.42
N SER A 247 -9.70 -31.40 76.56
CA SER A 247 -9.32 -32.82 76.61
C SER A 247 -9.81 -33.43 77.92
N ALA A 264 -3.26 -18.05 64.65
CA ALA A 264 -3.65 -16.73 64.16
C ALA A 264 -3.78 -16.77 62.63
N TYR A 265 -4.53 -15.80 62.03
CA TYR A 265 -4.69 -15.75 60.56
C TYR A 265 -4.83 -14.34 60.04
N TYR A 266 -4.58 -14.21 58.76
CA TYR A 266 -4.64 -12.96 58.06
C TYR A 266 -5.54 -13.03 56.83
N VAL A 267 -6.29 -11.94 56.59
CA VAL A 267 -7.13 -11.90 55.39
C VAL A 267 -6.93 -10.64 54.55
N GLY A 268 -6.66 -10.83 53.26
CA GLY A 268 -6.52 -9.73 52.32
C GLY A 268 -7.47 -9.97 51.15
N TYR A 269 -7.52 -9.05 50.21
CA TYR A 269 -8.41 -9.23 49.08
C TYR A 269 -7.73 -9.01 47.77
N LEU A 270 -8.18 -9.70 46.75
CA LEU A 270 -7.55 -9.58 45.47
C LEU A 270 -8.10 -8.41 44.67
N GLN A 271 -7.26 -7.80 43.85
CA GLN A 271 -7.63 -6.73 42.94
C GLN A 271 -7.03 -7.07 41.60
N PRO A 272 -7.56 -6.66 40.47
CA PRO A 272 -6.89 -6.88 39.22
C PRO A 272 -5.52 -6.22 39.26
N ARG A 273 -4.48 -6.96 38.89
CA ARG A 273 -3.12 -6.43 38.84
C ARG A 273 -2.27 -7.05 37.76
N THR A 274 -1.46 -6.21 37.15
CA THR A 274 -0.53 -6.69 36.16
C THR A 274 0.79 -6.94 36.87
N PHE A 275 1.35 -8.11 36.63
CA PHE A 275 2.63 -8.54 37.17
C PHE A 275 3.63 -9.02 36.18
N LEU A 276 4.87 -8.75 36.51
CA LEU A 276 5.96 -9.35 35.76
C LEU A 276 6.45 -10.49 36.62
N LEU A 277 6.32 -11.72 36.13
CA LEU A 277 6.71 -12.87 36.92
C LEU A 277 7.97 -13.50 36.41
N LYS A 278 8.89 -13.76 37.32
CA LYS A 278 10.15 -14.37 36.96
C LYS A 278 10.18 -15.84 37.17
N TYR A 279 10.32 -16.58 36.09
CA TYR A 279 10.40 -18.02 36.18
C TYR A 279 11.85 -18.45 36.17
N ASN A 280 12.15 -19.53 36.87
CA ASN A 280 13.48 -20.08 36.87
C ASN A 280 13.64 -21.18 35.84
N GLU A 281 14.81 -21.78 35.83
CA GLU A 281 15.14 -22.83 34.89
C GLU A 281 14.20 -24.02 35.00
N ASN A 282 13.77 -24.27 36.22
CA ASN A 282 12.93 -25.40 36.54
C ASN A 282 11.43 -25.11 36.51
N GLY A 283 11.00 -23.95 36.03
CA GLY A 283 9.57 -23.66 35.91
C GLY A 283 8.83 -23.01 37.07
N THR A 284 9.50 -22.66 38.17
CA THR A 284 8.80 -22.06 39.28
C THR A 284 8.92 -20.57 39.20
N ILE A 285 8.09 -19.87 39.95
CA ILE A 285 8.19 -18.42 40.02
C ILE A 285 9.09 -18.10 41.19
N THR A 286 10.15 -17.37 40.95
CA THR A 286 11.09 -17.03 42.00
C THR A 286 11.04 -15.57 42.38
N ASP A 287 10.49 -14.73 41.52
CA ASP A 287 10.34 -13.32 41.90
C ASP A 287 9.14 -12.69 41.17
N ALA A 288 8.83 -11.44 41.47
CA ALA A 288 7.72 -10.76 40.79
C ALA A 288 7.75 -9.24 40.94
N VAL A 289 7.20 -8.53 39.96
CA VAL A 289 7.04 -7.09 40.06
C VAL A 289 5.59 -6.68 40.00
N ASP A 290 5.16 -5.94 41.00
CA ASP A 290 3.80 -5.43 41.01
C ASP A 290 3.84 -4.13 40.22
N CYS A 291 3.28 -4.13 38.99
CA CYS A 291 3.39 -3.05 38.01
C CYS A 291 2.65 -1.80 38.46
N ALA A 292 1.84 -1.90 39.51
CA ALA A 292 1.10 -0.75 40.01
C ALA A 292 1.62 -0.26 41.36
N LEU A 293 2.72 -0.81 41.85
CA LEU A 293 3.23 -0.45 43.16
C LEU A 293 3.94 0.91 43.27
N ASP A 294 4.69 1.29 42.25
CA ASP A 294 5.50 2.51 42.26
C ASP A 294 6.15 2.70 40.86
N PRO A 295 6.66 3.91 40.52
CA PRO A 295 7.38 4.21 39.27
C PRO A 295 8.54 3.30 38.92
N LEU A 296 9.27 2.78 39.89
CA LEU A 296 10.36 1.91 39.51
C LEU A 296 9.81 0.60 39.00
N SER A 297 8.76 0.11 39.65
CA SER A 297 8.15 -1.12 39.24
C SER A 297 7.51 -0.92 37.87
N GLU A 298 6.94 0.25 37.61
CA GLU A 298 6.34 0.47 36.30
C GLU A 298 7.42 0.36 35.26
N THR A 299 8.61 0.89 35.56
CA THR A 299 9.71 0.85 34.63
C THR A 299 10.12 -0.60 34.40
N LYS A 300 10.22 -1.39 35.45
CA LYS A 300 10.59 -2.79 35.28
C LYS A 300 9.61 -3.58 34.38
N CYS A 301 8.29 -3.36 34.55
CA CYS A 301 7.23 -4.01 33.76
C CYS A 301 7.25 -3.54 32.31
N THR A 302 7.57 -2.27 32.11
CA THR A 302 7.68 -1.67 30.80
C THR A 302 8.82 -2.30 30.03
N LEU A 303 9.94 -2.49 30.71
CA LEU A 303 11.14 -3.05 30.12
C LEU A 303 11.22 -4.56 30.12
N LYS A 304 10.38 -5.25 30.90
CA LYS A 304 10.41 -6.69 31.02
C LYS A 304 11.75 -7.12 31.54
N SER A 305 12.15 -6.48 32.63
CA SER A 305 13.40 -6.78 33.28
C SER A 305 13.33 -6.54 34.76
N PHE A 306 14.07 -7.32 35.53
CA PHE A 306 14.13 -7.06 36.98
C PHE A 306 15.28 -6.16 37.32
N THR A 307 16.04 -5.79 36.30
CA THR A 307 17.15 -4.86 36.38
C THR A 307 16.93 -3.73 35.40
N VAL A 308 17.04 -2.52 35.90
CA VAL A 308 16.85 -1.36 35.05
C VAL A 308 18.16 -0.65 34.93
N GLU A 309 18.56 -0.42 33.71
CA GLU A 309 19.81 0.24 33.45
C GLU A 309 19.67 1.71 33.64
N LYS A 310 20.78 2.39 33.86
CA LYS A 310 20.74 3.82 34.01
C LYS A 310 20.09 4.47 32.81
N GLY A 311 19.13 5.36 33.05
CA GLY A 311 18.48 6.06 31.95
C GLY A 311 17.10 6.59 32.27
N ILE A 312 16.48 7.25 31.30
CA ILE A 312 15.15 7.81 31.48
C ILE A 312 14.20 7.06 30.57
N TYR A 313 13.10 6.58 31.12
CA TYR A 313 12.18 5.79 30.33
C TYR A 313 10.76 6.30 30.38
N GLN A 314 10.03 6.24 29.27
CA GLN A 314 8.61 6.63 29.34
C GLN A 314 7.82 5.41 29.68
N THR A 315 7.02 5.48 30.74
CA THR A 315 6.28 4.32 31.19
C THR A 315 4.78 4.45 31.21
N SER A 316 4.28 5.67 31.31
CA SER A 316 2.84 5.86 31.44
C SER A 316 2.46 7.25 31.03
N ASN A 317 1.16 7.51 30.88
CA ASN A 317 0.72 8.87 30.61
C ASN A 317 0.01 9.47 31.80
N PHE A 318 0.10 10.78 31.93
CA PHE A 318 -0.58 11.56 32.95
C PHE A 318 -1.65 12.41 32.37
N ARG A 319 -2.78 12.45 33.04
CA ARG A 319 -3.83 13.34 32.61
C ARG A 319 -4.74 13.72 33.74
N VAL A 320 -5.27 14.91 33.63
CA VAL A 320 -6.27 15.41 34.51
C VAL A 320 -7.64 14.94 34.09
N GLN A 321 -8.42 14.48 35.07
CA GLN A 321 -9.77 14.06 34.81
C GLN A 321 -10.65 15.23 35.16
N PRO A 322 -11.79 15.42 34.50
CA PRO A 322 -12.74 16.44 34.86
C PRO A 322 -13.36 16.09 36.16
N THR A 323 -13.64 17.11 36.94
CA THR A 323 -14.33 16.92 38.20
C THR A 323 -15.69 17.56 38.15
N GLU A 324 -15.87 18.49 37.22
CA GLU A 324 -17.12 19.21 37.13
C GLU A 324 -17.94 18.67 35.98
N SER A 325 -19.24 18.91 36.03
CA SER A 325 -20.15 18.56 34.96
C SER A 325 -21.02 19.77 34.72
N ILE A 326 -20.82 20.42 33.59
CA ILE A 326 -21.54 21.65 33.33
C ILE A 326 -22.36 21.63 32.09
N VAL A 327 -23.64 21.81 32.28
CA VAL A 327 -24.61 21.83 31.22
C VAL A 327 -25.33 23.16 31.21
N ARG A 328 -25.23 23.90 30.11
CA ARG A 328 -25.85 25.21 30.06
C ARG A 328 -26.54 25.56 28.74
N PHE A 329 -27.72 26.16 28.91
CA PHE A 329 -28.61 26.66 27.87
C PHE A 329 -29.08 28.04 28.34
N PRO A 330 -29.57 28.93 27.43
CA PRO A 330 -30.04 30.29 27.65
C PRO A 330 -31.25 30.31 28.56
N ASN A 331 -31.44 31.44 29.30
CA ASN A 331 -32.57 31.64 30.21
C ASN A 331 -33.62 32.55 29.56
N LYS A 529 -32.76 22.40 30.71
CA LYS A 529 -32.34 22.49 32.10
C LYS A 529 -30.82 22.81 32.15
N SER A 530 -30.45 23.91 32.86
CA SER A 530 -29.07 24.39 33.04
C SER A 530 -28.64 24.33 34.50
N THR A 531 -27.32 24.20 34.69
CA THR A 531 -26.61 24.23 35.97
C THR A 531 -25.64 25.41 35.96
N ASN A 532 -24.82 25.52 36.99
CA ASN A 532 -23.90 26.64 37.14
C ASN A 532 -22.57 26.48 36.41
N LEU A 533 -21.93 27.61 36.14
CA LEU A 533 -20.64 27.63 35.50
C LEU A 533 -19.49 27.76 36.49
N VAL A 534 -18.48 26.92 36.34
CA VAL A 534 -17.29 26.93 37.18
C VAL A 534 -16.07 27.19 36.34
N LYS A 535 -15.30 28.21 36.68
CA LYS A 535 -14.12 28.56 35.89
C LYS A 535 -12.82 28.06 36.50
N ASN A 536 -11.83 27.87 35.62
CA ASN A 536 -10.46 27.42 35.90
C ASN A 536 -10.36 26.03 36.54
N LYS A 537 -11.25 25.14 36.15
CA LYS A 537 -11.29 23.76 36.60
C LYS A 537 -11.47 22.90 35.36
N CYS A 538 -11.11 21.58 35.41
CA CYS A 538 -11.37 20.66 34.30
C CYS A 538 -12.83 20.20 34.39
N VAL A 539 -13.55 20.56 33.34
CA VAL A 539 -14.97 20.39 33.22
C VAL A 539 -15.42 19.56 32.07
N ASN A 540 -16.29 18.61 32.34
CA ASN A 540 -16.93 17.84 31.29
C ASN A 540 -18.18 18.69 30.96
N PHE A 541 -18.19 19.35 29.80
CA PHE A 541 -19.25 20.30 29.49
C PHE A 541 -20.15 20.02 28.29
N ASN A 542 -21.31 20.68 28.35
CA ASN A 542 -22.32 20.69 27.30
C ASN A 542 -22.95 22.09 27.18
N PHE A 543 -22.53 22.88 26.19
CA PHE A 543 -23.06 24.23 25.98
C PHE A 543 -23.94 24.20 24.76
N ASN A 544 -25.23 24.37 24.92
CA ASN A 544 -26.10 24.23 23.77
C ASN A 544 -25.84 22.86 23.13
N GLY A 545 -25.36 22.83 21.88
CA GLY A 545 -25.09 21.55 21.21
C GLY A 545 -23.60 21.16 21.21
N LEU A 546 -22.78 21.92 21.92
CA LEU A 546 -21.33 21.73 21.97
C LEU A 546 -20.88 20.94 23.16
N THR A 547 -20.22 19.83 22.92
CA THR A 547 -19.78 19.06 24.05
C THR A 547 -18.30 18.84 23.99
N GLY A 548 -17.72 18.59 25.14
CA GLY A 548 -16.29 18.31 25.22
C GLY A 548 -15.80 18.45 26.64
N THR A 549 -14.51 18.28 26.82
CA THR A 549 -13.92 18.40 28.14
C THR A 549 -12.79 19.40 28.05
N GLY A 550 -12.72 20.30 29.00
CA GLY A 550 -11.65 21.30 28.99
C GLY A 550 -11.75 22.23 30.18
N VAL A 551 -10.88 23.21 30.20
CA VAL A 551 -10.84 24.17 31.27
C VAL A 551 -11.36 25.49 30.74
N LEU A 552 -12.44 25.92 31.34
CA LEU A 552 -13.13 27.10 30.86
C LEU A 552 -12.63 28.34 31.56
N THR A 553 -12.14 29.31 30.76
CA THR A 553 -11.60 30.54 31.33
C THR A 553 -12.14 31.76 30.61
N GLU A 554 -11.96 32.95 31.18
CA GLU A 554 -12.39 34.14 30.44
C GLU A 554 -11.53 34.33 29.21
N SER A 555 -12.18 34.68 28.10
CA SER A 555 -11.49 34.92 26.84
C SER A 555 -11.26 36.39 26.58
N ASN A 556 -10.22 36.72 25.82
CA ASN A 556 -10.02 38.09 25.38
C ASN A 556 -10.46 38.27 23.93
N LYS A 557 -11.20 37.30 23.42
CA LYS A 557 -11.69 37.30 22.06
C LYS A 557 -13.01 38.02 21.97
N LYS A 558 -13.33 38.45 20.77
CA LYS A 558 -14.62 39.04 20.49
C LYS A 558 -15.20 38.30 19.32
N PHE A 559 -16.48 38.03 19.39
CA PHE A 559 -17.22 37.35 18.36
C PHE A 559 -18.21 38.32 17.78
N LEU A 560 -18.63 38.09 16.57
CA LEU A 560 -19.67 38.92 16.02
C LEU A 560 -20.91 38.55 16.83
N PRO A 561 -21.92 39.41 16.94
CA PRO A 561 -23.13 39.21 17.71
C PRO A 561 -23.88 37.91 17.46
N PHE A 562 -23.75 37.32 16.29
CA PHE A 562 -24.48 36.11 15.98
C PHE A 562 -23.63 34.85 16.09
N GLN A 563 -22.35 35.00 16.38
CA GLN A 563 -21.46 33.85 16.46
C GLN A 563 -21.50 33.27 17.86
N GLN A 564 -21.56 31.96 17.94
CA GLN A 564 -21.65 31.27 19.21
C GLN A 564 -20.43 30.46 19.58
N PHE A 565 -19.71 29.98 18.58
CA PHE A 565 -18.59 29.11 18.88
C PHE A 565 -17.43 29.63 18.15
N GLY A 566 -16.23 29.40 18.67
CA GLY A 566 -15.05 29.75 17.93
C GLY A 566 -14.17 28.55 17.73
N ARG A 567 -13.44 28.56 16.63
CA ARG A 567 -12.53 27.48 16.29
C ARG A 567 -11.16 27.97 15.91
N ASP A 568 -10.18 27.11 16.08
CA ASP A 568 -8.80 27.37 15.72
C ASP A 568 -8.53 27.01 14.26
N ILE A 569 -7.26 27.05 13.89
CA ILE A 569 -6.81 26.80 12.53
C ILE A 569 -6.99 25.34 12.07
N ALA A 570 -7.25 24.43 13.00
CA ALA A 570 -7.47 23.02 12.74
C ALA A 570 -8.96 22.76 12.67
N ASP A 571 -9.73 23.84 12.76
CA ASP A 571 -11.18 23.85 12.80
C ASP A 571 -11.67 23.07 14.01
N THR A 572 -10.96 23.22 15.13
CA THR A 572 -11.29 22.61 16.39
C THR A 572 -11.80 23.67 17.35
N THR A 573 -12.95 23.44 17.97
CA THR A 573 -13.52 24.45 18.83
C THR A 573 -12.61 24.79 20.00
N ASP A 574 -12.37 26.08 20.19
CA ASP A 574 -11.53 26.52 21.30
C ASP A 574 -12.18 27.66 22.07
N ALA A 575 -13.42 27.99 21.72
CA ALA A 575 -14.12 29.04 22.43
C ALA A 575 -15.62 28.87 22.32
N VAL A 576 -16.33 29.37 23.32
CA VAL A 576 -17.78 29.34 23.30
C VAL A 576 -18.41 30.52 24.02
N ARG A 577 -19.53 31.04 23.53
CA ARG A 577 -20.21 32.05 24.30
C ARG A 577 -21.13 31.37 25.28
N ASP A 578 -21.07 31.78 26.53
CA ASP A 578 -21.97 31.18 27.49
C ASP A 578 -23.36 31.58 27.10
N PRO A 579 -24.31 30.69 26.91
CA PRO A 579 -25.63 30.99 26.47
C PRO A 579 -26.47 31.87 27.38
N GLN A 580 -26.15 31.99 28.68
CA GLN A 580 -26.99 32.86 29.49
C GLN A 580 -26.37 34.23 29.57
N THR A 581 -25.07 34.25 29.78
CA THR A 581 -24.37 35.51 29.78
C THR A 581 -23.51 35.42 28.58
N LEU A 582 -23.77 36.23 27.57
CA LEU A 582 -23.11 35.97 26.30
C LEU A 582 -21.71 36.54 26.14
N GLU A 583 -20.82 36.08 27.02
CA GLU A 583 -19.43 36.41 27.10
C GLU A 583 -18.67 35.23 26.52
N ILE A 584 -17.47 35.47 26.05
CA ILE A 584 -16.70 34.40 25.47
C ILE A 584 -15.75 33.77 26.44
N LEU A 585 -15.82 32.45 26.49
CA LEU A 585 -14.95 31.65 27.29
C LEU A 585 -14.00 30.94 26.36
N ASP A 586 -12.78 30.72 26.81
CA ASP A 586 -11.83 29.93 26.06
C ASP A 586 -11.93 28.52 26.57
N ILE A 587 -11.61 27.55 25.74
CA ILE A 587 -11.60 26.18 26.18
C ILE A 587 -10.20 25.62 26.10
N THR A 588 -9.54 25.47 27.23
CA THR A 588 -8.18 24.98 27.23
C THR A 588 -8.23 23.46 27.42
N PRO A 589 -7.54 22.63 26.65
CA PRO A 589 -7.53 21.20 26.87
C PRO A 589 -7.06 20.99 28.28
N CYS A 590 -7.57 19.95 28.99
CA CYS A 590 -7.16 19.63 30.36
C CYS A 590 -5.73 19.09 30.33
N SER A 591 -4.96 19.42 31.36
CA SER A 591 -3.58 19.04 31.41
C SER A 591 -3.35 17.57 31.16
N PHE A 592 -2.38 17.32 30.30
CA PHE A 592 -1.99 16.02 29.82
C PHE A 592 -0.58 15.98 29.27
N GLY A 593 0.11 14.88 29.49
CA GLY A 593 1.43 14.64 28.91
C GLY A 593 2.00 13.29 29.33
N GLY A 594 3.11 12.89 28.74
CA GLY A 594 3.70 11.60 29.09
C GLY A 594 4.45 11.63 30.41
N VAL A 595 4.70 10.46 30.97
CA VAL A 595 5.42 10.35 32.21
C VAL A 595 6.65 9.47 32.08
N SER A 596 7.77 10.06 32.45
CA SER A 596 9.03 9.36 32.41
C SER A 596 9.68 9.19 33.76
N VAL A 597 10.37 8.08 33.92
CA VAL A 597 11.05 7.76 35.14
C VAL A 597 12.54 7.76 34.96
N ILE A 598 13.22 8.50 35.79
CA ILE A 598 14.66 8.65 35.76
C ILE A 598 15.26 7.72 36.76
N THR A 599 16.06 6.80 36.27
CA THR A 599 16.64 5.78 37.12
C THR A 599 18.18 5.79 37.02
N PRO A 600 18.91 5.91 38.14
CA PRO A 600 20.37 5.85 38.26
C PRO A 600 20.94 4.51 37.83
N GLY A 601 20.04 3.55 37.79
CA GLY A 601 20.25 2.17 37.46
C GLY A 601 19.98 1.40 38.74
N THR A 602 19.51 0.17 38.63
CA THR A 602 19.20 -0.61 39.84
C THR A 602 20.42 -1.29 40.37
N ASN A 603 21.52 -1.08 39.66
CA ASN A 603 22.82 -1.56 40.06
C ASN A 603 23.51 -0.42 40.80
N THR A 604 22.78 0.68 40.99
CA THR A 604 23.26 1.88 41.65
C THR A 604 22.43 2.11 42.90
N SER A 605 21.12 2.30 42.71
CA SER A 605 20.20 2.57 43.81
C SER A 605 18.78 2.34 43.37
N ASN A 606 17.85 2.40 44.29
CA ASN A 606 16.45 2.28 43.92
C ASN A 606 15.72 3.62 43.95
N GLN A 607 16.47 4.72 43.89
CA GLN A 607 15.81 6.00 43.88
C GLN A 607 15.44 6.33 42.47
N VAL A 608 14.26 6.89 42.29
CA VAL A 608 13.89 7.36 40.96
C VAL A 608 13.31 8.74 41.05
N ALA A 609 13.31 9.44 39.94
CA ALA A 609 12.66 10.74 39.88
C ALA A 609 11.64 10.70 38.76
N VAL A 610 10.56 11.44 38.89
CA VAL A 610 9.54 11.36 37.85
C VAL A 610 9.25 12.67 37.15
N LEU A 611 9.28 12.62 35.83
CA LEU A 611 9.02 13.75 34.98
C LEU A 611 7.66 13.71 34.31
N TYR A 612 6.90 14.78 34.44
CA TYR A 612 5.62 14.90 33.78
C TYR A 612 5.89 15.85 32.63
N GLN A 613 6.04 15.27 31.46
CA GLN A 613 6.65 15.92 30.31
C GLN A 613 6.03 17.17 29.76
N ASP A 614 4.72 17.22 29.69
CA ASP A 614 4.12 18.37 29.05
C ASP A 614 3.34 19.20 30.02
N VAL A 615 3.60 19.06 31.31
CA VAL A 615 2.77 19.79 32.24
C VAL A 615 3.47 20.62 33.30
N ASN A 616 2.69 21.55 33.81
CA ASN A 616 3.04 22.40 34.93
C ASN A 616 2.81 21.61 36.24
N CYS A 617 3.70 21.82 37.26
CA CYS A 617 3.64 21.20 38.58
C CYS A 617 2.37 21.59 39.33
N THR A 618 1.73 22.66 38.87
CA THR A 618 0.48 23.16 39.37
C THR A 618 -0.62 22.14 39.12
N GLU A 619 -0.60 21.52 37.94
CA GLU A 619 -1.60 20.56 37.51
C GLU A 619 -1.41 19.14 38.09
N VAL A 620 -0.13 18.74 38.31
CA VAL A 620 0.28 17.42 38.83
C VAL A 620 -0.11 17.35 40.32
N SER A 640 8.78 15.10 47.72
CA SER A 640 9.15 16.51 47.69
C SER A 640 10.06 16.76 46.48
N ASN A 641 10.97 17.77 46.57
CA ASN A 641 11.95 18.13 45.52
C ASN A 641 11.29 18.34 44.16
N VAL A 642 10.30 19.21 44.16
CA VAL A 642 9.52 19.50 42.96
C VAL A 642 10.11 20.70 42.26
N PHE A 643 10.53 20.50 41.02
CA PHE A 643 11.16 21.53 40.22
C PHE A 643 10.56 21.62 38.84
N GLN A 644 10.19 22.82 38.44
CA GLN A 644 9.61 22.98 37.12
C GLN A 644 10.71 23.22 36.11
N THR A 645 10.77 22.39 35.08
CA THR A 645 11.77 22.56 34.04
C THR A 645 10.99 22.94 32.81
N ARG A 646 11.69 23.32 31.76
CA ARG A 646 11.00 23.67 30.52
C ARG A 646 10.54 22.41 29.78
N ALA A 647 11.00 21.26 30.25
CA ALA A 647 10.69 19.98 29.67
C ALA A 647 9.67 19.21 30.48
N GLY A 648 9.03 19.85 31.46
CA GLY A 648 8.05 19.14 32.28
C GLY A 648 8.30 19.33 33.78
N CYS A 649 7.41 18.79 34.62
CA CYS A 649 7.51 18.89 36.08
C CYS A 649 8.32 17.72 36.59
N LEU A 650 9.42 18.02 37.26
CA LEU A 650 10.28 16.99 37.76
C LEU A 650 10.18 16.84 39.26
N ILE A 651 9.75 15.68 39.71
CA ILE A 651 9.54 15.44 41.12
C ILE A 651 10.50 14.41 41.68
N GLY A 652 11.16 14.75 42.78
CA GLY A 652 12.10 13.80 43.35
C GLY A 652 13.54 14.05 42.96
N ALA A 653 13.88 15.26 42.50
CA ALA A 653 15.27 15.53 42.15
C ALA A 653 15.68 16.88 42.68
N GLU A 654 16.90 16.97 43.13
CA GLU A 654 17.38 18.18 43.73
C GLU A 654 18.04 19.08 42.71
N HIS A 655 17.42 20.21 42.42
CA HIS A 655 18.03 21.09 41.45
C HIS A 655 19.19 21.84 42.07
N VAL A 656 20.29 21.93 41.33
CA VAL A 656 21.47 22.65 41.79
C VAL A 656 21.97 23.65 40.77
N ASN A 657 22.82 24.56 41.22
CA ASN A 657 23.43 25.54 40.33
C ASN A 657 24.81 25.12 39.86
N ASN A 658 25.17 23.90 40.18
CA ASN A 658 26.42 23.32 39.78
C ASN A 658 26.21 22.62 38.45
N SER A 659 26.90 23.08 37.42
CA SER A 659 26.74 22.50 36.10
C SER A 659 27.71 21.36 35.92
N TYR A 660 27.21 20.27 35.35
CA TYR A 660 27.97 19.06 35.15
C TYR A 660 27.78 18.56 33.75
N GLU A 661 28.65 17.69 33.31
CA GLU A 661 28.46 17.04 32.05
C GLU A 661 27.19 16.21 32.20
N CYS A 662 26.40 16.06 31.13
CA CYS A 662 25.13 15.34 31.13
C CYS A 662 25.31 13.82 31.27
N ASP A 663 24.47 13.26 32.12
CA ASP A 663 24.38 11.85 32.40
C ASP A 663 23.03 11.34 31.83
N ILE A 664 21.92 11.59 32.51
CA ILE A 664 20.62 11.17 32.00
C ILE A 664 19.83 12.39 31.56
N PRO A 665 19.66 12.67 30.28
CA PRO A 665 19.07 13.89 29.78
C PRO A 665 17.60 13.97 30.07
N ILE A 666 17.12 15.18 30.33
CA ILE A 666 15.70 15.45 30.47
C ILE A 666 15.14 16.21 29.28
N GLY A 667 15.80 17.30 28.94
CA GLY A 667 15.35 18.13 27.83
C GLY A 667 15.45 19.60 28.18
N ALA A 668 15.48 20.44 27.15
CA ALA A 668 15.52 21.87 27.30
C ALA A 668 16.69 22.34 28.16
N GLY A 669 17.85 21.72 27.99
CA GLY A 669 19.06 22.10 28.70
C GLY A 669 19.24 21.43 30.04
N ILE A 670 18.22 20.71 30.50
CA ILE A 670 18.26 20.06 31.80
C ILE A 670 18.58 18.56 31.66
N CYS A 671 19.48 18.09 32.54
CA CYS A 671 19.97 16.75 32.62
C CYS A 671 20.04 16.33 34.10
N ALA A 672 19.77 15.05 34.35
CA ALA A 672 19.85 14.51 35.70
C ALA A 672 21.06 13.62 35.91
N SER A 673 21.49 13.50 37.15
CA SER A 673 22.58 12.59 37.52
C SER A 673 22.41 12.06 38.92
N TYR A 674 23.12 10.99 39.26
CA TYR A 674 23.03 10.47 40.61
C TYR A 674 24.35 10.71 41.30
N GLN A 675 24.32 11.41 42.42
CA GLN A 675 25.56 11.76 43.11
C GLN A 675 25.45 11.49 44.60
N THR A 676 26.61 11.22 45.26
CA THR A 676 26.74 11.02 46.72
C THR A 676 26.87 12.39 47.40
N SER A 689 23.83 10.23 51.92
CA SER A 689 24.36 11.37 51.18
C SER A 689 24.01 11.38 49.66
N GLN A 690 23.34 10.31 49.15
CA GLN A 690 22.96 10.15 47.74
C GLN A 690 21.58 10.66 47.37
N SER A 691 21.52 11.27 46.18
CA SER A 691 20.29 11.76 45.61
C SER A 691 20.36 11.94 44.10
N ILE A 692 19.21 12.10 43.49
CA ILE A 692 19.14 12.45 42.08
C ILE A 692 19.13 13.95 42.01
N ILE A 693 20.02 14.48 41.18
CA ILE A 693 20.24 15.91 40.96
C ILE A 693 19.89 16.38 39.58
N ALA A 694 19.21 17.52 39.50
CA ALA A 694 18.86 18.15 38.23
C ALA A 694 19.78 19.35 37.99
N TYR A 695 20.28 19.50 36.78
CA TYR A 695 21.18 20.61 36.49
C TYR A 695 21.16 21.03 35.03
N THR A 696 21.66 22.24 34.78
CA THR A 696 21.85 22.72 33.42
C THR A 696 23.17 22.19 32.93
N MET A 697 23.15 21.62 31.73
CA MET A 697 24.33 20.96 31.19
C MET A 697 25.52 21.85 30.96
N SER A 698 26.68 21.31 31.27
CA SER A 698 27.94 21.92 30.95
C SER A 698 28.16 21.60 29.50
N LEU A 699 28.69 22.51 28.71
CA LEU A 699 28.87 22.14 27.31
C LEU A 699 30.25 21.60 27.01
N GLY A 700 31.20 21.94 27.86
CA GLY A 700 32.56 21.51 27.64
C GLY A 700 33.46 22.17 28.65
N ALA A 701 34.71 21.76 28.63
CA ALA A 701 35.70 22.28 29.54
C ALA A 701 36.03 23.71 29.20
N GLU A 702 36.28 24.54 30.19
CA GLU A 702 36.76 25.86 29.79
C GLU A 702 38.14 25.67 29.23
N ASN A 703 38.44 26.27 28.10
CA ASN A 703 39.76 26.10 27.52
C ASN A 703 40.36 27.42 27.06
N SER A 704 41.45 27.79 27.72
CA SER A 704 42.11 29.04 27.41
C SER A 704 42.99 28.93 26.15
N CYS A 705 42.90 29.95 25.26
CA CYS A 705 43.68 30.10 24.04
C CYS A 705 43.80 31.59 23.80
N ALA A 706 44.98 32.13 23.99
CA ALA A 706 45.14 33.55 23.88
C ALA A 706 45.53 33.94 22.50
N TYR A 707 44.61 34.53 21.77
CA TYR A 707 44.99 34.95 20.45
C TYR A 707 46.04 35.99 20.67
N SER A 708 47.14 35.91 19.95
CA SER A 708 48.14 36.92 20.18
C SER A 708 48.99 37.23 18.96
N ASN A 709 49.20 38.52 18.76
CA ASN A 709 50.01 39.02 17.68
C ASN A 709 51.44 38.56 17.86
N ASN A 710 51.98 37.96 16.83
CA ASN A 710 53.33 37.44 16.81
C ASN A 710 53.67 36.42 17.91
N SER A 711 52.75 35.52 18.24
CA SER A 711 53.01 34.46 19.20
C SER A 711 52.47 33.14 18.68
N ILE A 712 53.32 32.13 18.59
CA ILE A 712 52.89 30.84 18.04
C ILE A 712 53.27 29.65 18.91
N ALA A 713 52.41 28.65 18.98
CA ALA A 713 52.80 27.45 19.72
C ALA A 713 53.20 26.34 18.77
N ILE A 714 54.37 25.76 19.02
CA ILE A 714 54.89 24.68 18.18
C ILE A 714 55.03 23.42 19.03
N PRO A 715 54.53 22.25 18.63
CA PRO A 715 54.66 21.02 19.36
C PRO A 715 56.11 20.65 19.54
N THR A 716 56.43 20.11 20.69
CA THR A 716 57.76 19.61 21.04
C THR A 716 57.83 18.06 21.19
N ASN A 717 56.66 17.40 21.38
CA ASN A 717 56.50 15.95 21.56
C ASN A 717 55.16 15.56 20.92
N PHE A 718 54.94 14.25 20.76
CA PHE A 718 53.74 13.66 20.16
C PHE A 718 53.44 12.33 20.77
N THR A 719 52.21 11.91 20.55
CA THR A 719 51.77 10.61 20.97
C THR A 719 51.05 9.89 19.86
N ILE A 720 51.21 8.59 19.82
CA ILE A 720 50.49 7.76 18.89
C ILE A 720 49.27 7.22 19.60
N SER A 721 48.13 7.49 19.03
CA SER A 721 46.86 7.09 19.61
C SER A 721 46.07 6.18 18.73
N VAL A 722 45.32 5.26 19.35
CA VAL A 722 44.47 4.40 18.56
C VAL A 722 43.02 4.54 18.97
N THR A 723 42.20 4.85 17.99
CA THR A 723 40.75 5.05 18.14
C THR A 723 39.97 3.91 17.55
N THR A 724 38.98 3.41 18.27
CA THR A 724 38.18 2.33 17.73
C THR A 724 36.86 2.85 17.20
N GLU A 725 36.54 2.52 15.96
CA GLU A 725 35.28 2.92 15.39
C GLU A 725 34.51 1.72 14.88
N ILE A 726 33.25 1.63 15.29
CA ILE A 726 32.44 0.48 14.94
C ILE A 726 31.27 0.83 14.05
N LEU A 727 31.16 0.12 12.93
CA LEU A 727 30.05 0.33 12.02
C LEU A 727 29.37 -0.99 11.69
N PRO A 728 28.03 -1.04 11.59
CA PRO A 728 27.32 -2.19 11.11
C PRO A 728 27.52 -2.31 9.64
N VAL A 729 27.51 -3.51 9.16
CA VAL A 729 27.59 -3.77 7.74
C VAL A 729 26.37 -4.47 7.24
N SER A 730 25.85 -5.42 8.01
CA SER A 730 24.75 -6.21 7.52
C SER A 730 23.76 -6.55 8.62
N MET A 731 22.63 -7.04 8.20
CA MET A 731 21.56 -7.47 9.08
C MET A 731 21.05 -8.84 8.68
N THR A 732 20.36 -9.50 9.57
CA THR A 732 19.86 -10.83 9.33
C THR A 732 18.97 -10.91 8.10
N LYS A 733 19.27 -11.87 7.24
CA LYS A 733 18.52 -12.05 6.01
C LYS A 733 17.30 -12.89 6.24
N THR A 734 16.24 -12.27 6.69
CA THR A 734 15.05 -13.02 6.99
C THR A 734 14.22 -13.18 5.74
N SER A 735 13.29 -14.12 5.78
CA SER A 735 12.31 -14.29 4.74
C SER A 735 11.05 -14.84 5.38
N VAL A 736 9.90 -14.62 4.73
CA VAL A 736 8.67 -15.08 5.32
C VAL A 736 7.77 -15.89 4.41
N ASP A 737 7.30 -17.02 4.89
CA ASP A 737 6.35 -17.75 4.09
C ASP A 737 5.03 -17.07 4.41
N CYS A 738 4.63 -16.12 3.54
CA CYS A 738 3.47 -15.24 3.64
C CYS A 738 2.19 -16.05 3.88
N THR A 739 1.98 -17.07 3.07
CA THR A 739 0.78 -17.85 3.26
C THR A 739 0.85 -18.57 4.58
N MET A 740 1.99 -19.17 4.93
CA MET A 740 2.00 -19.88 6.19
C MET A 740 1.73 -18.96 7.38
N TYR A 741 2.29 -17.75 7.33
CA TYR A 741 2.10 -16.79 8.41
C TYR A 741 0.63 -16.41 8.55
N ILE A 742 0.00 -16.06 7.43
CA ILE A 742 -1.38 -15.59 7.50
C ILE A 742 -2.42 -16.72 7.70
N CYS A 743 -2.29 -17.81 6.88
CA CYS A 743 -3.18 -18.96 6.74
C CYS A 743 -2.42 -20.26 6.95
N GLY A 744 -1.80 -20.41 8.11
CA GLY A 744 -0.99 -21.59 8.32
C GLY A 744 -1.84 -22.83 8.27
N ASP A 745 -1.52 -23.67 7.30
CA ASP A 745 -2.17 -24.96 7.08
C ASP A 745 -3.69 -24.86 7.04
N SER A 746 -4.22 -23.83 6.40
CA SER A 746 -5.66 -23.69 6.28
C SER A 746 -6.09 -23.40 4.87
N THR A 747 -6.76 -24.38 4.29
CA THR A 747 -7.21 -24.29 2.91
C THR A 747 -8.24 -23.21 2.76
N GLU A 748 -9.15 -23.16 3.72
CA GLU A 748 -10.24 -22.21 3.65
C GLU A 748 -9.74 -20.76 3.71
N CYS A 749 -8.75 -20.47 4.59
CA CYS A 749 -8.13 -19.17 4.74
C CYS A 749 -7.38 -18.84 3.45
N SER A 750 -6.63 -19.80 2.91
CA SER A 750 -5.89 -19.54 1.69
C SER A 750 -6.84 -19.15 0.58
N ASN A 751 -7.97 -19.83 0.47
CA ASN A 751 -8.89 -19.51 -0.59
C ASN A 751 -9.38 -18.07 -0.50
N LEU A 752 -9.49 -17.54 0.72
CA LEU A 752 -9.88 -16.15 0.88
C LEU A 752 -8.70 -15.22 0.64
N LEU A 753 -7.49 -15.68 0.98
CA LEU A 753 -6.27 -14.90 0.81
C LEU A 753 -6.07 -14.63 -0.67
N LEU A 754 -6.47 -15.58 -1.48
CA LEU A 754 -6.33 -15.51 -2.92
C LEU A 754 -7.28 -14.50 -3.57
N GLN A 755 -8.14 -13.84 -2.79
CA GLN A 755 -9.04 -12.85 -3.36
C GLN A 755 -8.35 -11.51 -3.45
N TYR A 756 -7.14 -11.45 -2.92
CA TYR A 756 -6.32 -10.27 -2.89
C TYR A 756 -5.32 -10.48 -4.02
N GLY A 757 -4.72 -9.44 -4.57
CA GLY A 757 -3.79 -9.76 -5.62
C GLY A 757 -2.54 -10.29 -4.97
N SER A 758 -1.46 -10.34 -5.70
CA SER A 758 -0.27 -10.97 -5.18
C SER A 758 0.53 -10.12 -4.20
N PHE A 759 -0.06 -9.89 -3.04
CA PHE A 759 0.62 -9.12 -2.01
C PHE A 759 1.80 -9.90 -1.44
N CYS A 760 1.69 -11.25 -1.38
CA CYS A 760 2.71 -12.17 -0.91
C CYS A 760 3.88 -12.10 -1.85
N THR A 761 3.62 -11.90 -3.15
CA THR A 761 4.73 -11.77 -4.07
C THR A 761 5.48 -10.51 -3.75
N GLN A 762 4.76 -9.43 -3.49
CA GLN A 762 5.46 -8.19 -3.19
C GLN A 762 6.22 -8.26 -1.88
N LEU A 763 5.68 -8.96 -0.90
CA LEU A 763 6.37 -9.08 0.38
C LEU A 763 7.63 -9.92 0.18
N ASN A 764 7.54 -10.96 -0.64
CA ASN A 764 8.68 -11.79 -0.88
C ASN A 764 9.72 -11.06 -1.69
N ARG A 765 9.30 -10.21 -2.63
CA ARG A 765 10.29 -9.49 -3.41
C ARG A 765 11.00 -8.47 -2.56
N ALA A 766 10.28 -7.81 -1.66
CA ALA A 766 10.93 -6.85 -0.83
C ALA A 766 11.94 -7.50 0.08
N LEU A 767 11.57 -8.65 0.67
CA LEU A 767 12.49 -9.29 1.58
C LEU A 767 13.63 -9.91 0.84
N THR A 768 13.40 -10.40 -0.36
CA THR A 768 14.49 -10.95 -1.12
C THR A 768 15.44 -9.83 -1.45
N GLY A 769 14.91 -8.68 -1.87
CA GLY A 769 15.78 -7.59 -2.23
C GLY A 769 16.67 -7.23 -1.07
N ILE A 770 16.13 -7.25 0.15
CA ILE A 770 16.96 -6.97 1.29
C ILE A 770 18.01 -8.03 1.43
N ALA A 771 17.63 -9.30 1.34
CA ALA A 771 18.60 -10.35 1.52
C ALA A 771 19.76 -10.27 0.55
N VAL A 772 19.48 -9.92 -0.69
CA VAL A 772 20.54 -9.83 -1.67
C VAL A 772 21.44 -8.68 -1.33
N GLU A 773 20.85 -7.56 -0.98
CA GLU A 773 21.61 -6.39 -0.62
C GLU A 773 22.53 -6.68 0.55
N GLN A 774 22.10 -7.52 1.49
CA GLN A 774 22.96 -7.78 2.64
C GLN A 774 24.23 -8.49 2.24
N ASP A 775 24.18 -9.35 1.23
CA ASP A 775 25.43 -9.97 0.85
C ASP A 775 26.26 -8.98 0.05
N LYS A 776 25.62 -8.11 -0.70
CA LYS A 776 26.40 -7.12 -1.41
C LYS A 776 27.10 -6.21 -0.43
N ASN A 777 26.44 -5.84 0.67
CA ASN A 777 27.05 -4.95 1.64
C ASN A 777 28.28 -5.58 2.22
N THR A 778 28.20 -6.86 2.50
CA THR A 778 29.33 -7.53 3.07
C THR A 778 30.49 -7.53 2.12
N GLN A 779 30.25 -7.81 0.85
CA GLN A 779 31.37 -7.79 -0.05
C GLN A 779 31.92 -6.40 -0.29
N GLU A 780 31.09 -5.39 -0.36
CA GLU A 780 31.68 -4.10 -0.62
C GLU A 780 32.60 -3.69 0.50
N VAL A 781 32.27 -4.03 1.73
CA VAL A 781 33.15 -3.64 2.79
C VAL A 781 34.38 -4.53 2.88
N PHE A 782 34.23 -5.83 2.81
CA PHE A 782 35.37 -6.70 3.05
C PHE A 782 36.08 -7.34 1.89
N ALA A 783 35.59 -7.25 0.66
CA ALA A 783 36.20 -7.99 -0.42
C ALA A 783 36.64 -7.12 -1.57
N GLN A 784 37.30 -5.99 -1.26
CA GLN A 784 37.81 -5.10 -2.28
C GLN A 784 39.03 -5.64 -2.98
N VAL A 785 39.83 -6.36 -2.23
CA VAL A 785 41.05 -6.90 -2.75
C VAL A 785 40.88 -8.36 -2.96
N LYS A 786 41.14 -8.80 -4.18
CA LYS A 786 40.92 -10.18 -4.55
C LYS A 786 42.17 -11.02 -4.40
N GLN A 787 43.25 -10.41 -3.97
CA GLN A 787 44.46 -11.16 -3.74
C GLN A 787 44.56 -11.43 -2.26
N ILE A 788 45.00 -12.63 -1.93
CA ILE A 788 45.14 -12.99 -0.56
C ILE A 788 46.58 -12.92 -0.17
N TYR A 789 46.87 -12.16 0.84
CA TYR A 789 48.23 -12.02 1.28
C TYR A 789 48.41 -12.81 2.53
N LYS A 790 49.58 -13.37 2.73
CA LYS A 790 49.84 -14.12 3.92
C LYS A 790 50.45 -13.25 4.95
N THR A 791 50.22 -13.58 6.20
CA THR A 791 50.87 -12.88 7.28
C THR A 791 52.30 -13.38 7.28
N PRO A 792 53.33 -12.53 7.29
CA PRO A 792 54.71 -12.94 7.34
C PRO A 792 54.97 -13.76 8.59
N PRO A 793 55.97 -14.66 8.59
CA PRO A 793 56.42 -15.45 9.71
C PRO A 793 57.04 -14.57 10.79
N ILE A 794 57.47 -13.38 10.39
CA ILE A 794 58.09 -12.38 11.24
C ILE A 794 57.06 -11.75 12.14
N LYS A 795 57.33 -11.72 13.43
CA LYS A 795 56.38 -11.15 14.39
C LYS A 795 56.86 -9.84 14.99
N ASP A 796 57.96 -9.34 14.45
CA ASP A 796 58.57 -8.10 14.91
C ASP A 796 59.00 -7.28 13.70
N PHE A 797 58.24 -6.22 13.44
CA PHE A 797 58.44 -5.41 12.28
C PHE A 797 59.10 -4.10 12.65
N GLY A 798 60.38 -4.12 12.93
CA GLY A 798 61.04 -2.88 13.29
C GLY A 798 60.65 -2.39 14.68
N GLY A 799 60.25 -3.30 15.56
CA GLY A 799 59.81 -2.96 16.89
C GLY A 799 58.29 -2.90 16.98
N PHE A 800 57.61 -2.92 15.84
CA PHE A 800 56.16 -2.86 15.88
C PHE A 800 55.56 -4.26 16.06
N ASN A 801 54.72 -4.40 17.11
CA ASN A 801 54.03 -5.62 17.52
C ASN A 801 52.56 -5.56 17.08
N PHE A 802 52.20 -6.33 16.04
CA PHE A 802 50.87 -6.37 15.46
C PHE A 802 50.18 -7.65 15.88
N SER A 803 50.77 -8.41 16.79
CA SER A 803 50.14 -9.70 17.07
C SER A 803 48.74 -9.60 17.65
N GLN A 804 48.42 -8.49 18.30
CA GLN A 804 47.11 -8.30 18.93
C GLN A 804 45.99 -8.30 17.87
N ILE A 805 46.35 -7.91 16.65
CA ILE A 805 45.43 -7.75 15.54
C ILE A 805 45.58 -8.79 14.43
N LEU A 806 46.56 -9.68 14.54
CA LEU A 806 46.80 -10.69 13.52
C LEU A 806 46.17 -11.98 13.97
N PRO A 807 45.72 -12.84 13.07
CA PRO A 807 45.11 -14.10 13.40
C PRO A 807 46.01 -14.91 14.29
N ASP A 808 45.43 -15.53 15.31
CA ASP A 808 46.14 -16.36 16.24
C ASP A 808 46.20 -17.79 15.71
N PRO A 809 47.37 -18.31 15.32
CA PRO A 809 47.57 -19.60 14.69
C PRO A 809 47.27 -20.78 15.59
N SER A 810 47.17 -20.54 16.89
CA SER A 810 46.93 -21.62 17.83
C SER A 810 45.45 -21.89 18.06
N LYS A 811 44.58 -21.03 17.54
CA LYS A 811 43.16 -21.17 17.84
C LYS A 811 42.37 -21.95 16.78
N PRO A 812 41.20 -22.55 17.15
CA PRO A 812 40.24 -23.24 16.30
C PRO A 812 39.66 -22.37 15.19
N SER A 813 39.73 -21.07 15.39
CA SER A 813 39.23 -20.09 14.45
C SER A 813 40.33 -19.08 14.39
N LYS A 814 40.80 -18.82 13.19
CA LYS A 814 41.95 -17.98 13.03
C LYS A 814 41.61 -16.51 13.08
N ARG A 815 41.35 -16.06 14.29
CA ARG A 815 40.94 -14.71 14.60
C ARG A 815 41.98 -14.07 15.49
N SER A 816 42.08 -12.77 15.42
CA SER A 816 43.01 -12.06 16.27
C SER A 816 42.43 -12.04 17.66
N PRO A 817 43.22 -11.81 18.71
CA PRO A 817 42.74 -11.59 20.05
C PRO A 817 41.64 -10.52 20.12
N ILE A 818 41.77 -9.45 19.34
CA ILE A 818 40.71 -8.46 19.37
C ILE A 818 39.45 -9.01 18.77
N GLU A 819 39.56 -9.71 17.67
CA GLU A 819 38.37 -10.28 17.07
C GLU A 819 37.71 -11.26 18.02
N ASP A 820 38.46 -12.08 18.76
CA ASP A 820 37.76 -12.97 19.70
C ASP A 820 36.94 -12.19 20.69
N LEU A 821 37.45 -11.06 21.15
CA LEU A 821 36.68 -10.24 22.06
C LEU A 821 35.43 -9.64 21.42
N LEU A 822 35.55 -9.17 20.18
CA LEU A 822 34.41 -8.56 19.52
C LEU A 822 33.30 -9.59 19.33
N PHE A 823 33.70 -10.82 19.04
CA PHE A 823 32.78 -11.92 18.86
C PHE A 823 32.16 -12.39 20.17
N ASN A 824 32.93 -12.36 21.26
CA ASN A 824 32.38 -12.76 22.53
C ASN A 824 31.38 -11.74 23.06
N LYS A 825 31.60 -10.46 22.74
CA LYS A 825 30.72 -9.40 23.21
C LYS A 825 29.36 -9.28 22.51
N VAL A 826 29.29 -9.49 21.21
CA VAL A 826 27.98 -9.31 20.60
C VAL A 826 27.16 -10.61 20.76
N THR A 827 25.93 -10.50 21.32
CA THR A 827 24.99 -11.59 21.59
C THR A 827 23.82 -11.43 20.62
N ILE A 850 14.55 -17.97 18.59
CA ILE A 850 14.97 -17.98 17.18
C ILE A 850 14.17 -19.07 16.42
N CYS A 851 14.17 -20.33 16.92
CA CYS A 851 13.50 -21.48 16.30
C CYS A 851 12.00 -21.50 16.55
N ALA A 852 11.53 -20.85 17.61
CA ALA A 852 10.09 -20.85 17.91
C ALA A 852 9.32 -20.17 16.79
N GLN A 853 9.97 -19.20 16.17
CA GLN A 853 9.42 -18.38 15.11
C GLN A 853 9.17 -19.19 13.84
N LYS A 854 9.80 -20.37 13.76
CA LYS A 854 9.62 -21.26 12.63
C LYS A 854 8.17 -21.73 12.61
N PHE A 855 7.50 -21.80 13.76
CA PHE A 855 6.13 -22.28 13.82
C PHE A 855 5.19 -21.36 13.07
N ASN A 856 5.63 -20.12 12.82
CA ASN A 856 4.79 -19.15 12.19
C ASN A 856 5.24 -18.82 10.77
N GLY A 857 6.10 -19.64 10.20
CA GLY A 857 6.54 -19.40 8.83
C GLY A 857 7.72 -18.46 8.69
N LEU A 858 8.42 -18.15 9.77
CA LEU A 858 9.52 -17.21 9.69
C LEU A 858 10.83 -17.95 9.65
N THR A 859 11.65 -17.67 8.64
CA THR A 859 12.94 -18.36 8.54
C THR A 859 14.08 -17.39 8.32
N VAL A 860 15.30 -17.88 8.54
CA VAL A 860 16.49 -17.07 8.34
C VAL A 860 17.47 -17.75 7.41
N LEU A 861 17.95 -17.00 6.44
CA LEU A 861 18.90 -17.53 5.50
C LEU A 861 20.31 -17.28 6.02
N PRO A 862 21.28 -18.14 5.73
CA PRO A 862 22.66 -17.94 6.08
C PRO A 862 23.24 -16.89 5.16
N PRO A 863 24.30 -16.20 5.57
CA PRO A 863 25.08 -15.25 4.82
C PRO A 863 25.86 -16.02 3.81
N LEU A 864 26.24 -15.38 2.72
CA LEU A 864 27.09 -16.08 1.78
C LEU A 864 28.47 -16.32 2.32
N LEU A 865 29.04 -15.35 3.01
CA LEU A 865 30.34 -15.55 3.56
C LEU A 865 30.22 -15.89 5.01
N THR A 866 31.01 -16.84 5.43
CA THR A 866 31.03 -17.28 6.80
C THR A 866 31.93 -16.37 7.59
N ASP A 867 31.89 -16.49 8.90
CA ASP A 867 32.74 -15.64 9.70
C ASP A 867 34.20 -15.89 9.40
N GLU A 868 34.55 -17.13 9.09
CA GLU A 868 35.91 -17.46 8.78
C GLU A 868 36.29 -16.82 7.47
N MET A 869 35.41 -16.83 6.48
CA MET A 869 35.73 -16.17 5.22
C MET A 869 35.93 -14.68 5.41
N ILE A 870 35.15 -14.06 6.28
CA ILE A 870 35.33 -12.66 6.50
C ILE A 870 36.67 -12.46 7.18
N ALA A 871 36.99 -13.29 8.16
CA ALA A 871 38.25 -13.16 8.85
C ALA A 871 39.40 -13.32 7.88
N GLN A 872 39.27 -14.21 6.89
CA GLN A 872 40.32 -14.39 5.93
C GLN A 872 40.49 -13.16 5.07
N TYR A 873 39.42 -12.50 4.69
CA TYR A 873 39.58 -11.28 3.93
C TYR A 873 40.24 -10.20 4.77
N THR A 874 39.84 -10.09 6.03
CA THR A 874 40.39 -9.10 6.93
C THR A 874 41.86 -9.36 7.12
N SER A 875 42.23 -10.62 7.28
CA SER A 875 43.60 -10.99 7.45
C SER A 875 44.40 -10.59 6.25
N ALA A 876 43.90 -10.84 5.04
CA ALA A 876 44.64 -10.46 3.86
C ALA A 876 44.84 -8.96 3.76
N LEU A 877 43.82 -8.17 4.11
CA LEU A 877 43.97 -6.72 4.03
C LEU A 877 44.98 -6.25 5.03
N LEU A 878 44.98 -6.85 6.19
CA LEU A 878 45.93 -6.47 7.18
C LEU A 878 47.33 -6.88 6.78
N ALA A 879 47.50 -8.09 6.26
CA ALA A 879 48.81 -8.53 5.84
C ALA A 879 49.36 -7.60 4.78
N GLY A 880 48.49 -7.14 3.91
CA GLY A 880 48.88 -6.22 2.87
C GLY A 880 49.35 -4.89 3.46
N THR A 881 48.56 -4.32 4.37
CA THR A 881 48.92 -3.01 4.89
C THR A 881 50.18 -3.05 5.71
N ILE A 882 50.48 -4.17 6.37
CA ILE A 882 51.72 -4.18 7.14
C ILE A 882 52.96 -4.68 6.35
N CYS A 883 52.85 -4.83 5.01
CA CYS A 883 53.90 -5.25 4.10
C CYS A 883 54.11 -4.22 2.99
N SER A 884 53.09 -4.02 2.16
CA SER A 884 53.16 -3.06 1.05
C SER A 884 52.48 -1.72 1.37
N GLY A 885 51.69 -1.68 2.42
CA GLY A 885 51.05 -0.43 2.77
C GLY A 885 49.94 -0.19 1.79
N TRP A 886 49.71 1.06 1.44
CA TRP A 886 48.59 1.34 0.56
C TRP A 886 48.81 0.84 -0.84
N THR A 887 50.01 0.43 -1.15
CA THR A 887 50.32 0.04 -2.48
C THR A 887 49.50 -1.13 -2.97
N PHE A 888 49.16 -2.10 -2.13
CA PHE A 888 48.45 -3.26 -2.66
C PHE A 888 47.07 -2.90 -3.14
N GLY A 889 46.55 -1.76 -2.74
CA GLY A 889 45.23 -1.39 -3.14
C GLY A 889 45.19 -0.59 -4.42
N ALA A 890 46.35 -0.34 -5.05
CA ALA A 890 46.36 0.48 -6.26
C ALA A 890 47.37 -0.04 -7.25
N GLY A 891 47.31 -1.31 -7.59
CA GLY A 891 48.30 -1.87 -8.48
C GLY A 891 48.87 -3.10 -7.82
N PRO A 892 50.05 -3.57 -8.21
CA PRO A 892 50.69 -4.73 -7.68
C PRO A 892 51.15 -4.38 -6.29
N ALA A 893 51.26 -5.34 -5.40
CA ALA A 893 51.77 -5.02 -4.08
C ALA A 893 53.27 -4.99 -4.06
N LEU A 894 53.81 -3.88 -3.63
CA LEU A 894 55.25 -3.68 -3.56
C LEU A 894 55.69 -3.64 -2.11
N GLN A 895 56.57 -4.53 -1.69
CA GLN A 895 56.97 -4.56 -0.29
C GLN A 895 57.84 -3.38 0.08
N ILE A 896 57.72 -2.93 1.33
CA ILE A 896 58.59 -1.89 1.87
C ILE A 896 58.87 -2.26 3.34
N PRO A 897 60.06 -2.01 3.92
CA PRO A 897 60.30 -2.25 5.32
C PRO A 897 59.25 -1.53 6.09
N PHE A 898 58.71 -2.13 7.13
CA PHE A 898 57.64 -1.45 7.82
C PHE A 898 57.98 -0.04 8.29
N PRO A 899 59.11 0.23 8.95
CA PRO A 899 59.48 1.56 9.39
C PRO A 899 59.58 2.55 8.24
N MET A 900 59.78 2.09 7.01
CA MET A 900 59.85 3.04 5.93
C MET A 900 58.46 3.35 5.50
N GLN A 901 57.55 2.42 5.71
CA GLN A 901 56.19 2.69 5.38
C GLN A 901 55.76 3.80 6.29
N MET A 902 56.18 3.70 7.55
CA MET A 902 55.83 4.69 8.52
C MET A 902 56.44 6.02 8.18
N ALA A 903 57.66 6.02 7.65
CA ALA A 903 58.27 7.27 7.27
C ALA A 903 57.43 7.99 6.24
N TYR A 904 56.85 7.23 5.32
CA TYR A 904 56.06 7.90 4.32
C TYR A 904 54.81 8.43 4.94
N ARG A 905 54.22 7.67 5.87
CA ARG A 905 53.01 8.10 6.54
C ARG A 905 53.26 9.34 7.38
N PHE A 906 54.46 9.48 7.94
CA PHE A 906 54.80 10.69 8.69
C PHE A 906 54.95 11.89 7.77
N ASN A 907 55.59 11.72 6.61
CA ASN A 907 55.71 12.87 5.72
C ASN A 907 54.32 13.25 5.25
N GLY A 908 53.45 12.27 5.15
CA GLY A 908 52.07 12.41 4.72
C GLY A 908 51.23 13.27 5.65
N ILE A 909 51.70 13.53 6.87
CA ILE A 909 50.98 14.36 7.81
C ILE A 909 51.76 15.62 8.11
N GLY A 910 52.80 15.89 7.33
CA GLY A 910 53.59 17.08 7.54
C GLY A 910 54.69 16.99 8.59
N VAL A 911 55.15 15.78 8.92
CA VAL A 911 56.22 15.64 9.89
C VAL A 911 57.36 14.98 9.17
N THR A 912 58.49 15.64 9.12
CA THR A 912 59.61 15.11 8.38
C THR A 912 60.01 13.77 8.92
N GLN A 913 60.24 12.82 8.03
CA GLN A 913 60.59 11.44 8.32
C GLN A 913 61.79 11.21 9.21
N ASN A 914 62.66 12.19 9.37
CA ASN A 914 63.80 11.94 10.23
C ASN A 914 63.29 11.80 11.65
N VAL A 915 62.09 12.34 11.94
CA VAL A 915 61.54 12.28 13.26
C VAL A 915 61.28 10.85 13.62
N LEU A 916 60.74 10.11 12.67
CA LEU A 916 60.43 8.74 12.89
C LEU A 916 61.65 7.93 13.18
N TYR A 917 62.68 8.10 12.39
CA TYR A 917 63.80 7.23 12.62
C TYR A 917 64.48 7.56 13.92
N GLU A 918 64.59 8.85 14.23
CA GLU A 918 65.26 9.22 15.45
C GLU A 918 64.51 8.73 16.67
N ASN A 919 63.19 8.69 16.58
CA ASN A 919 62.33 8.27 17.66
C ASN A 919 61.69 6.93 17.36
N GLN A 920 62.30 6.11 16.52
CA GLN A 920 61.64 4.85 16.17
C GLN A 920 61.28 3.98 17.35
N LYS A 921 62.13 3.92 18.37
CA LYS A 921 61.78 3.04 19.48
C LYS A 921 60.61 3.60 20.25
N LEU A 922 60.55 4.93 20.36
CA LEU A 922 59.46 5.56 21.09
C LEU A 922 58.16 5.31 20.39
N ILE A 923 58.17 5.49 19.10
CA ILE A 923 56.98 5.36 18.31
C ILE A 923 56.49 3.95 18.36
N ALA A 924 57.38 2.98 18.18
CA ALA A 924 56.94 1.61 18.23
C ALA A 924 56.40 1.28 19.60
N ASN A 925 57.00 1.80 20.68
CA ASN A 925 56.48 1.47 21.99
C ASN A 925 55.14 2.10 22.25
N GLN A 926 54.93 3.33 21.80
CA GLN A 926 53.65 3.96 22.03
C GLN A 926 52.58 3.22 21.24
N PHE A 927 52.93 2.80 20.04
CA PHE A 927 52.02 2.08 19.20
C PHE A 927 51.60 0.79 19.86
N ASN A 928 52.58 0.04 20.35
CA ASN A 928 52.31 -1.26 20.93
C ASN A 928 51.43 -1.11 22.15
N SER A 929 51.67 -0.06 22.91
CA SER A 929 50.90 0.19 24.10
C SER A 929 49.47 0.52 23.74
N ALA A 930 49.27 1.40 22.76
CA ALA A 930 47.93 1.80 22.38
C ALA A 930 47.11 0.63 21.91
N ILE A 931 47.73 -0.29 21.18
CA ILE A 931 46.95 -1.42 20.71
C ILE A 931 46.53 -2.25 21.91
N GLY A 932 47.43 -2.50 22.86
CA GLY A 932 47.05 -3.26 24.04
C GLY A 932 45.90 -2.60 24.79
N LYS A 933 45.88 -1.27 24.82
CA LYS A 933 44.81 -0.54 25.48
C LYS A 933 43.48 -0.82 24.83
N ILE A 934 43.44 -1.03 23.51
CA ILE A 934 42.19 -1.28 22.82
C ILE A 934 41.59 -2.58 23.30
N GLN A 935 42.42 -3.59 23.48
CA GLN A 935 41.90 -4.86 23.96
C GLN A 935 41.21 -4.68 25.30
N ASP A 936 41.81 -3.87 26.16
CA ASP A 936 41.23 -3.66 27.47
C ASP A 936 40.01 -2.78 27.43
N SER A 937 40.02 -1.77 26.58
CA SER A 937 38.90 -0.84 26.50
C SER A 937 37.63 -1.54 26.09
N LEU A 938 37.72 -2.39 25.07
CA LEU A 938 36.54 -3.08 24.60
C LEU A 938 36.01 -4.01 25.65
N SER A 939 36.90 -4.68 26.38
CA SER A 939 36.45 -5.59 27.42
C SER A 939 35.75 -4.85 28.56
N SER A 940 36.34 -3.73 28.98
CA SER A 940 35.86 -2.94 30.10
C SER A 940 34.53 -2.22 29.90
N THR A 941 34.23 -1.73 28.70
CA THR A 941 32.98 -1.00 28.52
C THR A 941 31.90 -1.79 27.76
N PRO A 942 30.80 -2.24 28.42
CA PRO A 942 29.71 -3.03 27.83
C PRO A 942 29.05 -2.40 26.61
N SER A 943 29.04 -1.06 26.55
CA SER A 943 28.42 -0.31 25.47
C SER A 943 29.31 -0.21 24.25
N ALA A 944 30.54 -0.70 24.35
CA ALA A 944 31.52 -0.57 23.29
C ALA A 944 31.02 -1.18 21.99
N LEU A 945 30.25 -2.25 22.07
CA LEU A 945 29.76 -2.91 20.86
C LEU A 945 28.30 -2.62 20.66
N GLY A 946 27.80 -1.55 21.29
CA GLY A 946 26.39 -1.21 21.26
C GLY A 946 25.82 -1.07 19.87
N LYS A 947 26.58 -0.59 18.93
CA LYS A 947 26.02 -0.46 17.59
C LYS A 947 25.65 -1.78 16.96
N LEU A 948 26.43 -2.83 17.22
CA LEU A 948 26.13 -4.06 16.53
C LEU A 948 25.08 -4.80 17.31
N GLN A 949 25.09 -4.61 18.62
CA GLN A 949 24.13 -5.27 19.45
C GLN A 949 22.75 -4.70 19.16
N ASP A 950 22.70 -3.40 18.86
CA ASP A 950 21.44 -2.75 18.55
C ASP A 950 20.89 -3.26 17.24
N VAL A 951 21.73 -3.51 16.23
CA VAL A 951 21.17 -4.02 15.00
C VAL A 951 20.48 -5.33 15.27
N VAL A 952 21.11 -6.16 16.07
CA VAL A 952 20.49 -7.42 16.39
C VAL A 952 19.18 -7.24 17.11
N ASN A 953 19.15 -6.37 18.10
CA ASN A 953 17.95 -6.19 18.87
C ASN A 953 16.80 -5.59 18.11
N GLN A 954 17.05 -4.69 17.17
CA GLN A 954 15.92 -4.14 16.47
C GLN A 954 15.25 -5.20 15.62
N ASN A 955 16.05 -6.07 15.03
CA ASN A 955 15.46 -7.09 14.20
C ASN A 955 14.78 -8.15 15.05
N ALA A 956 15.34 -8.42 16.23
CA ALA A 956 14.75 -9.40 17.10
C ALA A 956 13.37 -8.96 17.53
N GLN A 957 13.22 -7.67 17.81
CA GLN A 957 11.93 -7.16 18.21
C GLN A 957 10.98 -7.23 17.06
N ALA A 958 11.45 -6.94 15.85
CA ALA A 958 10.57 -6.96 14.71
C ALA A 958 9.96 -8.35 14.50
N LEU A 959 10.76 -9.41 14.65
CA LEU A 959 10.19 -10.73 14.46
C LEU A 959 9.35 -11.17 15.63
N ASN A 960 9.70 -10.81 16.86
CA ASN A 960 8.82 -11.24 17.93
C ASN A 960 7.52 -10.50 17.86
N THR A 961 7.53 -9.26 17.40
CA THR A 961 6.29 -8.55 17.28
C THR A 961 5.46 -9.22 16.23
N LEU A 962 6.07 -9.56 15.10
CA LEU A 962 5.32 -10.17 14.03
C LEU A 962 4.65 -11.45 14.51
N VAL A 963 5.33 -12.25 15.31
CA VAL A 963 4.69 -13.45 15.83
C VAL A 963 3.57 -13.13 16.79
N LYS A 964 3.80 -12.20 17.71
CA LYS A 964 2.82 -11.85 18.71
C LYS A 964 1.53 -11.35 18.09
N GLN A 965 1.62 -10.68 16.95
CA GLN A 965 0.46 -10.16 16.26
C GLN A 965 -0.53 -11.24 15.92
N LEU A 966 -0.08 -12.49 15.80
CA LEU A 966 -0.94 -13.59 15.43
C LEU A 966 -1.96 -13.90 16.50
N SER A 967 -1.69 -13.45 17.72
CA SER A 967 -2.57 -13.73 18.83
C SER A 967 -3.71 -12.75 18.95
N SER A 968 -3.68 -11.66 18.18
CA SER A 968 -4.77 -10.70 18.29
C SER A 968 -5.94 -11.10 17.42
N ASN A 969 -7.11 -10.57 17.73
CA ASN A 969 -8.28 -10.92 16.96
C ASN A 969 -8.58 -9.95 15.86
N PHE A 970 -8.20 -8.70 16.02
CA PHE A 970 -8.47 -7.69 15.01
C PHE A 970 -9.95 -7.63 14.64
N GLY A 971 -10.82 -7.79 15.64
CA GLY A 971 -12.28 -7.76 15.47
C GLY A 971 -12.90 -9.17 15.34
N ALA A 972 -12.07 -10.20 15.17
CA ALA A 972 -12.52 -11.58 15.04
C ALA A 972 -12.93 -12.21 16.37
N ILE A 973 -13.70 -13.29 16.28
CA ILE A 973 -14.10 -14.06 17.47
C ILE A 973 -12.96 -14.84 18.12
N SER A 974 -11.94 -15.12 17.33
CA SER A 974 -10.80 -15.91 17.77
C SER A 974 -9.59 -15.70 16.92
N SER A 975 -8.42 -15.76 17.57
CA SER A 975 -7.12 -15.66 16.93
C SER A 975 -6.68 -16.94 16.21
N VAL A 976 -7.41 -18.03 16.44
CA VAL A 976 -7.05 -19.30 15.84
C VAL A 976 -7.98 -19.70 14.71
N LEU A 977 -7.44 -19.90 13.53
CA LEU A 977 -8.26 -20.24 12.37
C LEU A 977 -9.01 -21.54 12.55
N ASN A 978 -8.38 -22.50 13.21
CA ASN A 978 -9.04 -23.76 13.41
C ASN A 978 -10.19 -23.63 14.40
N ASP A 979 -10.13 -22.65 15.31
CA ASP A 979 -11.18 -22.44 16.27
C ASP A 979 -12.33 -21.79 15.55
N ILE A 980 -12.03 -20.89 14.62
CA ILE A 980 -13.09 -20.25 13.88
C ILE A 980 -13.82 -21.29 13.05
N LEU A 981 -13.07 -22.16 12.38
CA LEU A 981 -13.68 -23.20 11.57
C LEU A 981 -14.44 -24.22 12.40
N SER A 982 -13.95 -24.55 13.59
CA SER A 982 -14.67 -25.48 14.44
C SER A 982 -15.96 -24.89 15.00
N ARG A 983 -15.95 -23.59 15.33
CA ARG A 983 -17.09 -22.92 15.91
C ARG A 983 -18.14 -22.44 14.90
N LEU A 984 -17.73 -22.00 13.72
CA LEU A 984 -18.70 -21.47 12.78
C LEU A 984 -18.91 -22.22 11.49
N ASP A 985 -20.17 -22.22 11.08
CA ASP A 985 -20.54 -22.73 9.78
C ASP A 985 -19.80 -21.89 8.75
N PRO A 986 -19.30 -22.45 7.64
CA PRO A 986 -18.54 -21.79 6.58
C PRO A 986 -18.96 -20.35 6.21
N PRO A 987 -20.22 -20.00 5.90
CA PRO A 987 -20.58 -18.64 5.51
C PRO A 987 -20.31 -17.59 6.59
N GLU A 988 -20.20 -18.03 7.85
CA GLU A 988 -19.94 -17.11 8.93
C GLU A 988 -18.46 -17.17 9.25
N ALA A 989 -17.88 -18.36 9.09
CA ALA A 989 -16.47 -18.57 9.38
C ALA A 989 -15.65 -17.68 8.48
N GLU A 990 -16.09 -17.51 7.25
CA GLU A 990 -15.35 -16.71 6.30
C GLU A 990 -15.23 -15.26 6.74
N VAL A 991 -16.21 -14.74 7.45
CA VAL A 991 -16.09 -13.35 7.86
C VAL A 991 -15.02 -13.25 8.91
N GLN A 992 -15.05 -14.18 9.86
CA GLN A 992 -14.08 -14.12 10.94
C GLN A 992 -12.67 -14.39 10.43
N ILE A 993 -12.56 -15.25 9.43
CA ILE A 993 -11.28 -15.55 8.84
C ILE A 993 -10.76 -14.33 8.15
N ASP A 994 -11.61 -13.65 7.39
CA ASP A 994 -11.17 -12.46 6.70
C ASP A 994 -10.71 -11.40 7.70
N ARG A 995 -11.35 -11.30 8.87
CA ARG A 995 -10.86 -10.33 9.82
C ARG A 995 -9.43 -10.67 10.24
N LEU A 996 -9.14 -11.97 10.43
CA LEU A 996 -7.77 -12.30 10.77
C LEU A 996 -6.86 -12.08 9.58
N ILE A 997 -7.32 -12.33 8.34
CA ILE A 997 -6.46 -12.12 7.19
C ILE A 997 -6.07 -10.68 7.07
N THR A 998 -7.00 -9.78 7.25
CA THR A 998 -6.63 -8.38 7.16
C THR A 998 -5.60 -8.05 8.21
N GLY A 999 -5.81 -8.51 9.44
CA GLY A 999 -4.87 -8.21 10.50
C GLY A 999 -3.47 -8.76 10.25
N ARG A 1000 -3.39 -10.00 9.78
CA ARG A 1000 -2.10 -10.61 9.53
C ARG A 1000 -1.41 -9.98 8.33
N LEU A 1001 -2.18 -9.68 7.29
CA LEU A 1001 -1.60 -9.08 6.11
C LEU A 1001 -1.09 -7.69 6.44
N GLN A 1002 -1.84 -6.91 7.24
CA GLN A 1002 -1.36 -5.61 7.59
C GLN A 1002 -0.09 -5.73 8.40
N SER A 1003 0.00 -6.73 9.28
CA SER A 1003 1.20 -6.91 10.08
C SER A 1003 2.39 -7.23 9.21
N LEU A 1004 2.23 -8.04 8.17
CA LEU A 1004 3.36 -8.30 7.28
C LEU A 1004 3.73 -7.09 6.47
N GLN A 1005 2.76 -6.30 6.02
CA GLN A 1005 3.14 -5.14 5.24
C GLN A 1005 3.89 -4.17 6.12
N THR A 1006 3.49 -4.08 7.37
CA THR A 1006 4.14 -3.19 8.30
C THR A 1006 5.55 -3.66 8.55
N TYR A 1007 5.73 -4.96 8.77
CA TYR A 1007 7.03 -5.56 9.02
C TYR A 1007 7.96 -5.30 7.88
N VAL A 1008 7.51 -5.57 6.66
CA VAL A 1008 8.37 -5.38 5.54
C VAL A 1008 8.74 -3.95 5.36
N THR A 1009 7.80 -3.03 5.52
CA THR A 1009 8.15 -1.62 5.36
C THR A 1009 9.22 -1.26 6.36
N GLN A 1010 9.10 -1.71 7.59
CA GLN A 1010 10.11 -1.37 8.57
C GLN A 1010 11.43 -2.04 8.24
N GLN A 1011 11.42 -3.26 7.69
CA GLN A 1011 12.69 -3.88 7.33
C GLN A 1011 13.32 -3.13 6.18
N LEU A 1012 12.53 -2.58 5.26
CA LEU A 1012 13.11 -1.83 4.15
C LEU A 1012 13.74 -0.56 4.62
N ILE A 1013 13.11 0.12 5.57
CA ILE A 1013 13.70 1.36 6.05
C ILE A 1013 14.96 1.03 6.81
N ARG A 1014 14.88 0.04 7.68
CA ARG A 1014 16.04 -0.36 8.45
C ARG A 1014 17.15 -0.82 7.54
N ALA A 1015 16.82 -1.56 6.49
CA ALA A 1015 17.82 -2.05 5.58
C ALA A 1015 18.50 -0.91 4.89
N ALA A 1016 17.76 0.15 4.57
CA ALA A 1016 18.37 1.28 3.92
C ALA A 1016 19.41 1.92 4.83
N GLU A 1017 19.13 1.93 6.13
CA GLU A 1017 20.07 2.50 7.07
C GLU A 1017 21.34 1.67 7.14
N ILE A 1018 21.17 0.36 7.10
CA ILE A 1018 22.31 -0.52 7.11
C ILE A 1018 23.10 -0.31 5.86
N ARG A 1019 22.44 -0.14 4.73
CA ARG A 1019 23.17 0.08 3.51
C ARG A 1019 23.97 1.34 3.59
N ALA A 1020 23.42 2.40 4.14
CA ALA A 1020 24.20 3.62 4.24
C ALA A 1020 25.42 3.42 5.11
N SER A 1021 25.28 2.65 6.18
CA SER A 1021 26.41 2.37 7.04
C SER A 1021 27.44 1.55 6.32
N ALA A 1022 26.99 0.54 5.57
CA ALA A 1022 27.89 -0.30 4.83
C ALA A 1022 28.64 0.51 3.79
N ASN A 1023 27.99 1.49 3.18
CA ASN A 1023 28.65 2.29 2.18
C ASN A 1023 29.74 3.10 2.82
N LEU A 1024 29.46 3.61 4.02
CA LEU A 1024 30.46 4.36 4.74
C LEU A 1024 31.60 3.48 5.15
N ALA A 1025 31.29 2.28 5.63
CA ALA A 1025 32.32 1.39 6.05
C ALA A 1025 33.21 1.01 4.90
N ALA A 1026 32.64 0.81 3.72
CA ALA A 1026 33.43 0.45 2.56
C ALA A 1026 34.31 1.59 2.16
N THR A 1027 33.80 2.82 2.30
CA THR A 1027 34.58 3.98 1.97
C THR A 1027 35.76 4.06 2.90
N LYS A 1028 35.55 3.85 4.19
CA LYS A 1028 36.65 3.92 5.13
C LYS A 1028 37.66 2.85 4.84
N MET A 1029 37.19 1.68 4.46
CA MET A 1029 38.13 0.64 4.18
C MET A 1029 39.05 1.12 3.08
N SER A 1030 38.50 1.59 1.97
CA SER A 1030 39.39 1.98 0.92
C SER A 1030 40.25 3.19 1.24
N GLU A 1031 39.67 4.20 1.85
CA GLU A 1031 40.42 5.41 2.10
C GLU A 1031 41.39 5.43 3.27
N CYS A 1032 41.10 4.70 4.36
CA CYS A 1032 41.90 4.67 5.59
C CYS A 1032 42.63 3.35 5.77
N VAL A 1033 42.09 2.23 5.29
CA VAL A 1033 42.82 0.98 5.44
C VAL A 1033 43.79 0.79 4.30
N LEU A 1034 43.37 1.13 3.10
CA LEU A 1034 44.19 0.92 1.92
C LEU A 1034 44.67 2.26 1.38
N GLY A 1035 44.90 3.19 2.29
CA GLY A 1035 45.33 4.53 1.96
C GLY A 1035 45.75 5.26 3.21
N GLN A 1036 45.83 6.57 3.09
CA GLN A 1036 46.17 7.48 4.16
C GLN A 1036 45.23 8.64 3.96
N SER A 1037 44.46 8.97 4.98
CA SER A 1037 43.46 10.02 4.82
C SER A 1037 43.92 11.39 5.23
N LYS A 1038 43.44 12.38 4.50
CA LYS A 1038 43.68 13.79 4.82
C LYS A 1038 42.39 14.47 5.20
N ARG A 1039 41.36 13.67 5.40
CA ARG A 1039 40.05 14.14 5.76
C ARG A 1039 39.94 14.18 7.27
N VAL A 1040 39.80 15.37 7.81
CA VAL A 1040 39.83 15.57 9.23
C VAL A 1040 38.68 14.91 9.93
N ASP A 1041 39.04 14.16 10.96
CA ASP A 1041 38.18 13.39 11.82
C ASP A 1041 37.42 12.32 11.07
N PHE A 1042 37.83 12.02 9.85
CA PHE A 1042 37.21 10.95 9.10
C PHE A 1042 37.58 9.58 9.69
N CYS A 1043 38.85 9.40 10.08
CA CYS A 1043 39.45 8.18 10.62
C CYS A 1043 40.24 8.49 11.89
N GLY A 1044 39.51 8.90 12.92
CA GLY A 1044 40.10 9.21 14.22
C GLY A 1044 40.49 10.66 14.35
N LYS A 1045 40.70 11.11 15.58
CA LYS A 1045 41.13 12.47 15.85
C LYS A 1045 42.63 12.45 15.71
N GLY A 1046 43.24 13.54 15.28
CA GLY A 1046 44.68 13.50 15.09
C GLY A 1046 44.93 13.36 13.63
N TYR A 1047 46.18 13.29 13.26
CA TYR A 1047 46.45 13.18 11.86
C TYR A 1047 46.48 11.72 11.53
N HIS A 1048 45.75 11.30 10.53
CA HIS A 1048 45.72 9.88 10.25
C HIS A 1048 46.99 9.35 9.67
N LEU A 1049 47.47 8.23 10.23
CA LEU A 1049 48.64 7.57 9.73
C LEU A 1049 48.26 6.33 9.01
N MET A 1050 47.46 5.48 9.64
CA MET A 1050 47.07 4.18 9.08
C MET A 1050 45.91 3.60 9.84
N SER A 1051 45.33 2.53 9.35
CA SER A 1051 44.29 1.88 10.13
C SER A 1051 44.26 0.40 9.86
N PHE A 1052 43.64 -0.33 10.76
CA PHE A 1052 43.55 -1.75 10.58
C PHE A 1052 42.11 -2.20 10.78
N PRO A 1053 41.53 -3.00 9.89
CA PRO A 1053 40.22 -3.55 10.04
C PRO A 1053 40.29 -4.71 10.99
N GLN A 1054 39.19 -4.98 11.69
CA GLN A 1054 38.95 -6.18 12.47
C GLN A 1054 37.50 -6.61 12.20
N SER A 1055 37.24 -7.90 12.13
CA SER A 1055 35.89 -8.38 11.90
C SER A 1055 35.05 -8.38 13.16
N ALA A 1056 33.74 -8.25 13.01
CA ALA A 1056 32.83 -8.37 14.13
C ALA A 1056 31.53 -8.96 13.59
N PRO A 1057 30.67 -9.56 14.41
CA PRO A 1057 29.41 -10.06 13.94
C PRO A 1057 28.65 -8.95 13.28
N HIS A 1058 28.21 -9.18 12.06
CA HIS A 1058 27.45 -8.21 11.31
C HIS A 1058 28.08 -6.84 11.20
N GLY A 1059 29.41 -6.74 11.19
CA GLY A 1059 29.99 -5.43 11.10
C GLY A 1059 31.49 -5.41 11.04
N VAL A 1060 32.01 -4.20 11.00
CA VAL A 1060 33.44 -4.01 10.89
C VAL A 1060 33.90 -3.06 11.95
N VAL A 1061 35.05 -3.35 12.49
CA VAL A 1061 35.63 -2.50 13.48
C VAL A 1061 36.94 -1.98 12.98
N PHE A 1062 37.11 -0.68 12.99
CA PHE A 1062 38.36 -0.13 12.52
C PHE A 1062 39.18 0.40 13.66
N LEU A 1063 40.46 0.15 13.58
CA LEU A 1063 41.38 0.74 14.53
C LEU A 1063 42.14 1.80 13.80
N HIS A 1064 41.91 3.03 14.17
CA HIS A 1064 42.53 4.14 13.48
C HIS A 1064 43.73 4.60 14.24
N VAL A 1065 44.88 4.61 13.59
CA VAL A 1065 46.10 5.00 14.23
C VAL A 1065 46.40 6.41 13.81
N THR A 1066 46.48 7.30 14.77
CA THR A 1066 46.70 8.68 14.44
C THR A 1066 47.83 9.32 15.23
N TYR A 1067 48.36 10.40 14.69
CA TYR A 1067 49.42 11.18 15.30
C TYR A 1067 48.85 12.41 15.96
N VAL A 1068 49.06 12.52 17.25
CA VAL A 1068 48.52 13.64 17.96
C VAL A 1068 49.64 14.42 18.62
N PRO A 1069 49.82 15.71 18.36
CA PRO A 1069 50.82 16.52 19.01
C PRO A 1069 50.53 16.40 20.49
N ALA A 1070 51.55 16.27 21.31
CA ALA A 1070 51.30 16.05 22.74
C ALA A 1070 51.70 17.19 23.62
N GLN A 1071 52.82 17.80 23.30
CA GLN A 1071 53.37 18.84 24.14
C GLN A 1071 53.74 19.96 23.24
N GLU A 1072 53.67 21.20 23.72
CA GLU A 1072 54.05 22.36 22.93
C GLU A 1072 54.67 23.45 23.74
N LYS A 1073 55.39 24.31 23.05
CA LYS A 1073 56.01 25.45 23.68
C LYS A 1073 55.67 26.73 22.94
N ASN A 1074 55.57 27.83 23.67
CA ASN A 1074 55.31 29.12 23.05
C ASN A 1074 56.58 29.74 22.54
N PHE A 1075 56.54 30.18 21.29
CA PHE A 1075 57.65 30.85 20.63
C PHE A 1075 57.22 32.19 20.09
N THR A 1076 58.16 33.09 19.96
CA THR A 1076 57.86 34.36 19.32
C THR A 1076 57.95 34.11 17.83
N THR A 1077 57.11 34.78 17.05
CA THR A 1077 57.20 34.58 15.61
C THR A 1077 57.23 35.84 14.79
N ALA A 1078 57.39 35.64 13.48
CA ALA A 1078 57.39 36.67 12.48
C ALA A 1078 57.08 36.00 11.15
N PRO A 1079 56.38 36.66 10.23
CA PRO A 1079 56.10 36.16 8.91
C PRO A 1079 57.28 36.10 7.97
N ALA A 1080 58.31 36.89 8.24
CA ALA A 1080 59.46 36.95 7.34
C ALA A 1080 60.67 37.52 8.03
N ILE A 1081 61.81 37.25 7.44
CA ILE A 1081 63.05 37.85 7.88
C ILE A 1081 63.55 38.90 6.88
N CYS A 1082 63.90 40.10 7.38
CA CYS A 1082 64.51 41.20 6.64
C CYS A 1082 66.01 41.06 6.76
N HIS A 1083 66.72 40.93 5.67
CA HIS A 1083 68.14 40.74 5.85
C HIS A 1083 69.04 41.68 5.08
N ASP A 1084 69.15 41.45 3.79
CA ASP A 1084 69.99 42.22 2.89
C ASP A 1084 69.17 43.21 2.10
N GLY A 1085 68.05 43.61 2.70
CA GLY A 1085 67.09 44.55 2.15
C GLY A 1085 65.96 43.78 1.51
N LYS A 1086 66.12 42.46 1.49
CA LYS A 1086 65.20 41.54 0.90
C LYS A 1086 64.39 40.80 1.95
N ALA A 1087 63.22 40.31 1.56
CA ALA A 1087 62.37 39.52 2.44
C ALA A 1087 62.48 38.01 2.22
N HIS A 1088 62.88 37.33 3.27
CA HIS A 1088 63.10 35.88 3.29
C HIS A 1088 61.95 35.16 3.98
N PHE A 1089 61.37 34.19 3.31
CA PHE A 1089 60.25 33.43 3.84
C PHE A 1089 60.63 31.98 3.92
N PRO A 1090 60.13 31.15 4.83
CA PRO A 1090 60.46 29.74 4.87
C PRO A 1090 59.95 29.06 3.62
N ARG A 1091 60.70 28.11 3.10
CA ARG A 1091 60.21 27.33 1.98
C ARG A 1091 59.15 26.41 2.52
N GLU A 1092 59.44 25.91 3.71
CA GLU A 1092 58.62 25.03 4.50
C GLU A 1092 58.81 25.48 5.92
N GLY A 1093 57.82 25.35 6.76
CA GLY A 1093 58.04 25.68 8.15
C GLY A 1093 57.72 27.12 8.47
N VAL A 1094 58.08 27.47 9.69
CA VAL A 1094 57.79 28.75 10.29
C VAL A 1094 58.97 29.36 11.03
N PHE A 1095 59.12 30.67 10.97
CA PHE A 1095 60.19 31.28 11.73
C PHE A 1095 59.76 31.43 13.16
N VAL A 1096 60.60 30.97 14.06
CA VAL A 1096 60.32 31.03 15.49
C VAL A 1096 61.48 31.55 16.29
N SER A 1097 61.23 32.03 17.48
CA SER A 1097 62.37 32.45 18.26
C SER A 1097 62.33 32.35 19.76
N ASN A 1098 63.55 32.33 20.23
CA ASN A 1098 63.95 32.43 21.61
C ASN A 1098 64.21 33.90 21.75
N GLY A 1099 64.23 34.44 22.94
CA GLY A 1099 64.45 35.88 23.03
C GLY A 1099 65.70 36.38 22.27
N THR A 1100 66.75 35.56 22.18
CA THR A 1100 67.96 35.96 21.51
C THR A 1100 68.25 35.31 20.16
N HIS A 1101 67.43 34.37 19.70
CA HIS A 1101 67.76 33.68 18.45
C HIS A 1101 66.58 33.32 17.57
N TRP A 1102 66.75 33.50 16.26
CA TRP A 1102 65.73 33.07 15.32
C TRP A 1102 66.15 31.82 14.60
N PHE A 1103 65.20 30.92 14.48
CA PHE A 1103 65.31 29.64 13.84
C PHE A 1103 64.14 29.36 12.95
N VAL A 1104 64.30 28.44 12.03
CA VAL A 1104 63.16 28.05 11.24
C VAL A 1104 62.86 26.59 11.50
N THR A 1105 61.60 26.27 11.75
CA THR A 1105 61.22 24.88 12.05
C THR A 1105 60.07 24.39 11.23
N GLN A 1106 60.02 23.08 11.04
CA GLN A 1106 58.86 22.54 10.37
C GLN A 1106 57.75 22.86 11.34
N ARG A 1107 56.55 23.08 10.84
CA ARG A 1107 55.46 23.47 11.71
C ARG A 1107 54.95 22.46 12.71
N ASN A 1108 54.98 21.18 12.39
CA ASN A 1108 54.33 20.22 13.28
C ASN A 1108 55.19 19.53 14.33
N PHE A 1109 56.46 19.84 14.40
CA PHE A 1109 57.33 19.22 15.38
C PHE A 1109 58.60 20.03 15.49
N TYR A 1110 58.85 20.57 16.67
CA TYR A 1110 59.94 21.49 16.83
C TYR A 1110 61.34 20.93 16.77
N GLU A 1111 62.01 21.33 15.71
CA GLU A 1111 63.37 20.98 15.37
C GLU A 1111 63.98 22.19 14.69
N PRO A 1112 64.40 23.21 15.43
CA PRO A 1112 64.81 24.48 14.92
C PRO A 1112 66.06 24.34 14.08
N GLN A 1113 66.05 24.98 12.94
CA GLN A 1113 67.15 24.99 12.03
C GLN A 1113 67.76 26.34 11.96
N ILE A 1114 68.99 26.41 11.52
CA ILE A 1114 69.60 27.69 11.27
C ILE A 1114 68.94 28.27 10.06
N ILE A 1115 68.61 29.55 10.10
CA ILE A 1115 68.00 30.16 8.95
C ILE A 1115 69.07 30.45 7.94
N THR A 1116 68.92 29.86 6.77
CA THR A 1116 69.86 29.93 5.67
C THR A 1116 69.08 30.19 4.41
N THR A 1117 69.79 30.49 3.33
CA THR A 1117 69.19 30.70 2.01
C THR A 1117 68.66 29.42 1.38
N ASP A 1118 68.95 28.28 2.01
CA ASP A 1118 68.47 26.98 1.56
C ASP A 1118 67.14 26.69 2.21
N ASN A 1119 66.89 27.30 3.38
CA ASN A 1119 65.69 27.02 4.12
C ASN A 1119 64.62 28.02 3.78
N THR A 1120 65.03 29.18 3.30
CA THR A 1120 64.14 30.25 2.94
C THR A 1120 64.19 30.54 1.47
N PHE A 1121 63.25 31.33 1.00
CA PHE A 1121 63.26 31.78 -0.36
C PHE A 1121 63.07 33.25 -0.29
N VAL A 1122 63.47 33.95 -1.33
CA VAL A 1122 63.34 35.38 -1.27
C VAL A 1122 62.42 35.93 -2.29
N SER A 1123 61.52 36.76 -1.83
CA SER A 1123 60.63 37.39 -2.78
C SER A 1123 60.14 38.69 -2.22
N GLY A 1124 60.39 39.77 -2.92
CA GLY A 1124 59.95 41.07 -2.44
C GLY A 1124 61.00 41.63 -1.51
N ASN A 1125 60.85 42.90 -1.17
CA ASN A 1125 61.80 43.59 -0.31
C ASN A 1125 61.29 43.70 1.14
N CYS A 1126 62.09 44.31 2.02
CA CYS A 1126 61.77 44.49 3.45
C CYS A 1126 60.63 45.48 3.71
N ASP A 1127 60.23 46.23 2.72
CA ASP A 1127 59.22 47.25 2.97
C ASP A 1127 57.79 46.78 2.74
N VAL A 1128 57.59 45.52 2.36
CA VAL A 1128 56.21 45.09 2.10
C VAL A 1128 55.60 44.10 3.10
N VAL A 1129 56.37 43.54 4.03
CA VAL A 1129 55.82 42.58 4.98
C VAL A 1129 55.63 43.18 6.37
N ILE A 1130 54.41 43.10 6.85
CA ILE A 1130 54.09 43.64 8.14
C ILE A 1130 54.66 42.72 9.19
N GLY A 1131 55.46 43.24 10.10
CA GLY A 1131 56.02 42.39 11.14
C GLY A 1131 57.34 41.71 10.79
N ILE A 1132 57.95 42.09 9.68
CA ILE A 1132 59.23 41.49 9.27
C ILE A 1132 60.33 41.89 10.27
N VAL A 1133 61.24 40.96 10.61
CA VAL A 1133 62.28 41.31 11.60
C VAL A 1133 63.71 41.26 11.03
N ASN A 1134 64.64 42.07 11.58
CA ASN A 1134 66.02 42.23 11.08
C ASN A 1134 66.99 41.14 11.61
N ASN A 1135 66.81 39.90 11.13
CA ASN A 1135 67.68 38.75 11.47
C ASN A 1135 68.79 38.55 10.43
N THR A 1136 69.61 37.54 10.67
CA THR A 1136 70.71 37.18 9.79
C THR A 1136 70.39 35.90 9.04
N VAL A 1137 70.59 35.90 7.74
CA VAL A 1137 70.34 34.70 6.96
C VAL A 1137 71.66 34.17 6.43
N TYR A 1138 71.99 32.95 6.81
CA TYR A 1138 73.24 32.35 6.42
C TYR A 1138 73.40 32.04 4.94
N ASP A 1139 74.57 32.40 4.43
CA ASP A 1139 75.01 32.16 3.06
C ASP A 1139 75.97 30.96 2.97
N PRO A 1140 75.55 29.81 2.40
CA PRO A 1140 76.31 28.58 2.26
C PRO A 1140 77.60 28.70 1.48
N LEU A 1141 77.80 29.76 0.71
CA LEU A 1141 79.02 29.88 -0.07
C LEU A 1141 80.14 30.60 0.66
N GLN A 1142 79.89 31.08 1.87
CA GLN A 1142 80.95 31.79 2.56
C GLN A 1142 82.20 30.95 2.81
N PRO A 1143 82.11 29.64 3.14
CA PRO A 1143 83.26 28.78 3.34
C PRO A 1143 84.09 28.58 2.08
N GLU A 1144 83.56 28.91 0.90
CA GLU A 1144 84.34 28.66 -0.29
C GLU A 1144 85.28 29.79 -0.54
N LEU A 1145 85.20 30.82 0.29
CA LEU A 1145 86.06 31.96 0.13
C LEU A 1145 87.43 31.59 0.68
N ASP A 1146 87.49 30.47 1.39
CA ASP A 1146 88.74 29.93 1.93
C ASP A 1146 89.33 28.78 1.06
N SER A 1147 88.78 28.55 -0.18
CA SER A 1147 89.18 27.50 -1.13
C SER A 1147 89.04 28.06 -2.54
N ALA B 27 -32.51 42.10 -19.29
CA ALA B 27 -31.45 42.95 -18.78
C ALA B 27 -30.85 42.29 -17.53
N TYR B 28 -29.51 42.31 -17.43
CA TYR B 28 -28.73 41.71 -16.34
C TYR B 28 -27.65 42.65 -15.87
N THR B 29 -27.23 42.48 -14.63
CA THR B 29 -26.08 43.21 -14.13
C THR B 29 -25.00 42.20 -13.75
N ASN B 30 -23.87 42.72 -13.32
CA ASN B 30 -22.72 41.95 -12.91
C ASN B 30 -22.77 41.69 -11.40
N SER B 31 -22.81 40.41 -10.98
CA SER B 31 -22.90 40.09 -9.55
C SER B 31 -21.64 40.42 -8.79
N PHE B 32 -20.56 40.61 -9.51
CA PHE B 32 -19.26 40.89 -8.96
C PHE B 32 -18.92 39.91 -7.86
N THR B 33 -18.67 40.42 -6.66
CA THR B 33 -18.29 39.61 -5.52
C THR B 33 -19.33 39.73 -4.42
N ARG B 34 -20.54 40.11 -4.78
CA ARG B 34 -21.64 40.23 -3.85
C ARG B 34 -22.22 38.85 -3.58
N GLY B 35 -23.04 38.72 -2.54
CA GLY B 35 -23.65 37.43 -2.23
C GLY B 35 -22.97 36.65 -1.11
N VAL B 36 -21.95 37.23 -0.51
CA VAL B 36 -21.22 36.59 0.59
C VAL B 36 -21.99 36.73 1.89
N TYR B 37 -22.07 35.65 2.62
CA TYR B 37 -22.76 35.61 3.89
C TYR B 37 -22.01 34.67 4.78
N TYR B 38 -22.26 34.75 6.06
CA TYR B 38 -21.58 33.86 6.98
C TYR B 38 -22.34 32.56 6.98
N PRO B 39 -21.77 31.44 6.52
CA PRO B 39 -22.45 30.19 6.37
C PRO B 39 -22.87 29.54 7.67
N ASP B 40 -22.23 29.91 8.75
CA ASP B 40 -22.51 29.35 10.05
C ASP B 40 -22.38 30.43 11.11
N LYS B 41 -22.35 30.02 12.37
CA LYS B 41 -22.27 30.94 13.49
C LYS B 41 -20.94 30.73 14.19
N VAL B 42 -19.94 30.33 13.40
CA VAL B 42 -18.64 30.06 13.94
C VAL B 42 -17.64 31.15 13.68
N PHE B 43 -16.99 31.54 14.75
CA PHE B 43 -15.96 32.50 14.76
C PHE B 43 -14.66 31.85 14.42
N ARG B 44 -14.00 32.40 13.46
CA ARG B 44 -12.72 31.94 13.03
C ARG B 44 -11.99 33.21 12.86
N SER B 45 -10.71 33.26 13.12
CA SER B 45 -10.06 34.54 12.90
C SER B 45 -8.68 34.39 12.35
N SER B 46 -8.31 35.41 11.61
CA SER B 46 -6.99 35.50 10.98
C SER B 46 -6.70 34.20 10.24
N VAL B 47 -7.69 33.73 9.49
CA VAL B 47 -7.56 32.47 8.80
C VAL B 47 -8.35 32.45 7.52
N LEU B 48 -7.83 31.75 6.54
CA LEU B 48 -8.56 31.58 5.31
C LEU B 48 -9.16 30.18 5.32
N HIS B 49 -10.48 30.13 5.34
CA HIS B 49 -11.22 28.89 5.51
C HIS B 49 -11.96 28.39 4.29
N SER B 50 -11.74 27.12 3.94
CA SER B 50 -12.42 26.55 2.79
C SER B 50 -13.72 25.87 3.14
N THR B 51 -14.79 26.29 2.48
CA THR B 51 -16.10 25.70 2.71
C THR B 51 -16.87 25.42 1.43
N GLN B 52 -17.99 24.71 1.56
CA GLN B 52 -18.86 24.43 0.43
C GLN B 52 -20.30 24.73 0.78
N ASP B 53 -20.98 25.42 -0.11
CA ASP B 53 -22.37 25.82 0.13
C ASP B 53 -23.08 26.18 -1.17
N LEU B 54 -24.34 26.55 -1.07
CA LEU B 54 -25.07 27.07 -2.22
C LEU B 54 -24.80 28.55 -2.18
N PHE B 55 -24.22 29.05 -3.23
CA PHE B 55 -23.75 30.41 -3.23
C PHE B 55 -23.95 31.10 -4.57
N LEU B 56 -24.19 32.40 -4.57
CA LEU B 56 -24.29 33.15 -5.81
C LEU B 56 -22.91 33.19 -6.46
N PRO B 57 -22.69 32.61 -7.64
CA PRO B 57 -21.38 32.58 -8.25
C PRO B 57 -20.88 33.98 -8.49
N PHE B 58 -19.57 34.17 -8.36
CA PHE B 58 -19.02 35.48 -8.61
C PHE B 58 -19.07 35.76 -10.09
N PHE B 59 -19.29 37.02 -10.40
CA PHE B 59 -19.35 37.60 -11.73
C PHE B 59 -20.42 37.03 -12.66
N SER B 60 -21.41 36.36 -12.10
CA SER B 60 -22.52 35.85 -12.89
C SER B 60 -23.51 36.95 -13.24
N ASN B 61 -24.41 36.65 -14.18
CA ASN B 61 -25.48 37.58 -14.52
C ASN B 61 -26.62 37.51 -13.53
N VAL B 62 -27.03 38.69 -13.08
CA VAL B 62 -28.11 38.84 -12.12
C VAL B 62 -29.22 39.65 -12.77
N THR B 63 -30.43 39.12 -12.80
CA THR B 63 -31.50 39.78 -13.53
C THR B 63 -31.86 41.13 -12.94
N TRP B 64 -31.95 42.13 -13.81
CA TRP B 64 -32.33 43.50 -13.47
C TRP B 64 -33.81 43.74 -13.51
N PHE B 65 -34.33 44.35 -12.46
CA PHE B 65 -35.74 44.70 -12.40
C PHE B 65 -35.85 46.19 -12.05
N HIS B 66 -36.88 46.87 -12.62
CA HIS B 66 -37.19 48.27 -12.38
C HIS B 66 -38.49 48.58 -13.13
N PHE B 79 -42.65 48.94 -9.42
CA PHE B 79 -42.71 48.96 -10.88
C PHE B 79 -43.12 47.59 -11.44
N ASP B 80 -42.34 46.53 -11.08
CA ASP B 80 -42.46 45.17 -11.60
C ASP B 80 -42.33 44.16 -10.45
N ASN B 81 -43.39 43.42 -10.18
CA ASN B 81 -43.49 42.45 -9.11
C ASN B 81 -43.93 41.04 -9.60
N PRO B 82 -43.19 40.40 -10.51
CA PRO B 82 -43.49 39.14 -11.17
C PRO B 82 -43.28 37.96 -10.25
N VAL B 83 -43.84 36.81 -10.60
CA VAL B 83 -43.54 35.63 -9.81
C VAL B 83 -42.36 34.93 -10.49
N LEU B 84 -41.28 34.79 -9.74
CA LEU B 84 -40.02 34.25 -10.20
C LEU B 84 -39.77 32.89 -9.59
N PRO B 85 -38.95 32.03 -10.18
CA PRO B 85 -38.57 30.77 -9.60
C PRO B 85 -37.68 31.01 -8.41
N PHE B 86 -37.70 30.08 -7.47
CA PHE B 86 -36.83 30.11 -6.30
C PHE B 86 -35.58 29.26 -6.52
N ASN B 87 -35.74 28.20 -7.30
CA ASN B 87 -34.70 27.22 -7.55
C ASN B 87 -34.15 26.65 -6.26
N ASP B 88 -32.83 26.73 -6.03
CA ASP B 88 -32.23 26.16 -4.83
C ASP B 88 -31.92 27.20 -3.80
N GLY B 89 -32.40 28.41 -4.03
CA GLY B 89 -32.13 29.53 -3.15
C GLY B 89 -31.96 30.75 -4.00
N VAL B 90 -32.25 31.89 -3.41
CA VAL B 90 -32.25 33.15 -4.11
C VAL B 90 -31.40 34.25 -3.55
N TYR B 91 -30.67 34.85 -4.46
CA TYR B 91 -29.93 36.04 -4.12
C TYR B 91 -30.82 37.20 -4.42
N PHE B 92 -31.05 38.06 -3.46
CA PHE B 92 -31.92 39.19 -3.71
C PHE B 92 -31.31 40.46 -3.21
N ALA B 93 -31.40 41.50 -3.99
CA ALA B 93 -30.89 42.75 -3.48
C ALA B 93 -31.64 43.90 -4.05
N SER B 94 -31.69 44.99 -3.33
CA SER B 94 -32.35 46.14 -3.89
C SER B 94 -31.80 47.47 -3.47
N THR B 95 -32.10 48.49 -4.25
CA THR B 95 -31.64 49.81 -3.88
C THR B 95 -32.83 50.70 -3.72
N GLU B 96 -32.86 51.40 -2.60
CA GLU B 96 -33.96 52.31 -2.37
C GLU B 96 -33.67 53.40 -1.35
N LYS B 97 -34.53 54.40 -1.38
CA LYS B 97 -34.59 55.49 -0.43
C LYS B 97 -36.04 55.71 -0.10
N SER B 98 -36.84 55.11 -0.95
CA SER B 98 -38.28 55.25 -1.04
C SER B 98 -39.12 54.33 -0.18
N ASN B 99 -38.52 53.34 0.48
CA ASN B 99 -39.28 52.40 1.30
C ASN B 99 -40.43 51.73 0.52
N ILE B 100 -40.12 51.21 -0.65
CA ILE B 100 -41.08 50.55 -1.51
C ILE B 100 -41.06 49.06 -1.39
N ILE B 101 -39.88 48.49 -1.22
CA ILE B 101 -39.86 47.04 -1.15
C ILE B 101 -40.18 46.63 0.27
N ARG B 102 -41.36 46.07 0.44
CA ARG B 102 -41.89 45.78 1.73
C ARG B 102 -41.80 44.32 2.07
N GLY B 103 -41.77 43.49 1.06
CA GLY B 103 -41.79 42.09 1.41
C GLY B 103 -41.66 41.13 0.27
N TRP B 104 -41.89 39.87 0.63
CA TRP B 104 -41.80 38.74 -0.26
C TRP B 104 -42.87 37.71 0.02
N ILE B 105 -43.23 36.97 -1.00
CA ILE B 105 -44.05 35.79 -0.84
C ILE B 105 -43.30 34.60 -1.35
N PHE B 106 -43.15 33.58 -0.52
CA PHE B 106 -42.45 32.38 -0.92
C PHE B 106 -43.34 31.15 -0.81
N GLY B 107 -43.49 30.41 -1.90
CA GLY B 107 -44.37 29.23 -1.84
C GLY B 107 -44.28 28.39 -3.09
N THR B 108 -45.32 27.59 -3.34
CA THR B 108 -45.34 26.68 -4.48
C THR B 108 -46.42 27.12 -5.48
N THR B 109 -47.66 26.69 -5.26
CA THR B 109 -48.73 27.05 -6.17
C THR B 109 -49.33 28.41 -5.83
N LEU B 110 -49.16 28.87 -4.59
CA LEU B 110 -49.64 30.18 -4.17
C LEU B 110 -51.15 30.41 -4.42
N ASP B 111 -51.92 29.34 -4.21
CA ASP B 111 -53.37 29.31 -4.38
C ASP B 111 -54.16 29.29 -3.09
N SER B 112 -53.47 29.46 -1.97
CA SER B 112 -54.00 29.46 -0.59
C SER B 112 -54.38 28.06 -0.12
N LYS B 113 -54.32 27.06 -1.02
CA LYS B 113 -54.65 25.68 -0.69
C LYS B 113 -53.43 25.11 -0.01
N THR B 114 -52.28 25.52 -0.55
CA THR B 114 -51.01 25.10 -0.01
C THR B 114 -50.44 26.22 0.83
N GLN B 115 -50.01 25.90 2.04
CA GLN B 115 -49.46 26.94 2.87
C GLN B 115 -48.17 27.45 2.29
N SER B 116 -48.01 28.74 2.35
CA SER B 116 -46.84 29.45 1.88
C SER B 116 -46.43 30.45 2.93
N LEU B 117 -45.25 31.01 2.78
CA LEU B 117 -44.70 31.97 3.72
C LEU B 117 -44.71 33.41 3.23
N LEU B 118 -45.34 34.29 3.97
CA LEU B 118 -45.35 35.69 3.57
C LEU B 118 -44.57 36.53 4.57
N ILE B 119 -43.65 37.35 4.06
CA ILE B 119 -42.86 38.24 4.89
C ILE B 119 -43.09 39.69 4.52
N VAL B 120 -43.60 40.50 5.43
CA VAL B 120 -43.84 41.89 5.06
C VAL B 120 -43.65 42.95 6.14
N ASN B 121 -43.13 44.08 5.72
CA ASN B 121 -43.06 45.27 6.55
C ASN B 121 -44.33 46.07 6.28
N ASN B 122 -45.26 46.07 7.23
CA ASN B 122 -46.60 46.67 7.07
C ASN B 122 -46.71 48.07 7.66
N ALA B 123 -45.59 48.69 8.04
CA ALA B 123 -45.54 50.03 8.66
C ALA B 123 -46.01 50.03 10.12
N THR B 124 -47.08 49.29 10.41
CA THR B 124 -47.61 49.11 11.76
C THR B 124 -46.86 48.02 12.53
N ASN B 125 -46.38 47.00 11.80
CA ASN B 125 -45.64 45.86 12.34
C ASN B 125 -44.84 45.14 11.25
N VAL B 126 -44.10 44.11 11.65
CA VAL B 126 -43.45 43.23 10.68
C VAL B 126 -43.99 41.84 10.85
N VAL B 127 -44.50 41.29 9.78
CA VAL B 127 -45.12 40.00 9.87
C VAL B 127 -44.49 38.92 9.04
N ILE B 128 -44.14 37.84 9.71
CA ILE B 128 -43.66 36.64 9.05
C ILE B 128 -44.75 35.62 9.33
N LYS B 129 -45.50 35.26 8.32
CA LYS B 129 -46.64 34.44 8.63
C LYS B 129 -46.91 33.33 7.66
N VAL B 130 -47.34 32.21 8.22
CA VAL B 130 -47.78 31.08 7.44
C VAL B 130 -49.22 30.78 7.83
N CYS B 131 -50.13 31.59 7.25
CA CYS B 131 -51.58 31.57 7.37
C CYS B 131 -52.02 31.99 5.98
N GLU B 132 -51.63 31.22 4.98
CA GLU B 132 -51.71 31.74 3.64
C GLU B 132 -53.06 32.25 3.23
N PHE B 133 -53.04 33.50 2.78
CA PHE B 133 -54.19 34.21 2.32
C PHE B 133 -54.14 34.19 0.84
N GLN B 134 -55.24 33.97 0.16
CA GLN B 134 -55.09 34.15 -1.25
C GLN B 134 -54.78 35.60 -1.38
N PHE B 135 -53.77 35.89 -2.15
CA PHE B 135 -53.33 37.23 -2.39
C PHE B 135 -53.58 37.54 -3.85
N CYS B 136 -53.63 38.82 -4.18
CA CYS B 136 -53.90 39.23 -5.55
C CYS B 136 -52.79 38.80 -6.47
N ASN B 137 -53.03 38.80 -7.80
CA ASN B 137 -51.97 38.41 -8.74
C ASN B 137 -51.09 39.60 -9.09
N ASP B 138 -51.39 40.71 -8.45
CA ASP B 138 -50.68 41.96 -8.54
C ASP B 138 -50.81 42.61 -7.16
N PRO B 139 -50.22 42.01 -6.12
CA PRO B 139 -50.38 42.35 -4.72
C PRO B 139 -49.61 43.57 -4.21
N PHE B 140 -49.87 44.73 -4.81
CA PHE B 140 -49.22 45.96 -4.34
C PHE B 140 -49.92 46.47 -3.10
N LEU B 141 -49.15 47.06 -2.21
CA LEU B 141 -49.70 47.63 -0.98
C LEU B 141 -49.62 49.15 -1.14
N GLY B 142 -50.35 49.94 -0.37
CA GLY B 142 -50.27 51.40 -0.54
C GLY B 142 -49.19 52.06 0.33
N VAL B 143 -49.20 53.43 0.31
CA VAL B 143 -48.32 54.37 1.04
C VAL B 143 -48.57 55.77 0.48
N MET B 153 -49.09 57.25 5.78
CA MET B 153 -50.42 56.68 5.60
C MET B 153 -50.41 55.84 4.31
N GLU B 154 -51.30 54.81 4.26
CA GLU B 154 -51.49 53.86 3.15
C GLU B 154 -52.97 53.85 2.78
N SER B 155 -53.30 53.80 1.50
CA SER B 155 -54.71 53.75 1.11
C SER B 155 -55.17 52.44 0.47
N GLU B 156 -54.28 51.44 0.40
CA GLU B 156 -54.66 50.14 -0.18
C GLU B 156 -53.86 49.01 0.42
N PHE B 157 -54.40 47.80 0.32
CA PHE B 157 -53.70 46.61 0.76
C PHE B 157 -54.25 45.46 -0.08
N ARG B 158 -53.38 44.65 -0.68
CA ARG B 158 -53.80 43.58 -1.57
C ARG B 158 -53.36 42.13 -1.36
N VAL B 159 -52.96 41.74 -0.16
CA VAL B 159 -52.57 40.33 -0.01
C VAL B 159 -53.48 39.53 0.89
N TYR B 160 -54.67 40.05 1.18
CA TYR B 160 -55.63 39.35 2.02
C TYR B 160 -56.99 39.16 1.34
N SER B 161 -57.05 38.38 0.25
CA SER B 161 -58.31 38.17 -0.47
C SER B 161 -59.11 37.03 0.16
N SER B 162 -58.40 36.10 0.77
CA SER B 162 -59.01 34.95 1.48
C SER B 162 -58.09 34.64 2.65
N ALA B 163 -58.47 33.75 3.55
CA ALA B 163 -57.58 33.43 4.68
C ALA B 163 -57.74 31.98 5.06
N ASN B 164 -56.69 31.42 5.66
CA ASN B 164 -56.67 30.01 6.03
C ASN B 164 -55.99 29.72 7.35
N ASN B 165 -55.95 28.45 7.70
CA ASN B 165 -55.39 27.99 8.95
C ASN B 165 -53.89 28.30 9.07
N CYS B 166 -53.46 28.73 10.29
CA CYS B 166 -52.09 29.07 10.64
C CYS B 166 -51.27 27.89 11.11
N THR B 167 -50.02 27.82 10.65
CA THR B 167 -49.10 26.82 11.13
C THR B 167 -47.91 27.50 11.80
N PHE B 168 -47.68 28.76 11.42
CA PHE B 168 -46.56 29.54 11.97
C PHE B 168 -46.85 31.02 11.97
N GLU B 169 -46.45 31.70 13.04
CA GLU B 169 -46.56 33.13 13.03
C GLU B 169 -45.50 33.77 13.90
N TYR B 170 -44.91 34.83 13.38
CA TYR B 170 -43.99 35.66 14.11
C TYR B 170 -44.25 37.11 13.80
N VAL B 171 -44.33 37.93 14.82
CA VAL B 171 -44.56 39.34 14.57
C VAL B 171 -43.57 40.17 15.35
N SER B 172 -43.09 41.24 14.73
CA SER B 172 -42.21 42.16 15.40
C SER B 172 -42.68 43.60 15.16
N GLN B 173 -41.83 44.53 15.52
CA GLN B 173 -42.09 45.95 15.40
C GLN B 173 -41.86 46.34 13.96
N PRO B 174 -42.46 47.42 13.43
CA PRO B 174 -42.32 47.89 12.07
C PRO B 174 -40.90 48.34 11.83
N PHE B 175 -40.43 48.24 10.57
CA PHE B 175 -39.06 48.62 10.18
C PHE B 175 -39.10 49.95 9.43
N ASN B 185 -30.25 58.93 -7.37
CA ASN B 185 -29.41 58.34 -6.33
C ASN B 185 -30.28 57.63 -5.25
N PHE B 186 -29.79 56.47 -4.75
CA PHE B 186 -30.41 55.66 -3.68
C PHE B 186 -29.54 55.72 -2.45
N LYS B 187 -30.18 55.79 -1.29
CA LYS B 187 -29.50 55.86 -0.01
C LYS B 187 -28.89 54.55 0.48
N ASN B 188 -29.56 53.42 0.26
CA ASN B 188 -29.04 52.15 0.74
C ASN B 188 -29.19 50.97 -0.19
N LEU B 189 -28.27 50.03 -0.02
CA LEU B 189 -28.36 48.72 -0.66
C LEU B 189 -28.87 47.77 0.37
N ARG B 190 -29.91 47.05 0.05
CA ARG B 190 -30.47 46.08 0.96
C ARG B 190 -30.21 44.71 0.38
N GLU B 191 -29.21 44.02 0.91
CA GLU B 191 -28.80 42.76 0.32
C GLU B 191 -29.23 41.58 1.17
N PHE B 192 -29.87 40.61 0.52
CA PHE B 192 -30.41 39.42 1.15
C PHE B 192 -30.09 38.10 0.48
N VAL B 193 -30.04 37.07 1.29
CA VAL B 193 -29.98 35.70 0.81
C VAL B 193 -31.10 34.89 1.41
N PHE B 194 -31.88 34.24 0.55
CA PHE B 194 -33.01 33.44 0.96
C PHE B 194 -32.81 31.96 0.62
N LYS B 195 -32.72 31.12 1.64
CA LYS B 195 -32.47 29.68 1.43
C LYS B 195 -33.49 28.80 2.12
N ASN B 196 -33.71 27.60 1.61
CA ASN B 196 -34.67 26.71 2.25
C ASN B 196 -34.10 25.31 2.42
N ILE B 197 -33.55 25.04 3.59
CA ILE B 197 -32.89 23.78 3.82
C ILE B 197 -33.42 23.05 5.03
N ASP B 198 -33.86 21.83 4.80
CA ASP B 198 -34.38 20.93 5.82
C ASP B 198 -35.49 21.56 6.66
N GLY B 199 -36.36 22.31 6.01
CA GLY B 199 -37.49 22.93 6.69
C GLY B 199 -37.23 24.34 7.18
N TYR B 200 -35.98 24.78 7.17
CA TYR B 200 -35.71 26.11 7.63
C TYR B 200 -35.53 27.12 6.54
N PHE B 201 -36.24 28.22 6.69
CA PHE B 201 -36.09 29.27 5.75
C PHE B 201 -35.10 30.20 6.36
N LYS B 202 -33.93 30.20 5.79
CA LYS B 202 -32.81 30.93 6.34
C LYS B 202 -32.62 32.22 5.62
N ILE B 203 -32.65 33.29 6.38
CA ILE B 203 -32.52 34.58 5.77
C ILE B 203 -31.29 35.24 6.29
N TYR B 204 -30.48 35.75 5.39
CA TYR B 204 -29.28 36.50 5.74
C TYR B 204 -29.48 37.88 5.19
N SER B 205 -29.00 38.90 5.90
CA SER B 205 -29.17 40.24 5.35
C SER B 205 -28.20 41.28 5.89
N LYS B 206 -28.00 42.32 5.10
CA LYS B 206 -27.24 43.48 5.49
C LYS B 206 -27.64 44.72 4.72
N HIS B 207 -27.67 45.85 5.40
CA HIS B 207 -27.92 47.10 4.69
C HIS B 207 -26.63 47.89 4.65
N THR B 208 -26.31 48.39 3.47
CA THR B 208 -25.09 49.16 3.27
C THR B 208 -25.37 50.62 2.88
N PRO B 209 -24.82 51.61 3.60
CA PRO B 209 -24.96 53.04 3.36
C PRO B 209 -24.08 53.52 2.22
N ILE B 210 -24.40 53.05 1.04
CA ILE B 210 -23.69 53.34 -0.19
C ILE B 210 -24.59 54.11 -1.14
N ASN B 211 -24.04 55.18 -1.74
CA ASN B 211 -24.80 56.02 -2.67
C ASN B 211 -24.81 55.39 -4.07
N LEU B 212 -25.96 54.87 -4.47
CA LEU B 212 -26.09 54.12 -5.72
C LEU B 212 -26.91 54.78 -6.80
N VAL B 213 -26.60 54.46 -8.05
CA VAL B 213 -27.40 55.01 -9.14
C VAL B 213 -28.26 53.97 -9.87
N ARG B 214 -27.64 52.89 -10.32
CA ARG B 214 -28.37 51.88 -11.08
C ARG B 214 -27.92 50.47 -10.73
N ASP B 215 -26.75 50.12 -11.25
CA ASP B 215 -26.12 48.81 -11.17
C ASP B 215 -25.69 48.41 -9.79
N LEU B 216 -25.66 47.12 -9.58
CA LEU B 216 -25.24 46.55 -8.34
C LEU B 216 -23.80 47.04 -8.18
N PRO B 217 -23.43 47.65 -7.06
CA PRO B 217 -22.12 48.21 -6.80
C PRO B 217 -21.06 47.18 -6.58
N GLN B 218 -19.82 47.57 -6.79
CA GLN B 218 -18.71 46.72 -6.47
C GLN B 218 -18.31 46.93 -5.04
N GLY B 219 -17.77 45.89 -4.42
CA GLY B 219 -17.26 45.99 -3.06
C GLY B 219 -17.44 44.66 -2.36
N PHE B 220 -16.97 44.57 -1.13
CA PHE B 220 -17.08 43.31 -0.44
C PHE B 220 -17.63 43.52 0.95
N SER B 221 -18.59 42.71 1.31
CA SER B 221 -19.20 42.72 2.63
C SER B 221 -19.82 41.37 2.81
N ALA B 222 -20.24 41.02 4.02
CA ALA B 222 -20.87 39.74 4.20
C ALA B 222 -22.12 39.89 5.01
N LEU B 223 -23.11 39.08 4.68
CA LEU B 223 -24.39 39.15 5.35
C LEU B 223 -24.46 38.27 6.58
N GLU B 224 -24.77 38.91 7.68
CA GLU B 224 -24.91 38.22 8.92
C GLU B 224 -26.27 37.56 8.83
N PRO B 225 -26.51 36.43 9.46
CA PRO B 225 -27.79 35.77 9.46
C PRO B 225 -28.77 36.66 10.15
N LEU B 226 -29.99 36.67 9.64
CA LEU B 226 -31.06 37.44 10.22
C LEU B 226 -31.94 36.56 11.07
N VAL B 227 -32.44 35.49 10.47
CA VAL B 227 -33.34 34.58 11.16
C VAL B 227 -33.38 33.20 10.54
N ASP B 228 -33.53 32.19 11.39
CA ASP B 228 -33.71 30.83 10.94
C ASP B 228 -35.15 30.43 11.25
N LEU B 229 -36.00 30.38 10.24
CA LEU B 229 -37.40 30.13 10.49
C LEU B 229 -37.84 28.66 10.36
N PRO B 230 -38.42 28.05 11.39
CA PRO B 230 -38.87 26.66 11.45
C PRO B 230 -40.21 26.51 10.74
N ILE B 231 -40.19 26.53 9.42
CA ILE B 231 -41.45 26.58 8.68
C ILE B 231 -41.95 25.22 8.17
N GLY B 232 -41.10 24.40 7.56
CA GLY B 232 -41.55 23.12 7.00
C GLY B 232 -42.27 23.20 5.65
N ILE B 233 -42.04 24.26 4.89
CA ILE B 233 -42.69 24.46 3.59
C ILE B 233 -41.73 24.52 2.44
N ASN B 234 -42.05 23.79 1.38
CA ASN B 234 -41.25 23.80 0.18
C ASN B 234 -41.54 25.09 -0.57
N ILE B 235 -40.51 25.68 -1.16
CA ILE B 235 -40.66 26.90 -1.95
C ILE B 235 -40.14 26.65 -3.34
N THR B 236 -40.94 26.93 -4.36
CA THR B 236 -40.47 26.75 -5.71
C THR B 236 -40.54 28.04 -6.49
N ARG B 237 -41.38 28.97 -6.02
CA ARG B 237 -41.65 30.26 -6.66
C ARG B 237 -41.69 31.37 -5.60
N PHE B 238 -41.38 32.60 -5.99
CA PHE B 238 -41.53 33.69 -5.06
C PHE B 238 -41.89 34.99 -5.77
N GLN B 239 -42.41 35.94 -5.03
CA GLN B 239 -42.78 37.23 -5.59
C GLN B 239 -42.44 38.36 -4.64
N THR B 240 -42.03 39.52 -5.12
CA THR B 240 -41.82 40.61 -4.18
C THR B 240 -43.11 41.35 -3.90
N LEU B 241 -43.12 42.11 -2.82
CA LEU B 241 -44.22 42.96 -2.42
C LEU B 241 -43.76 44.39 -2.40
N LEU B 242 -44.36 45.18 -3.27
CA LEU B 242 -43.98 46.57 -3.44
C LEU B 242 -45.12 47.49 -3.00
N ALA B 243 -44.79 48.68 -2.50
CA ALA B 243 -45.78 49.68 -2.14
C ALA B 243 -46.00 50.74 -3.25
N LEU B 244 -47.20 51.32 -3.30
CA LEU B 244 -47.53 52.41 -4.24
C LEU B 244 -47.93 53.69 -3.54
N HIS B 245 -47.15 54.74 -3.75
CA HIS B 245 -47.48 55.99 -3.09
C HIS B 245 -48.62 56.75 -3.76
N ARG B 246 -49.53 57.26 -2.93
CA ARG B 246 -50.65 58.07 -3.40
C ARG B 246 -50.82 59.31 -2.50
N SER B 247 -51.42 60.39 -3.03
CA SER B 247 -51.75 61.63 -2.31
C SER B 247 -52.92 61.39 -1.33
N ALA B 263 -38.58 50.81 -7.18
CA ALA B 263 -38.42 49.37 -6.98
C ALA B 263 -37.31 48.83 -7.91
N ALA B 264 -36.06 49.27 -7.62
CA ALA B 264 -34.83 48.84 -8.31
C ALA B 264 -34.29 47.61 -7.61
N TYR B 265 -34.28 46.47 -8.27
CA TYR B 265 -33.83 45.27 -7.59
C TYR B 265 -33.20 44.24 -8.49
N TYR B 266 -32.56 43.28 -7.85
CA TYR B 266 -31.84 42.22 -8.48
C TYR B 266 -32.25 40.84 -8.04
N VAL B 267 -32.29 39.89 -8.99
CA VAL B 267 -32.51 38.49 -8.63
C VAL B 267 -31.49 37.55 -9.24
N GLY B 268 -30.82 36.79 -8.39
CA GLY B 268 -29.86 35.82 -8.84
C GLY B 268 -30.16 34.50 -8.19
N TYR B 269 -29.39 33.48 -8.51
CA TYR B 269 -29.64 32.17 -7.93
C TYR B 269 -28.39 31.58 -7.39
N LEU B 270 -28.56 30.75 -6.38
CA LEU B 270 -27.42 30.11 -5.76
C LEU B 270 -27.13 28.78 -6.44
N GLN B 271 -25.86 28.42 -6.50
CA GLN B 271 -25.43 27.15 -7.06
C GLN B 271 -24.41 26.53 -6.13
N PRO B 272 -24.22 25.22 -6.08
CA PRO B 272 -23.17 24.65 -5.29
C PRO B 272 -21.82 25.19 -5.73
N ARG B 273 -21.05 25.70 -4.79
CA ARG B 273 -19.74 26.26 -5.03
C ARG B 273 -18.77 26.04 -3.90
N THR B 274 -17.50 26.05 -4.24
CA THR B 274 -16.47 25.94 -3.23
C THR B 274 -15.83 27.31 -3.13
N PHE B 275 -15.68 27.77 -1.89
CA PHE B 275 -15.07 29.04 -1.56
C PHE B 275 -14.04 29.08 -0.48
N LEU B 276 -13.13 30.02 -0.61
CA LEU B 276 -12.24 30.32 0.50
C LEU B 276 -12.75 31.60 1.11
N LEU B 277 -13.09 31.57 2.37
CA LEU B 277 -13.60 32.77 3.04
C LEU B 277 -12.55 33.32 3.95
N LYS B 278 -12.19 34.57 3.74
CA LYS B 278 -11.14 35.18 4.55
C LYS B 278 -11.67 35.82 5.76
N TYR B 279 -11.28 35.32 6.92
CA TYR B 279 -11.72 35.89 8.17
C TYR B 279 -10.62 36.77 8.71
N ASN B 280 -10.99 37.97 9.12
CA ASN B 280 -10.01 38.87 9.69
C ASN B 280 -9.88 38.55 11.16
N GLU B 281 -9.15 39.36 11.88
CA GLU B 281 -8.85 39.13 13.28
C GLU B 281 -10.09 39.21 14.19
N ASN B 282 -11.18 39.80 13.68
CA ASN B 282 -12.39 39.97 14.46
C ASN B 282 -13.45 38.96 14.06
N GLY B 283 -13.11 38.03 13.15
CA GLY B 283 -14.10 37.07 12.72
C GLY B 283 -15.02 37.52 11.59
N THR B 284 -14.65 38.60 10.91
CA THR B 284 -15.43 39.17 9.83
C THR B 284 -14.94 38.65 8.51
N ILE B 285 -15.85 38.31 7.61
CA ILE B 285 -15.36 37.87 6.32
C ILE B 285 -15.05 39.13 5.56
N THR B 286 -13.79 39.28 5.16
CA THR B 286 -13.36 40.48 4.48
C THR B 286 -13.03 40.23 3.03
N ASP B 287 -12.82 38.99 2.67
CA ASP B 287 -12.57 38.69 1.26
C ASP B 287 -13.02 37.27 0.94
N ALA B 288 -12.92 36.85 -0.33
CA ALA B 288 -13.28 35.48 -0.69
C ALA B 288 -12.76 35.04 -2.05
N VAL B 289 -12.57 33.73 -2.22
CA VAL B 289 -12.20 33.18 -3.52
C VAL B 289 -13.23 32.21 -4.04
N ASP B 290 -13.76 32.50 -5.22
CA ASP B 290 -14.72 31.61 -5.91
C ASP B 290 -13.91 30.66 -6.79
N CYS B 291 -13.80 29.38 -6.37
CA CYS B 291 -12.92 28.36 -6.94
C CYS B 291 -13.30 27.97 -8.37
N ALA B 292 -14.47 28.39 -8.86
CA ALA B 292 -14.87 28.02 -10.21
C ALA B 292 -14.62 29.11 -11.27
N LEU B 293 -14.19 30.32 -10.89
CA LEU B 293 -14.09 31.41 -11.89
C LEU B 293 -13.01 31.39 -12.93
N ASP B 294 -11.85 30.93 -12.55
CA ASP B 294 -10.67 31.06 -13.37
C ASP B 294 -9.62 30.11 -12.88
N PRO B 295 -8.74 29.57 -13.73
CA PRO B 295 -7.59 28.80 -13.33
C PRO B 295 -6.79 29.51 -12.24
N LEU B 296 -6.76 30.85 -12.22
CA LEU B 296 -6.03 31.48 -11.14
C LEU B 296 -6.73 31.25 -9.82
N SER B 297 -8.07 31.25 -9.82
CA SER B 297 -8.82 31.05 -8.60
C SER B 297 -8.65 29.61 -8.18
N GLU B 298 -8.57 28.72 -9.16
CA GLU B 298 -8.40 27.33 -8.82
C GLU B 298 -7.09 27.18 -8.08
N THR B 299 -6.06 27.90 -8.53
CA THR B 299 -4.76 27.85 -7.88
C THR B 299 -4.87 28.42 -6.48
N LYS B 300 -5.55 29.55 -6.33
CA LYS B 300 -5.68 30.12 -5.00
C LYS B 300 -6.38 29.17 -4.01
N CYS B 301 -7.43 28.43 -4.45
CA CYS B 301 -8.17 27.46 -3.64
C CYS B 301 -7.28 26.27 -3.32
N THR B 302 -6.50 25.82 -4.29
CA THR B 302 -5.63 24.69 -4.12
C THR B 302 -4.60 24.96 -3.06
N LEU B 303 -4.06 26.17 -3.07
CA LEU B 303 -3.03 26.57 -2.15
C LEU B 303 -3.55 27.24 -0.88
N LYS B 304 -4.86 27.36 -0.73
CA LYS B 304 -5.46 28.04 0.42
C LYS B 304 -4.86 29.42 0.63
N SER B 305 -4.75 30.21 -0.43
CA SER B 305 -4.13 31.51 -0.31
C SER B 305 -4.64 32.56 -1.27
N PHE B 306 -4.57 33.84 -0.88
CA PHE B 306 -4.92 34.89 -1.83
C PHE B 306 -3.69 35.36 -2.59
N THR B 307 -2.55 34.84 -2.20
CA THR B 307 -1.29 35.14 -2.82
C THR B 307 -0.69 33.87 -3.36
N VAL B 308 -0.35 33.92 -4.61
CA VAL B 308 0.24 32.79 -5.28
C VAL B 308 1.63 33.18 -5.68
N GLU B 309 2.56 32.37 -5.26
CA GLU B 309 3.94 32.62 -5.55
C GLU B 309 4.21 32.27 -6.98
N LYS B 310 5.22 32.88 -7.55
CA LYS B 310 5.55 32.52 -8.91
C LYS B 310 5.83 31.04 -9.02
N GLY B 311 5.18 30.38 -9.98
CA GLY B 311 5.39 28.95 -10.15
C GLY B 311 4.25 28.25 -10.88
N ILE B 312 4.41 26.95 -11.08
CA ILE B 312 3.43 26.12 -11.76
C ILE B 312 2.83 25.15 -10.77
N TYR B 313 1.50 25.09 -10.74
CA TYR B 313 0.85 24.22 -9.78
C TYR B 313 -0.18 23.32 -10.42
N GLN B 314 -0.31 22.08 -9.97
CA GLN B 314 -1.39 21.26 -10.50
C GLN B 314 -2.62 21.60 -9.71
N THR B 315 -3.71 21.95 -10.37
CA THR B 315 -4.90 22.35 -9.64
C THR B 315 -6.13 21.51 -9.93
N SER B 316 -6.17 20.88 -11.07
CA SER B 316 -7.38 20.15 -11.44
C SER B 316 -7.08 19.09 -12.43
N ASN B 317 -8.05 18.22 -12.67
CA ASN B 317 -7.91 17.21 -13.71
C ASN B 317 -8.66 17.52 -14.97
N PHE B 318 -8.18 17.00 -16.08
CA PHE B 318 -8.88 17.12 -17.32
C PHE B 318 -9.41 15.78 -17.72
N ARG B 319 -10.67 15.73 -18.10
CA ARG B 319 -11.22 14.45 -18.52
C ARG B 319 -12.09 14.60 -19.73
N VAL B 320 -11.85 13.75 -20.70
CA VAL B 320 -12.69 13.70 -21.87
C VAL B 320 -13.86 12.81 -21.60
N GLN B 321 -15.04 13.31 -21.88
CA GLN B 321 -16.23 12.56 -21.64
C GLN B 321 -16.74 11.95 -22.92
N PRO B 322 -17.43 10.81 -22.86
CA PRO B 322 -18.06 10.20 -23.99
C PRO B 322 -19.20 11.06 -24.40
N THR B 323 -19.52 11.02 -25.68
CA THR B 323 -20.65 11.78 -26.19
C THR B 323 -21.84 10.93 -26.54
N GLU B 324 -21.63 9.65 -26.67
CA GLU B 324 -22.66 8.72 -27.09
C GLU B 324 -22.29 7.33 -26.68
N SER B 325 -23.16 6.39 -26.95
CA SER B 325 -22.87 5.01 -26.67
C SER B 325 -23.14 4.20 -27.92
N ILE B 326 -22.35 3.16 -28.10
CA ILE B 326 -22.46 2.24 -29.22
C ILE B 326 -22.56 0.81 -28.85
N VAL B 327 -23.58 0.18 -29.40
CA VAL B 327 -23.86 -1.21 -29.11
C VAL B 327 -23.83 -2.09 -30.33
N ARG B 328 -22.99 -3.10 -30.32
CA ARG B 328 -22.89 -3.95 -31.49
C ARG B 328 -22.98 -5.43 -31.19
N PHE B 329 -23.82 -6.09 -31.96
CA PHE B 329 -24.06 -7.51 -31.90
C PHE B 329 -24.04 -8.13 -33.29
N PRO B 330 -23.80 -9.46 -33.42
CA PRO B 330 -23.75 -10.19 -34.67
C PRO B 330 -25.07 -10.15 -35.41
N ASN B 331 -25.02 -10.35 -36.75
CA ASN B 331 -26.19 -10.45 -37.64
C ASN B 331 -27.07 -11.66 -37.22
N ILE B 332 -28.40 -11.43 -37.09
CA ILE B 332 -29.35 -12.47 -36.72
C ILE B 332 -30.11 -12.98 -37.90
N THR B 333 -29.90 -14.25 -38.19
CA THR B 333 -30.55 -14.93 -39.28
C THR B 333 -31.33 -16.09 -38.70
N ASN B 334 -30.90 -16.50 -37.52
CA ASN B 334 -31.49 -17.66 -36.87
C ASN B 334 -32.70 -17.31 -36.06
N LEU B 335 -33.77 -17.00 -36.75
CA LEU B 335 -35.01 -16.62 -36.14
C LEU B 335 -35.84 -17.87 -35.83
N CYS B 336 -36.64 -17.80 -34.74
CA CYS B 336 -37.57 -18.83 -34.29
C CYS B 336 -38.71 -18.97 -35.29
N PRO B 337 -39.15 -20.20 -35.57
CA PRO B 337 -40.18 -20.53 -36.54
C PRO B 337 -41.58 -20.23 -36.05
N PHE B 338 -41.80 -18.97 -35.73
CA PHE B 338 -43.10 -18.59 -35.29
C PHE B 338 -44.00 -18.69 -36.46
N GLY B 339 -43.53 -18.30 -37.63
CA GLY B 339 -44.42 -18.38 -38.78
C GLY B 339 -44.88 -19.81 -39.00
N GLU B 340 -44.03 -20.80 -38.72
CA GLU B 340 -44.46 -22.15 -38.97
C GLU B 340 -45.63 -22.57 -38.08
N VAL B 341 -45.64 -22.12 -36.82
CA VAL B 341 -46.75 -22.49 -35.96
C VAL B 341 -47.97 -21.58 -36.19
N PHE B 342 -47.74 -20.30 -36.40
CA PHE B 342 -48.82 -19.34 -36.58
C PHE B 342 -49.54 -19.33 -37.94
N ASN B 343 -48.81 -19.58 -39.04
CA ASN B 343 -49.31 -19.58 -40.43
C ASN B 343 -49.50 -21.01 -40.99
N ALA B 344 -49.66 -22.03 -40.09
CA ALA B 344 -49.88 -23.44 -40.43
C ALA B 344 -51.17 -23.63 -41.23
N THR B 345 -51.15 -24.56 -42.18
CA THR B 345 -52.33 -24.76 -42.99
C THR B 345 -53.52 -25.06 -42.10
N ARG B 346 -53.32 -25.95 -41.14
CA ARG B 346 -54.37 -26.31 -40.22
C ARG B 346 -53.89 -26.46 -38.80
N PHE B 347 -54.67 -25.89 -37.91
CA PHE B 347 -54.47 -26.09 -36.51
C PHE B 347 -55.21 -27.31 -36.08
N ALA B 348 -54.68 -27.94 -35.08
CA ALA B 348 -55.30 -29.08 -34.48
C ALA B 348 -56.47 -28.67 -33.62
N SER B 349 -57.36 -29.58 -33.39
CA SER B 349 -58.47 -29.40 -32.50
C SER B 349 -57.94 -29.51 -31.09
N VAL B 350 -58.82 -29.34 -30.11
CA VAL B 350 -58.43 -29.56 -28.71
C VAL B 350 -58.56 -31.06 -28.46
N TYR B 351 -58.03 -31.58 -27.35
CA TYR B 351 -57.95 -33.04 -27.16
C TYR B 351 -56.83 -33.45 -28.13
N ALA B 352 -56.04 -32.49 -28.58
CA ALA B 352 -55.07 -32.77 -29.65
C ALA B 352 -54.17 -31.55 -29.78
N TRP B 353 -52.99 -31.61 -29.17
CA TRP B 353 -52.18 -30.40 -29.11
C TRP B 353 -50.89 -30.55 -29.80
N ASN B 354 -50.60 -29.60 -30.66
CA ASN B 354 -49.32 -29.66 -31.33
C ASN B 354 -48.35 -28.76 -30.59
N ARG B 355 -47.41 -29.38 -29.89
CA ARG B 355 -46.42 -28.64 -29.12
C ARG B 355 -45.18 -28.49 -29.96
N LYS B 356 -44.90 -27.27 -30.40
CA LYS B 356 -43.82 -27.01 -31.34
C LYS B 356 -42.41 -27.28 -30.85
N ARG B 357 -42.11 -26.96 -29.61
CA ARG B 357 -40.78 -27.09 -29.01
C ARG B 357 -39.74 -26.21 -29.71
N ILE B 358 -39.71 -24.96 -29.31
CA ILE B 358 -38.85 -23.95 -29.85
C ILE B 358 -37.56 -23.91 -29.02
N SER B 359 -36.42 -24.00 -29.71
CA SER B 359 -35.12 -24.01 -29.07
C SER B 359 -34.06 -23.48 -30.02
N ASN B 360 -32.90 -23.06 -29.48
CA ASN B 360 -31.77 -22.64 -30.32
C ASN B 360 -32.07 -21.61 -31.41
N CYS B 361 -32.70 -20.46 -31.06
CA CYS B 361 -33.16 -19.43 -32.01
C CYS B 361 -33.43 -18.05 -31.39
N VAL B 362 -33.66 -17.07 -32.26
CA VAL B 362 -34.04 -15.75 -31.86
C VAL B 362 -35.51 -15.48 -32.06
N ALA B 363 -36.15 -15.16 -30.95
CA ALA B 363 -37.57 -14.96 -30.87
C ALA B 363 -37.98 -13.52 -30.94
N ASP B 364 -38.48 -13.11 -32.08
CA ASP B 364 -38.87 -11.72 -32.22
C ASP B 364 -40.26 -11.63 -31.66
N TYR B 365 -40.36 -11.61 -30.34
CA TYR B 365 -41.66 -11.72 -29.72
C TYR B 365 -42.51 -10.54 -30.05
N SER B 366 -41.90 -9.37 -30.09
CA SER B 366 -42.66 -8.17 -30.35
C SER B 366 -43.23 -8.12 -31.74
N VAL B 367 -42.83 -8.98 -32.67
CA VAL B 367 -43.47 -8.88 -33.97
C VAL B 367 -44.87 -9.39 -33.84
N LEU B 368 -45.07 -10.39 -32.96
CA LEU B 368 -46.36 -10.97 -32.81
C LEU B 368 -47.24 -9.99 -32.10
N TYR B 369 -46.65 -9.30 -31.15
CA TYR B 369 -47.37 -8.32 -30.38
C TYR B 369 -47.75 -7.08 -31.15
N ASN B 370 -46.77 -6.50 -31.85
CA ASN B 370 -46.98 -5.28 -32.58
C ASN B 370 -47.81 -5.46 -33.82
N SER B 371 -47.77 -6.63 -34.46
CA SER B 371 -48.60 -6.78 -35.62
C SER B 371 -49.97 -7.11 -35.10
N ALA B 372 -50.89 -6.16 -35.21
CA ALA B 372 -52.19 -6.37 -34.60
C ALA B 372 -53.13 -7.20 -35.46
N SER B 373 -52.77 -8.47 -35.62
CA SER B 373 -53.53 -9.43 -36.40
C SER B 373 -54.25 -10.40 -35.47
N PHE B 374 -54.04 -10.23 -34.18
CA PHE B 374 -54.61 -11.11 -33.20
C PHE B 374 -55.70 -10.37 -32.46
N SER B 375 -56.75 -11.09 -32.03
CA SER B 375 -57.79 -10.42 -31.27
C SER B 375 -57.43 -10.41 -29.81
N THR B 376 -56.69 -11.44 -29.43
CA THR B 376 -56.27 -11.64 -28.07
C THR B 376 -54.79 -11.79 -27.99
N PHE B 377 -54.18 -11.09 -27.06
CA PHE B 377 -52.76 -11.23 -26.87
C PHE B 377 -52.51 -10.94 -25.41
N LYS B 378 -52.79 -11.91 -24.58
CA LYS B 378 -52.68 -11.69 -23.15
C LYS B 378 -51.49 -12.39 -22.55
N CYS B 379 -50.57 -11.63 -21.92
CA CYS B 379 -49.38 -12.18 -21.28
C CYS B 379 -49.53 -12.13 -19.77
N TYR B 380 -49.15 -13.24 -19.18
CA TYR B 380 -49.21 -13.49 -17.77
C TYR B 380 -47.84 -13.58 -17.17
N GLY B 381 -47.54 -12.64 -16.27
CA GLY B 381 -46.26 -12.61 -15.58
C GLY B 381 -45.19 -11.82 -16.29
N VAL B 382 -45.43 -11.48 -17.55
CA VAL B 382 -44.46 -10.75 -18.33
C VAL B 382 -45.14 -9.75 -19.23
N SER B 383 -44.57 -8.57 -19.34
CA SER B 383 -45.08 -7.63 -20.33
C SER B 383 -44.80 -8.18 -21.71
N PRO B 384 -45.71 -8.09 -22.67
CA PRO B 384 -45.53 -8.58 -24.02
C PRO B 384 -44.39 -7.90 -24.75
N THR B 385 -43.94 -6.73 -24.27
CA THR B 385 -42.87 -6.02 -24.91
C THR B 385 -41.53 -6.14 -24.19
N LYS B 386 -41.51 -6.78 -23.03
CA LYS B 386 -40.27 -6.93 -22.28
C LYS B 386 -39.79 -8.36 -22.41
N LEU B 387 -40.57 -9.12 -23.14
CA LEU B 387 -40.33 -10.52 -23.39
C LEU B 387 -39.06 -10.62 -24.25
N ASN B 388 -38.81 -9.57 -25.03
CA ASN B 388 -37.66 -9.49 -25.91
C ASN B 388 -36.35 -9.46 -25.13
N ASP B 389 -36.37 -9.08 -23.86
CA ASP B 389 -35.13 -8.97 -23.10
C ASP B 389 -34.83 -10.24 -22.31
N LEU B 390 -35.67 -11.24 -22.47
CA LEU B 390 -35.52 -12.48 -21.76
C LEU B 390 -34.98 -13.56 -22.70
N CYS B 391 -34.46 -14.67 -22.12
CA CYS B 391 -34.01 -15.84 -22.88
C CYS B 391 -34.31 -17.10 -22.08
N PHE B 392 -34.86 -18.10 -22.75
CA PHE B 392 -35.30 -19.35 -22.14
C PHE B 392 -34.63 -20.61 -22.64
N THR B 393 -34.61 -21.68 -21.84
CA THR B 393 -34.01 -22.91 -22.32
C THR B 393 -34.93 -23.50 -23.36
N ASN B 394 -36.22 -23.38 -23.11
CA ASN B 394 -37.21 -23.87 -24.04
C ASN B 394 -38.43 -22.98 -24.05
N VAL B 395 -39.05 -22.90 -25.22
CA VAL B 395 -40.32 -22.23 -25.38
C VAL B 395 -41.31 -23.17 -26.04
N TYR B 396 -42.50 -23.25 -25.51
CA TYR B 396 -43.42 -24.16 -26.12
C TYR B 396 -44.63 -23.46 -26.62
N ALA B 397 -44.98 -23.79 -27.85
CA ALA B 397 -46.14 -23.22 -28.48
C ALA B 397 -47.16 -24.29 -28.67
N ASP B 398 -48.26 -24.17 -27.96
CA ASP B 398 -49.34 -25.14 -28.03
C ASP B 398 -50.41 -24.66 -28.97
N SER B 399 -50.51 -25.33 -30.11
CA SER B 399 -51.45 -24.99 -31.18
C SER B 399 -52.73 -25.82 -31.21
N PHE B 400 -53.88 -25.11 -31.11
CA PHE B 400 -55.21 -25.73 -31.15
C PHE B 400 -56.38 -24.80 -31.59
N VAL B 401 -57.55 -25.37 -31.93
CA VAL B 401 -58.75 -24.57 -32.28
C VAL B 401 -59.97 -24.75 -31.38
N ILE B 402 -60.51 -23.62 -30.94
CA ILE B 402 -61.69 -23.52 -30.07
C ILE B 402 -62.72 -22.52 -30.59
N ARG B 403 -63.93 -22.51 -30.03
CA ARG B 403 -64.96 -21.56 -30.41
C ARG B 403 -64.72 -20.21 -29.73
N GLY B 404 -65.24 -19.13 -30.30
CA GLY B 404 -65.03 -17.79 -29.74
C GLY B 404 -65.43 -17.60 -28.29
N ASP B 405 -66.47 -18.25 -27.82
CA ASP B 405 -66.85 -18.04 -26.42
C ASP B 405 -66.04 -18.87 -25.46
N GLU B 406 -65.12 -19.66 -26.00
CA GLU B 406 -64.24 -20.50 -25.22
C GLU B 406 -62.88 -19.85 -25.12
N VAL B 407 -62.67 -18.73 -25.81
CA VAL B 407 -61.34 -18.14 -25.80
C VAL B 407 -60.97 -17.70 -24.42
N ARG B 408 -61.94 -17.19 -23.72
CA ARG B 408 -61.74 -16.73 -22.37
C ARG B 408 -61.37 -17.85 -21.40
N GLN B 409 -61.54 -19.11 -21.79
CA GLN B 409 -61.20 -20.20 -20.90
C GLN B 409 -59.74 -20.55 -20.95
N ILE B 410 -59.00 -20.02 -21.90
CA ILE B 410 -57.60 -20.38 -21.95
C ILE B 410 -56.88 -19.41 -21.06
N ALA B 411 -56.94 -19.70 -19.77
CA ALA B 411 -56.41 -18.84 -18.76
C ALA B 411 -56.18 -19.65 -17.49
N PRO B 412 -55.19 -19.30 -16.67
CA PRO B 412 -54.84 -19.93 -15.41
C PRO B 412 -55.92 -19.92 -14.35
N GLY B 413 -56.83 -18.98 -14.44
CA GLY B 413 -57.89 -18.87 -13.45
C GLY B 413 -59.25 -19.26 -13.96
N GLN B 414 -59.35 -19.85 -15.15
CA GLN B 414 -60.68 -20.14 -15.65
C GLN B 414 -61.09 -21.58 -15.59
N THR B 415 -62.40 -21.75 -15.68
CA THR B 415 -63.10 -23.01 -15.62
C THR B 415 -64.14 -23.16 -16.72
N GLY B 416 -64.42 -24.40 -17.10
CA GLY B 416 -65.40 -24.66 -18.16
C GLY B 416 -65.05 -25.91 -18.94
N LYS B 417 -65.76 -26.17 -20.00
CA LYS B 417 -65.52 -27.40 -20.74
C LYS B 417 -64.11 -27.51 -21.30
N ILE B 418 -63.53 -26.41 -21.73
CA ILE B 418 -62.20 -26.50 -22.29
C ILE B 418 -61.20 -26.36 -21.18
N ALA B 419 -61.42 -25.39 -20.30
CA ALA B 419 -60.46 -25.20 -19.24
C ALA B 419 -60.28 -26.45 -18.40
N ASP B 420 -61.35 -27.20 -18.16
CA ASP B 420 -61.25 -28.39 -17.34
C ASP B 420 -61.06 -29.72 -18.04
N TYR B 421 -61.53 -29.91 -19.27
CA TYR B 421 -61.35 -31.24 -19.82
C TYR B 421 -60.42 -31.31 -21.00
N ASN B 422 -59.96 -30.16 -21.50
CA ASN B 422 -59.14 -30.16 -22.67
C ASN B 422 -57.79 -29.50 -22.47
N TYR B 423 -57.80 -28.22 -22.17
CA TYR B 423 -56.53 -27.54 -22.06
C TYR B 423 -56.46 -26.67 -20.86
N LYS B 424 -55.96 -27.27 -19.80
CA LYS B 424 -55.89 -26.62 -18.52
C LYS B 424 -54.58 -25.90 -18.32
N LEU B 425 -54.65 -24.63 -17.95
CA LEU B 425 -53.44 -23.93 -17.61
C LEU B 425 -53.39 -23.89 -16.10
N PRO B 426 -52.20 -24.03 -15.51
CA PRO B 426 -51.98 -23.98 -14.09
C PRO B 426 -52.22 -22.58 -13.65
N ASP B 427 -52.58 -22.40 -12.39
CA ASP B 427 -52.85 -21.08 -11.85
C ASP B 427 -51.62 -20.18 -11.77
N ASP B 428 -50.44 -20.79 -11.82
CA ASP B 428 -49.19 -20.06 -11.79
C ASP B 428 -48.58 -19.94 -13.19
N PHE B 429 -49.42 -20.14 -14.21
CA PHE B 429 -48.97 -20.02 -15.57
C PHE B 429 -48.33 -18.70 -15.89
N THR B 430 -47.20 -18.80 -16.53
CA THR B 430 -46.44 -17.68 -17.02
C THR B 430 -46.31 -17.92 -18.49
N GLY B 431 -46.62 -16.92 -19.27
CA GLY B 431 -46.56 -17.07 -20.71
C GLY B 431 -47.58 -16.20 -21.40
N CYS B 432 -47.82 -16.41 -22.71
CA CYS B 432 -48.74 -15.59 -23.50
C CYS B 432 -49.77 -16.40 -24.25
N VAL B 433 -51.00 -15.93 -24.20
CA VAL B 433 -52.09 -16.55 -24.91
C VAL B 433 -52.47 -15.67 -26.09
N ILE B 434 -52.26 -16.21 -27.26
CA ILE B 434 -52.47 -15.46 -28.48
C ILE B 434 -53.56 -16.10 -29.29
N ALA B 435 -54.57 -15.33 -29.69
CA ALA B 435 -55.63 -15.94 -30.46
C ALA B 435 -56.23 -15.03 -31.50
N TRP B 436 -56.73 -15.65 -32.56
CA TRP B 436 -57.35 -14.88 -33.62
C TRP B 436 -58.46 -15.60 -34.29
N ASN B 437 -59.31 -14.82 -34.93
CA ASN B 437 -60.48 -15.31 -35.62
C ASN B 437 -60.06 -15.93 -36.92
N SER B 438 -60.35 -17.20 -37.08
CA SER B 438 -59.94 -17.97 -38.24
C SER B 438 -61.11 -18.40 -39.07
N ASN B 439 -62.25 -17.75 -38.91
CA ASN B 439 -63.46 -18.13 -39.65
C ASN B 439 -63.22 -18.32 -41.14
N ASN B 440 -62.36 -17.49 -41.70
CA ASN B 440 -62.07 -17.53 -43.11
C ASN B 440 -61.45 -18.84 -43.58
N LEU B 441 -60.71 -19.52 -42.72
CA LEU B 441 -60.10 -20.77 -43.11
C LEU B 441 -60.83 -21.97 -42.55
N ASP B 442 -61.38 -21.81 -41.35
CA ASP B 442 -61.96 -22.94 -40.66
C ASP B 442 -63.46 -23.19 -40.87
N SER B 443 -64.28 -22.19 -41.18
CA SER B 443 -65.69 -22.51 -41.38
C SER B 443 -65.93 -23.19 -42.72
N LYS B 444 -66.95 -24.05 -42.79
CA LYS B 444 -67.32 -24.73 -44.03
C LYS B 444 -68.82 -24.76 -44.17
N VAL B 445 -69.35 -24.73 -45.38
CA VAL B 445 -70.78 -24.83 -45.45
C VAL B 445 -71.19 -26.24 -45.12
N GLY B 446 -72.07 -26.39 -44.13
CA GLY B 446 -72.52 -27.70 -43.71
C GLY B 446 -71.81 -28.09 -42.43
N GLY B 447 -70.74 -27.37 -42.12
CA GLY B 447 -69.93 -27.57 -40.94
C GLY B 447 -68.61 -28.22 -41.22
N ASN B 448 -67.57 -27.59 -40.74
CA ASN B 448 -66.25 -28.16 -40.93
C ASN B 448 -65.96 -29.13 -39.81
N TYR B 449 -66.43 -30.36 -39.94
CA TYR B 449 -66.32 -31.34 -38.85
C TYR B 449 -64.97 -31.99 -38.70
N ASN B 450 -63.94 -31.23 -38.41
CA ASN B 450 -62.68 -31.94 -38.12
C ASN B 450 -62.33 -31.51 -36.71
N TYR B 451 -63.29 -30.83 -36.06
CA TYR B 451 -62.98 -30.19 -34.76
C TYR B 451 -63.62 -30.96 -33.63
N LEU B 452 -62.78 -31.44 -32.72
CA LEU B 452 -63.21 -32.34 -31.64
C LEU B 452 -63.13 -31.60 -30.32
N TYR B 453 -64.11 -31.78 -29.45
CA TYR B 453 -63.98 -31.17 -28.10
C TYR B 453 -64.29 -32.28 -27.11
N ARG B 454 -63.71 -32.26 -25.91
CA ARG B 454 -63.99 -33.42 -25.02
C ARG B 454 -65.15 -33.06 -24.11
N LEU B 455 -66.29 -33.72 -24.32
CA LEU B 455 -67.52 -33.44 -23.55
C LEU B 455 -67.57 -34.40 -22.39
N PHE B 456 -66.60 -35.30 -22.35
CA PHE B 456 -66.71 -36.34 -21.30
C PHE B 456 -65.37 -36.67 -20.68
N ARG B 457 -65.35 -36.72 -19.37
CA ARG B 457 -64.21 -37.15 -18.58
C ARG B 457 -64.78 -37.35 -17.19
N LYS B 458 -64.16 -38.20 -16.37
CA LYS B 458 -64.63 -38.44 -15.00
C LYS B 458 -64.04 -37.48 -13.97
N SER B 459 -63.12 -36.65 -14.40
CA SER B 459 -62.41 -35.73 -13.54
C SER B 459 -61.81 -34.60 -14.34
N ASN B 460 -61.34 -33.57 -13.65
CA ASN B 460 -60.67 -32.48 -14.33
C ASN B 460 -59.32 -32.96 -14.81
N LEU B 461 -58.89 -32.38 -15.90
CA LEU B 461 -57.60 -32.62 -16.50
C LEU B 461 -56.55 -31.79 -15.76
N LYS B 462 -55.37 -32.36 -15.51
CA LYS B 462 -54.31 -31.63 -14.84
C LYS B 462 -53.70 -30.57 -15.77
N PRO B 463 -53.06 -29.51 -15.26
CA PRO B 463 -52.41 -28.52 -16.05
C PRO B 463 -51.44 -29.15 -17.00
N PHE B 464 -51.54 -28.77 -18.25
CA PHE B 464 -50.72 -29.28 -19.35
C PHE B 464 -50.77 -30.79 -19.53
N GLU B 465 -51.78 -31.44 -18.99
CA GLU B 465 -51.99 -32.85 -19.20
C GLU B 465 -52.70 -32.98 -20.50
N ARG B 466 -52.40 -34.02 -21.24
CA ARG B 466 -53.09 -34.27 -22.48
C ARG B 466 -53.55 -35.70 -22.47
N ASP B 467 -54.78 -35.91 -22.89
CA ASP B 467 -55.36 -37.24 -22.96
C ASP B 467 -56.12 -37.35 -24.23
N ILE B 468 -55.60 -38.17 -25.13
CA ILE B 468 -56.14 -38.29 -26.44
C ILE B 468 -56.78 -39.65 -26.70
N SER B 469 -57.37 -40.28 -25.67
CA SER B 469 -58.10 -41.55 -25.95
C SER B 469 -59.58 -41.32 -26.26
N THR B 470 -60.17 -42.12 -27.17
CA THR B 470 -61.61 -42.06 -27.56
C THR B 470 -62.42 -43.04 -26.70
N GLU B 471 -61.76 -43.72 -25.75
CA GLU B 471 -62.43 -44.65 -24.80
C GLU B 471 -63.89 -44.28 -24.56
N ILE B 472 -64.82 -45.23 -24.71
CA ILE B 472 -66.18 -44.84 -24.42
C ILE B 472 -66.35 -44.66 -22.92
N TYR B 473 -66.89 -43.51 -22.57
CA TYR B 473 -67.09 -43.06 -21.22
C TYR B 473 -68.26 -43.68 -20.50
N GLN B 474 -68.05 -44.10 -19.25
CA GLN B 474 -69.13 -44.65 -18.42
C GLN B 474 -69.77 -43.64 -17.48
N ALA B 475 -71.08 -43.44 -17.64
CA ALA B 475 -71.84 -42.52 -16.80
C ALA B 475 -72.52 -43.22 -15.62
N GLY B 476 -72.58 -44.54 -15.66
CA GLY B 476 -73.26 -45.24 -14.58
C GLY B 476 -73.53 -46.69 -14.84
N SER B 477 -73.99 -47.40 -13.81
CA SER B 477 -74.36 -48.80 -13.86
C SER B 477 -73.27 -49.72 -14.43
N THR B 478 -73.69 -50.56 -15.39
CA THR B 478 -72.87 -51.53 -16.11
C THR B 478 -71.86 -50.81 -16.99
N PRO B 479 -70.57 -51.17 -16.98
CA PRO B 479 -69.55 -50.55 -17.81
C PRO B 479 -69.86 -50.37 -19.30
N CYS B 480 -70.58 -51.36 -19.97
CA CYS B 480 -71.01 -51.34 -21.39
C CYS B 480 -69.85 -51.00 -22.34
N ASN B 481 -68.66 -51.29 -21.88
CA ASN B 481 -67.42 -50.96 -22.52
C ASN B 481 -67.32 -51.40 -23.96
N GLY B 482 -66.85 -50.48 -24.78
CA GLY B 482 -66.61 -50.69 -26.20
C GLY B 482 -67.69 -50.17 -27.13
N VAL B 483 -68.89 -49.92 -26.62
CA VAL B 483 -69.94 -49.40 -27.49
C VAL B 483 -70.64 -48.23 -26.88
N GLU B 484 -71.31 -47.42 -27.70
CA GLU B 484 -72.14 -46.36 -27.15
C GLU B 484 -73.46 -46.99 -26.74
N GLY B 485 -74.13 -46.39 -25.78
CA GLY B 485 -75.39 -46.93 -25.31
C GLY B 485 -75.84 -46.23 -24.05
N PHE B 486 -76.83 -46.77 -23.38
CA PHE B 486 -77.24 -46.03 -22.22
C PHE B 486 -76.06 -46.06 -21.26
N ASN B 487 -75.70 -44.92 -20.71
CA ASN B 487 -74.53 -44.74 -19.83
C ASN B 487 -73.14 -44.98 -20.47
N CYS B 488 -73.04 -45.00 -21.82
CA CYS B 488 -71.82 -45.11 -22.64
C CYS B 488 -71.77 -44.03 -23.71
N TYR B 489 -70.73 -43.20 -23.60
CA TYR B 489 -70.70 -42.05 -24.52
C TYR B 489 -69.30 -41.84 -25.04
N PHE B 490 -69.15 -41.76 -26.36
CA PHE B 490 -67.83 -41.41 -26.89
C PHE B 490 -67.56 -40.03 -26.33
N PRO B 491 -66.37 -39.72 -25.82
CA PRO B 491 -66.09 -38.44 -25.13
C PRO B 491 -66.21 -37.15 -25.96
N LEU B 492 -65.78 -37.15 -27.22
CA LEU B 492 -65.69 -35.90 -28.00
C LEU B 492 -66.88 -35.60 -28.91
N GLN B 493 -67.43 -34.39 -28.82
CA GLN B 493 -68.57 -33.93 -29.67
C GLN B 493 -68.22 -33.82 -31.16
N SER B 494 -67.03 -33.37 -31.49
CA SER B 494 -66.65 -33.16 -32.93
C SER B 494 -67.53 -32.13 -33.67
N TYR B 495 -67.92 -31.06 -33.01
CA TYR B 495 -68.74 -30.01 -33.66
C TYR B 495 -68.07 -29.51 -34.94
N GLY B 496 -68.81 -28.83 -35.83
CA GLY B 496 -68.25 -28.17 -37.02
C GLY B 496 -68.50 -26.68 -36.96
N PHE B 497 -67.80 -25.88 -37.77
CA PHE B 497 -68.06 -24.46 -37.80
C PHE B 497 -68.76 -24.10 -39.10
N GLN B 498 -69.72 -23.17 -39.03
CA GLN B 498 -70.44 -22.70 -40.21
C GLN B 498 -69.99 -21.28 -40.55
N PRO B 499 -70.04 -20.85 -41.83
CA PRO B 499 -69.86 -19.48 -42.30
C PRO B 499 -70.81 -18.51 -41.64
N THR B 500 -72.01 -18.99 -41.29
CA THR B 500 -72.97 -18.14 -40.63
C THR B 500 -72.88 -18.49 -39.19
N ASN B 501 -72.56 -17.50 -38.40
CA ASN B 501 -72.33 -17.72 -37.01
C ASN B 501 -72.44 -16.43 -36.24
N GLY B 502 -72.32 -16.52 -34.94
CA GLY B 502 -72.21 -15.32 -34.14
C GLY B 502 -70.74 -15.24 -33.88
N VAL B 503 -70.27 -14.20 -33.24
CA VAL B 503 -68.84 -14.14 -33.00
C VAL B 503 -68.37 -15.29 -32.10
N GLY B 504 -69.26 -15.76 -31.25
CA GLY B 504 -68.89 -16.84 -30.32
C GLY B 504 -68.66 -18.15 -31.04
N TYR B 505 -69.36 -18.35 -32.15
CA TYR B 505 -69.25 -19.67 -32.84
C TYR B 505 -68.14 -19.56 -33.88
N GLN B 506 -67.52 -18.39 -33.92
CA GLN B 506 -66.38 -18.27 -34.82
C GLN B 506 -65.24 -19.17 -34.32
N PRO B 507 -64.57 -19.96 -35.17
CA PRO B 507 -63.39 -20.64 -34.75
C PRO B 507 -62.32 -19.67 -34.47
N TYR B 508 -61.51 -19.98 -33.49
CA TYR B 508 -60.33 -19.24 -33.17
C TYR B 508 -59.15 -20.14 -33.07
N ARG B 509 -58.07 -19.68 -33.63
CA ARG B 509 -56.83 -20.39 -33.56
C ARG B 509 -56.09 -19.84 -32.40
N VAL B 510 -55.65 -20.75 -31.56
CA VAL B 510 -54.98 -20.34 -30.36
C VAL B 510 -53.59 -20.92 -30.27
N VAL B 511 -52.65 -20.05 -29.97
CA VAL B 511 -51.29 -20.48 -29.72
C VAL B 511 -50.92 -20.03 -28.33
N VAL B 512 -50.51 -20.95 -27.50
CA VAL B 512 -50.11 -20.57 -26.16
C VAL B 512 -48.63 -20.76 -25.99
N LEU B 513 -47.94 -19.69 -25.61
CA LEU B 513 -46.51 -19.73 -25.43
C LEU B 513 -46.11 -19.82 -23.97
N SER B 514 -45.46 -20.90 -23.60
CA SER B 514 -45.00 -21.08 -22.23
C SER B 514 -43.50 -20.98 -22.24
N PHE B 515 -42.90 -20.60 -21.11
CA PHE B 515 -41.46 -20.42 -21.08
C PHE B 515 -40.81 -21.11 -19.89
N GLU B 516 -39.64 -21.73 -20.09
CA GLU B 516 -38.95 -22.35 -18.96
C GLU B 516 -37.43 -22.22 -18.96
N LEU B 517 -36.86 -22.34 -17.75
CA LEU B 517 -35.42 -22.33 -17.50
C LEU B 517 -34.94 -23.58 -16.77
N LEU B 518 -34.64 -24.65 -17.50
CA LEU B 518 -34.34 -25.91 -16.82
C LEU B 518 -32.89 -26.14 -16.43
N HIS B 519 -32.34 -25.29 -15.58
CA HIS B 519 -30.95 -25.45 -15.11
C HIS B 519 -30.00 -25.69 -16.25
N ALA B 520 -30.11 -24.91 -17.29
CA ALA B 520 -29.33 -25.14 -18.48
C ALA B 520 -29.14 -23.82 -19.20
N PRO B 521 -28.18 -23.68 -20.12
CA PRO B 521 -28.00 -22.48 -20.88
C PRO B 521 -29.29 -22.15 -21.59
N ALA B 522 -29.69 -20.90 -21.56
CA ALA B 522 -30.90 -20.52 -22.27
C ALA B 522 -30.56 -20.50 -23.74
N THR B 523 -31.49 -20.90 -24.61
CA THR B 523 -31.18 -20.87 -26.03
C THR B 523 -32.19 -20.12 -26.90
N VAL B 524 -33.37 -19.78 -26.36
CA VAL B 524 -34.37 -19.06 -27.14
C VAL B 524 -34.41 -17.64 -26.60
N CYS B 525 -33.74 -16.71 -27.29
CA CYS B 525 -33.49 -15.36 -26.80
C CYS B 525 -34.21 -14.35 -27.66
N GLY B 526 -34.56 -13.22 -27.10
CA GLY B 526 -35.10 -12.19 -27.97
C GLY B 526 -33.91 -11.67 -28.77
N PRO B 527 -34.13 -10.83 -29.79
CA PRO B 527 -33.12 -10.25 -30.64
C PRO B 527 -32.32 -9.22 -29.91
N LYS B 528 -31.09 -9.07 -30.33
CA LYS B 528 -30.26 -8.03 -29.81
C LYS B 528 -30.50 -6.79 -30.61
N LYS B 529 -30.38 -5.64 -29.97
CA LYS B 529 -30.50 -4.40 -30.69
C LYS B 529 -29.13 -3.82 -30.82
N SER B 530 -28.94 -2.98 -31.81
CA SER B 530 -27.66 -2.38 -32.05
C SER B 530 -27.77 -0.98 -32.59
N THR B 531 -26.64 -0.31 -32.57
CA THR B 531 -26.50 1.05 -33.05
C THR B 531 -25.50 1.02 -34.18
N ASN B 532 -25.35 2.17 -34.82
CA ASN B 532 -24.33 2.30 -35.83
C ASN B 532 -22.99 2.38 -35.13
N LEU B 533 -21.96 2.04 -35.87
CA LEU B 533 -20.61 2.12 -35.37
C LEU B 533 -19.91 3.34 -35.90
N VAL B 534 -19.48 4.18 -34.98
CA VAL B 534 -18.84 5.43 -35.29
C VAL B 534 -17.47 5.44 -34.67
N LYS B 535 -16.49 5.75 -35.48
CA LYS B 535 -15.10 5.75 -35.06
C LYS B 535 -14.54 7.16 -34.87
N ASN B 536 -13.39 7.23 -34.19
CA ASN B 536 -12.65 8.44 -33.84
C ASN B 536 -13.39 9.42 -32.92
N LYS B 537 -14.19 8.89 -32.02
CA LYS B 537 -14.91 9.67 -31.03
C LYS B 537 -14.82 8.94 -29.70
N CYS B 538 -14.99 9.65 -28.54
CA CYS B 538 -15.03 9.02 -27.23
C CYS B 538 -16.45 8.53 -27.00
N VAL B 539 -16.56 7.21 -26.91
CA VAL B 539 -17.81 6.50 -26.83
C VAL B 539 -17.84 5.43 -25.75
N ASN B 540 -19.00 5.28 -25.14
CA ASN B 540 -19.21 4.21 -24.19
C ASN B 540 -19.65 2.98 -25.00
N PHE B 541 -18.79 1.98 -25.12
CA PHE B 541 -19.03 0.83 -25.97
C PHE B 541 -19.54 -0.42 -25.32
N ASN B 542 -20.28 -1.18 -26.13
CA ASN B 542 -20.74 -2.49 -25.79
C ASN B 542 -20.66 -3.45 -26.98
N PHE B 543 -19.63 -4.30 -27.01
CA PHE B 543 -19.43 -5.27 -28.09
C PHE B 543 -19.66 -6.66 -27.58
N ASN B 544 -20.72 -7.30 -28.03
CA ASN B 544 -21.07 -8.58 -27.47
C ASN B 544 -21.22 -8.38 -25.96
N GLY B 545 -20.43 -9.06 -25.14
CA GLY B 545 -20.56 -8.89 -23.69
C GLY B 545 -19.49 -7.99 -23.07
N LEU B 546 -18.69 -7.35 -23.90
CA LEU B 546 -17.57 -6.55 -23.45
C LEU B 546 -17.85 -5.05 -23.48
N THR B 547 -17.72 -4.40 -22.33
CA THR B 547 -18.03 -2.99 -22.29
C THR B 547 -16.93 -2.11 -21.74
N GLY B 548 -17.02 -0.82 -22.07
CA GLY B 548 -16.11 0.20 -21.55
C GLY B 548 -16.03 1.43 -22.44
N THR B 549 -15.49 2.52 -21.92
CA THR B 549 -15.36 3.77 -22.65
C THR B 549 -13.98 3.99 -23.21
N GLY B 550 -13.93 4.41 -24.46
CA GLY B 550 -12.68 4.68 -25.16
C GLY B 550 -12.94 5.15 -26.57
N VAL B 551 -11.89 5.23 -27.37
CA VAL B 551 -12.01 5.69 -28.74
C VAL B 551 -11.60 4.60 -29.69
N LEU B 552 -12.43 4.28 -30.68
CA LEU B 552 -12.00 3.25 -31.62
C LEU B 552 -11.45 3.78 -32.91
N THR B 553 -10.40 3.11 -33.38
CA THR B 553 -9.79 3.45 -34.65
C THR B 553 -9.48 2.18 -35.43
N GLU B 554 -9.27 2.29 -36.73
CA GLU B 554 -8.89 1.08 -37.48
C GLU B 554 -7.59 0.53 -36.98
N SER B 555 -7.50 -0.78 -36.86
CA SER B 555 -6.29 -1.43 -36.41
C SER B 555 -5.56 -2.16 -37.51
N ASN B 556 -4.26 -2.33 -37.32
CA ASN B 556 -3.44 -3.08 -38.26
C ASN B 556 -3.24 -4.51 -37.77
N LYS B 557 -3.97 -4.89 -36.72
CA LYS B 557 -3.88 -6.21 -36.17
C LYS B 557 -4.70 -7.18 -36.96
N LYS B 558 -4.31 -8.44 -36.87
CA LYS B 558 -5.06 -9.51 -37.45
C LYS B 558 -5.24 -10.52 -36.35
N PHE B 559 -6.41 -11.09 -36.27
CA PHE B 559 -6.70 -12.10 -35.27
C PHE B 559 -6.89 -13.39 -36.02
N LEU B 560 -6.72 -14.51 -35.35
CA LEU B 560 -7.03 -15.74 -35.99
C LEU B 560 -8.53 -15.61 -36.16
N PRO B 561 -9.18 -16.31 -37.10
CA PRO B 561 -10.62 -16.24 -37.37
C PRO B 561 -11.43 -16.38 -36.10
N PHE B 562 -10.83 -17.11 -35.20
CA PHE B 562 -11.21 -17.46 -33.89
C PHE B 562 -11.31 -16.36 -32.82
N GLN B 563 -10.29 -15.51 -32.67
CA GLN B 563 -10.36 -14.58 -31.52
C GLN B 563 -11.33 -13.46 -31.76
N GLN B 564 -11.94 -12.97 -30.68
CA GLN B 564 -12.88 -11.88 -30.79
C GLN B 564 -12.37 -10.59 -30.18
N PHE B 565 -11.54 -10.69 -29.15
CA PHE B 565 -11.07 -9.50 -28.47
C PHE B 565 -9.61 -9.63 -28.33
N GLY B 566 -8.87 -8.55 -28.26
CA GLY B 566 -7.46 -8.64 -27.94
C GLY B 566 -7.14 -7.82 -26.74
N ARG B 567 -6.09 -8.18 -26.03
CA ARG B 567 -5.65 -7.48 -24.83
C ARG B 567 -4.17 -7.18 -24.81
N ASP B 568 -3.80 -6.19 -24.00
CA ASP B 568 -2.39 -5.86 -23.80
C ASP B 568 -1.82 -6.70 -22.67
N ILE B 569 -0.59 -6.40 -22.29
CA ILE B 569 0.14 -7.17 -21.29
C ILE B 569 -0.40 -7.06 -19.87
N ALA B 570 -1.32 -6.12 -19.63
CA ALA B 570 -1.89 -5.91 -18.32
C ALA B 570 -3.37 -6.24 -18.34
N ASP B 571 -3.77 -7.07 -19.30
CA ASP B 571 -5.13 -7.54 -19.50
C ASP B 571 -6.15 -6.44 -19.79
N THR B 572 -5.75 -5.39 -20.47
CA THR B 572 -6.70 -4.35 -20.81
C THR B 572 -7.08 -4.52 -22.25
N THR B 573 -8.38 -4.46 -22.56
CA THR B 573 -8.75 -4.69 -23.93
C THR B 573 -8.03 -3.69 -24.79
N ASP B 574 -7.34 -4.17 -25.79
CA ASP B 574 -6.58 -3.37 -26.71
C ASP B 574 -7.38 -3.11 -27.94
N ALA B 575 -8.13 -4.13 -28.36
CA ALA B 575 -8.90 -4.05 -29.59
C ALA B 575 -10.06 -5.00 -29.58
N VAL B 576 -11.05 -4.73 -30.39
CA VAL B 576 -12.17 -5.66 -30.54
C VAL B 576 -12.46 -5.94 -31.99
N ARG B 577 -13.12 -7.06 -32.28
CA ARG B 577 -13.62 -7.26 -33.62
C ARG B 577 -15.04 -6.84 -33.64
N ASP B 578 -15.42 -6.06 -34.62
CA ASP B 578 -16.83 -5.72 -34.72
C ASP B 578 -17.59 -6.99 -35.10
N PRO B 579 -18.68 -7.33 -34.43
CA PRO B 579 -19.54 -8.45 -34.73
C PRO B 579 -20.23 -8.50 -36.09
N GLN B 580 -20.42 -7.37 -36.78
CA GLN B 580 -21.13 -7.44 -38.06
C GLN B 580 -20.14 -7.31 -39.21
N THR B 581 -19.17 -6.41 -39.03
CA THR B 581 -18.13 -6.24 -40.00
C THR B 581 -16.94 -6.74 -39.28
N LEU B 582 -16.27 -7.74 -39.78
CA LEU B 582 -15.25 -8.30 -38.94
C LEU B 582 -13.91 -7.61 -39.07
N GLU B 583 -13.87 -6.37 -38.64
CA GLU B 583 -12.69 -5.55 -38.68
C GLU B 583 -12.20 -5.40 -37.27
N ILE B 584 -10.91 -5.17 -37.11
CA ILE B 584 -10.35 -4.99 -35.78
C ILE B 584 -10.13 -3.55 -35.48
N LEU B 585 -10.67 -3.11 -34.36
CA LEU B 585 -10.57 -1.73 -33.96
C LEU B 585 -9.87 -1.52 -32.63
N ASP B 586 -8.82 -0.72 -32.67
CA ASP B 586 -8.01 -0.41 -31.51
C ASP B 586 -8.72 0.52 -30.59
N ILE B 587 -8.50 0.37 -29.29
CA ILE B 587 -9.12 1.22 -28.29
C ILE B 587 -8.11 2.13 -27.65
N THR B 588 -8.31 3.41 -27.72
CA THR B 588 -7.37 4.25 -27.03
C THR B 588 -8.14 4.78 -25.84
N PRO B 589 -7.49 5.22 -24.76
CA PRO B 589 -8.10 5.90 -23.66
C PRO B 589 -8.57 7.24 -24.17
N CYS B 590 -9.60 7.82 -23.54
CA CYS B 590 -10.05 9.19 -23.77
C CYS B 590 -9.07 10.00 -22.88
N SER B 591 -8.63 11.19 -23.30
CA SER B 591 -7.59 11.91 -22.54
C SER B 591 -7.92 12.07 -21.05
N PHE B 592 -6.88 11.93 -20.22
CA PHE B 592 -7.05 11.95 -18.77
C PHE B 592 -5.95 12.57 -17.89
N GLY B 593 -5.12 13.46 -18.41
CA GLY B 593 -4.02 13.99 -17.60
C GLY B 593 -4.46 15.12 -16.72
N GLY B 594 -3.54 15.71 -15.96
CA GLY B 594 -3.91 16.78 -15.08
C GLY B 594 -3.79 18.12 -15.76
N VAL B 595 -4.17 19.15 -15.03
CA VAL B 595 -4.10 20.51 -15.48
C VAL B 595 -3.31 21.34 -14.50
N SER B 596 -2.30 22.01 -15.03
CA SER B 596 -1.46 22.87 -14.21
C SER B 596 -1.54 24.31 -14.64
N VAL B 597 -1.43 25.19 -13.67
CA VAL B 597 -1.53 26.60 -13.93
C VAL B 597 -0.24 27.30 -13.65
N ILE B 598 0.22 28.07 -14.61
CA ILE B 598 1.45 28.83 -14.55
C ILE B 598 1.15 30.24 -14.15
N THR B 599 1.68 30.65 -13.02
CA THR B 599 1.42 31.98 -12.51
C THR B 599 2.75 32.75 -12.31
N PRO B 600 2.91 33.95 -12.90
CA PRO B 600 4.05 34.88 -12.78
C PRO B 600 4.29 35.38 -11.37
N GLY B 601 3.29 35.18 -10.56
CA GLY B 601 3.19 35.58 -9.18
C GLY B 601 2.09 36.59 -9.11
N THR B 602 1.34 36.61 -8.02
CA THR B 602 0.23 37.55 -7.92
C THR B 602 0.69 38.93 -7.53
N ASN B 603 1.98 39.06 -7.25
CA ASN B 603 2.57 40.33 -6.97
C ASN B 603 3.24 40.84 -8.25
N THR B 604 2.93 40.19 -9.37
CA THR B 604 3.43 40.51 -10.69
C THR B 604 2.25 40.91 -11.57
N SER B 605 1.34 39.95 -11.78
CA SER B 605 0.18 40.17 -12.64
C SER B 605 -0.85 39.10 -12.38
N ASN B 606 -2.01 39.22 -12.99
CA ASN B 606 -3.00 38.16 -12.87
C ASN B 606 -3.12 37.32 -14.12
N GLN B 607 -2.10 37.33 -14.97
CA GLN B 607 -2.20 36.50 -16.14
C GLN B 607 -1.74 35.11 -15.80
N VAL B 608 -2.42 34.10 -16.31
CA VAL B 608 -1.97 32.74 -16.10
C VAL B 608 -1.99 31.99 -17.40
N ALA B 609 -1.23 30.91 -17.46
CA ALA B 609 -1.25 30.03 -18.62
C ALA B 609 -1.60 28.63 -18.13
N VAL B 610 -2.30 27.86 -18.95
CA VAL B 610 -2.68 26.53 -18.48
C VAL B 610 -2.17 25.39 -19.32
N LEU B 611 -1.53 24.45 -18.65
CA LEU B 611 -0.97 23.27 -19.27
C LEU B 611 -1.81 22.01 -19.07
N TYR B 612 -2.11 21.32 -20.15
CA TYR B 612 -2.86 20.08 -20.10
C TYR B 612 -1.87 18.94 -20.35
N GLN B 613 -1.61 18.13 -19.31
CA GLN B 613 -0.48 17.20 -19.33
C GLN B 613 -0.40 16.09 -20.38
N ASP B 614 -1.48 15.43 -20.75
CA ASP B 614 -1.38 14.38 -21.76
C ASP B 614 -2.19 14.77 -22.95
N VAL B 615 -2.46 16.04 -23.07
CA VAL B 615 -3.35 16.48 -24.09
C VAL B 615 -2.72 17.01 -25.36
N ASN B 616 -3.27 16.53 -26.48
CA ASN B 616 -3.05 17.01 -27.83
C ASN B 616 -4.01 18.19 -27.97
N CYS B 617 -3.53 19.36 -28.42
CA CYS B 617 -4.29 20.60 -28.50
C CYS B 617 -5.50 20.46 -29.41
N THR B 618 -5.50 19.48 -30.30
CA THR B 618 -6.64 19.27 -31.14
C THR B 618 -7.79 18.99 -30.15
N SER B 640 -6.43 32.98 -28.24
CA SER B 640 -5.99 31.65 -28.59
C SER B 640 -4.71 31.27 -27.80
N ASN B 641 -3.49 31.63 -28.34
CA ASN B 641 -2.16 31.36 -27.76
C ASN B 641 -1.95 29.89 -27.43
N VAL B 642 -2.24 29.04 -28.39
CA VAL B 642 -2.13 27.62 -28.15
C VAL B 642 -0.84 27.06 -28.71
N PHE B 643 -0.03 26.50 -27.82
CA PHE B 643 1.26 25.92 -28.16
C PHE B 643 1.37 24.47 -27.74
N GLN B 644 1.74 23.61 -28.67
CA GLN B 644 1.85 22.21 -28.34
C GLN B 644 3.26 21.82 -27.97
N THR B 645 3.42 21.21 -26.82
CA THR B 645 4.72 20.68 -26.46
C THR B 645 4.62 19.24 -26.00
N ARG B 646 5.76 18.63 -25.73
CA ARG B 646 5.77 17.23 -25.34
C ARG B 646 5.37 17.04 -23.90
N ALA B 647 5.32 18.14 -23.20
CA ALA B 647 4.94 18.18 -21.81
C ALA B 647 3.45 18.45 -21.67
N GLY B 648 2.74 18.57 -22.79
CA GLY B 648 1.32 18.85 -22.73
C GLY B 648 0.96 20.02 -23.64
N CYS B 649 -0.35 20.38 -23.69
CA CYS B 649 -0.86 21.49 -24.49
C CYS B 649 -0.87 22.72 -23.60
N LEU B 650 -0.15 23.74 -24.01
CA LEU B 650 -0.03 24.94 -23.22
C LEU B 650 -0.83 26.08 -23.80
N ILE B 651 -1.80 26.57 -23.05
CA ILE B 651 -2.64 27.62 -23.56
C ILE B 651 -2.57 28.92 -22.78
N GLY B 652 -2.26 29.99 -23.49
CA GLY B 652 -2.17 31.34 -22.91
C GLY B 652 -0.78 31.95 -22.98
N ALA B 653 0.23 31.11 -23.18
CA ALA B 653 1.59 31.59 -23.30
C ALA B 653 1.93 31.89 -24.75
N GLU B 654 2.82 32.84 -24.95
CA GLU B 654 3.28 33.17 -26.29
C GLU B 654 4.62 32.53 -26.56
N HIS B 655 4.65 31.57 -27.47
CA HIS B 655 5.91 30.91 -27.75
C HIS B 655 6.83 31.78 -28.57
N VAL B 656 8.10 31.81 -28.21
CA VAL B 656 9.12 32.57 -28.94
C VAL B 656 10.30 31.71 -29.30
N ASN B 657 11.14 32.16 -30.23
CA ASN B 657 12.29 31.37 -30.60
C ASN B 657 13.58 31.71 -29.87
N ASN B 658 13.54 32.65 -28.94
CA ASN B 658 14.74 32.98 -28.20
C ASN B 658 14.87 32.06 -27.03
N SER B 659 16.08 31.59 -26.73
CA SER B 659 16.23 30.78 -25.55
C SER B 659 16.50 31.67 -24.37
N TYR B 660 16.05 31.21 -23.22
CA TYR B 660 16.24 31.93 -21.96
C TYR B 660 16.48 30.97 -20.85
N GLU B 661 17.07 31.43 -19.77
CA GLU B 661 17.18 30.60 -18.59
C GLU B 661 15.76 30.41 -18.06
N CYS B 662 15.52 29.30 -17.33
CA CYS B 662 14.22 28.94 -16.76
C CYS B 662 13.80 29.83 -15.60
N ASP B 663 12.50 30.03 -15.54
CA ASP B 663 11.83 30.77 -14.52
C ASP B 663 10.82 29.78 -13.95
N ILE B 664 9.72 29.53 -14.67
CA ILE B 664 8.78 28.52 -14.26
C ILE B 664 8.88 27.36 -15.24
N PRO B 665 9.45 26.21 -14.90
CA PRO B 665 9.67 25.12 -15.81
C PRO B 665 8.39 24.41 -16.17
N ILE B 666 8.30 23.91 -17.39
CA ILE B 666 7.18 23.09 -17.81
C ILE B 666 7.57 21.63 -17.99
N GLY B 667 8.62 21.38 -18.76
CA GLY B 667 9.07 20.03 -19.01
C GLY B 667 9.49 19.83 -20.45
N ALA B 668 10.28 18.78 -20.70
CA ALA B 668 10.72 18.42 -22.02
C ALA B 668 11.46 19.55 -22.73
N GLY B 669 12.27 20.28 -21.97
CA GLY B 669 13.08 21.36 -22.47
C GLY B 669 12.40 22.71 -22.49
N ILE B 670 11.12 22.76 -22.14
CA ILE B 670 10.38 24.01 -22.17
C ILE B 670 10.15 24.60 -20.77
N CYS B 671 10.44 25.91 -20.68
CA CYS B 671 10.26 26.76 -19.51
C CYS B 671 9.43 27.96 -19.93
N ALA B 672 8.74 28.55 -18.98
CA ALA B 672 8.00 29.76 -19.25
C ALA B 672 8.42 30.86 -18.31
N SER B 673 8.27 32.10 -18.75
CA SER B 673 8.61 33.25 -17.90
C SER B 673 7.74 34.42 -18.22
N TYR B 674 7.74 35.41 -17.35
CA TYR B 674 6.93 36.58 -17.62
C TYR B 674 7.86 37.63 -18.18
N GLN B 675 7.55 38.12 -19.36
CA GLN B 675 8.43 39.06 -20.02
C GLN B 675 7.68 40.31 -20.43
N THR B 676 8.43 41.43 -20.59
CA THR B 676 7.94 42.73 -21.01
C THR B 676 9.14 43.61 -21.33
N SER B 689 1.35 44.26 -23.93
CA SER B 689 2.43 44.97 -23.28
C SER B 689 3.30 44.03 -22.39
N GLN B 690 2.66 43.08 -21.68
CA GLN B 690 3.31 42.07 -20.82
C GLN B 690 2.67 40.72 -21.13
N SER B 691 3.45 39.64 -21.03
CA SER B 691 2.87 38.32 -21.24
C SER B 691 3.69 37.16 -20.70
N ILE B 692 3.06 36.00 -20.64
CA ILE B 692 3.74 34.77 -20.29
C ILE B 692 4.29 34.20 -21.57
N ILE B 693 5.58 33.91 -21.58
CA ILE B 693 6.32 33.44 -22.72
C ILE B 693 6.78 32.02 -22.61
N ALA B 694 6.56 31.24 -23.66
CA ALA B 694 7.05 29.85 -23.68
C ALA B 694 8.34 29.79 -24.48
N TYR B 695 9.34 29.10 -23.97
CA TYR B 695 10.61 29.00 -24.69
C TYR B 695 11.44 27.77 -24.39
N THR B 696 12.36 27.45 -25.30
CA THR B 696 13.33 26.41 -25.03
C THR B 696 14.35 27.00 -24.08
N MET B 697 14.66 26.25 -23.05
CA MET B 697 15.59 26.74 -22.07
C MET B 697 17.03 26.78 -22.51
N SER B 698 17.73 27.77 -22.03
CA SER B 698 19.16 27.91 -22.17
C SER B 698 19.80 27.01 -21.16
N LEU B 699 20.90 26.37 -21.51
CA LEU B 699 21.55 25.52 -20.53
C LEU B 699 22.73 26.19 -19.89
N GLY B 700 22.98 27.42 -20.24
CA GLY B 700 24.15 28.12 -19.73
C GLY B 700 24.66 29.10 -20.75
N ALA B 701 25.57 29.95 -20.31
CA ALA B 701 26.14 30.96 -21.18
C ALA B 701 27.02 30.32 -22.21
N GLU B 702 26.99 30.81 -23.42
CA GLU B 702 27.94 30.26 -24.38
C GLU B 702 29.30 30.78 -23.99
N ASN B 703 30.30 29.92 -24.03
CA ASN B 703 31.64 30.36 -23.72
C ASN B 703 32.65 29.65 -24.61
N SER B 704 33.91 29.96 -24.45
CA SER B 704 34.95 29.37 -25.25
C SER B 704 36.28 29.57 -24.56
N CYS B 705 37.30 28.85 -25.03
CA CYS B 705 38.68 28.97 -24.57
C CYS B 705 39.60 28.79 -25.75
N ALA B 706 40.72 29.46 -25.71
CA ALA B 706 41.66 29.37 -26.80
C ALA B 706 42.54 28.16 -26.69
N TYR B 707 41.97 26.99 -26.89
CA TYR B 707 42.83 25.84 -26.75
C TYR B 707 43.95 25.93 -27.75
N SER B 708 45.17 25.76 -27.26
CA SER B 708 46.35 25.78 -28.09
C SER B 708 47.45 24.98 -27.45
N ASN B 709 48.23 24.34 -28.29
CA ASN B 709 49.33 23.51 -27.85
C ASN B 709 50.48 24.29 -27.23
N ASN B 710 50.50 25.59 -27.41
CA ASN B 710 51.57 26.38 -26.83
C ASN B 710 51.10 27.57 -26.01
N SER B 711 49.87 27.55 -25.49
CA SER B 711 49.43 28.73 -24.75
C SER B 711 48.78 28.40 -23.43
N ILE B 712 49.20 29.11 -22.41
CA ILE B 712 48.66 28.90 -21.07
C ILE B 712 48.11 30.17 -20.47
N ALA B 713 46.96 30.10 -19.83
CA ALA B 713 46.46 31.28 -19.16
C ALA B 713 46.82 31.20 -17.68
N ILE B 714 47.31 32.30 -17.14
CA ILE B 714 47.71 32.36 -15.73
C ILE B 714 47.12 33.57 -15.01
N PRO B 715 46.47 33.43 -13.85
CA PRO B 715 45.92 34.51 -13.08
C PRO B 715 46.99 35.46 -12.66
N THR B 716 46.69 36.73 -12.69
CA THR B 716 47.54 37.82 -12.24
C THR B 716 46.98 38.51 -10.96
N ASN B 717 45.68 38.32 -10.66
CA ASN B 717 44.95 38.87 -9.52
C ASN B 717 43.97 37.78 -9.07
N PHE B 718 43.31 37.98 -7.91
CA PHE B 718 42.34 37.05 -7.32
C PHE B 718 41.39 37.77 -6.42
N THR B 719 40.31 37.09 -6.13
CA THR B 719 39.40 37.59 -5.14
C THR B 719 39.08 36.56 -4.11
N ILE B 720 38.72 37.03 -2.95
CA ILE B 720 38.21 36.16 -1.91
C ILE B 720 36.74 36.36 -1.85
N SER B 721 36.02 35.27 -1.97
CA SER B 721 34.59 35.34 -1.93
C SER B 721 34.14 34.43 -0.84
N VAL B 722 32.97 34.70 -0.30
CA VAL B 722 32.48 33.82 0.72
C VAL B 722 31.10 33.37 0.32
N THR B 723 30.85 32.07 0.29
CA THR B 723 29.54 31.60 -0.10
C THR B 723 28.81 31.01 1.08
N THR B 724 27.50 30.87 0.98
CA THR B 724 26.76 30.33 2.11
C THR B 724 26.02 29.07 1.76
N GLU B 725 26.18 28.05 2.59
CA GLU B 725 25.45 26.80 2.40
C GLU B 725 24.64 26.46 3.63
N ILE B 726 23.39 26.12 3.41
CA ILE B 726 22.50 25.81 4.51
C ILE B 726 22.05 24.38 4.51
N LEU B 727 22.22 23.70 5.63
CA LEU B 727 21.80 22.32 5.74
C LEU B 727 20.90 22.13 6.95
N PRO B 728 19.82 21.34 6.85
CA PRO B 728 19.04 20.89 7.97
C PRO B 728 19.86 20.00 8.87
N VAL B 729 19.64 20.10 10.14
CA VAL B 729 20.28 19.20 11.09
C VAL B 729 19.26 18.41 11.83
N SER B 730 18.17 19.03 12.21
CA SER B 730 17.21 18.34 13.04
C SER B 730 15.80 18.65 12.62
N MET B 731 14.91 17.81 13.08
CA MET B 731 13.51 17.87 12.80
C MET B 731 12.72 17.94 14.07
N THR B 732 11.54 18.51 14.03
CA THR B 732 10.71 18.52 15.21
C THR B 732 10.49 17.10 15.68
N LYS B 733 10.73 16.88 16.95
CA LYS B 733 10.59 15.59 17.60
C LYS B 733 9.24 15.46 18.30
N THR B 734 8.30 14.84 17.60
CA THR B 734 6.94 14.75 18.07
C THR B 734 6.75 13.49 18.88
N SER B 735 5.63 13.43 19.59
CA SER B 735 5.27 12.24 20.36
C SER B 735 3.77 12.06 20.36
N VAL B 736 3.34 10.83 20.22
CA VAL B 736 1.92 10.56 20.15
C VAL B 736 1.40 9.56 21.15
N ASP B 737 0.32 9.93 21.82
CA ASP B 737 -0.40 9.04 22.69
C ASP B 737 -1.40 8.35 21.77
N CYS B 738 -1.06 7.10 21.35
CA CYS B 738 -1.77 6.29 20.36
C CYS B 738 -3.22 6.09 20.78
N THR B 739 -3.43 5.71 22.03
CA THR B 739 -4.78 5.50 22.46
C THR B 739 -5.54 6.79 22.42
N MET B 740 -4.96 7.89 22.88
CA MET B 740 -5.76 9.10 22.87
C MET B 740 -6.15 9.54 21.45
N TYR B 741 -5.23 9.39 20.50
CA TYR B 741 -5.52 9.74 19.12
C TYR B 741 -6.62 8.88 18.52
N ILE B 742 -6.48 7.56 18.68
CA ILE B 742 -7.44 6.64 18.09
C ILE B 742 -8.78 6.60 18.80
N CYS B 743 -8.76 6.53 20.15
CA CYS B 743 -9.89 6.39 21.03
C CYS B 743 -9.77 7.30 22.26
N GLY B 744 -9.80 8.58 22.05
CA GLY B 744 -9.74 9.41 23.22
C GLY B 744 -11.07 9.34 23.94
N ASP B 745 -11.01 9.36 25.26
CA ASP B 745 -12.15 9.42 26.16
C ASP B 745 -13.28 8.42 25.93
N SER B 746 -12.96 7.17 25.63
CA SER B 746 -14.01 6.18 25.43
C SER B 746 -13.66 4.76 25.88
N THR B 747 -14.51 4.22 26.74
CA THR B 747 -14.32 2.90 27.30
C THR B 747 -14.46 1.84 26.25
N GLU B 748 -15.47 1.99 25.43
CA GLU B 748 -15.76 0.97 24.45
C GLU B 748 -14.70 0.83 23.37
N CYS B 749 -14.15 1.95 22.82
CA CYS B 749 -13.13 1.85 21.78
C CYS B 749 -11.81 1.43 22.39
N SER B 750 -11.60 1.67 23.68
CA SER B 750 -10.39 1.22 24.30
C SER B 750 -10.42 -0.28 24.34
N ASN B 751 -11.55 -0.83 24.76
CA ASN B 751 -11.64 -2.28 24.86
C ASN B 751 -11.47 -2.94 23.51
N LEU B 752 -11.98 -2.32 22.45
CA LEU B 752 -11.84 -2.87 21.12
C LEU B 752 -10.42 -2.67 20.59
N LEU B 753 -9.80 -1.54 20.89
CA LEU B 753 -8.45 -1.26 20.42
C LEU B 753 -7.47 -2.30 20.96
N LEU B 754 -7.72 -2.77 22.15
CA LEU B 754 -6.86 -3.75 22.77
C LEU B 754 -6.97 -5.14 22.14
N GLN B 755 -7.96 -5.34 21.27
CA GLN B 755 -8.17 -6.62 20.60
C GLN B 755 -7.40 -6.71 19.30
N TYR B 756 -6.76 -5.62 18.91
CA TYR B 756 -5.99 -5.53 17.69
C TYR B 756 -4.56 -5.86 18.02
N GLY B 757 -3.70 -5.85 17.03
CA GLY B 757 -2.33 -6.18 17.32
C GLY B 757 -1.70 -5.03 18.07
N SER B 758 -0.45 -5.17 18.47
CA SER B 758 0.23 -4.17 19.27
C SER B 758 0.79 -3.06 18.42
N PHE B 759 -0.13 -2.39 17.75
CA PHE B 759 0.25 -1.35 16.84
C PHE B 759 0.74 -0.11 17.56
N CYS B 760 0.14 0.23 18.73
CA CYS B 760 0.48 1.37 19.55
C CYS B 760 1.87 1.22 20.10
N THR B 761 2.27 -0.01 20.39
CA THR B 761 3.60 -0.20 20.90
C THR B 761 4.58 0.16 19.81
N GLN B 762 4.32 -0.32 18.60
CA GLN B 762 5.25 -0.06 17.53
C GLN B 762 5.26 1.40 17.11
N LEU B 763 4.11 2.05 17.14
CA LEU B 763 4.05 3.43 16.74
C LEU B 763 4.78 4.29 17.75
N ASN B 764 4.63 3.99 19.03
CA ASN B 764 5.26 4.79 20.02
C ASN B 764 6.76 4.59 19.94
N ARG B 765 7.17 3.37 19.65
CA ARG B 765 8.57 3.07 19.57
C ARG B 765 9.22 3.75 18.39
N ALA B 766 8.55 3.75 17.23
CA ALA B 766 9.13 4.39 16.08
C ALA B 766 9.32 5.87 16.29
N LEU B 767 8.34 6.51 16.91
CA LEU B 767 8.46 7.93 17.13
C LEU B 767 9.51 8.22 18.16
N THR B 768 9.64 7.36 19.15
CA THR B 768 10.66 7.54 20.15
C THR B 768 12.01 7.48 19.49
N GLY B 769 12.22 6.51 18.61
CA GLY B 769 13.49 6.36 17.95
C GLY B 769 13.83 7.61 17.16
N ILE B 770 12.83 8.19 16.50
CA ILE B 770 13.10 9.39 15.76
C ILE B 770 13.50 10.51 16.69
N ALA B 771 12.78 10.69 17.79
CA ALA B 771 13.10 11.76 18.69
C ALA B 771 14.52 11.66 19.22
N VAL B 772 14.97 10.45 19.50
CA VAL B 772 16.32 10.30 19.99
C VAL B 772 17.31 10.70 18.92
N GLU B 773 17.06 10.28 17.69
CA GLU B 773 17.97 10.64 16.63
C GLU B 773 18.01 12.14 16.42
N GLN B 774 16.93 12.85 16.66
CA GLN B 774 17.02 14.26 16.40
C GLN B 774 18.03 14.91 17.36
N ASP B 775 18.16 14.40 18.57
CA ASP B 775 19.16 14.99 19.45
C ASP B 775 20.54 14.46 19.09
N LYS B 776 20.59 13.21 18.63
CA LYS B 776 21.86 12.64 18.23
C LYS B 776 22.45 13.43 17.08
N ASN B 777 21.60 13.83 16.13
CA ASN B 777 22.02 14.56 14.97
C ASN B 777 22.59 15.90 15.36
N THR B 778 21.94 16.55 16.31
CA THR B 778 22.43 17.84 16.71
C THR B 778 23.79 17.68 17.36
N GLN B 779 23.96 16.65 18.19
CA GLN B 779 25.26 16.48 18.82
C GLN B 779 26.35 16.17 17.83
N GLU B 780 26.05 15.35 16.83
CA GLU B 780 27.07 15.00 15.87
C GLU B 780 27.52 16.17 15.04
N VAL B 781 26.62 17.09 14.74
CA VAL B 781 26.97 18.23 13.96
C VAL B 781 27.65 19.31 14.76
N PHE B 782 27.17 19.65 15.96
CA PHE B 782 27.77 20.78 16.65
C PHE B 782 28.79 20.48 17.74
N ALA B 783 28.68 19.37 18.44
CA ALA B 783 29.59 19.12 19.54
C ALA B 783 30.85 18.40 19.05
N GLN B 784 31.59 19.08 18.17
CA GLN B 784 32.79 18.49 17.58
C GLN B 784 33.96 18.61 18.53
N VAL B 785 33.94 19.68 19.29
CA VAL B 785 34.96 20.03 20.21
C VAL B 785 34.29 20.13 21.57
N LYS B 786 34.85 19.45 22.56
CA LYS B 786 34.27 19.44 23.90
C LYS B 786 34.95 20.41 24.84
N GLN B 787 35.76 21.25 24.23
CA GLN B 787 36.50 22.31 24.87
C GLN B 787 35.81 23.60 24.44
N ILE B 788 35.61 24.52 25.34
CA ILE B 788 34.97 25.76 24.99
C ILE B 788 35.95 26.90 24.95
N TYR B 789 36.04 27.52 23.80
CA TYR B 789 36.97 28.61 23.60
C TYR B 789 36.18 29.89 23.69
N LYS B 790 36.80 30.93 24.20
CA LYS B 790 36.10 32.20 24.32
C LYS B 790 36.49 33.14 23.24
N THR B 791 35.59 34.05 22.91
CA THR B 791 35.87 35.06 21.93
C THR B 791 37.06 35.86 22.42
N PRO B 792 38.13 36.04 21.64
CA PRO B 792 39.28 36.81 22.02
C PRO B 792 38.84 38.24 22.30
N PRO B 793 39.52 38.97 23.21
CA PRO B 793 39.30 40.37 23.55
C PRO B 793 39.69 41.27 22.39
N ILE B 794 40.48 40.72 21.49
CA ILE B 794 40.98 41.37 20.31
C ILE B 794 39.95 41.32 19.23
N LYS B 795 39.63 42.47 18.65
CA LYS B 795 38.63 42.49 17.59
C LYS B 795 39.25 42.82 16.24
N ASP B 796 40.56 42.85 16.20
CA ASP B 796 41.28 43.14 14.97
C ASP B 796 42.44 42.16 14.89
N PHE B 797 42.31 41.24 13.96
CA PHE B 797 43.20 40.13 13.79
C PHE B 797 44.20 40.32 12.67
N GLY B 798 44.40 41.57 12.26
CA GLY B 798 45.34 41.86 11.19
C GLY B 798 44.62 42.40 9.97
N GLY B 799 43.56 43.16 10.22
CA GLY B 799 42.74 43.74 9.18
C GLY B 799 41.47 42.95 8.98
N PHE B 800 41.42 41.77 9.58
CA PHE B 800 40.28 40.89 9.52
C PHE B 800 39.36 41.29 10.68
N ASN B 801 38.06 41.58 10.34
CA ASN B 801 37.03 42.08 11.24
C ASN B 801 36.31 40.95 12.04
N PHE B 802 35.56 40.05 11.36
CA PHE B 802 34.77 38.91 11.93
C PHE B 802 33.64 39.28 12.89
N SER B 803 33.27 40.55 13.00
CA SER B 803 32.23 40.88 13.98
C SER B 803 30.85 40.38 13.61
N GLN B 804 30.61 40.06 12.35
CA GLN B 804 29.31 39.57 11.97
C GLN B 804 29.14 38.09 12.26
N ILE B 805 30.25 37.38 12.50
CA ILE B 805 30.16 35.95 12.74
C ILE B 805 30.26 35.65 14.23
N LEU B 806 30.99 36.48 14.96
CA LEU B 806 31.16 36.30 16.39
C LEU B 806 29.92 36.78 17.13
N PRO B 807 29.59 36.25 18.31
CA PRO B 807 28.43 36.65 19.11
C PRO B 807 28.45 38.13 19.40
N ASP B 808 27.27 38.76 19.35
CA ASP B 808 27.15 40.18 19.64
C ASP B 808 26.90 40.41 21.14
N PRO B 809 27.90 40.90 21.89
CA PRO B 809 27.87 41.03 23.34
C PRO B 809 26.89 42.07 23.84
N SER B 810 26.40 42.92 22.94
CA SER B 810 25.51 43.98 23.38
C SER B 810 24.07 43.52 23.49
N LYS B 811 23.76 42.34 22.96
CA LYS B 811 22.38 41.88 22.98
C LYS B 811 22.17 40.79 24.02
N PRO B 812 20.96 40.69 24.62
CA PRO B 812 20.49 39.61 25.48
C PRO B 812 20.64 38.24 24.84
N SER B 813 20.46 38.20 23.52
CA SER B 813 20.58 36.99 22.76
C SER B 813 22.00 36.89 22.27
N LYS B 814 22.73 35.92 22.78
CA LYS B 814 24.15 35.85 22.47
C LYS B 814 24.40 35.14 21.17
N ARG B 815 24.03 35.83 20.11
CA ARG B 815 24.09 35.36 18.75
C ARG B 815 24.82 36.39 17.94
N SER B 816 25.46 35.96 16.87
CA SER B 816 26.15 36.89 16.00
C SER B 816 25.10 37.62 15.21
N PRO B 817 25.40 38.77 14.60
CA PRO B 817 24.53 39.48 13.69
C PRO B 817 23.98 38.60 12.57
N ILE B 818 24.79 37.67 12.06
CA ILE B 818 24.28 36.76 11.04
C ILE B 818 23.35 35.75 11.64
N GLU B 819 23.70 35.18 12.78
CA GLU B 819 22.83 34.21 13.39
C GLU B 819 21.51 34.84 13.73
N ASP B 820 21.51 36.09 14.19
CA ASP B 820 20.27 36.76 14.49
C ASP B 820 19.43 36.89 13.23
N LEU B 821 20.08 37.25 12.12
CA LEU B 821 19.36 37.39 10.88
C LEU B 821 18.73 36.06 10.47
N LEU B 822 19.46 34.95 10.61
CA LEU B 822 18.91 33.66 10.24
C LEU B 822 17.71 33.27 11.12
N PHE B 823 17.82 33.53 12.42
CA PHE B 823 16.78 33.18 13.36
C PHE B 823 15.53 34.00 13.23
N ASN B 824 15.67 35.22 12.72
CA ASN B 824 14.51 36.06 12.57
C ASN B 824 13.81 35.84 11.23
N LYS B 825 14.32 34.90 10.42
CA LYS B 825 13.69 34.57 9.15
C LYS B 825 12.94 33.22 9.17
N VAL B 826 13.46 32.21 9.90
CA VAL B 826 12.87 30.86 10.04
C VAL B 826 12.78 30.59 11.53
N GLN B 853 0.67 23.20 18.36
CA GLN B 853 -0.05 23.18 19.62
C GLN B 853 -0.32 21.71 20.03
N LYS B 854 -1.00 21.53 21.21
CA LYS B 854 -1.39 20.21 21.74
C LYS B 854 -2.80 19.89 21.32
N PHE B 855 -2.95 18.76 20.66
CA PHE B 855 -4.25 18.36 20.14
C PHE B 855 -4.70 17.03 20.74
N ASN B 856 -5.17 16.11 19.90
CA ASN B 856 -5.71 14.87 20.41
C ASN B 856 -4.63 13.84 20.66
N GLY B 857 -3.90 14.03 21.76
CA GLY B 857 -2.82 13.11 22.13
C GLY B 857 -1.52 13.42 21.44
N LEU B 858 -1.51 14.50 20.70
CA LEU B 858 -0.35 14.90 19.94
C LEU B 858 0.39 16.00 20.64
N THR B 859 1.62 15.73 21.05
CA THR B 859 2.41 16.75 21.75
C THR B 859 3.78 16.79 21.14
N VAL B 860 4.57 17.81 21.48
CA VAL B 860 5.92 17.95 20.96
C VAL B 860 6.93 18.05 22.08
N LEU B 861 7.99 17.27 21.98
CA LEU B 861 9.01 17.26 23.01
C LEU B 861 10.06 18.31 22.70
N PRO B 862 10.72 18.90 23.70
CA PRO B 862 11.78 19.83 23.52
C PRO B 862 13.03 19.10 23.11
N PRO B 863 13.99 19.76 22.46
CA PRO B 863 15.32 19.30 22.15
C PRO B 863 16.08 19.30 23.44
N LEU B 864 17.09 18.47 23.56
CA LEU B 864 17.95 18.53 24.72
C LEU B 864 18.87 19.70 24.69
N LEU B 865 19.46 19.95 23.54
CA LEU B 865 20.41 21.02 23.45
C LEU B 865 19.62 22.22 22.95
N THR B 866 19.58 23.27 23.75
CA THR B 866 18.80 24.45 23.45
C THR B 866 19.49 25.34 22.43
N ASP B 867 18.76 26.31 21.89
CA ASP B 867 19.34 27.20 20.91
C ASP B 867 20.49 28.00 21.49
N GLU B 868 20.41 28.37 22.75
CA GLU B 868 21.48 29.13 23.33
C GLU B 868 22.72 28.26 23.41
N MET B 869 22.53 27.01 23.79
CA MET B 869 23.65 26.09 23.89
C MET B 869 24.27 25.80 22.53
N ILE B 870 23.46 25.75 21.49
CA ILE B 870 23.98 25.52 20.15
C ILE B 870 24.82 26.70 19.77
N ALA B 871 24.32 27.91 20.04
CA ALA B 871 25.09 29.08 19.73
C ALA B 871 26.41 29.07 20.49
N GLN B 872 26.42 28.57 21.72
CA GLN B 872 27.67 28.52 22.46
C GLN B 872 28.65 27.56 21.82
N TYR B 873 28.21 26.42 21.31
CA TYR B 873 29.16 25.53 20.65
C TYR B 873 29.69 26.19 19.39
N THR B 874 28.82 26.86 18.67
CA THR B 874 29.23 27.49 17.44
C THR B 874 30.25 28.54 17.74
N SER B 875 30.01 29.32 18.79
CA SER B 875 30.93 30.36 19.16
C SER B 875 32.27 29.77 19.50
N ALA B 876 32.28 28.66 20.24
CA ALA B 876 33.54 28.05 20.60
C ALA B 876 34.29 27.61 19.37
N LEU B 877 33.60 27.08 18.37
CA LEU B 877 34.27 26.65 17.16
C LEU B 877 34.86 27.84 16.44
N LEU B 878 34.15 28.97 16.42
CA LEU B 878 34.69 30.13 15.73
C LEU B 878 35.87 30.69 16.47
N ALA B 879 35.77 30.73 17.79
CA ALA B 879 36.84 31.28 18.59
C ALA B 879 38.05 30.43 18.41
N GLY B 880 37.81 29.14 18.32
CA GLY B 880 38.84 28.18 18.13
C GLY B 880 39.53 28.41 16.80
N THR B 881 38.77 28.44 15.72
CA THR B 881 39.35 28.59 14.41
C THR B 881 40.14 29.87 14.32
N ILE B 882 39.60 30.95 14.81
CA ILE B 882 40.32 32.20 14.72
C ILE B 882 41.62 32.20 15.54
N CYS B 883 41.63 31.64 16.78
CA CYS B 883 42.81 31.56 17.64
C CYS B 883 43.89 30.57 17.12
N SER B 884 43.46 29.35 16.75
CA SER B 884 44.39 28.28 16.39
C SER B 884 44.20 27.48 15.09
N GLY B 885 43.45 28.00 14.12
CA GLY B 885 43.31 27.33 12.85
C GLY B 885 42.65 25.96 12.94
N TRP B 886 43.28 24.95 12.40
CA TRP B 886 42.75 23.59 12.39
C TRP B 886 43.28 22.68 13.47
N THR B 887 44.03 23.21 14.41
CA THR B 887 44.68 22.35 15.39
C THR B 887 43.71 21.66 16.36
N PHE B 888 42.47 22.05 16.33
CA PHE B 888 41.41 21.51 17.16
C PHE B 888 41.07 20.09 16.80
N GLY B 889 41.40 19.72 15.57
CA GLY B 889 41.10 18.40 15.09
C GLY B 889 42.24 17.45 15.41
N ALA B 890 43.28 17.95 16.07
CA ALA B 890 44.42 17.12 16.34
C ALA B 890 45.18 17.54 17.57
N GLY B 891 44.75 17.12 18.74
CA GLY B 891 45.52 17.50 19.91
C GLY B 891 45.14 18.87 20.42
N PRO B 892 45.96 19.45 21.27
CA PRO B 892 45.75 20.72 21.92
C PRO B 892 45.69 21.80 20.90
N ALA B 893 44.91 22.82 21.17
CA ALA B 893 44.89 23.94 20.26
C ALA B 893 46.21 24.67 20.37
N LEU B 894 46.76 25.10 19.25
CA LEU B 894 48.00 25.85 19.26
C LEU B 894 47.79 27.22 18.65
N GLN B 895 48.03 28.30 19.39
CA GLN B 895 47.72 29.60 18.81
C GLN B 895 48.65 29.90 17.64
N ILE B 896 48.08 30.50 16.60
CA ILE B 896 48.80 30.95 15.42
C ILE B 896 48.36 32.37 15.08
N PRO B 897 49.23 33.36 14.85
CA PRO B 897 48.80 34.69 14.47
C PRO B 897 47.87 34.52 13.29
N PHE B 898 46.78 35.24 13.26
CA PHE B 898 45.82 34.99 12.21
C PHE B 898 46.38 35.07 10.80
N PRO B 899 47.15 36.08 10.40
CA PRO B 899 47.71 36.16 9.08
C PRO B 899 48.59 34.96 8.76
N MET B 900 49.10 34.26 9.76
CA MET B 900 49.92 33.13 9.49
C MET B 900 49.05 31.93 9.25
N GLN B 901 47.86 31.93 9.83
CA GLN B 901 46.95 30.84 9.57
C GLN B 901 46.58 30.96 8.12
N MET B 902 46.40 32.21 7.69
CA MET B 902 46.04 32.38 6.31
C MET B 902 47.20 31.99 5.44
N ALA B 903 48.43 32.25 5.86
CA ALA B 903 49.54 31.86 5.03
C ALA B 903 49.54 30.38 4.81
N TYR B 904 49.20 29.61 5.84
CA TYR B 904 49.21 28.18 5.64
C TYR B 904 48.09 27.79 4.70
N ARG B 905 46.94 28.45 4.84
CA ARG B 905 45.80 28.16 4.00
C ARG B 905 46.08 28.52 2.54
N PHE B 906 46.88 29.54 2.29
CA PHE B 906 47.26 29.89 0.94
C PHE B 906 48.24 28.88 0.38
N ASN B 907 49.19 28.40 1.19
CA ASN B 907 50.12 27.40 0.68
C ASN B 907 49.35 26.16 0.32
N GLY B 908 48.28 25.91 1.06
CA GLY B 908 47.40 24.79 0.90
C GLY B 908 46.66 24.77 -0.42
N ILE B 909 46.62 25.88 -1.14
CA ILE B 909 45.96 25.92 -2.43
C ILE B 909 46.93 26.20 -3.56
N GLY B 910 48.23 26.05 -3.28
CA GLY B 910 49.23 26.26 -4.31
C GLY B 910 49.65 27.70 -4.51
N VAL B 911 49.44 28.56 -3.53
CA VAL B 911 49.83 29.94 -3.66
C VAL B 911 50.83 30.19 -2.58
N THR B 912 52.00 30.72 -2.91
CA THR B 912 52.97 30.86 -1.83
C THR B 912 52.52 31.94 -0.88
N GLN B 913 53.10 31.93 0.32
CA GLN B 913 52.70 32.87 1.36
C GLN B 913 53.10 34.28 1.07
N ASN B 914 54.00 34.44 0.13
CA ASN B 914 54.41 35.76 -0.23
C ASN B 914 53.23 36.54 -0.77
N VAL B 915 52.30 35.87 -1.44
CA VAL B 915 51.19 36.58 -2.03
C VAL B 915 50.36 37.15 -0.92
N LEU B 916 50.09 36.34 0.09
CA LEU B 916 49.30 36.81 1.20
C LEU B 916 49.91 37.96 1.92
N TYR B 917 51.19 37.90 2.22
CA TYR B 917 51.67 38.99 3.02
C TYR B 917 51.74 40.27 2.22
N GLU B 918 52.12 40.20 0.96
CA GLU B 918 52.19 41.44 0.21
C GLU B 918 50.81 42.05 0.03
N ASN B 919 49.82 41.20 -0.10
CA ASN B 919 48.46 41.63 -0.30
C ASN B 919 47.63 41.49 0.96
N GLN B 920 48.23 41.45 2.14
CA GLN B 920 47.42 41.27 3.32
C GLN B 920 46.33 42.31 3.45
N LYS B 921 46.62 43.56 3.13
CA LYS B 921 45.58 44.58 3.25
C LYS B 921 44.43 44.30 2.30
N LEU B 922 44.77 43.92 1.07
CA LEU B 922 43.75 43.67 0.07
C LEU B 922 42.91 42.48 0.43
N ILE B 923 43.54 41.43 0.89
CA ILE B 923 42.86 40.21 1.23
C ILE B 923 41.94 40.46 2.38
N ALA B 924 42.42 41.15 3.40
CA ALA B 924 41.57 41.43 4.53
C ALA B 924 40.38 42.28 4.09
N ASN B 925 40.59 43.24 3.18
CA ASN B 925 39.48 44.05 2.76
C ASN B 925 38.47 43.26 1.97
N GLN B 926 38.92 42.36 1.11
CA GLN B 926 37.97 41.58 0.34
C GLN B 926 37.19 40.67 1.25
N PHE B 927 37.85 40.11 2.25
CA PHE B 927 37.19 39.24 3.18
C PHE B 927 36.10 39.96 3.91
N ASN B 928 36.42 41.14 4.43
CA ASN B 928 35.45 41.87 5.20
C ASN B 928 34.26 42.28 4.36
N SER B 929 34.50 42.64 3.10
CA SER B 929 33.41 43.02 2.25
C SER B 929 32.51 41.84 1.95
N ALA B 930 33.11 40.66 1.74
CA ALA B 930 32.34 39.48 1.45
C ALA B 930 31.38 39.13 2.57
N ILE B 931 31.81 39.34 3.80
CA ILE B 931 30.92 39.01 4.90
C ILE B 931 29.73 39.95 4.88
N GLY B 932 29.97 41.25 4.66
CA GLY B 932 28.85 42.18 4.62
C GLY B 932 27.85 41.81 3.50
N LYS B 933 28.37 41.32 2.38
CA LYS B 933 27.53 40.92 1.27
C LYS B 933 26.62 39.77 1.65
N ILE B 934 27.09 38.87 2.50
CA ILE B 934 26.28 37.74 2.94
C ILE B 934 25.11 38.22 3.72
N GLN B 935 25.32 39.18 4.61
CA GLN B 935 24.18 39.68 5.34
C GLN B 935 23.16 40.30 4.41
N ASP B 936 23.63 41.02 3.39
CA ASP B 936 22.69 41.63 2.46
C ASP B 936 21.90 40.57 1.70
N SER B 937 22.55 39.49 1.33
CA SER B 937 21.90 38.43 0.59
C SER B 937 20.83 37.73 1.41
N LEU B 938 21.16 37.38 2.66
CA LEU B 938 20.21 36.68 3.50
C LEU B 938 19.04 37.58 3.85
N SER B 939 19.31 38.86 4.04
CA SER B 939 18.29 39.83 4.39
C SER B 939 17.32 40.09 3.24
N SER B 940 17.87 40.32 2.04
CA SER B 940 17.06 40.65 0.88
C SER B 940 16.38 39.48 0.19
N THR B 941 16.85 38.25 0.40
CA THR B 941 16.26 37.10 -0.26
C THR B 941 15.72 36.07 0.74
N PRO B 942 14.45 36.17 1.19
CA PRO B 942 13.84 35.30 2.20
C PRO B 942 13.97 33.80 1.88
N SER B 943 13.98 33.48 0.58
CA SER B 943 14.08 32.12 0.05
C SER B 943 15.41 31.49 0.33
N ALA B 944 16.37 32.30 0.77
CA ALA B 944 17.71 31.86 1.06
C ALA B 944 17.72 30.76 2.10
N LEU B 945 16.77 30.76 3.03
CA LEU B 945 16.75 29.75 4.06
C LEU B 945 15.63 28.76 3.82
N GLY B 946 15.20 28.65 2.58
CA GLY B 946 14.10 27.79 2.21
C GLY B 946 14.27 26.36 2.66
N LYS B 947 15.50 25.84 2.71
CA LYS B 947 15.66 24.47 3.14
C LYS B 947 15.21 24.23 4.58
N LEU B 948 15.39 25.21 5.45
CA LEU B 948 15.04 24.98 6.82
C LEU B 948 13.56 25.22 6.97
N GLN B 949 13.05 26.15 6.18
CA GLN B 949 11.64 26.42 6.26
C GLN B 949 10.87 25.22 5.75
N ASP B 950 11.41 24.54 4.75
CA ASP B 950 10.79 23.37 4.17
C ASP B 950 10.68 22.24 5.16
N VAL B 951 11.71 22.05 5.98
CA VAL B 951 11.62 20.98 6.96
C VAL B 951 10.51 21.28 7.92
N VAL B 952 10.42 22.53 8.35
CA VAL B 952 9.39 22.89 9.29
C VAL B 952 8.01 22.74 8.69
N ASN B 953 7.85 23.16 7.45
CA ASN B 953 6.55 23.09 6.82
C ASN B 953 6.09 21.68 6.64
N GLN B 954 6.99 20.77 6.26
CA GLN B 954 6.56 19.41 6.05
C GLN B 954 6.17 18.74 7.34
N ASN B 955 6.85 19.04 8.43
CA ASN B 955 6.45 18.39 9.65
C ASN B 955 5.12 18.95 10.11
N ALA B 956 4.94 20.26 9.95
CA ALA B 956 3.70 20.86 10.37
C ALA B 956 2.53 20.33 9.56
N GLN B 957 2.73 20.12 8.26
CA GLN B 957 1.67 19.62 7.45
C GLN B 957 1.36 18.20 7.82
N ALA B 958 2.38 17.40 8.13
CA ALA B 958 2.10 16.04 8.51
C ALA B 958 1.21 15.99 9.74
N LEU B 959 1.47 16.88 10.70
CA LEU B 959 0.63 16.91 11.89
C LEU B 959 -0.74 17.45 11.58
N ASN B 960 -0.84 18.44 10.71
CA ASN B 960 -2.15 18.98 10.44
C ASN B 960 -2.99 17.95 9.74
N THR B 961 -2.38 17.15 8.89
CA THR B 961 -3.11 16.13 8.19
C THR B 961 -3.60 15.11 9.20
N LEU B 962 -2.74 14.73 10.13
CA LEU B 962 -3.09 13.73 11.10
C LEU B 962 -4.27 14.20 11.95
N VAL B 963 -4.30 15.48 12.33
CA VAL B 963 -5.40 16.00 13.11
C VAL B 963 -6.67 16.03 12.28
N LYS B 964 -6.60 16.50 11.05
CA LYS B 964 -7.78 16.59 10.22
C LYS B 964 -8.45 15.26 9.97
N GLN B 965 -7.66 14.19 9.91
CA GLN B 965 -8.17 12.84 9.69
C GLN B 965 -9.14 12.40 10.76
N LEU B 966 -9.08 13.01 11.94
CA LEU B 966 -9.94 12.63 13.04
C LEU B 966 -11.41 12.87 12.71
N SER B 967 -11.68 13.81 11.82
CA SER B 967 -13.04 14.16 11.49
C SER B 967 -13.67 13.26 10.43
N SER B 968 -12.92 12.36 9.80
CA SER B 968 -13.52 11.53 8.78
C SER B 968 -14.32 10.37 9.34
N ASN B 969 -15.38 10.01 8.64
CA ASN B 969 -16.20 8.89 9.05
C ASN B 969 -15.67 7.56 8.57
N PHE B 970 -14.99 7.55 7.44
CA PHE B 970 -14.48 6.31 6.86
C PHE B 970 -15.59 5.31 6.59
N GLY B 971 -16.79 5.79 6.27
CA GLY B 971 -17.96 4.96 5.99
C GLY B 971 -18.92 4.87 7.20
N ALA B 972 -18.49 5.35 8.34
CA ALA B 972 -19.25 5.37 9.58
C ALA B 972 -20.37 6.37 9.49
N ILE B 973 -21.34 6.20 10.36
CA ILE B 973 -22.45 7.12 10.46
C ILE B 973 -21.92 8.48 10.85
N SER B 974 -21.01 8.49 11.82
CA SER B 974 -20.41 9.71 12.29
C SER B 974 -19.01 9.44 12.82
N SER B 975 -18.19 10.49 12.81
CA SER B 975 -16.81 10.48 13.30
C SER B 975 -16.66 10.65 14.80
N VAL B 976 -17.74 11.05 15.44
CA VAL B 976 -17.69 11.32 16.86
C VAL B 976 -18.04 10.09 17.65
N LEU B 977 -17.13 9.66 18.49
CA LEU B 977 -17.33 8.45 19.28
C LEU B 977 -18.51 8.56 20.20
N ASN B 978 -18.73 9.73 20.75
CA ASN B 978 -19.85 9.93 21.65
C ASN B 978 -21.17 9.89 20.92
N ASP B 979 -21.20 10.25 19.63
CA ASP B 979 -22.44 10.21 18.87
C ASP B 979 -22.75 8.76 18.61
N ILE B 980 -21.71 7.98 18.33
CA ILE B 980 -21.93 6.57 18.07
C ILE B 980 -22.47 5.89 19.30
N LEU B 981 -21.86 6.16 20.44
CA LEU B 981 -22.29 5.55 21.68
C LEU B 981 -23.67 5.98 22.12
N SER B 982 -24.01 7.25 21.92
CA SER B 982 -25.34 7.71 22.29
C SER B 982 -26.41 7.10 21.38
N ARG B 983 -26.14 7.12 20.08
CA ARG B 983 -27.04 6.67 19.04
C ARG B 983 -27.28 5.18 18.97
N LEU B 984 -26.25 4.38 19.14
CA LEU B 984 -26.43 2.95 18.97
C LEU B 984 -26.23 2.10 20.20
N ASP B 985 -27.04 1.06 20.28
CA ASP B 985 -26.88 0.06 21.31
C ASP B 985 -25.52 -0.58 21.04
N PRO B 986 -24.75 -0.98 22.05
CA PRO B 986 -23.43 -1.61 21.92
C PRO B 986 -23.25 -2.65 20.79
N PRO B 987 -24.18 -3.59 20.50
CA PRO B 987 -23.99 -4.56 19.43
C PRO B 987 -23.80 -3.91 18.07
N GLU B 988 -24.25 -2.66 17.93
CA GLU B 988 -24.12 -1.92 16.69
C GLU B 988 -23.07 -0.81 16.86
N ALA B 989 -23.00 -0.24 18.06
CA ALA B 989 -22.08 0.87 18.33
C ALA B 989 -20.65 0.42 18.13
N GLU B 990 -20.38 -0.82 18.50
CA GLU B 990 -19.05 -1.37 18.39
C GLU B 990 -18.63 -1.54 16.95
N VAL B 991 -19.59 -1.68 16.04
CA VAL B 991 -19.26 -1.89 14.64
C VAL B 991 -18.77 -0.58 14.09
N GLN B 992 -19.49 0.48 14.44
CA GLN B 992 -19.14 1.81 13.99
C GLN B 992 -17.79 2.20 14.57
N ILE B 993 -17.54 1.76 15.79
CA ILE B 993 -16.26 2.02 16.40
C ILE B 993 -15.15 1.26 15.71
N ASP B 994 -15.31 -0.03 15.42
CA ASP B 994 -14.21 -0.69 14.73
C ASP B 994 -13.91 -0.02 13.43
N ARG B 995 -14.93 0.47 12.74
CA ARG B 995 -14.65 1.16 11.51
C ARG B 995 -13.81 2.40 11.77
N LEU B 996 -14.12 3.18 12.81
CA LEU B 996 -13.28 4.33 13.07
C LEU B 996 -11.91 3.94 13.56
N ILE B 997 -11.77 2.83 14.29
CA ILE B 997 -10.46 2.43 14.77
C ILE B 997 -9.55 2.10 13.64
N THR B 998 -10.01 1.34 12.65
CA THR B 998 -9.08 1.01 11.61
C THR B 998 -8.78 2.24 10.77
N GLY B 999 -9.71 3.18 10.69
CA GLY B 999 -9.49 4.43 9.98
C GLY B 999 -8.37 5.23 10.66
N ARG B 1000 -8.49 5.38 11.98
CA ARG B 1000 -7.53 6.13 12.78
C ARG B 1000 -6.17 5.45 12.80
N LEU B 1001 -6.17 4.13 12.83
CA LEU B 1001 -4.93 3.39 12.83
C LEU B 1001 -4.22 3.61 11.52
N GLN B 1002 -4.93 3.58 10.42
CA GLN B 1002 -4.27 3.78 9.16
C GLN B 1002 -3.67 5.16 9.10
N SER B 1003 -4.32 6.16 9.69
CA SER B 1003 -3.77 7.51 9.69
C SER B 1003 -2.45 7.54 10.48
N LEU B 1004 -2.39 6.85 11.62
CA LEU B 1004 -1.14 6.82 12.37
C LEU B 1004 -0.07 6.01 11.69
N GLN B 1005 -0.40 4.91 11.05
CA GLN B 1005 0.65 4.16 10.40
C GLN B 1005 1.22 4.99 9.28
N THR B 1006 0.37 5.73 8.59
CA THR B 1006 0.83 6.56 7.49
C THR B 1006 1.72 7.65 8.03
N TYR B 1007 1.29 8.30 9.10
CA TYR B 1007 2.08 9.36 9.70
C TYR B 1007 3.42 8.89 10.11
N VAL B 1008 3.49 7.78 10.83
CA VAL B 1008 4.77 7.31 11.28
C VAL B 1008 5.65 6.92 10.13
N THR B 1009 5.12 6.24 9.13
CA THR B 1009 5.96 5.86 8.02
C THR B 1009 6.54 7.10 7.37
N GLN B 1010 5.73 8.13 7.19
CA GLN B 1010 6.23 9.35 6.58
C GLN B 1010 7.28 9.97 7.46
N GLN B 1011 7.11 9.92 8.79
CA GLN B 1011 8.10 10.51 9.66
C GLN B 1011 9.38 9.74 9.61
N LEU B 1012 9.34 8.41 9.46
CA LEU B 1012 10.56 7.64 9.39
C LEU B 1012 11.33 7.91 8.13
N ILE B 1013 10.62 8.04 7.02
CA ILE B 1013 11.33 8.31 5.80
C ILE B 1013 11.91 9.71 5.84
N ARG B 1014 11.11 10.67 6.29
CA ARG B 1014 11.60 12.03 6.37
C ARG B 1014 12.75 12.12 7.35
N ALA B 1015 12.66 11.38 8.47
CA ALA B 1015 13.71 11.41 9.47
C ALA B 1015 14.99 10.94 8.89
N ALA B 1016 14.93 9.94 8.03
CA ALA B 1016 16.12 9.44 7.40
C ALA B 1016 16.79 10.50 6.58
N GLU B 1017 16.01 11.34 5.92
CA GLU B 1017 16.61 12.37 5.11
C GLU B 1017 17.26 13.41 5.96
N ILE B 1018 16.66 13.72 7.08
CA ILE B 1018 17.24 14.69 7.96
C ILE B 1018 18.51 14.15 8.53
N ARG B 1019 18.51 12.88 8.89
CA ARG B 1019 19.71 12.28 9.41
C ARG B 1019 20.81 12.33 8.38
N ALA B 1020 20.49 12.03 7.12
CA ALA B 1020 21.50 12.09 6.09
C ALA B 1020 22.05 13.48 5.94
N SER B 1021 21.19 14.48 6.04
CA SER B 1021 21.63 15.86 5.95
C SER B 1021 22.52 16.17 7.11
N ALA B 1022 22.15 15.73 8.30
CA ALA B 1022 22.95 15.94 9.48
C ALA B 1022 24.29 15.27 9.35
N ASN B 1023 24.34 14.09 8.73
CA ASN B 1023 25.61 13.43 8.59
C ASN B 1023 26.49 14.21 7.65
N LEU B 1024 25.89 14.79 6.61
CA LEU B 1024 26.67 15.59 5.71
C LEU B 1024 27.13 16.84 6.39
N ALA B 1025 26.26 17.45 7.19
CA ALA B 1025 26.64 18.65 7.87
C ALA B 1025 27.77 18.38 8.84
N ALA B 1026 27.74 17.24 9.52
CA ALA B 1026 28.80 16.90 10.44
C ALA B 1026 30.08 16.70 9.70
N THR B 1027 29.99 16.09 8.53
CA THR B 1027 31.16 15.85 7.72
C THR B 1027 31.76 17.16 7.33
N LYS B 1028 30.93 18.11 6.90
CA LYS B 1028 31.44 19.39 6.51
C LYS B 1028 32.06 20.09 7.69
N MET B 1029 31.46 20.02 8.84
CA MET B 1029 32.13 20.76 9.87
C MET B 1029 33.49 20.18 10.16
N SER B 1030 33.61 18.86 10.19
CA SER B 1030 34.88 18.26 10.50
C SER B 1030 35.95 18.51 9.46
N GLU B 1031 35.58 18.48 8.18
CA GLU B 1031 36.56 18.66 7.11
C GLU B 1031 36.73 20.08 6.54
N CYS B 1032 35.69 20.91 6.65
CA CYS B 1032 35.57 22.27 6.11
C CYS B 1032 35.92 23.31 7.17
N VAL B 1033 35.39 23.14 8.40
CA VAL B 1033 35.59 24.11 9.48
C VAL B 1033 36.85 23.81 10.27
N LEU B 1034 37.03 22.57 10.63
CA LEU B 1034 38.17 22.19 11.44
C LEU B 1034 39.31 21.65 10.60
N GLY B 1035 39.38 22.13 9.38
CA GLY B 1035 40.40 21.69 8.44
C GLY B 1035 40.34 22.51 7.18
N GLN B 1036 41.04 22.03 6.17
CA GLN B 1036 41.07 22.69 4.87
C GLN B 1036 40.91 21.65 3.79
N SER B 1037 39.68 21.45 3.34
CA SER B 1037 39.36 20.41 2.39
C SER B 1037 39.93 20.65 1.02
N LYS B 1038 40.37 19.57 0.38
CA LYS B 1038 40.90 19.58 -0.98
C LYS B 1038 39.87 19.16 -2.00
N ARG B 1039 38.69 18.79 -1.53
CA ARG B 1039 37.68 18.25 -2.40
C ARG B 1039 37.04 19.38 -3.21
N VAL B 1040 36.99 19.22 -4.51
CA VAL B 1040 36.47 20.27 -5.33
C VAL B 1040 34.99 20.42 -5.19
N ASP B 1041 34.61 21.65 -4.91
CA ASP B 1041 33.26 22.12 -4.68
C ASP B 1041 32.58 21.38 -3.55
N PHE B 1042 33.35 20.71 -2.72
CA PHE B 1042 32.75 20.06 -1.58
C PHE B 1042 32.16 21.01 -0.59
N CYS B 1043 32.92 22.06 -0.21
CA CYS B 1043 32.52 23.01 0.80
C CYS B 1043 32.98 24.36 0.31
N GLY B 1044 32.24 24.86 -0.65
CA GLY B 1044 32.52 26.14 -1.28
C GLY B 1044 33.14 25.99 -2.64
N LYS B 1045 32.63 26.77 -3.58
CA LYS B 1045 33.13 26.75 -4.94
C LYS B 1045 34.40 27.58 -5.01
N GLY B 1046 35.44 27.03 -5.64
CA GLY B 1046 36.72 27.72 -5.73
C GLY B 1046 37.71 27.00 -4.85
N TYR B 1047 38.84 27.60 -4.57
CA TYR B 1047 39.80 26.87 -3.78
C TYR B 1047 39.48 27.11 -2.33
N HIS B 1048 39.33 26.07 -1.54
CA HIS B 1048 38.92 26.31 -0.17
C HIS B 1048 40.01 26.82 0.70
N LEU B 1049 39.73 27.89 1.45
CA LEU B 1049 40.66 28.41 2.42
C LEU B 1049 40.22 28.05 3.81
N MET B 1050 38.98 28.36 4.15
CA MET B 1050 38.46 28.12 5.50
C MET B 1050 36.98 28.29 5.56
N SER B 1051 36.37 27.94 6.67
CA SER B 1051 34.96 28.20 6.81
C SER B 1051 34.59 28.47 8.23
N PHE B 1052 33.43 29.08 8.38
CA PHE B 1052 32.92 29.40 9.69
C PHE B 1052 31.47 28.96 9.80
N PRO B 1053 31.09 28.19 10.79
CA PRO B 1053 29.73 27.79 11.03
C PRO B 1053 28.98 28.93 11.67
N GLN B 1054 27.68 28.95 11.46
CA GLN B 1054 26.71 29.78 12.13
C GLN B 1054 25.52 28.91 12.48
N SER B 1055 24.87 29.10 13.62
CA SER B 1055 23.70 28.30 13.92
C SER B 1055 22.47 28.83 13.20
N ALA B 1056 21.42 28.01 13.16
CA ALA B 1056 20.18 28.38 12.51
C ALA B 1056 19.05 27.54 13.10
N PRO B 1057 17.78 27.92 12.98
CA PRO B 1057 16.68 27.13 13.44
C PRO B 1057 16.77 25.76 12.84
N HIS B 1058 16.81 24.73 13.67
CA HIS B 1058 16.90 23.37 13.16
C HIS B 1058 18.01 23.11 12.14
N GLY B 1059 19.14 23.79 12.23
CA GLY B 1059 20.14 23.55 11.19
C GLY B 1059 21.42 24.30 11.35
N VAL B 1060 22.28 24.16 10.35
CA VAL B 1060 23.58 24.79 10.39
C VAL B 1060 23.84 25.52 9.11
N VAL B 1061 24.49 26.66 9.21
CA VAL B 1061 24.84 27.42 8.06
C VAL B 1061 26.34 27.59 7.98
N PHE B 1062 26.92 27.27 6.85
CA PHE B 1062 28.34 27.43 6.74
C PHE B 1062 28.72 28.55 5.81
N LEU B 1063 29.68 29.35 6.23
CA LEU B 1063 30.22 30.40 5.40
C LEU B 1063 31.54 29.89 4.89
N HIS B 1064 31.66 29.75 3.59
CA HIS B 1064 32.84 29.15 2.98
C HIS B 1064 33.69 30.18 2.36
N VAL B 1065 34.90 30.31 2.82
CA VAL B 1065 35.77 31.32 2.30
C VAL B 1065 36.64 30.65 1.28
N THR B 1066 36.53 31.09 0.04
CA THR B 1066 37.30 30.47 -1.00
C THR B 1066 38.06 31.48 -1.84
N TYR B 1067 39.12 30.99 -2.44
CA TYR B 1067 39.99 31.75 -3.31
C TYR B 1067 39.61 31.53 -4.74
N VAL B 1068 39.34 32.60 -5.43
CA VAL B 1068 38.97 32.48 -6.81
C VAL B 1068 39.91 33.31 -7.66
N PRO B 1069 40.66 32.72 -8.59
CA PRO B 1069 41.55 33.42 -9.48
C PRO B 1069 40.73 34.41 -10.24
N ALA B 1070 41.28 35.58 -10.57
CA ALA B 1070 40.50 36.59 -11.27
C ALA B 1070 41.16 37.01 -12.57
N GLN B 1071 41.57 38.26 -12.67
CA GLN B 1071 42.22 38.71 -13.90
C GLN B 1071 43.34 37.78 -14.22
N GLU B 1072 43.44 37.41 -15.49
CA GLU B 1072 44.41 36.47 -16.05
C GLU B 1072 44.95 36.91 -17.40
N LYS B 1073 46.16 36.46 -17.71
CA LYS B 1073 46.77 36.74 -19.01
C LYS B 1073 47.19 35.50 -19.79
N ASN B 1074 47.28 35.68 -21.11
CA ASN B 1074 47.69 34.63 -22.04
C ASN B 1074 49.20 34.66 -22.26
N PHE B 1075 49.88 33.59 -21.88
CA PHE B 1075 51.32 33.50 -21.99
C PHE B 1075 51.77 32.39 -22.91
N THR B 1076 52.94 32.55 -23.51
CA THR B 1076 53.49 31.49 -24.34
C THR B 1076 54.08 30.47 -23.40
N THR B 1077 53.91 29.19 -23.67
CA THR B 1077 54.53 28.22 -22.79
C THR B 1077 55.30 27.12 -23.49
N ALA B 1078 55.99 26.32 -22.69
CA ALA B 1078 56.76 25.19 -23.14
C ALA B 1078 56.90 24.23 -21.98
N PRO B 1079 56.97 22.92 -22.21
CA PRO B 1079 57.19 21.92 -21.20
C PRO B 1079 58.57 21.90 -20.57
N ALA B 1080 59.55 22.47 -21.25
CA ALA B 1080 60.90 22.45 -20.74
C ALA B 1080 61.75 23.49 -21.42
N ILE B 1081 62.86 23.80 -20.79
CA ILE B 1081 63.86 24.68 -21.38
C ILE B 1081 65.08 23.86 -21.77
N CYS B 1082 65.58 24.05 -23.01
CA CYS B 1082 66.78 23.40 -23.53
C CYS B 1082 67.97 24.30 -23.26
N HIS B 1083 68.96 23.80 -22.54
CA HIS B 1083 70.06 24.72 -22.25
C HIS B 1083 71.39 24.33 -22.89
N ASP B 1084 72.14 23.45 -22.27
CA ASP B 1084 73.42 23.02 -22.79
C ASP B 1084 73.32 21.60 -23.32
N GLY B 1085 72.10 21.23 -23.64
CA GLY B 1085 71.75 19.91 -24.12
C GLY B 1085 70.88 19.25 -23.07
N LYS B 1086 70.93 19.81 -21.85
CA LYS B 1086 70.12 19.35 -20.75
C LYS B 1086 68.72 19.88 -20.85
N ALA B 1087 67.76 19.07 -20.46
CA ALA B 1087 66.37 19.49 -20.43
C ALA B 1087 65.96 19.84 -19.02
N HIS B 1088 65.59 21.10 -18.85
CA HIS B 1088 65.20 21.65 -17.56
C HIS B 1088 63.70 21.77 -17.41
N PHE B 1089 63.19 21.18 -16.35
CA PHE B 1089 61.77 21.20 -16.06
C PHE B 1089 61.62 22.07 -14.82
N PRO B 1090 60.52 22.76 -14.55
CA PRO B 1090 60.35 23.56 -13.36
C PRO B 1090 60.31 22.63 -12.18
N ARG B 1091 60.82 23.05 -11.03
CA ARG B 1091 60.64 22.22 -9.86
C ARG B 1091 59.21 22.39 -9.42
N GLU B 1092 58.74 23.61 -9.56
CA GLU B 1092 57.40 24.04 -9.23
C GLU B 1092 56.98 25.03 -10.28
N GLY B 1093 55.72 25.11 -10.59
CA GLY B 1093 55.29 26.13 -11.52
C GLY B 1093 55.41 25.72 -12.97
N VAL B 1094 55.33 26.73 -13.81
CA VAL B 1094 55.32 26.61 -15.25
C VAL B 1094 56.29 27.57 -15.92
N PHE B 1095 56.92 27.15 -17.03
CA PHE B 1095 57.75 28.07 -17.78
C PHE B 1095 56.86 28.86 -18.71
N VAL B 1096 56.93 30.17 -18.64
CA VAL B 1096 56.09 31.02 -19.47
C VAL B 1096 56.86 32.12 -20.14
N SER B 1097 56.29 32.69 -21.18
CA SER B 1097 57.02 33.77 -21.78
C SER B 1097 56.19 34.93 -22.26
N ASN B 1098 56.80 36.08 -22.06
CA ASN B 1098 56.29 37.35 -22.51
C ASN B 1098 56.88 37.48 -23.90
N GLY B 1099 56.76 38.61 -24.55
CA GLY B 1099 57.26 38.67 -25.90
C GLY B 1099 58.76 38.31 -26.08
N THR B 1100 59.62 38.60 -25.09
CA THR B 1100 61.04 38.32 -25.24
C THR B 1100 61.69 37.36 -24.23
N HIS B 1101 61.10 37.17 -23.05
CA HIS B 1101 61.75 36.35 -22.04
C HIS B 1101 60.91 35.31 -21.34
N TRP B 1102 61.60 34.22 -21.07
CA TRP B 1102 61.07 33.07 -20.35
C TRP B 1102 61.34 33.17 -18.85
N PHE B 1103 60.30 32.85 -18.09
CA PHE B 1103 60.30 32.88 -16.63
C PHE B 1103 59.62 31.69 -16.00
N VAL B 1104 59.93 31.40 -14.74
CA VAL B 1104 59.17 30.38 -14.02
C VAL B 1104 58.17 31.07 -13.14
N THR B 1105 56.92 30.64 -13.18
CA THR B 1105 55.91 31.23 -12.32
C THR B 1105 55.12 30.19 -11.59
N GLN B 1106 54.77 30.48 -10.34
CA GLN B 1106 53.93 29.54 -9.60
C GLN B 1106 52.68 29.34 -10.42
N ARG B 1107 52.19 28.11 -10.49
CA ARG B 1107 51.08 27.82 -11.38
C ARG B 1107 49.81 28.63 -11.17
N ASN B 1108 49.44 28.92 -9.93
CA ASN B 1108 48.18 29.61 -9.69
C ASN B 1108 48.26 31.12 -9.54
N PHE B 1109 49.41 31.71 -9.75
CA PHE B 1109 49.50 33.16 -9.59
C PHE B 1109 50.70 33.71 -10.29
N TYR B 1110 50.52 34.69 -11.15
CA TYR B 1110 51.64 35.14 -11.90
C TYR B 1110 52.61 35.96 -11.08
N GLU B 1111 53.79 35.40 -10.98
CA GLU B 1111 54.90 35.95 -10.25
C GLU B 1111 56.15 35.40 -10.89
N PRO B 1112 56.55 35.91 -12.06
CA PRO B 1112 57.61 35.37 -12.85
C PRO B 1112 58.95 35.57 -12.18
N GLN B 1113 59.80 34.58 -12.29
CA GLN B 1113 61.15 34.68 -11.78
C GLN B 1113 62.14 34.25 -12.83
N ILE B 1114 63.34 34.81 -12.76
CA ILE B 1114 64.40 34.41 -13.67
C ILE B 1114 64.64 32.92 -13.57
N ILE B 1115 64.88 32.29 -14.70
CA ILE B 1115 65.08 30.87 -14.70
C ILE B 1115 66.50 30.57 -14.27
N THR B 1116 66.62 29.82 -13.20
CA THR B 1116 67.89 29.46 -12.63
C THR B 1116 67.90 27.99 -12.37
N THR B 1117 69.04 27.48 -11.99
CA THR B 1117 69.19 26.07 -11.68
C THR B 1117 68.51 25.70 -10.37
N ASP B 1118 68.09 26.72 -9.61
CA ASP B 1118 67.41 26.50 -8.36
C ASP B 1118 65.91 26.42 -8.55
N ASN B 1119 65.47 26.72 -9.78
CA ASN B 1119 64.05 26.72 -10.09
C ASN B 1119 63.69 25.54 -10.95
N THR B 1120 64.70 24.77 -11.36
CA THR B 1120 64.51 23.66 -12.28
C THR B 1120 65.17 22.38 -11.84
N PHE B 1121 64.88 21.33 -12.56
CA PHE B 1121 65.58 20.08 -12.35
C PHE B 1121 65.88 19.53 -13.71
N VAL B 1122 66.86 18.66 -13.79
CA VAL B 1122 67.23 18.15 -15.08
C VAL B 1122 67.05 16.69 -15.26
N SER B 1123 66.45 16.33 -16.38
CA SER B 1123 66.29 14.93 -16.70
C SER B 1123 66.24 14.68 -18.19
N GLY B 1124 67.01 13.69 -18.64
CA GLY B 1124 67.03 13.38 -20.05
C GLY B 1124 67.77 14.48 -20.78
N ASN B 1125 67.36 14.74 -22.00
CA ASN B 1125 68.03 15.73 -22.81
C ASN B 1125 67.01 16.43 -23.71
N CYS B 1126 67.46 17.41 -24.50
CA CYS B 1126 66.64 18.23 -25.38
C CYS B 1126 66.01 17.41 -26.50
N ASP B 1127 66.72 16.39 -26.90
CA ASP B 1127 66.34 15.53 -27.99
C ASP B 1127 65.08 14.73 -27.76
N VAL B 1128 64.65 14.58 -26.50
CA VAL B 1128 63.48 13.76 -26.27
C VAL B 1128 62.28 14.54 -25.77
N VAL B 1129 62.34 15.87 -25.75
CA VAL B 1129 61.20 16.61 -25.24
C VAL B 1129 60.49 17.36 -26.35
N ILE B 1130 59.22 17.04 -26.52
CA ILE B 1130 58.47 17.64 -27.59
C ILE B 1130 58.14 19.06 -27.20
N GLY B 1131 58.50 20.01 -28.04
CA GLY B 1131 58.21 21.41 -27.75
C GLY B 1131 59.21 22.12 -26.84
N ILE B 1132 60.37 21.53 -26.60
CA ILE B 1132 61.35 22.17 -25.73
C ILE B 1132 61.89 23.43 -26.36
N VAL B 1133 62.06 24.49 -25.56
CA VAL B 1133 62.56 25.75 -26.11
C VAL B 1133 63.91 26.16 -25.56
N ASN B 1134 64.83 26.53 -26.43
CA ASN B 1134 66.15 26.95 -26.00
C ASN B 1134 66.18 28.25 -25.20
N ASN B 1135 66.89 28.22 -24.07
CA ASN B 1135 67.06 29.42 -23.25
C ASN B 1135 68.25 29.27 -22.30
N THR B 1136 68.50 30.28 -21.48
CA THR B 1136 69.59 30.25 -20.53
C THR B 1136 69.09 30.01 -19.13
N VAL B 1137 69.71 29.05 -18.49
CA VAL B 1137 69.38 28.72 -17.12
C VAL B 1137 70.54 29.20 -16.30
N TYR B 1138 70.28 30.10 -15.39
CA TYR B 1138 71.38 30.71 -14.67
C TYR B 1138 71.81 29.99 -13.42
N ASP B 1139 73.11 29.96 -13.23
CA ASP B 1139 73.75 29.40 -12.04
C ASP B 1139 74.23 30.55 -11.16
N PRO B 1140 73.60 30.85 -10.00
CA PRO B 1140 73.93 31.92 -9.07
C PRO B 1140 75.36 31.84 -8.55
N LEU B 1141 75.97 30.66 -8.67
CA LEU B 1141 77.33 30.45 -8.24
C LEU B 1141 78.36 31.03 -9.19
N GLN B 1142 78.10 31.02 -10.48
CA GLN B 1142 79.19 31.39 -11.36
C GLN B 1142 79.69 32.83 -11.14
N PRO B 1143 78.83 33.84 -10.87
CA PRO B 1143 79.23 35.20 -10.55
C PRO B 1143 80.03 35.33 -9.25
N GLU B 1144 79.94 34.32 -8.38
CA GLU B 1144 80.68 34.36 -7.11
C GLU B 1144 82.13 33.86 -7.26
N LEU B 1145 82.37 32.90 -8.19
CA LEU B 1145 83.64 32.24 -8.47
C LEU B 1145 84.59 33.23 -9.15
N THR C 22 -8.89 -60.62 -34.32
CA THR C 22 -7.61 -60.36 -33.67
C THR C 22 -7.87 -59.61 -32.33
N GLN C 23 -7.70 -60.34 -31.19
CA GLN C 23 -7.90 -59.82 -29.83
C GLN C 23 -6.65 -59.08 -29.35
N LEU C 24 -6.82 -57.82 -28.94
CA LEU C 24 -5.69 -57.00 -28.52
C LEU C 24 -5.77 -56.55 -27.05
N PRO C 25 -4.62 -56.39 -26.35
CA PRO C 25 -4.45 -55.77 -25.05
C PRO C 25 -4.44 -54.25 -25.25
N PRO C 26 -4.64 -53.42 -24.21
CA PRO C 26 -4.41 -51.98 -24.24
C PRO C 26 -2.95 -51.67 -24.51
N ALA C 27 -2.68 -50.62 -25.27
CA ALA C 27 -1.31 -50.17 -25.54
C ALA C 27 -1.11 -48.81 -24.89
N TYR C 28 0.13 -48.38 -24.68
CA TYR C 28 0.38 -47.07 -24.07
C TYR C 28 1.40 -46.23 -24.82
N THR C 29 1.23 -44.90 -24.77
CA THR C 29 2.22 -44.00 -25.35
C THR C 29 2.52 -42.72 -24.56
N ASN C 30 3.48 -41.97 -25.06
CA ASN C 30 4.00 -40.69 -24.54
C ASN C 30 3.31 -39.48 -25.19
N SER C 31 2.61 -38.69 -24.40
CA SER C 31 1.86 -37.52 -24.92
C SER C 31 2.71 -36.34 -25.36
N PHE C 32 3.96 -36.33 -24.96
CA PHE C 32 4.87 -35.23 -25.23
C PHE C 32 4.26 -33.89 -24.88
N THR C 33 4.09 -33.03 -25.87
CA THR C 33 3.58 -31.69 -25.65
C THR C 33 2.24 -31.43 -26.33
N ARG C 34 1.53 -32.49 -26.67
CA ARG C 34 0.24 -32.38 -27.32
C ARG C 34 -0.81 -32.07 -26.27
N GLY C 35 -1.97 -31.56 -26.68
CA GLY C 35 -3.05 -31.36 -25.69
C GLY C 35 -3.23 -29.93 -25.21
N VAL C 36 -2.55 -29.04 -25.90
CA VAL C 36 -2.61 -27.62 -25.67
C VAL C 36 -3.62 -27.04 -26.63
N TYR C 37 -4.40 -26.12 -26.14
CA TYR C 37 -5.45 -25.48 -26.88
C TYR C 37 -5.55 -24.07 -26.45
N TYR C 38 -6.15 -23.24 -27.28
CA TYR C 38 -6.33 -21.85 -26.90
C TYR C 38 -7.43 -21.78 -25.88
N PRO C 39 -7.17 -21.40 -24.63
CA PRO C 39 -8.11 -21.40 -23.54
C PRO C 39 -9.22 -20.37 -23.65
N ASP C 40 -9.02 -19.36 -24.47
CA ASP C 40 -10.01 -18.30 -24.59
C ASP C 40 -9.96 -17.72 -25.98
N LYS C 41 -10.82 -16.76 -26.26
CA LYS C 41 -10.95 -16.10 -27.56
C LYS C 41 -10.32 -14.74 -27.53
N VAL C 42 -9.31 -14.63 -26.68
CA VAL C 42 -8.55 -13.45 -26.49
C VAL C 42 -7.23 -13.50 -27.20
N PHE C 43 -7.02 -12.49 -27.99
CA PHE C 43 -5.88 -12.28 -28.82
C PHE C 43 -4.79 -11.60 -28.05
N ARG C 44 -3.60 -12.12 -28.18
CA ARG C 44 -2.47 -11.54 -27.55
C ARG C 44 -1.38 -11.49 -28.59
N SER C 45 -0.49 -10.52 -28.56
CA SER C 45 0.51 -10.45 -29.62
C SER C 45 1.91 -10.31 -29.11
N SER C 46 2.73 -11.29 -29.47
CA SER C 46 4.12 -11.38 -29.06
C SER C 46 4.27 -11.32 -27.56
N VAL C 47 3.52 -12.15 -26.87
CA VAL C 47 3.57 -12.14 -25.43
C VAL C 47 3.71 -13.50 -24.84
N LEU C 48 4.11 -13.50 -23.61
CA LEU C 48 4.11 -14.69 -22.82
C LEU C 48 2.90 -14.54 -21.91
N HIS C 49 2.13 -15.60 -21.78
CA HIS C 49 0.95 -15.53 -20.94
C HIS C 49 0.81 -16.68 -19.98
N SER C 50 0.50 -16.39 -18.73
CA SER C 50 0.29 -17.42 -17.73
C SER C 50 -1.18 -17.70 -17.54
N THR C 51 -1.57 -18.94 -17.71
CA THR C 51 -2.97 -19.33 -17.58
C THR C 51 -3.17 -20.61 -16.80
N GLN C 52 -4.34 -20.78 -16.22
CA GLN C 52 -4.68 -22.01 -15.54
C GLN C 52 -5.96 -22.59 -16.06
N ASP C 53 -5.90 -23.84 -16.48
CA ASP C 53 -7.05 -24.54 -17.05
C ASP C 53 -6.78 -26.03 -17.08
N LEU C 54 -7.74 -26.80 -17.56
CA LEU C 54 -7.49 -28.22 -17.71
C LEU C 54 -6.69 -28.49 -18.97
N PHE C 55 -5.56 -29.12 -18.83
CA PHE C 55 -4.71 -29.41 -19.98
C PHE C 55 -4.18 -30.80 -19.93
N LEU C 56 -3.80 -31.34 -21.06
CA LEU C 56 -3.17 -32.65 -20.96
C LEU C 56 -1.81 -32.36 -20.31
N PRO C 57 -1.40 -33.02 -19.23
CA PRO C 57 -0.11 -32.82 -18.61
C PRO C 57 0.94 -33.18 -19.61
N PHE C 58 2.08 -32.54 -19.56
CA PHE C 58 3.11 -32.94 -20.50
C PHE C 58 3.71 -34.26 -20.13
N PHE C 59 4.04 -35.03 -21.16
CA PHE C 59 4.64 -36.34 -21.06
C PHE C 59 3.82 -37.33 -20.26
N SER C 60 2.51 -37.27 -20.40
CA SER C 60 1.60 -38.17 -19.74
C SER C 60 1.57 -39.52 -20.41
N ASN C 61 1.03 -40.50 -19.69
CA ASN C 61 0.85 -41.86 -20.18
C ASN C 61 -0.55 -42.00 -20.79
N VAL C 62 -0.61 -42.05 -22.10
CA VAL C 62 -1.80 -42.06 -22.94
C VAL C 62 -2.20 -43.45 -23.37
N THR C 63 -3.48 -43.79 -23.28
CA THR C 63 -3.85 -45.15 -23.67
C THR C 63 -4.12 -45.21 -25.18
N TRP C 64 -3.51 -46.17 -25.83
CA TRP C 64 -3.59 -46.41 -27.26
C TRP C 64 -4.48 -47.62 -27.61
N PHE C 65 -5.52 -47.35 -28.39
CA PHE C 65 -6.56 -48.29 -28.78
C PHE C 65 -6.57 -48.55 -30.30
N HIS C 66 -7.06 -49.74 -30.72
CA HIS C 66 -7.28 -50.12 -32.13
C HIS C 66 -8.49 -51.07 -32.19
N PHE C 79 -10.82 -53.71 -33.04
CA PHE C 79 -12.24 -53.58 -32.73
C PHE C 79 -12.54 -53.11 -31.27
N ASP C 80 -11.52 -52.60 -30.53
CA ASP C 80 -11.64 -52.17 -29.13
C ASP C 80 -12.19 -50.75 -29.04
N ASN C 81 -13.46 -50.65 -28.67
CA ASN C 81 -14.18 -49.40 -28.56
C ASN C 81 -14.97 -49.40 -27.28
N PRO C 82 -14.29 -49.37 -26.12
CA PRO C 82 -14.84 -49.50 -24.81
C PRO C 82 -15.47 -48.22 -24.37
N VAL C 83 -16.25 -48.29 -23.32
CA VAL C 83 -16.71 -47.05 -22.75
C VAL C 83 -15.65 -46.62 -21.75
N LEU C 84 -15.14 -45.42 -21.95
CA LEU C 84 -14.07 -44.84 -21.17
C LEU C 84 -14.61 -43.76 -20.27
N PRO C 85 -13.97 -43.46 -19.15
CA PRO C 85 -14.37 -42.38 -18.30
C PRO C 85 -14.09 -41.11 -19.02
N PHE C 86 -14.83 -40.07 -18.70
CA PHE C 86 -14.60 -38.74 -19.25
C PHE C 86 -13.75 -37.92 -18.29
N ASN C 87 -13.89 -38.20 -17.00
CA ASN C 87 -13.23 -37.48 -15.94
C ASN C 87 -13.51 -35.98 -16.04
N ASP C 88 -12.46 -35.16 -16.12
CA ASP C 88 -12.66 -33.72 -16.19
C ASP C 88 -12.58 -33.20 -17.59
N GLY C 89 -12.44 -34.10 -18.53
CA GLY C 89 -12.28 -33.74 -19.91
C GLY C 89 -11.34 -34.70 -20.56
N VAL C 90 -11.49 -34.79 -21.86
CA VAL C 90 -10.77 -35.75 -22.64
C VAL C 90 -9.91 -35.26 -23.76
N TYR C 91 -8.69 -35.76 -23.77
CA TYR C 91 -7.83 -35.50 -24.89
C TYR C 91 -7.95 -36.67 -25.82
N PHE C 92 -8.35 -36.41 -27.04
CA PHE C 92 -8.51 -37.48 -28.00
C PHE C 92 -7.69 -37.21 -29.21
N ALA C 93 -7.01 -38.20 -29.70
CA ALA C 93 -6.28 -37.98 -30.92
C ALA C 93 -6.26 -39.22 -31.72
N SER C 94 -6.19 -39.10 -33.01
CA SER C 94 -6.13 -40.30 -33.79
C SER C 94 -5.45 -40.18 -35.11
N THR C 95 -5.03 -41.33 -35.63
CA THR C 95 -4.35 -41.33 -36.91
C THR C 95 -5.05 -42.23 -37.90
N GLU C 96 -5.28 -41.70 -39.09
CA GLU C 96 -5.91 -42.49 -40.13
C GLU C 96 -5.60 -41.97 -41.52
N LYS C 97 -6.03 -42.72 -42.52
CA LYS C 97 -5.95 -42.26 -43.90
C LYS C 97 -7.26 -42.65 -44.54
N SER C 98 -7.99 -43.49 -43.80
CA SER C 98 -9.16 -44.19 -44.29
C SER C 98 -10.56 -43.80 -43.77
N ASN C 99 -10.72 -42.68 -43.08
CA ASN C 99 -12.07 -42.28 -42.61
C ASN C 99 -12.81 -43.36 -41.82
N ILE C 100 -12.16 -43.92 -40.82
CA ILE C 100 -12.72 -44.93 -39.96
C ILE C 100 -13.27 -44.34 -38.69
N ILE C 101 -12.56 -43.38 -38.13
CA ILE C 101 -13.06 -42.82 -36.89
C ILE C 101 -14.09 -41.80 -37.27
N ARG C 102 -15.31 -42.00 -36.81
CA ARG C 102 -16.38 -41.12 -37.20
C ARG C 102 -16.98 -40.33 -36.10
N GLY C 103 -16.91 -40.82 -34.89
CA GLY C 103 -17.64 -40.08 -33.88
C GLY C 103 -17.52 -40.56 -32.48
N TRP C 104 -18.37 -39.99 -31.64
CA TRP C 104 -18.35 -40.28 -30.23
C TRP C 104 -19.71 -40.28 -29.58
N ILE C 105 -19.82 -41.02 -28.51
CA ILE C 105 -20.98 -40.98 -27.65
C ILE C 105 -20.57 -40.42 -26.31
N PHE C 106 -21.26 -39.42 -25.82
CA PHE C 106 -20.94 -38.89 -24.51
C PHE C 106 -22.17 -38.89 -23.64
N GLY C 107 -22.02 -39.23 -22.38
CA GLY C 107 -23.16 -39.21 -21.47
C GLY C 107 -22.83 -39.86 -20.16
N THR C 108 -23.85 -40.38 -19.48
CA THR C 108 -23.68 -41.00 -18.19
C THR C 108 -24.06 -42.47 -18.25
N THR C 109 -25.33 -42.78 -18.12
CA THR C 109 -25.79 -44.16 -18.13
C THR C 109 -25.87 -44.74 -19.54
N LEU C 110 -26.07 -43.89 -20.55
CA LEU C 110 -26.07 -44.32 -21.94
C LEU C 110 -27.01 -45.48 -22.26
N ASP C 111 -28.20 -45.47 -21.68
CA ASP C 111 -29.16 -46.54 -21.86
C ASP C 111 -30.59 -46.11 -22.14
N SER C 112 -30.80 -44.85 -22.55
CA SER C 112 -32.09 -44.20 -22.84
C SER C 112 -32.73 -43.58 -21.60
N LYS C 113 -32.10 -43.79 -20.44
CA LYS C 113 -32.66 -43.26 -19.21
C LYS C 113 -32.30 -41.80 -19.00
N THR C 114 -31.19 -41.34 -19.60
CA THR C 114 -30.80 -39.96 -19.45
C THR C 114 -30.47 -39.36 -20.80
N GLN C 115 -30.46 -38.04 -20.87
CA GLN C 115 -30.13 -37.36 -22.10
C GLN C 115 -28.65 -37.56 -22.41
N SER C 116 -28.33 -37.81 -23.68
CA SER C 116 -26.95 -38.02 -24.11
C SER C 116 -26.64 -37.42 -25.47
N LEU C 117 -25.34 -37.24 -25.68
CA LEU C 117 -24.78 -36.64 -26.88
C LEU C 117 -24.16 -37.61 -27.87
N LEU C 118 -24.69 -37.59 -29.07
CA LEU C 118 -24.19 -38.43 -30.13
C LEU C 118 -23.63 -37.63 -31.28
N ILE C 119 -22.34 -37.78 -31.54
CA ILE C 119 -21.73 -37.03 -32.63
C ILE C 119 -21.26 -37.97 -33.70
N VAL C 120 -21.87 -37.92 -34.88
CA VAL C 120 -21.47 -38.85 -35.93
C VAL C 120 -21.21 -38.30 -37.32
N ASN C 121 -20.07 -38.68 -37.88
CA ASN C 121 -19.75 -38.40 -39.26
C ASN C 121 -20.29 -39.55 -40.12
N ASN C 122 -21.34 -39.26 -40.88
CA ASN C 122 -22.04 -40.23 -41.71
C ASN C 122 -21.74 -40.08 -43.19
N ALA C 123 -20.63 -39.42 -43.51
CA ALA C 123 -20.15 -39.17 -44.89
C ALA C 123 -20.99 -38.16 -45.64
N THR C 124 -22.31 -38.33 -45.67
CA THR C 124 -23.12 -37.32 -46.29
C THR C 124 -22.96 -36.03 -45.53
N ASN C 125 -23.01 -36.12 -44.22
CA ASN C 125 -22.87 -34.96 -43.37
C ASN C 125 -22.39 -35.37 -41.98
N VAL C 126 -22.21 -34.39 -41.11
CA VAL C 126 -21.83 -34.67 -39.74
C VAL C 126 -22.91 -34.11 -38.86
N VAL C 127 -23.47 -34.97 -38.02
CA VAL C 127 -24.54 -34.49 -37.20
C VAL C 127 -24.32 -34.68 -35.73
N ILE C 128 -24.58 -33.61 -35.01
CA ILE C 128 -24.51 -33.62 -33.57
C ILE C 128 -25.93 -33.73 -33.07
N LYS C 129 -26.21 -34.78 -32.32
CA LYS C 129 -27.56 -34.96 -31.84
C LYS C 129 -27.61 -35.09 -30.34
N VAL C 130 -28.62 -34.50 -29.73
CA VAL C 130 -28.83 -34.72 -28.32
C VAL C 130 -30.25 -35.27 -28.12
N CYS C 131 -30.33 -36.45 -27.47
CA CYS C 131 -31.57 -37.18 -27.26
C CYS C 131 -31.43 -38.13 -26.09
N GLU C 132 -32.54 -38.65 -25.59
CA GLU C 132 -32.42 -39.69 -24.57
C GLU C 132 -32.26 -41.03 -25.32
N PHE C 133 -31.11 -41.16 -25.96
CA PHE C 133 -30.82 -42.27 -26.83
C PHE C 133 -30.56 -43.55 -26.13
N GLN C 134 -31.04 -44.60 -26.72
CA GLN C 134 -30.72 -45.94 -26.33
C GLN C 134 -29.46 -46.21 -27.08
N PHE C 135 -28.49 -46.90 -26.53
CA PHE C 135 -27.32 -47.20 -27.34
C PHE C 135 -27.06 -48.66 -27.43
N CYS C 136 -26.40 -49.08 -28.49
CA CYS C 136 -25.97 -50.46 -28.59
C CYS C 136 -24.82 -50.62 -27.63
N ASN C 137 -24.59 -51.84 -27.15
CA ASN C 137 -23.45 -52.10 -26.28
C ASN C 137 -22.17 -52.26 -27.08
N ASP C 138 -22.34 -52.27 -28.38
CA ASP C 138 -21.29 -52.39 -29.36
C ASP C 138 -21.75 -51.61 -30.59
N PRO C 139 -21.80 -50.29 -30.51
CA PRO C 139 -22.27 -49.42 -31.55
C PRO C 139 -21.27 -49.42 -32.67
N PHE C 140 -21.73 -49.34 -33.89
CA PHE C 140 -20.81 -49.23 -35.01
C PHE C 140 -21.46 -48.67 -36.26
N LEU C 141 -20.59 -48.29 -37.18
CA LEU C 141 -20.86 -47.83 -38.52
C LEU C 141 -20.18 -48.79 -39.49
N GLY C 142 -20.51 -48.79 -40.78
CA GLY C 142 -19.71 -49.63 -41.69
C GLY C 142 -19.57 -48.97 -43.07
N VAL C 143 -18.38 -49.15 -43.69
CA VAL C 143 -18.01 -48.57 -45.00
C VAL C 143 -18.74 -49.31 -46.12
N GLU C 154 -22.67 -45.16 -47.96
CA GLU C 154 -22.12 -45.97 -46.88
C GLU C 154 -22.95 -47.26 -46.84
N SER C 155 -22.29 -48.41 -46.55
CA SER C 155 -22.93 -49.73 -46.45
C SER C 155 -23.87 -49.88 -45.26
N GLU C 156 -23.50 -49.32 -44.10
CA GLU C 156 -24.38 -49.48 -42.96
C GLU C 156 -24.20 -48.45 -41.85
N PHE C 157 -25.25 -48.35 -41.04
CA PHE C 157 -25.27 -47.54 -39.83
C PHE C 157 -25.99 -48.33 -38.77
N ARG C 158 -25.45 -48.41 -37.58
CA ARG C 158 -26.20 -49.00 -36.51
C ARG C 158 -26.24 -48.05 -35.33
N VAL C 159 -25.16 -48.04 -34.56
CA VAL C 159 -24.95 -47.21 -33.34
C VAL C 159 -25.97 -47.41 -32.18
N TYR C 160 -27.24 -47.21 -32.46
CA TYR C 160 -28.31 -47.33 -31.50
C TYR C 160 -29.49 -48.07 -32.10
N SER C 161 -30.28 -48.73 -31.26
CA SER C 161 -31.49 -49.36 -31.76
C SER C 161 -32.62 -48.36 -31.73
N SER C 162 -32.60 -47.42 -30.76
CA SER C 162 -33.71 -46.50 -30.74
C SER C 162 -33.50 -45.05 -30.29
N ALA C 163 -34.41 -44.23 -30.83
CA ALA C 163 -34.59 -42.83 -30.52
C ALA C 163 -35.59 -42.70 -29.38
N ASN C 164 -35.65 -41.53 -28.81
CA ASN C 164 -36.47 -41.18 -27.66
C ASN C 164 -36.83 -39.73 -27.77
N ASN C 165 -37.53 -39.20 -26.81
CA ASN C 165 -37.77 -37.77 -26.91
C ASN C 165 -36.38 -37.14 -27.12
N CYS C 166 -36.21 -36.34 -28.20
CA CYS C 166 -34.97 -35.69 -28.60
C CYS C 166 -35.12 -34.21 -28.47
N THR C 167 -34.02 -33.50 -28.21
CA THR C 167 -34.17 -32.07 -28.02
C THR C 167 -33.59 -31.23 -29.13
N PHE C 168 -32.52 -31.68 -29.77
CA PHE C 168 -31.96 -30.89 -30.87
C PHE C 168 -30.91 -31.58 -31.67
N GLU C 169 -30.68 -31.04 -32.86
CA GLU C 169 -29.60 -31.49 -33.70
C GLU C 169 -28.92 -30.30 -34.33
N TYR C 170 -27.65 -30.46 -34.63
CA TYR C 170 -26.91 -29.46 -35.37
C TYR C 170 -26.38 -30.19 -36.58
N VAL C 171 -26.68 -29.70 -37.75
CA VAL C 171 -26.31 -30.45 -38.94
C VAL C 171 -25.37 -29.69 -39.86
N SER C 172 -24.25 -30.31 -40.18
CA SER C 172 -23.31 -29.71 -41.10
C SER C 172 -23.82 -29.92 -42.52
N GLN C 173 -23.23 -29.24 -43.47
CA GLN C 173 -23.70 -29.35 -44.84
C GLN C 173 -23.40 -30.72 -45.45
N PRO C 174 -24.14 -31.13 -46.48
CA PRO C 174 -23.95 -32.34 -47.28
C PRO C 174 -22.57 -32.38 -47.97
N PHE C 175 -22.05 -33.60 -48.17
CA PHE C 175 -20.78 -33.98 -48.81
C PHE C 175 -20.67 -35.51 -48.77
N ASN C 185 1.65 -46.03 -43.43
CA ASN C 185 1.63 -44.77 -42.72
C ASN C 185 0.24 -44.13 -42.79
N PHE C 186 -0.12 -43.38 -41.73
CA PHE C 186 -1.36 -42.61 -41.62
C PHE C 186 -1.06 -41.25 -42.20
N LYS C 187 -2.07 -40.59 -42.76
CA LYS C 187 -1.89 -39.32 -43.44
C LYS C 187 -2.47 -38.12 -42.69
N ASN C 188 -3.44 -38.38 -41.82
CA ASN C 188 -4.13 -37.31 -41.12
C ASN C 188 -4.21 -37.52 -39.62
N LEU C 189 -3.64 -36.59 -38.86
CA LEU C 189 -3.71 -36.62 -37.41
C LEU C 189 -4.75 -35.66 -36.95
N ARG C 190 -5.70 -36.17 -36.22
CA ARG C 190 -6.70 -35.28 -35.73
C ARG C 190 -6.63 -35.24 -34.25
N GLU C 191 -6.75 -34.05 -33.71
CA GLU C 191 -6.73 -33.91 -32.28
C GLU C 191 -7.95 -33.15 -31.84
N PHE C 192 -8.52 -33.61 -30.73
CA PHE C 192 -9.67 -32.97 -30.14
C PHE C 192 -9.57 -32.86 -28.63
N VAL C 193 -10.13 -31.80 -28.10
CA VAL C 193 -10.26 -31.68 -26.66
C VAL C 193 -11.69 -31.47 -26.29
N PHE C 194 -12.19 -32.32 -25.41
CA PHE C 194 -13.56 -32.26 -24.99
C PHE C 194 -13.70 -31.91 -23.53
N LYS C 195 -14.34 -30.80 -23.21
CA LYS C 195 -14.53 -30.50 -21.79
C LYS C 195 -15.95 -30.00 -21.60
N ASN C 196 -16.55 -30.31 -20.46
CA ASN C 196 -17.95 -29.92 -20.25
C ASN C 196 -18.08 -28.95 -19.09
N ILE C 197 -18.23 -27.67 -19.40
CA ILE C 197 -18.24 -26.65 -18.37
C ILE C 197 -19.49 -25.84 -18.31
N ASP C 198 -20.13 -25.86 -17.17
CA ASP C 198 -21.33 -25.10 -16.92
C ASP C 198 -22.40 -25.34 -17.97
N GLY C 199 -22.53 -26.59 -18.39
CA GLY C 199 -23.53 -26.97 -19.36
C GLY C 199 -23.04 -26.92 -20.79
N TYR C 200 -21.88 -26.35 -21.04
CA TYR C 200 -21.41 -26.29 -22.41
C TYR C 200 -20.41 -27.35 -22.77
N PHE C 201 -20.67 -28.03 -23.86
CA PHE C 201 -19.74 -29.03 -24.28
C PHE C 201 -18.84 -28.35 -25.29
N LYS C 202 -17.63 -28.09 -24.84
CA LYS C 202 -16.66 -27.34 -25.59
C LYS C 202 -15.73 -28.26 -26.32
N ILE C 203 -15.68 -28.11 -27.62
CA ILE C 203 -14.84 -28.96 -28.41
C ILE C 203 -13.81 -28.12 -29.11
N TYR C 204 -12.55 -28.50 -28.95
CA TYR C 204 -11.44 -27.84 -29.62
C TYR C 204 -10.88 -28.83 -30.57
N SER C 205 -10.30 -28.37 -31.67
CA SER C 205 -9.71 -29.31 -32.59
C SER C 205 -8.60 -28.76 -33.47
N LYS C 206 -7.83 -29.68 -34.02
CA LYS C 206 -6.79 -29.34 -34.97
C LYS C 206 -6.57 -30.47 -35.97
N HIS C 207 -6.28 -30.09 -37.21
CA HIS C 207 -5.93 -31.04 -38.24
C HIS C 207 -4.46 -30.88 -38.63
N THR C 208 -3.68 -31.92 -38.35
CA THR C 208 -2.24 -31.93 -38.60
C THR C 208 -1.88 -32.96 -39.68
N PRO C 209 -1.17 -32.60 -40.76
CA PRO C 209 -0.77 -33.54 -41.78
C PRO C 209 0.31 -34.43 -41.22
N ILE C 210 0.21 -35.72 -41.47
CA ILE C 210 1.21 -36.66 -41.01
C ILE C 210 1.61 -37.64 -42.10
N ASN C 211 2.70 -38.35 -41.86
CA ASN C 211 3.09 -39.45 -42.71
C ASN C 211 3.83 -40.42 -41.79
N LEU C 212 3.06 -41.11 -40.96
CA LEU C 212 3.60 -41.98 -39.91
C LEU C 212 2.69 -43.11 -39.52
N VAL C 213 3.20 -44.32 -39.50
CA VAL C 213 2.41 -45.48 -39.10
C VAL C 213 2.39 -45.82 -37.60
N ARG C 214 3.50 -45.65 -36.90
CA ARG C 214 3.63 -46.20 -35.56
C ARG C 214 3.16 -45.44 -34.31
N ASP C 215 3.20 -44.11 -34.26
CA ASP C 215 2.89 -43.48 -32.97
C ASP C 215 2.46 -42.02 -33.12
N LEU C 216 2.15 -41.36 -32.01
CA LEU C 216 1.84 -39.94 -32.07
C LEU C 216 3.10 -39.19 -32.43
N PRO C 217 3.09 -38.31 -33.44
CA PRO C 217 4.21 -37.50 -33.81
C PRO C 217 4.54 -36.55 -32.69
N GLN C 218 5.79 -36.19 -32.58
CA GLN C 218 6.19 -35.19 -31.62
C GLN C 218 6.03 -33.85 -32.29
N GLY C 219 5.77 -32.82 -31.51
CA GLY C 219 5.68 -31.49 -32.07
C GLY C 219 4.71 -30.68 -31.27
N PHE C 220 4.52 -29.43 -31.65
CA PHE C 220 3.63 -28.58 -30.91
C PHE C 220 2.66 -27.86 -31.81
N SER C 221 1.39 -27.87 -31.43
CA SER C 221 0.34 -27.15 -32.10
C SER C 221 -0.78 -26.95 -31.12
N ALA C 222 -1.42 -25.79 -31.11
CA ALA C 222 -2.54 -25.60 -30.21
C ALA C 222 -3.85 -25.72 -30.96
N LEU C 223 -4.81 -26.37 -30.33
CA LEU C 223 -6.14 -26.59 -30.88
C LEU C 223 -7.06 -25.40 -30.73
N GLU C 224 -7.88 -25.15 -31.75
CA GLU C 224 -8.77 -24.00 -31.70
C GLU C 224 -10.19 -24.47 -31.44
N PRO C 225 -11.07 -23.67 -30.84
CA PRO C 225 -12.44 -24.04 -30.63
C PRO C 225 -13.05 -24.39 -31.95
N LEU C 226 -13.80 -25.45 -31.96
CA LEU C 226 -14.50 -25.93 -33.11
C LEU C 226 -15.96 -25.59 -32.98
N VAL C 227 -16.48 -25.88 -31.81
CA VAL C 227 -17.89 -25.67 -31.50
C VAL C 227 -18.08 -25.56 -30.01
N ASP C 228 -19.10 -24.84 -29.58
CA ASP C 228 -19.40 -24.73 -28.17
C ASP C 228 -20.92 -24.93 -28.01
N LEU C 229 -21.30 -26.12 -27.54
CA LEU C 229 -22.68 -26.57 -27.51
C LEU C 229 -23.43 -26.36 -26.18
N PRO C 230 -24.54 -25.60 -26.16
CA PRO C 230 -25.36 -25.28 -24.98
C PRO C 230 -26.28 -26.42 -24.61
N ILE C 231 -25.72 -27.52 -24.17
CA ILE C 231 -26.52 -28.70 -23.94
C ILE C 231 -27.12 -28.83 -22.54
N GLY C 232 -26.34 -28.60 -21.49
CA GLY C 232 -26.89 -28.75 -20.15
C GLY C 232 -26.97 -30.17 -19.58
N ILE C 233 -26.10 -31.10 -20.00
CA ILE C 233 -26.18 -32.46 -19.45
C ILE C 233 -24.88 -32.85 -18.82
N ASN C 234 -24.94 -33.88 -17.98
CA ASN C 234 -23.76 -34.40 -17.35
C ASN C 234 -23.16 -35.47 -18.25
N ILE C 235 -21.84 -35.51 -18.29
CA ILE C 235 -21.08 -36.52 -19.02
C ILE C 235 -20.07 -37.12 -18.07
N THR C 236 -20.07 -38.43 -17.91
CA THR C 236 -19.11 -39.09 -17.06
C THR C 236 -18.33 -40.13 -17.82
N ARG C 237 -18.88 -40.59 -18.94
CA ARG C 237 -18.29 -41.64 -19.75
C ARG C 237 -18.45 -41.33 -21.23
N PHE C 238 -17.61 -41.92 -22.06
CA PHE C 238 -17.79 -41.74 -23.47
C PHE C 238 -17.30 -42.93 -24.27
N GLN C 239 -17.72 -43.03 -25.52
CA GLN C 239 -17.29 -44.13 -26.35
C GLN C 239 -16.95 -43.70 -27.75
N THR C 240 -15.91 -44.28 -28.33
CA THR C 240 -15.51 -43.94 -29.70
C THR C 240 -16.24 -44.78 -30.73
N LEU C 241 -16.71 -44.14 -31.78
CA LEU C 241 -17.40 -44.80 -32.88
C LEU C 241 -16.56 -44.95 -34.12
N LEU C 242 -16.34 -46.20 -34.49
CA LEU C 242 -15.56 -46.56 -35.66
C LEU C 242 -16.41 -47.24 -36.71
N ALA C 243 -16.02 -47.07 -37.97
CA ALA C 243 -16.62 -47.83 -39.04
C ALA C 243 -15.92 -49.17 -39.23
N LEU C 244 -16.68 -50.20 -39.57
CA LEU C 244 -16.13 -51.50 -39.91
C LEU C 244 -15.81 -51.39 -41.36
N HIS C 245 -14.75 -52.04 -41.84
CA HIS C 245 -14.60 -51.91 -43.28
C HIS C 245 -15.53 -52.88 -43.98
N ARG C 246 -16.26 -52.35 -44.94
CA ARG C 246 -17.25 -53.00 -45.77
C ARG C 246 -17.17 -52.32 -47.14
N SER C 247 -17.62 -52.99 -48.22
CA SER C 247 -17.64 -52.45 -49.60
C SER C 247 -18.39 -51.11 -49.69
N ALA C 264 -7.16 -47.02 -34.52
CA ALA C 264 -5.89 -46.42 -34.18
C ALA C 264 -6.12 -45.00 -33.61
N TYR C 265 -6.42 -44.93 -32.28
CA TYR C 265 -6.70 -43.70 -31.55
C TYR C 265 -6.14 -43.72 -30.14
N TYR C 266 -5.96 -42.54 -29.58
CA TYR C 266 -5.38 -42.37 -28.29
C TYR C 266 -6.26 -41.57 -27.37
N VAL C 267 -6.30 -41.95 -26.10
CA VAL C 267 -7.06 -41.18 -25.12
C VAL C 267 -6.26 -40.81 -23.89
N GLY C 268 -6.28 -39.52 -23.58
CA GLY C 268 -5.62 -39.02 -22.40
C GLY C 268 -6.64 -38.24 -21.60
N TYR C 269 -6.25 -37.73 -20.45
CA TYR C 269 -7.20 -36.96 -19.66
C TYR C 269 -6.62 -35.66 -19.25
N LEU C 270 -7.48 -34.69 -19.11
CA LEU C 270 -7.01 -33.38 -18.75
C LEU C 270 -6.94 -33.25 -17.25
N GLN C 271 -6.01 -32.46 -16.77
CA GLN C 271 -5.90 -32.17 -15.36
C GLN C 271 -5.71 -30.70 -15.18
N PRO C 272 -6.11 -30.10 -14.07
CA PRO C 272 -5.85 -28.70 -13.86
C PRO C 272 -4.37 -28.48 -13.76
N ARG C 273 -3.89 -27.54 -14.55
CA ARG C 273 -2.50 -27.18 -14.63
C ARG C 273 -2.29 -25.73 -14.95
N THR C 274 -1.13 -25.26 -14.59
CA THR C 274 -0.75 -23.92 -14.94
C THR C 274 0.28 -24.04 -16.02
N PHE C 275 0.10 -23.24 -17.04
CA PHE C 275 0.99 -23.16 -18.18
C PHE C 275 1.40 -21.78 -18.58
N LEU C 276 2.59 -21.68 -19.13
CA LEU C 276 2.87 -20.44 -19.81
C LEU C 276 2.65 -20.77 -21.25
N LEU C 277 2.05 -19.88 -21.96
CA LEU C 277 1.87 -20.06 -23.37
C LEU C 277 2.65 -19.00 -24.08
N LYS C 278 3.32 -19.38 -25.14
CA LYS C 278 4.05 -18.41 -25.91
C LYS C 278 3.26 -18.04 -27.13
N TYR C 279 2.82 -16.78 -27.20
CA TYR C 279 2.05 -16.30 -28.33
C TYR C 279 2.91 -15.50 -29.28
N ASN C 280 2.81 -15.77 -30.57
CA ASN C 280 3.59 -15.01 -31.51
C ASN C 280 2.85 -13.73 -31.86
N GLU C 281 3.37 -13.00 -32.83
CA GLU C 281 2.82 -11.71 -33.17
C GLU C 281 1.43 -11.78 -33.79
N ASN C 282 1.03 -12.95 -34.27
CA ASN C 282 -0.24 -13.13 -34.92
C ASN C 282 -1.26 -13.74 -33.98
N GLY C 283 -0.91 -13.91 -32.71
CA GLY C 283 -1.81 -14.50 -31.75
C GLY C 283 -1.83 -16.02 -31.79
N THR C 284 -0.79 -16.63 -32.33
CA THR C 284 -0.74 -18.06 -32.43
C THR C 284 0.11 -18.62 -31.32
N ILE C 285 -0.35 -19.67 -30.68
CA ILE C 285 0.48 -20.25 -29.64
C ILE C 285 1.53 -21.06 -30.35
N THR C 286 2.79 -20.77 -30.07
CA THR C 286 3.86 -21.48 -30.74
C THR C 286 4.58 -22.39 -29.81
N ASP C 287 4.45 -22.14 -28.52
CA ASP C 287 5.07 -23.04 -27.54
C ASP C 287 4.28 -23.04 -26.24
N ALA C 288 4.69 -23.86 -25.29
CA ALA C 288 4.05 -23.92 -23.99
C ALA C 288 4.92 -24.61 -22.95
N VAL C 289 4.75 -24.25 -21.69
CA VAL C 289 5.41 -24.98 -20.61
C VAL C 289 4.51 -25.40 -19.49
N ASP C 290 4.59 -26.68 -19.16
CA ASP C 290 3.82 -27.27 -18.06
C ASP C 290 4.57 -26.99 -16.77
N CYS C 291 4.02 -26.11 -15.91
CA CYS C 291 4.66 -25.59 -14.71
C CYS C 291 4.86 -26.67 -13.65
N ALA C 292 4.21 -27.82 -13.82
CA ALA C 292 4.34 -28.87 -12.83
C ALA C 292 5.18 -30.03 -13.34
N LEU C 293 5.78 -29.91 -14.52
CA LEU C 293 6.53 -31.05 -15.05
C LEU C 293 7.84 -31.36 -14.33
N ASP C 294 8.67 -30.36 -14.09
CA ASP C 294 9.96 -30.52 -13.44
C ASP C 294 10.40 -29.16 -12.87
N PRO C 295 11.53 -29.06 -12.11
CA PRO C 295 12.04 -27.82 -11.56
C PRO C 295 12.49 -26.80 -12.59
N LEU C 296 12.83 -27.21 -13.79
CA LEU C 296 13.23 -26.19 -14.73
C LEU C 296 12.00 -25.45 -15.17
N SER C 297 10.92 -26.19 -15.39
CA SER C 297 9.68 -25.59 -15.83
C SER C 297 9.14 -24.73 -14.72
N GLU C 298 9.30 -25.17 -13.47
CA GLU C 298 8.81 -24.36 -12.37
C GLU C 298 9.54 -23.02 -12.38
N THR C 299 10.84 -23.04 -12.67
CA THR C 299 11.62 -21.83 -12.75
C THR C 299 11.13 -20.95 -13.88
N LYS C 300 10.88 -21.53 -15.04
CA LYS C 300 10.38 -20.74 -16.17
C LYS C 300 9.06 -20.03 -15.87
N CYS C 301 8.11 -20.73 -15.20
CA CYS C 301 6.80 -20.21 -14.83
C CYS C 301 6.92 -19.12 -13.79
N THR C 302 7.85 -19.29 -12.87
CA THR C 302 8.09 -18.31 -11.84
C THR C 302 8.60 -17.03 -12.44
N LEU C 303 9.52 -17.16 -13.39
CA LEU C 303 10.13 -16.02 -14.03
C LEU C 303 9.38 -15.49 -15.22
N LYS C 304 8.35 -16.19 -15.67
CA LYS C 304 7.58 -15.77 -16.82
C LYS C 304 8.47 -15.65 -18.04
N SER C 305 9.27 -16.68 -18.26
CA SER C 305 10.16 -16.71 -19.41
C SER C 305 10.45 -18.10 -19.92
N PHE C 306 10.64 -18.23 -21.23
CA PHE C 306 11.01 -19.54 -21.78
C PHE C 306 12.53 -19.69 -21.83
N THR C 307 13.22 -18.64 -21.42
CA THR C 307 14.67 -18.58 -21.33
C THR C 307 15.06 -18.20 -19.92
N VAL C 308 15.93 -18.98 -19.32
CA VAL C 308 16.33 -18.70 -17.95
C VAL C 308 17.80 -18.43 -17.86
N GLU C 309 18.11 -17.33 -17.21
CA GLU C 309 19.48 -16.89 -17.02
C GLU C 309 20.15 -17.68 -15.92
N LYS C 310 21.45 -17.72 -15.94
CA LYS C 310 22.18 -18.42 -14.91
C LYS C 310 21.90 -17.81 -13.54
N GLY C 311 21.66 -18.66 -12.54
CA GLY C 311 21.40 -18.16 -11.20
C GLY C 311 20.53 -19.09 -10.36
N ILE C 312 20.08 -18.59 -9.21
CA ILE C 312 19.25 -19.38 -8.31
C ILE C 312 17.93 -18.69 -8.12
N TYR C 313 16.83 -19.41 -8.31
CA TYR C 313 15.55 -18.79 -8.14
C TYR C 313 14.68 -19.54 -7.17
N GLN C 314 13.93 -18.84 -6.31
CA GLN C 314 13.02 -19.58 -5.45
C GLN C 314 11.78 -19.85 -6.24
N THR C 315 11.36 -21.10 -6.31
CA THR C 315 10.20 -21.41 -7.13
C THR C 315 9.02 -21.98 -6.38
N SER C 316 9.27 -22.59 -5.25
CA SER C 316 8.19 -23.23 -4.51
C SER C 316 8.63 -23.43 -3.10
N ASN C 317 7.70 -23.79 -2.20
CA ASN C 317 8.13 -24.17 -0.87
C ASN C 317 7.91 -25.64 -0.64
N PHE C 318 8.76 -26.23 0.17
CA PHE C 318 8.65 -27.61 0.56
C PHE C 318 7.93 -27.67 1.84
N ARG C 319 6.96 -28.55 1.97
CA ARG C 319 6.28 -28.62 3.25
C ARG C 319 6.03 -30.04 3.66
N VAL C 320 6.45 -30.38 4.86
CA VAL C 320 6.24 -31.71 5.38
C VAL C 320 4.81 -31.85 5.84
N GLN C 321 4.18 -32.92 5.42
CA GLN C 321 2.80 -33.14 5.79
C GLN C 321 2.74 -34.14 6.91
N PRO C 322 1.71 -34.10 7.77
CA PRO C 322 1.49 -35.07 8.80
C PRO C 322 1.17 -36.39 8.17
N THR C 323 1.64 -37.45 8.76
CA THR C 323 1.36 -38.79 8.28
C THR C 323 0.43 -39.53 9.21
N GLU C 324 0.34 -39.09 10.45
CA GLU C 324 -0.50 -39.77 11.44
C GLU C 324 -1.32 -38.77 12.25
N SER C 325 -2.14 -39.29 13.15
CA SER C 325 -2.97 -38.48 14.04
C SER C 325 -2.98 -39.06 15.45
N ILE C 326 -2.68 -38.22 16.42
CA ILE C 326 -2.59 -38.65 17.81
C ILE C 326 -3.58 -37.96 18.71
N VAL C 327 -4.36 -38.75 19.43
CA VAL C 327 -5.32 -38.19 20.35
C VAL C 327 -5.19 -38.80 21.74
N ARG C 328 -4.84 -37.98 22.74
CA ARG C 328 -4.66 -38.55 24.06
C ARG C 328 -5.24 -37.73 25.20
N PHE C 329 -5.90 -38.47 26.07
CA PHE C 329 -6.52 -37.98 27.30
C PHE C 329 -6.20 -38.99 28.40
N PRO C 330 -6.25 -38.63 29.68
CA PRO C 330 -5.98 -39.52 30.81
C PRO C 330 -6.99 -40.66 30.82
N ASN C 331 -6.56 -41.84 31.35
CA ASN C 331 -7.33 -43.08 31.53
C ASN C 331 -8.77 -42.82 31.97
N THR C 531 -5.77 -42.80 21.00
CA THR C 531 -4.79 -43.44 20.15
C THR C 531 -3.54 -43.73 21.01
N ASN C 532 -2.53 -44.36 20.36
CA ASN C 532 -1.21 -44.65 20.92
C ASN C 532 -0.36 -43.40 20.73
N LEU C 533 0.88 -43.48 21.19
CA LEU C 533 1.81 -42.37 21.08
C LEU C 533 2.72 -42.48 19.88
N VAL C 534 2.66 -41.47 19.05
CA VAL C 534 3.40 -41.32 17.82
C VAL C 534 4.67 -40.56 18.07
N LYS C 535 5.80 -41.13 17.67
CA LYS C 535 7.07 -40.44 17.84
C LYS C 535 7.87 -40.36 16.57
N ASN C 536 8.62 -39.27 16.49
CA ASN C 536 9.56 -38.96 15.42
C ASN C 536 8.95 -38.95 14.02
N LYS C 537 7.71 -38.48 13.94
CA LYS C 537 6.95 -38.35 12.71
C LYS C 537 6.20 -37.04 12.80
N CYS C 538 5.76 -36.47 11.66
CA CYS C 538 4.90 -35.30 11.65
C CYS C 538 3.46 -35.81 11.89
N VAL C 539 2.88 -35.34 12.98
CA VAL C 539 1.60 -35.83 13.40
C VAL C 539 0.66 -34.69 13.69
N ASN C 540 -0.61 -34.91 13.38
CA ASN C 540 -1.65 -33.98 13.73
C ASN C 540 -2.10 -34.36 15.13
N PHE C 541 -1.77 -33.55 16.13
CA PHE C 541 -2.02 -33.94 17.51
C PHE C 541 -3.11 -33.22 18.26
N ASN C 542 -3.61 -33.93 19.27
CA ASN C 542 -4.57 -33.45 20.25
C ASN C 542 -4.27 -34.00 21.67
N PHE C 543 -3.67 -33.16 22.51
CA PHE C 543 -3.31 -33.52 23.89
C PHE C 543 -4.14 -32.74 24.88
N ASN C 544 -5.07 -33.40 25.54
CA ASN C 544 -5.98 -32.66 26.41
C ASN C 544 -6.64 -31.52 25.60
N GLY C 545 -6.39 -30.27 25.98
CA GLY C 545 -7.00 -29.14 25.29
C GLY C 545 -6.14 -28.52 24.18
N LEU C 546 -4.98 -29.10 23.91
CA LEU C 546 -4.05 -28.58 22.93
C LEU C 546 -4.07 -29.27 21.59
N THR C 547 -4.19 -28.51 20.52
CA THR C 547 -4.12 -29.11 19.21
C THR C 547 -3.08 -28.42 18.35
N GLY C 548 -2.57 -29.13 17.37
CA GLY C 548 -1.61 -28.56 16.43
C GLY C 548 -0.90 -29.65 15.65
N THR C 549 0.05 -29.26 14.81
CA THR C 549 0.78 -30.23 14.01
C THR C 549 2.25 -30.06 14.26
N GLY C 550 2.95 -31.17 14.46
CA GLY C 550 4.38 -31.11 14.73
C GLY C 550 4.96 -32.49 14.94
N VAL C 551 6.21 -32.52 15.32
CA VAL C 551 6.91 -33.76 15.54
C VAL C 551 7.16 -33.92 17.01
N LEU C 552 6.73 -35.05 17.55
CA LEU C 552 6.85 -35.32 18.97
C LEU C 552 8.07 -36.15 19.29
N THR C 553 8.88 -35.65 20.22
CA THR C 553 10.09 -36.35 20.66
C THR C 553 10.19 -36.30 22.17
N GLU C 554 11.06 -37.10 22.76
CA GLU C 554 11.25 -37.03 24.22
C GLU C 554 11.87 -35.70 24.60
N SER C 555 11.37 -35.10 25.70
CA SER C 555 11.88 -33.84 26.21
C SER C 555 12.82 -33.99 27.37
N ASN C 556 13.73 -33.04 27.51
CA ASN C 556 14.62 -33.00 28.66
C ASN C 556 14.16 -31.97 29.68
N LYS C 557 12.97 -31.42 29.46
CA LYS C 557 12.38 -30.42 30.34
C LYS C 557 11.64 -31.11 31.45
N LYS C 558 11.56 -30.45 32.58
CA LYS C 558 10.84 -31.03 33.69
C LYS C 558 9.78 -30.06 34.14
N PHE C 559 8.54 -30.48 34.05
CA PHE C 559 7.41 -29.64 34.41
C PHE C 559 7.11 -29.75 35.87
N LEU C 560 6.49 -28.73 36.42
CA LEU C 560 6.05 -28.80 37.78
C LEU C 560 4.87 -29.74 37.76
N PRO C 561 4.47 -30.36 38.88
CA PRO C 561 3.41 -31.34 38.99
C PRO C 561 2.05 -30.93 38.45
N PHE C 562 1.79 -29.64 38.32
CA PHE C 562 0.50 -29.20 37.83
C PHE C 562 0.51 -28.65 36.39
N GLN C 563 1.69 -28.38 35.82
CA GLN C 563 1.74 -27.75 34.51
C GLN C 563 1.41 -28.76 33.45
N GLN C 564 0.68 -28.36 32.42
CA GLN C 564 0.30 -29.30 31.36
C GLN C 564 1.03 -29.08 30.05
N PHE C 565 1.40 -27.84 29.78
CA PHE C 565 2.00 -27.53 28.50
C PHE C 565 3.21 -26.67 28.69
N GLY C 566 4.13 -26.69 27.75
CA GLY C 566 5.24 -25.76 27.80
C GLY C 566 4.99 -24.57 26.89
N ARG C 567 5.62 -23.45 27.19
CA ARG C 567 5.55 -22.29 26.33
C ARG C 567 6.89 -21.63 26.17
N ASP C 568 7.16 -21.23 24.95
CA ASP C 568 8.40 -20.52 24.64
C ASP C 568 8.19 -19.01 24.80
N ILE C 569 9.23 -18.26 24.56
CA ILE C 569 9.22 -16.81 24.67
C ILE C 569 8.26 -16.17 23.67
N ALA C 570 8.04 -16.87 22.58
CA ALA C 570 7.19 -16.47 21.47
C ALA C 570 5.73 -16.86 21.68
N ASP C 571 5.42 -17.48 22.83
CA ASP C 571 4.11 -18.00 23.19
C ASP C 571 3.67 -19.18 22.37
N THR C 572 4.60 -19.81 21.68
CA THR C 572 4.30 -21.00 20.96
C THR C 572 4.25 -22.14 21.96
N THR C 573 3.66 -23.25 21.57
CA THR C 573 3.62 -24.40 22.48
C THR C 573 4.68 -25.34 22.03
N ASP C 574 5.58 -25.68 22.94
CA ASP C 574 6.68 -26.53 22.54
C ASP C 574 6.84 -27.80 23.35
N ALA C 575 5.89 -28.10 24.21
CA ALA C 575 5.96 -29.32 24.99
C ALA C 575 4.61 -29.66 25.59
N VAL C 576 4.41 -30.94 25.85
CA VAL C 576 3.22 -31.43 26.55
C VAL C 576 3.53 -32.48 27.60
N ARG C 577 2.64 -32.62 28.56
CA ARG C 577 2.71 -33.79 29.40
C ARG C 577 1.87 -34.86 28.79
N ASP C 578 2.43 -36.05 28.65
CA ASP C 578 1.64 -37.14 28.15
C ASP C 578 0.60 -37.42 29.24
N PRO C 579 -0.70 -37.29 28.96
CA PRO C 579 -1.79 -37.41 29.90
C PRO C 579 -1.97 -38.80 30.47
N GLN C 580 -1.35 -39.81 29.88
CA GLN C 580 -1.52 -41.15 30.43
C GLN C 580 -0.21 -41.58 31.06
N THR C 581 0.53 -42.51 30.44
CA THR C 581 1.82 -42.82 30.98
C THR C 581 2.55 -41.52 30.87
N LEU C 582 3.17 -41.06 31.94
CA LEU C 582 3.76 -39.75 31.84
C LEU C 582 5.24 -39.63 31.58
N GLU C 583 5.51 -38.83 30.57
CA GLU C 583 6.81 -38.38 30.17
C GLU C 583 6.55 -37.02 29.56
N ILE C 584 7.58 -36.19 29.48
CA ILE C 584 7.42 -34.89 28.88
C ILE C 584 7.86 -35.01 27.44
N LEU C 585 7.03 -34.52 26.55
CA LEU C 585 7.35 -34.56 25.13
C LEU C 585 7.57 -33.16 24.60
N ASP C 586 8.49 -33.03 23.65
CA ASP C 586 8.75 -31.77 22.95
C ASP C 586 8.01 -31.73 21.65
N ILE C 587 7.68 -30.52 21.20
CA ILE C 587 7.06 -30.35 19.90
C ILE C 587 7.99 -29.57 18.98
N THR C 588 8.35 -30.17 17.88
CA THR C 588 9.21 -29.54 16.90
C THR C 588 8.32 -29.26 15.69
N PRO C 589 8.34 -28.08 15.07
CA PRO C 589 7.52 -27.82 13.92
C PRO C 589 8.00 -28.71 12.78
N CYS C 590 7.08 -29.08 11.86
CA CYS C 590 7.37 -29.87 10.66
C CYS C 590 8.08 -28.92 9.67
N SER C 591 9.11 -29.43 8.99
CA SER C 591 9.96 -28.63 8.10
C SER C 591 9.18 -27.97 7.00
N PHE C 592 9.57 -26.74 6.62
CA PHE C 592 8.85 -26.04 5.58
C PHE C 592 9.69 -25.06 4.74
N GLY C 593 10.99 -25.25 4.67
CA GLY C 593 11.81 -24.24 4.01
C GLY C 593 11.52 -24.12 2.54
N GLY C 594 11.99 -23.02 1.95
CA GLY C 594 11.73 -22.80 0.56
C GLY C 594 12.60 -23.67 -0.30
N VAL C 595 12.18 -23.78 -1.54
CA VAL C 595 12.90 -24.55 -2.52
C VAL C 595 13.32 -23.69 -3.67
N SER C 596 14.62 -23.73 -3.93
CA SER C 596 15.15 -22.97 -5.01
C SER C 596 15.83 -23.83 -6.03
N VAL C 597 15.84 -23.35 -7.25
CA VAL C 597 16.41 -24.07 -8.35
C VAL C 597 17.64 -23.36 -8.86
N ILE C 598 18.70 -24.11 -8.93
CA ILE C 598 20.00 -23.66 -9.33
C ILE C 598 20.26 -24.05 -10.75
N THR C 599 20.49 -23.08 -11.62
CA THR C 599 20.70 -23.42 -13.00
C THR C 599 21.87 -22.68 -13.66
N PRO C 600 22.64 -23.36 -14.54
CA PRO C 600 23.67 -22.81 -15.40
C PRO C 600 23.13 -21.82 -16.42
N GLY C 601 21.84 -21.88 -16.66
CA GLY C 601 21.19 -21.04 -17.65
C GLY C 601 20.83 -21.93 -18.85
N THR C 602 19.72 -21.61 -19.49
CA THR C 602 19.20 -22.42 -20.59
C THR C 602 19.95 -22.24 -21.88
N ASN C 603 20.88 -21.31 -21.90
CA ASN C 603 21.69 -21.11 -23.08
C ASN C 603 22.94 -21.96 -22.96
N THR C 604 22.99 -22.76 -21.91
CA THR C 604 24.08 -23.66 -21.63
C THR C 604 23.58 -25.09 -21.58
N SER C 605 22.62 -25.35 -20.70
CA SER C 605 22.10 -26.70 -20.54
C SER C 605 20.76 -26.68 -19.85
N ASN C 606 20.11 -27.83 -19.79
CA ASN C 606 18.85 -27.92 -19.07
C ASN C 606 19.03 -28.63 -17.74
N GLN C 607 20.26 -28.66 -17.23
CA GLN C 607 20.45 -29.30 -15.95
C GLN C 607 20.11 -28.35 -14.84
N VAL C 608 19.49 -28.86 -13.80
CA VAL C 608 19.22 -28.06 -12.63
C VAL C 608 19.59 -28.81 -11.39
N ALA C 609 19.77 -28.08 -10.31
CA ALA C 609 19.96 -28.67 -8.99
C ALA C 609 18.96 -28.00 -8.07
N VAL C 610 18.45 -28.72 -7.10
CA VAL C 610 17.44 -28.16 -6.23
C VAL C 610 17.84 -28.12 -4.77
N LEU C 611 17.71 -26.95 -4.18
CA LEU C 611 18.06 -26.74 -2.79
C LEU C 611 16.87 -26.57 -1.87
N TYR C 612 16.86 -27.34 -0.80
CA TYR C 612 15.80 -27.28 0.21
C TYR C 612 16.36 -26.61 1.47
N GLN C 613 15.89 -25.39 1.74
CA GLN C 613 16.49 -24.50 2.75
C GLN C 613 16.58 -24.94 4.22
N ASP C 614 15.60 -25.62 4.76
CA ASP C 614 15.70 -26.01 6.17
C ASP C 614 15.67 -27.51 6.27
N VAL C 615 15.98 -28.15 5.17
CA VAL C 615 15.86 -29.57 5.12
C VAL C 615 17.12 -30.34 5.31
N ASN C 616 17.00 -31.30 6.18
CA ASN C 616 18.00 -32.30 6.40
C ASN C 616 17.66 -33.30 5.29
N CYS C 617 18.67 -33.84 4.58
CA CYS C 617 18.52 -34.77 3.46
C CYS C 617 17.84 -36.07 3.91
N THR C 618 17.71 -36.24 5.22
CA THR C 618 17.00 -37.33 5.84
C THR C 618 15.52 -37.27 5.44
N GLU C 619 14.96 -36.06 5.42
CA GLU C 619 13.55 -35.84 5.07
C GLU C 619 13.31 -35.52 3.57
N VAL C 620 14.31 -34.91 2.91
CA VAL C 620 14.33 -34.48 1.50
C VAL C 620 13.26 -33.43 1.26
N SER C 640 23.03 -40.42 -4.60
CA SER C 640 23.29 -39.98 -5.96
C SER C 640 23.00 -38.46 -6.06
N ASN C 641 24.10 -37.65 -6.14
CA ASN C 641 24.14 -36.18 -6.20
C ASN C 641 23.46 -35.47 -5.02
N VAL C 642 23.63 -36.02 -3.82
CA VAL C 642 23.04 -35.40 -2.65
C VAL C 642 24.09 -34.90 -1.68
N PHE C 643 24.00 -33.61 -1.40
CA PHE C 643 24.92 -32.93 -0.52
C PHE C 643 24.24 -32.13 0.56
N GLN C 644 24.65 -32.36 1.80
CA GLN C 644 24.04 -31.62 2.90
C GLN C 644 24.89 -30.44 3.30
N THR C 645 24.31 -29.26 3.28
CA THR C 645 25.01 -28.08 3.72
C THR C 645 24.19 -27.23 4.66
N ARG C 646 24.79 -26.16 5.15
CA ARG C 646 24.09 -25.29 6.10
C ARG C 646 23.04 -24.45 5.43
N ALA C 647 23.11 -24.39 4.13
CA ALA C 647 22.19 -23.64 3.33
C ALA C 647 21.00 -24.51 2.93
N GLY C 648 21.01 -25.78 3.34
CA GLY C 648 19.93 -26.68 2.97
C GLY C 648 20.48 -27.95 2.33
N CYS C 649 19.56 -28.85 1.91
CA CYS C 649 19.89 -30.12 1.27
C CYS C 649 19.89 -29.86 -0.24
N LEU C 650 21.01 -30.11 -0.86
CA LEU C 650 21.16 -29.89 -2.27
C LEU C 650 21.12 -31.17 -3.08
N ILE C 651 20.16 -31.24 -3.98
CA ILE C 651 19.94 -32.40 -4.81
C ILE C 651 20.33 -32.10 -6.24
N GLY C 652 21.16 -32.91 -6.86
CA GLY C 652 21.48 -32.67 -8.26
C GLY C 652 22.81 -31.98 -8.50
N ALA C 653 23.68 -32.00 -7.51
CA ALA C 653 24.98 -31.37 -7.71
C ALA C 653 26.06 -32.26 -7.17
N GLU C 654 27.20 -32.22 -7.81
CA GLU C 654 28.34 -33.00 -7.40
C GLU C 654 29.24 -32.23 -6.51
N HIS C 655 29.37 -32.64 -5.27
CA HIS C 655 30.25 -31.92 -4.39
C HIS C 655 31.69 -32.29 -4.63
N VAL C 656 32.57 -31.31 -4.68
CA VAL C 656 33.98 -31.58 -4.86
C VAL C 656 34.79 -30.90 -3.79
N ASN C 657 36.02 -31.34 -3.59
CA ASN C 657 36.90 -30.75 -2.60
C ASN C 657 37.83 -29.70 -3.18
N ASN C 658 37.60 -29.33 -4.41
CA ASN C 658 38.39 -28.33 -5.09
C ASN C 658 37.74 -26.98 -4.94
N SER C 659 38.46 -26.04 -4.36
CA SER C 659 37.92 -24.71 -4.15
C SER C 659 37.98 -23.96 -5.46
N TYR C 660 36.96 -23.19 -5.74
CA TYR C 660 36.92 -22.38 -6.96
C TYR C 660 36.35 -21.03 -6.71
N GLU C 661 36.65 -20.09 -7.55
CA GLU C 661 36.02 -18.80 -7.43
C GLU C 661 34.52 -19.00 -7.60
N CYS C 662 33.69 -18.22 -6.87
CA CYS C 662 32.24 -18.32 -6.87
C CYS C 662 31.62 -17.75 -8.15
N ASP C 663 30.61 -18.46 -8.62
CA ASP C 663 29.80 -18.14 -9.76
C ASP C 663 28.34 -18.00 -9.27
N ILE C 664 27.65 -19.11 -8.98
CA ILE C 664 26.28 -19.01 -8.51
C ILE C 664 26.23 -19.30 -7.01
N PRO C 665 26.11 -18.29 -6.13
CA PRO C 665 26.24 -18.46 -4.70
C PRO C 665 25.12 -19.22 -4.10
N ILE C 666 25.39 -20.07 -3.12
CA ILE C 666 24.34 -20.79 -2.41
C ILE C 666 24.15 -20.29 -0.99
N GLY C 667 25.24 -20.20 -0.24
CA GLY C 667 25.19 -19.77 1.15
C GLY C 667 26.15 -20.55 2.02
N ALA C 668 26.55 -19.96 3.14
CA ALA C 668 27.44 -20.58 4.11
C ALA C 668 28.75 -21.04 3.49
N GLY C 669 29.29 -20.26 2.58
CA GLY C 669 30.55 -20.54 1.94
C GLY C 669 30.47 -21.42 0.71
N ILE C 670 29.28 -21.96 0.43
CA ILE C 670 29.07 -22.85 -0.69
C ILE C 670 28.52 -22.07 -1.87
N CYS C 671 29.07 -22.37 -3.06
CA CYS C 671 28.76 -21.77 -4.33
C CYS C 671 28.76 -22.89 -5.37
N ALA C 672 27.95 -22.73 -6.42
CA ALA C 672 27.90 -23.71 -7.48
C ALA C 672 28.29 -23.15 -8.84
N SER C 673 28.72 -24.05 -9.71
CA SER C 673 29.04 -23.68 -11.09
C SER C 673 28.84 -24.86 -12.00
N TYR C 674 28.88 -24.61 -13.30
CA TYR C 674 28.71 -25.67 -14.28
C TYR C 674 30.05 -25.92 -14.93
N GLN C 675 30.50 -27.17 -14.85
CA GLN C 675 31.83 -27.52 -15.35
C GLN C 675 31.82 -28.82 -16.16
N THR C 676 32.82 -29.00 -17.06
CA THR C 676 33.05 -30.22 -17.85
C THR C 676 33.70 -31.29 -16.95
N SER C 689 29.53 -35.43 -19.99
CA SER C 689 30.83 -34.80 -19.70
C SER C 689 30.75 -33.56 -18.77
N GLN C 690 29.55 -32.94 -18.62
CA GLN C 690 29.30 -31.75 -17.79
C GLN C 690 28.31 -32.00 -16.66
N SER C 691 28.47 -31.24 -15.59
CA SER C 691 27.60 -31.31 -14.44
C SER C 691 27.60 -30.05 -13.62
N ILE C 692 26.63 -29.97 -12.72
CA ILE C 692 26.59 -28.87 -11.77
C ILE C 692 27.38 -29.32 -10.56
N ILE C 693 28.33 -28.51 -10.16
CA ILE C 693 29.22 -28.78 -9.06
C ILE C 693 29.07 -27.85 -7.88
N ALA C 694 29.03 -28.44 -6.70
CA ALA C 694 28.99 -27.70 -5.45
C ALA C 694 30.40 -27.61 -4.88
N TYR C 695 30.79 -26.43 -4.45
CA TYR C 695 32.12 -26.26 -3.90
C TYR C 695 32.21 -25.15 -2.88
N THR C 696 33.25 -25.19 -2.05
CA THR C 696 33.52 -24.09 -1.16
C THR C 696 34.23 -23.07 -2.01
N MET C 697 33.84 -21.82 -1.89
CA MET C 697 34.49 -20.84 -2.72
C MET C 697 35.88 -20.47 -2.28
N SER C 698 36.68 -20.10 -3.25
CA SER C 698 37.98 -19.52 -3.06
C SER C 698 37.78 -18.05 -2.89
N LEU C 699 38.58 -17.42 -2.05
CA LEU C 699 38.40 -16.00 -1.87
C LEU C 699 39.37 -15.21 -2.73
N GLY C 700 40.17 -15.91 -3.50
CA GLY C 700 41.17 -15.27 -4.34
C GLY C 700 42.48 -16.02 -4.34
N ALA C 701 43.35 -15.68 -5.28
CA ALA C 701 44.66 -16.31 -5.40
C ALA C 701 45.55 -15.81 -4.31
N GLU C 702 46.48 -16.63 -3.84
CA GLU C 702 47.43 -16.19 -2.85
C GLU C 702 48.65 -15.60 -3.52
N ASN C 703 49.18 -14.56 -2.90
CA ASN C 703 50.37 -13.87 -3.38
C ASN C 703 51.25 -13.41 -2.26
N SER C 704 52.28 -14.16 -1.89
CA SER C 704 53.09 -13.68 -0.79
C SER C 704 53.79 -12.40 -1.23
N CYS C 705 53.87 -11.39 -0.33
CA CYS C 705 54.52 -10.10 -0.59
C CYS C 705 56.00 -10.17 -0.22
N ALA C 706 56.44 -11.29 0.34
CA ALA C 706 57.83 -11.44 0.74
C ALA C 706 58.34 -10.31 1.63
N TYR C 707 57.69 -10.06 2.75
CA TYR C 707 58.15 -8.98 3.61
C TYR C 707 59.59 -9.15 4.06
N SER C 708 60.35 -8.05 3.96
CA SER C 708 61.75 -8.01 4.37
C SER C 708 62.16 -6.64 4.85
N ASN C 709 62.97 -6.62 5.90
CA ASN C 709 63.42 -5.38 6.50
C ASN C 709 64.39 -4.55 5.69
N ASN C 710 65.00 -5.14 4.67
CA ASN C 710 65.92 -4.35 3.87
C ASN C 710 65.61 -4.40 2.40
N SER C 711 64.36 -4.66 2.05
CA SER C 711 64.07 -4.75 0.61
C SER C 711 62.83 -4.01 0.24
N ILE C 712 62.94 -3.30 -0.86
CA ILE C 712 61.85 -2.51 -1.37
C ILE C 712 61.58 -2.81 -2.82
N ALA C 713 60.33 -2.78 -3.20
CA ALA C 713 60.06 -2.90 -4.62
C ALA C 713 59.64 -1.54 -5.12
N ILE C 714 60.22 -1.16 -6.23
CA ILE C 714 59.96 0.12 -6.86
C ILE C 714 59.52 -0.20 -8.26
N PRO C 715 58.43 0.37 -8.77
CA PRO C 715 57.97 0.10 -10.08
C PRO C 715 58.95 0.68 -11.05
N THR C 716 59.09 0.03 -12.18
CA THR C 716 59.95 0.44 -13.30
C THR C 716 59.19 0.88 -14.57
N ASN C 717 57.90 0.55 -14.70
CA ASN C 717 57.03 0.87 -15.83
C ASN C 717 55.63 1.08 -15.26
N PHE C 718 54.71 1.60 -16.09
CA PHE C 718 53.32 1.89 -15.74
C PHE C 718 52.39 1.71 -16.89
N THR C 719 51.12 1.59 -16.53
CA THR C 719 50.06 1.50 -17.48
C THR C 719 48.98 2.50 -17.13
N ILE C 720 48.30 2.97 -18.14
CA ILE C 720 47.18 3.85 -17.96
C ILE C 720 45.93 3.04 -18.13
N SER C 721 45.16 2.97 -17.09
CA SER C 721 43.96 2.18 -17.07
C SER C 721 42.73 3.02 -17.14
N VAL C 722 41.72 2.55 -17.83
CA VAL C 722 40.47 3.26 -17.81
C VAL C 722 39.40 2.32 -17.33
N THR C 723 38.66 2.73 -16.32
CA THR C 723 37.61 1.88 -15.81
C THR C 723 36.29 2.57 -15.94
N THR C 724 35.21 1.82 -15.94
CA THR C 724 33.90 2.44 -16.08
C THR C 724 33.04 2.25 -14.87
N GLU C 725 32.46 3.34 -14.42
CA GLU C 725 31.56 3.30 -13.30
C GLU C 725 30.22 3.86 -13.67
N ILE C 726 29.17 3.11 -13.38
CA ILE C 726 27.85 3.55 -13.76
C ILE C 726 26.96 3.80 -12.56
N LEU C 727 26.36 4.98 -12.47
CA LEU C 727 25.48 5.30 -11.38
C LEU C 727 24.11 5.77 -11.86
N PRO C 728 23.01 5.36 -11.24
CA PRO C 728 21.69 5.90 -11.46
C PRO C 728 21.62 7.33 -11.02
N VAL C 729 20.85 8.11 -11.73
CA VAL C 729 20.58 9.49 -11.34
C VAL C 729 19.11 9.75 -11.11
N SER C 730 18.25 9.18 -11.95
CA SER C 730 16.84 9.51 -11.85
C SER C 730 15.89 8.37 -12.18
N MET C 731 14.66 8.54 -11.73
CA MET C 731 13.53 7.65 -11.95
C MET C 731 12.57 8.23 -12.96
N THR C 732 11.75 7.39 -13.53
CA THR C 732 10.66 7.84 -14.35
C THR C 732 9.70 8.57 -13.42
N LYS C 733 9.23 9.75 -13.80
CA LYS C 733 8.34 10.49 -12.90
C LYS C 733 6.90 10.09 -13.12
N THR C 734 6.34 9.35 -12.18
CA THR C 734 4.98 8.88 -12.39
C THR C 734 4.01 9.41 -11.36
N SER C 735 2.94 10.00 -11.86
CA SER C 735 1.87 10.54 -11.07
C SER C 735 0.65 9.65 -11.21
N VAL C 736 0.05 9.28 -10.10
CA VAL C 736 -1.11 8.40 -10.16
C VAL C 736 -2.30 9.12 -9.62
N ASP C 737 -3.33 9.24 -10.44
CA ASP C 737 -4.52 9.92 -9.98
C ASP C 737 -5.32 8.92 -9.13
N CYS C 738 -5.54 9.23 -7.83
CA CYS C 738 -6.20 8.35 -6.87
C CYS C 738 -7.66 8.09 -7.23
N THR C 739 -8.32 9.06 -7.84
CA THR C 739 -9.70 8.84 -8.14
C THR C 739 -9.84 7.98 -9.35
N MET C 740 -9.07 8.25 -10.39
CA MET C 740 -9.22 7.43 -11.57
C MET C 740 -8.81 6.00 -11.28
N TYR C 741 -7.81 5.80 -10.41
CA TYR C 741 -7.35 4.48 -10.02
C TYR C 741 -8.43 3.72 -9.25
N ILE C 742 -9.04 4.38 -8.25
CA ILE C 742 -10.00 3.68 -7.42
C ILE C 742 -11.44 3.66 -8.00
N CYS C 743 -11.96 4.84 -8.41
CA CYS C 743 -13.34 5.11 -8.81
C CYS C 743 -13.38 5.71 -10.23
N GLY C 744 -12.59 5.16 -11.14
CA GLY C 744 -12.62 5.75 -12.46
C GLY C 744 -14.02 5.64 -13.02
N ASP C 745 -14.54 6.78 -13.43
CA ASP C 745 -15.87 6.94 -14.00
C ASP C 745 -17.01 6.34 -13.16
N SER C 746 -16.92 6.45 -11.85
CA SER C 746 -18.01 5.95 -11.02
C SER C 746 -18.42 6.92 -9.94
N THR C 747 -19.63 7.43 -10.09
CA THR C 747 -20.18 8.42 -9.19
C THR C 747 -20.44 7.81 -7.84
N GLU C 748 -20.96 6.60 -7.84
CA GLU C 748 -21.29 5.95 -6.59
C GLU C 748 -20.04 5.68 -5.75
N CYS C 749 -18.94 5.24 -6.40
CA CYS C 749 -17.66 4.97 -5.78
C CYS C 749 -17.09 6.29 -5.27
N SER C 750 -17.11 7.32 -6.10
CA SER C 750 -16.54 8.58 -5.68
C SER C 750 -17.22 9.08 -4.43
N ASN C 751 -18.53 8.99 -4.38
CA ASN C 751 -19.21 9.49 -3.22
C ASN C 751 -18.81 8.76 -1.96
N LEU C 752 -18.49 7.47 -2.09
CA LEU C 752 -18.04 6.68 -0.95
C LEU C 752 -16.57 6.98 -0.64
N LEU C 753 -15.79 7.28 -1.67
CA LEU C 753 -14.37 7.55 -1.52
C LEU C 753 -14.19 8.80 -0.70
N LEU C 754 -15.11 9.72 -0.86
CA LEU C 754 -15.09 10.98 -0.18
C LEU C 754 -15.44 10.90 1.30
N GLN C 755 -15.76 9.70 1.80
CA GLN C 755 -16.06 9.56 3.21
C GLN C 755 -14.78 9.32 3.99
N TYR C 756 -13.69 9.19 3.27
CA TYR C 756 -12.36 8.95 3.78
C TYR C 756 -11.67 10.28 3.89
N GLY C 757 -10.63 10.37 4.69
CA GLY C 757 -9.95 11.64 4.80
C GLY C 757 -9.16 11.88 3.55
N SER C 758 -8.36 12.94 3.54
CA SER C 758 -7.67 13.33 2.31
C SER C 758 -6.43 12.51 2.00
N PHE C 759 -6.63 11.22 1.83
CA PHE C 759 -5.54 10.33 1.49
C PHE C 759 -4.94 10.69 0.12
N CYS C 760 -5.75 11.30 -0.80
CA CYS C 760 -5.38 11.75 -2.12
C CYS C 760 -4.42 12.89 -2.06
N THR C 761 -4.49 13.72 -1.01
CA THR C 761 -3.56 14.80 -1.06
C THR C 761 -2.28 14.28 -0.49
N GLN C 762 -2.36 13.29 0.37
CA GLN C 762 -1.13 12.73 0.87
C GLN C 762 -0.41 11.97 -0.26
N LEU C 763 -1.18 11.27 -1.10
CA LEU C 763 -0.57 10.53 -2.19
C LEU C 763 -0.03 11.46 -3.25
N ASN C 764 -0.75 12.54 -3.57
CA ASN C 764 -0.25 13.42 -4.57
C ASN C 764 0.93 14.19 -4.08
N ARG C 765 0.98 14.55 -2.80
CA ARG C 765 2.14 15.26 -2.34
C ARG C 765 3.34 14.37 -2.40
N ALA C 766 3.19 13.11 -2.03
CA ALA C 766 4.34 12.24 -2.05
C ALA C 766 4.85 12.04 -3.45
N LEU C 767 3.95 11.84 -4.40
CA LEU C 767 4.40 11.58 -5.75
C LEU C 767 4.93 12.82 -6.41
N THR C 768 4.36 13.97 -6.10
CA THR C 768 4.86 15.18 -6.67
C THR C 768 6.25 15.40 -6.12
N GLY C 769 6.44 15.20 -4.83
CA GLY C 769 7.74 15.42 -4.25
C GLY C 769 8.78 14.56 -4.94
N ILE C 770 8.43 13.31 -5.24
CA ILE C 770 9.40 12.47 -5.90
C ILE C 770 9.71 13.03 -7.26
N ALA C 771 8.68 13.41 -8.03
CA ALA C 771 8.88 13.93 -9.36
C ALA C 771 9.76 15.18 -9.40
N VAL C 772 9.58 16.06 -8.45
CA VAL C 772 10.37 17.26 -8.42
C VAL C 772 11.82 16.91 -8.17
N GLU C 773 12.05 16.01 -7.25
CA GLU C 773 13.38 15.59 -6.95
C GLU C 773 14.02 14.92 -8.14
N GLN C 774 13.27 14.22 -8.98
CA GLN C 774 13.98 13.59 -10.07
C GLN C 774 14.62 14.64 -10.96
N ASP C 775 14.01 15.81 -11.09
CA ASP C 775 14.66 16.83 -11.89
C ASP C 775 15.78 17.49 -11.10
N LYS C 776 15.59 17.62 -9.81
CA LYS C 776 16.63 18.22 -8.99
C LYS C 776 17.89 17.38 -9.05
N ASN C 777 17.74 16.06 -8.98
CA ASN C 777 18.87 15.15 -8.97
C ASN C 777 19.62 15.27 -10.25
N THR C 778 18.90 15.35 -11.36
CA THR C 778 19.55 15.45 -12.63
C THR C 778 20.34 16.73 -12.71
N GLN C 779 19.78 17.84 -12.26
CA GLN C 779 20.57 19.04 -12.35
C GLN C 779 21.78 19.03 -11.46
N GLU C 780 21.68 18.49 -10.25
CA GLU C 780 22.88 18.53 -9.42
C GLU C 780 24.01 17.71 -10.00
N VAL C 781 23.67 16.61 -10.65
CA VAL C 781 24.70 15.79 -11.25
C VAL C 781 25.30 16.44 -12.48
N PHE C 782 24.47 16.97 -13.39
CA PHE C 782 25.06 17.46 -14.63
C PHE C 782 25.22 18.97 -14.78
N ALA C 783 24.31 19.75 -14.25
CA ALA C 783 24.35 21.18 -14.44
C ALA C 783 25.17 21.85 -13.37
N GLN C 784 26.45 21.50 -13.34
CA GLN C 784 27.35 22.02 -12.33
C GLN C 784 28.05 23.24 -12.82
N VAL C 785 28.04 23.37 -14.13
CA VAL C 785 28.73 24.42 -14.80
C VAL C 785 27.73 25.20 -15.62
N LYS C 786 27.71 26.50 -15.44
CA LYS C 786 26.76 27.36 -16.13
C LYS C 786 27.34 28.02 -17.37
N GLN C 787 28.53 27.58 -17.73
CA GLN C 787 29.24 28.05 -18.90
C GLN C 787 29.39 26.88 -19.84
N ILE C 788 29.08 27.08 -21.10
CA ILE C 788 29.18 26.02 -22.07
C ILE C 788 30.36 26.15 -22.98
N TYR C 789 31.26 25.20 -22.90
CA TYR C 789 32.45 25.27 -23.70
C TYR C 789 32.28 24.36 -24.89
N LYS C 790 32.84 24.76 -26.01
CA LYS C 790 32.75 23.96 -27.20
C LYS C 790 34.02 23.20 -27.39
N THR C 791 33.92 22.09 -28.09
CA THR C 791 35.07 21.28 -28.42
C THR C 791 35.95 22.05 -29.42
N PRO C 792 37.25 22.18 -29.20
CA PRO C 792 38.20 22.81 -30.11
C PRO C 792 38.21 22.08 -31.46
N PRO C 793 38.58 22.77 -32.56
CA PRO C 793 38.74 22.23 -33.91
C PRO C 793 39.88 21.23 -33.96
N ILE C 794 40.77 21.31 -32.98
CA ILE C 794 41.90 20.41 -32.88
C ILE C 794 41.43 19.11 -32.31
N LYS C 795 41.74 18.03 -33.00
CA LYS C 795 41.35 16.74 -32.47
C LYS C 795 42.58 16.00 -31.96
N ASP C 796 43.75 16.37 -32.46
CA ASP C 796 45.00 15.77 -32.03
C ASP C 796 45.57 16.58 -30.86
N PHE C 797 45.37 16.09 -29.65
CA PHE C 797 45.79 16.81 -28.47
C PHE C 797 47.12 16.31 -27.98
N GLY C 798 48.16 16.53 -28.75
CA GLY C 798 49.46 16.07 -28.29
C GLY C 798 49.57 14.56 -28.32
N GLY C 799 48.86 13.93 -29.24
CA GLY C 799 48.83 12.49 -29.34
C GLY C 799 47.58 11.88 -28.71
N PHE C 800 46.83 12.64 -27.94
CA PHE C 800 45.63 12.10 -27.35
C PHE C 800 44.47 12.23 -28.37
N ASN C 801 43.65 11.15 -28.50
CA ASN C 801 42.57 11.03 -29.48
C ASN C 801 41.22 11.62 -28.98
N PHE C 802 40.58 11.01 -27.95
CA PHE C 802 39.28 11.40 -27.36
C PHE C 802 38.04 11.32 -28.28
N SER C 803 38.15 10.74 -29.45
CA SER C 803 36.99 10.73 -30.34
C SER C 803 35.84 9.86 -29.87
N GLN C 804 36.08 8.91 -29.00
CA GLN C 804 34.99 8.08 -28.54
C GLN C 804 34.19 8.74 -27.42
N ILE C 805 34.75 9.81 -26.84
CA ILE C 805 34.07 10.47 -25.73
C ILE C 805 33.40 11.77 -26.19
N LEU C 806 33.98 12.43 -27.19
CA LEU C 806 33.43 13.66 -27.70
C LEU C 806 32.25 13.35 -28.63
N PRO C 807 31.25 14.23 -28.79
CA PRO C 807 30.12 14.02 -29.66
C PRO C 807 30.52 13.75 -31.09
N ASP C 808 29.82 12.82 -31.73
CA ASP C 808 30.04 12.44 -33.12
C ASP C 808 29.20 13.33 -34.05
N PRO C 809 29.80 14.22 -34.86
CA PRO C 809 29.12 15.17 -35.74
C PRO C 809 28.21 14.52 -36.77
N SER C 810 28.40 13.24 -37.06
CA SER C 810 27.57 12.58 -38.08
C SER C 810 26.25 12.07 -37.52
N LYS C 811 26.11 12.05 -36.21
CA LYS C 811 24.89 11.53 -35.62
C LYS C 811 23.93 12.68 -35.33
N PRO C 812 22.65 12.63 -35.78
CA PRO C 812 21.64 13.66 -35.52
C PRO C 812 21.56 14.00 -34.03
N SER C 813 21.73 12.98 -33.20
CA SER C 813 21.75 13.18 -31.77
C SER C 813 23.20 13.30 -31.44
N LYS C 814 23.59 14.42 -30.87
CA LYS C 814 25.01 14.70 -30.66
C LYS C 814 25.60 13.95 -29.48
N ARG C 815 25.75 12.67 -29.69
CA ARG C 815 26.25 11.73 -28.72
C ARG C 815 27.59 11.24 -29.17
N SER C 816 28.43 10.94 -28.23
CA SER C 816 29.72 10.37 -28.54
C SER C 816 29.46 8.94 -28.93
N PRO C 817 30.37 8.24 -29.60
CA PRO C 817 30.26 6.83 -29.87
C PRO C 817 29.95 6.01 -28.62
N ILE C 818 30.58 6.34 -27.48
CA ILE C 818 30.26 5.59 -26.28
C ILE C 818 28.87 5.89 -25.80
N GLU C 819 28.47 7.16 -25.82
CA GLU C 819 27.13 7.47 -25.37
C GLU C 819 26.10 6.82 -26.28
N ASP C 820 26.36 6.79 -27.58
CA ASP C 820 25.39 6.21 -28.49
C ASP C 820 25.20 4.75 -28.12
N LEU C 821 26.30 4.09 -27.77
CA LEU C 821 26.23 2.72 -27.35
C LEU C 821 25.44 2.58 -26.05
N LEU C 822 25.69 3.43 -25.06
CA LEU C 822 24.99 3.31 -23.79
C LEU C 822 23.48 3.45 -23.96
N PHE C 823 23.08 4.34 -24.85
CA PHE C 823 21.66 4.52 -25.13
C PHE C 823 21.07 3.34 -25.88
N ASN C 824 21.87 2.67 -26.71
CA ASN C 824 21.38 1.52 -27.43
C ASN C 824 21.37 0.25 -26.58
N LYS C 825 22.23 0.18 -25.56
CA LYS C 825 22.27 -0.99 -24.71
C LYS C 825 21.14 -1.01 -23.68
N VAL C 826 20.75 0.15 -23.15
CA VAL C 826 19.68 0.16 -22.16
C VAL C 826 18.34 0.15 -22.89
N THR C 827 17.43 -0.78 -22.53
CA THR C 827 16.12 -0.96 -23.16
C THR C 827 15.09 -1.21 -22.07
N LYS C 854 -2.20 3.27 -18.43
CA LYS C 854 -2.70 4.50 -19.03
C LYS C 854 -4.19 4.70 -18.70
N PHE C 855 -5.00 3.64 -18.90
CA PHE C 855 -6.46 3.61 -18.67
C PHE C 855 -6.76 3.66 -17.20
N ASN C 856 -5.72 3.49 -16.42
CA ASN C 856 -5.80 3.45 -14.98
C ASN C 856 -5.45 4.77 -14.32
N GLY C 857 -5.25 5.84 -15.11
CA GLY C 857 -4.94 7.13 -14.52
C GLY C 857 -3.47 7.31 -14.18
N LEU C 858 -2.63 6.60 -14.91
CA LEU C 858 -1.20 6.65 -14.70
C LEU C 858 -0.59 7.60 -15.70
N THR C 859 -0.01 8.69 -15.21
CA THR C 859 0.57 9.68 -16.08
C THR C 859 2.05 9.80 -15.86
N VAL C 860 2.79 9.70 -16.94
CA VAL C 860 4.23 9.86 -16.83
C VAL C 860 4.62 11.20 -17.36
N LEU C 861 5.34 11.94 -16.55
CA LEU C 861 5.71 13.27 -16.95
C LEU C 861 7.14 13.24 -17.45
N PRO C 862 7.49 14.02 -18.47
CA PRO C 862 8.82 14.11 -19.00
C PRO C 862 9.68 14.89 -18.04
N PRO C 863 10.99 14.69 -18.05
CA PRO C 863 11.99 15.41 -17.32
C PRO C 863 12.11 16.77 -17.92
N LEU C 864 12.58 17.73 -17.15
CA LEU C 864 12.84 19.03 -17.72
C LEU C 864 14.02 18.98 -18.65
N LEU C 865 15.05 18.27 -18.26
CA LEU C 865 16.19 18.17 -19.14
C LEU C 865 16.10 16.90 -19.92
N THR C 866 16.03 17.08 -21.21
CA THR C 866 15.89 16.02 -22.17
C THR C 866 17.23 15.37 -22.38
N ASP C 867 17.24 14.21 -23.03
CA ASP C 867 18.51 13.54 -23.25
C ASP C 867 19.45 14.40 -24.08
N GLU C 868 18.92 15.16 -25.03
CA GLU C 868 19.79 16.01 -25.80
C GLU C 868 20.44 17.05 -24.92
N MET C 869 19.66 17.63 -24.00
CA MET C 869 20.21 18.63 -23.12
C MET C 869 21.27 18.07 -22.21
N ILE C 870 21.10 16.83 -21.80
CA ILE C 870 22.11 16.23 -20.93
C ILE C 870 23.36 16.05 -21.74
N ALA C 871 23.24 15.60 -22.98
CA ALA C 871 24.42 15.42 -23.80
C ALA C 871 25.15 16.75 -23.95
N GLN C 872 24.40 17.85 -24.06
CA GLN C 872 25.03 19.15 -24.18
C GLN C 872 25.78 19.52 -22.92
N TYR C 873 25.25 19.21 -21.74
CA TYR C 873 25.99 19.50 -20.53
C TYR C 873 27.24 18.67 -20.44
N THR C 874 27.13 17.40 -20.82
CA THR C 874 28.25 16.50 -20.74
C THR C 874 29.33 16.97 -21.68
N SER C 875 28.96 17.39 -22.87
CA SER C 875 29.94 17.84 -23.84
C SER C 875 30.66 19.03 -23.30
N ALA C 876 29.95 19.97 -22.67
CA ALA C 876 30.61 21.13 -22.12
C ALA C 876 31.61 20.73 -21.07
N LEU C 877 31.29 19.75 -20.25
CA LEU C 877 32.23 19.35 -19.23
C LEU C 877 33.45 18.74 -19.85
N LEU C 878 33.28 17.96 -20.93
CA LEU C 878 34.45 17.37 -21.54
C LEU C 878 35.31 18.41 -22.19
N ALA C 879 34.70 19.38 -22.87
CA ALA C 879 35.46 20.39 -23.55
C ALA C 879 36.21 21.21 -22.55
N GLY C 880 35.55 21.48 -21.43
CA GLY C 880 36.11 22.27 -20.37
C GLY C 880 37.30 21.57 -19.78
N THR C 881 37.16 20.28 -19.50
CA THR C 881 38.25 19.52 -18.90
C THR C 881 39.41 19.39 -19.84
N ILE C 882 39.15 19.08 -21.09
CA ILE C 882 40.24 18.91 -22.02
C ILE C 882 41.04 20.20 -22.21
N CYS C 883 40.37 21.36 -22.36
CA CYS C 883 40.99 22.66 -22.53
C CYS C 883 41.66 23.23 -21.27
N SER C 884 40.99 23.17 -20.11
CA SER C 884 41.49 23.84 -18.91
C SER C 884 41.63 23.03 -17.61
N GLY C 885 41.39 21.73 -17.63
CA GLY C 885 41.54 20.90 -16.45
C GLY C 885 40.63 21.31 -15.30
N TRP C 886 41.18 21.44 -14.11
CA TRP C 886 40.37 21.77 -12.96
C TRP C 886 40.11 23.24 -12.79
N THR C 887 40.69 24.06 -13.66
CA THR C 887 40.47 25.48 -13.48
C THR C 887 39.11 25.80 -14.04
N PHE C 888 38.55 24.84 -14.75
CA PHE C 888 37.26 24.93 -15.33
C PHE C 888 36.20 25.09 -14.27
N GLY C 889 36.26 24.22 -13.27
CA GLY C 889 35.32 24.23 -12.16
C GLY C 889 35.59 25.32 -11.14
N ALA C 890 36.86 25.67 -10.93
CA ALA C 890 37.22 26.67 -9.93
C ALA C 890 37.64 28.01 -10.55
N GLY C 891 36.74 28.99 -10.56
CA GLY C 891 37.12 30.25 -11.19
C GLY C 891 36.94 30.15 -12.69
N PRO C 892 37.48 31.10 -13.47
CA PRO C 892 37.35 31.14 -14.90
C PRO C 892 38.21 30.04 -15.48
N ALA C 893 37.81 29.47 -16.61
CA ALA C 893 38.64 28.46 -17.22
C ALA C 893 39.90 29.08 -17.79
N LEU C 894 41.03 28.43 -17.58
CA LEU C 894 42.30 28.84 -18.12
C LEU C 894 42.84 27.79 -19.06
N GLN C 895 43.08 28.12 -20.33
CA GLN C 895 43.54 27.08 -21.23
C GLN C 895 44.94 26.64 -20.87
N ILE C 896 45.21 25.37 -21.09
CA ILE C 896 46.55 24.83 -20.92
C ILE C 896 46.76 23.79 -22.04
N PRO C 897 47.94 23.61 -22.62
CA PRO C 897 48.18 22.57 -23.59
C PRO C 897 47.77 21.28 -22.96
N PHE C 898 47.12 20.40 -23.70
CA PHE C 898 46.68 19.20 -23.05
C PHE C 898 47.80 18.43 -22.35
N PRO C 899 48.97 18.17 -22.95
CA PRO C 899 50.06 17.46 -22.32
C PRO C 899 50.54 18.13 -21.06
N MET C 900 50.31 19.42 -20.90
CA MET C 900 50.76 20.05 -19.68
C MET C 900 49.74 19.80 -18.64
N GLN C 901 48.49 19.65 -19.06
CA GLN C 901 47.49 19.35 -18.10
C GLN C 901 47.86 18.02 -17.50
N MET C 902 48.31 17.11 -18.37
CA MET C 902 48.68 15.81 -17.87
C MET C 902 49.88 15.92 -16.98
N ALA C 903 50.81 16.80 -17.27
CA ALA C 903 51.96 16.94 -16.40
C ALA C 903 51.56 17.28 -14.99
N TYR C 904 50.54 18.12 -14.85
CA TYR C 904 50.14 18.47 -13.51
C TYR C 904 49.44 17.30 -12.86
N ARG C 905 48.71 16.54 -13.66
CA ARG C 905 48.04 15.37 -13.12
C ARG C 905 49.06 14.34 -12.64
N PHE C 906 50.18 14.21 -13.35
CA PHE C 906 51.21 13.28 -12.93
C PHE C 906 51.86 13.75 -11.65
N ASN C 907 52.08 15.06 -11.52
CA ASN C 907 52.67 15.53 -10.27
C ASN C 907 51.72 15.22 -9.13
N GLY C 908 50.42 15.30 -9.41
CA GLY C 908 49.39 15.01 -8.44
C GLY C 908 49.46 13.56 -7.95
N ILE C 909 49.80 12.63 -8.86
CA ILE C 909 49.94 11.21 -8.52
C ILE C 909 51.10 11.10 -7.58
N GLY C 910 52.14 11.83 -7.90
CA GLY C 910 53.37 11.82 -7.15
C GLY C 910 54.49 11.27 -8.01
N VAL C 911 54.36 11.49 -9.31
CA VAL C 911 55.31 11.08 -10.31
C VAL C 911 55.92 12.33 -10.88
N THR C 912 57.22 12.39 -10.92
CA THR C 912 57.91 13.56 -11.39
C THR C 912 57.52 13.84 -12.83
N GLN C 913 57.32 15.10 -13.12
CA GLN C 913 56.88 15.65 -14.38
C GLN C 913 57.62 15.15 -15.62
N ASN C 914 58.90 14.89 -15.51
CA ASN C 914 59.61 14.49 -16.69
C ASN C 914 59.17 13.14 -17.19
N VAL C 915 58.49 12.32 -16.37
CA VAL C 915 58.12 11.01 -16.83
C VAL C 915 57.16 11.15 -17.97
N LEU C 916 56.21 12.05 -17.82
CA LEU C 916 55.27 12.28 -18.88
C LEU C 916 55.91 12.81 -20.11
N TYR C 917 56.81 13.76 -19.97
CA TYR C 917 57.30 14.29 -21.21
C TYR C 917 58.21 13.34 -21.93
N GLU C 918 58.96 12.53 -21.21
CA GLU C 918 59.84 11.59 -21.89
C GLU C 918 59.05 10.43 -22.49
N ASN C 919 57.94 10.06 -21.86
CA ASN C 919 57.11 8.95 -22.31
C ASN C 919 55.78 9.42 -22.89
N GLN C 920 55.70 10.65 -23.35
CA GLN C 920 54.42 11.15 -23.86
C GLN C 920 53.80 10.31 -24.94
N LYS C 921 54.59 9.77 -25.86
CA LYS C 921 53.98 8.98 -26.93
C LYS C 921 53.38 7.71 -26.38
N LEU C 922 54.05 7.11 -25.41
CA LEU C 922 53.58 5.88 -24.83
C LEU C 922 52.31 6.09 -24.06
N ILE C 923 52.28 7.16 -23.31
CA ILE C 923 51.13 7.46 -22.49
C ILE C 923 49.94 7.73 -23.36
N ALA C 924 50.12 8.53 -24.39
CA ALA C 924 49.01 8.79 -25.27
C ALA C 924 48.54 7.52 -25.95
N ASN C 925 49.46 6.64 -26.33
CA ASN C 925 49.03 5.44 -27.00
C ASN C 925 48.27 4.52 -26.08
N GLN C 926 48.70 4.41 -24.83
CA GLN C 926 47.99 3.53 -23.93
C GLN C 926 46.63 4.09 -23.64
N PHE C 927 46.55 5.41 -23.52
CA PHE C 927 45.29 6.06 -23.23
C PHE C 927 44.31 5.80 -24.33
N ASN C 928 44.74 6.01 -25.56
CA ASN C 928 43.86 5.88 -26.68
C ASN C 928 43.37 4.45 -26.80
N SER C 929 44.26 3.50 -26.52
CA SER C 929 43.88 2.12 -26.59
C SER C 929 42.82 1.80 -25.54
N ALA C 930 43.04 2.27 -24.31
CA ALA C 930 42.10 2.00 -23.25
C ALA C 930 40.72 2.55 -23.53
N ILE C 931 40.64 3.72 -24.15
CA ILE C 931 39.32 4.24 -24.43
C ILE C 931 38.63 3.34 -25.44
N GLY C 932 39.34 2.92 -26.47
CA GLY C 932 38.70 2.04 -27.45
C GLY C 932 38.20 0.77 -26.78
N LYS C 933 38.95 0.25 -25.82
CA LYS C 933 38.56 -0.95 -25.12
C LYS C 933 37.25 -0.75 -24.38
N ILE C 934 37.01 0.45 -23.84
CA ILE C 934 35.79 0.67 -23.08
C ILE C 934 34.60 0.51 -23.97
N GLN C 935 34.68 1.08 -25.15
CA GLN C 935 33.54 0.98 -26.04
C GLN C 935 33.25 -0.46 -26.37
N ASP C 936 34.30 -1.26 -26.60
CA ASP C 936 34.07 -2.66 -26.92
C ASP C 936 33.54 -3.44 -25.74
N SER C 937 34.00 -3.12 -24.53
CA SER C 937 33.56 -3.83 -23.35
C SER C 937 32.09 -3.62 -23.12
N LEU C 938 31.62 -2.38 -23.27
CA LEU C 938 30.22 -2.11 -23.06
C LEU C 938 29.37 -2.82 -24.09
N SER C 939 29.84 -2.86 -25.33
CA SER C 939 29.08 -3.51 -26.37
C SER C 939 28.94 -5.02 -26.11
N SER C 940 30.06 -5.64 -25.72
CA SER C 940 30.12 -7.07 -25.48
C SER C 940 29.67 -7.57 -24.11
N THR C 941 29.50 -6.70 -23.11
CA THR C 941 29.09 -7.14 -21.79
C THR C 941 27.75 -6.53 -21.37
N PRO C 942 26.60 -7.16 -21.70
CA PRO C 942 25.26 -6.66 -21.43
C PRO C 942 24.99 -6.26 -19.98
N SER C 943 25.63 -6.97 -19.05
CA SER C 943 25.47 -6.76 -17.62
C SER C 943 26.02 -5.45 -17.14
N ALA C 944 26.82 -4.79 -17.97
CA ALA C 944 27.43 -3.54 -17.62
C ALA C 944 26.38 -2.50 -17.30
N LEU C 945 25.23 -2.58 -17.96
CA LEU C 945 24.23 -1.56 -17.76
C LEU C 945 23.13 -2.06 -16.86
N GLY C 946 23.40 -3.12 -16.12
CA GLY C 946 22.42 -3.68 -15.23
C GLY C 946 21.94 -2.67 -14.20
N LYS C 947 22.78 -1.77 -13.74
CA LYS C 947 22.30 -0.83 -12.75
C LYS C 947 21.20 0.08 -13.24
N LEU C 948 21.31 0.54 -14.48
CA LEU C 948 20.32 1.47 -14.94
C LEU C 948 19.10 0.70 -15.41
N GLN C 949 19.33 -0.49 -15.95
CA GLN C 949 18.24 -1.28 -16.43
C GLN C 949 17.39 -1.74 -15.25
N ASP C 950 18.03 -2.03 -14.13
CA ASP C 950 17.33 -2.47 -12.94
C ASP C 950 16.45 -1.38 -12.38
N VAL C 951 16.90 -0.14 -12.40
CA VAL C 951 16.03 0.90 -11.89
C VAL C 951 14.76 0.92 -12.69
N VAL C 952 14.89 0.82 -14.00
CA VAL C 952 13.73 0.83 -14.83
C VAL C 952 12.85 -0.37 -14.57
N ASN C 953 13.44 -1.55 -14.45
CA ASN C 953 12.65 -2.73 -14.27
C ASN C 953 11.88 -2.72 -12.97
N GLN C 954 12.48 -2.22 -11.89
CA GLN C 954 11.75 -2.20 -10.65
C GLN C 954 10.59 -1.24 -10.70
N ASN C 955 10.79 -0.11 -11.35
CA ASN C 955 9.70 0.83 -11.40
C ASN C 955 8.57 0.30 -12.27
N ALA C 956 8.92 -0.43 -13.33
CA ALA C 956 7.90 -1.00 -14.17
C ALA C 956 7.09 -2.02 -13.40
N GLN C 957 7.75 -2.80 -12.55
CA GLN C 957 7.04 -3.79 -11.77
C GLN C 957 6.13 -3.14 -10.77
N ALA C 958 6.58 -2.04 -10.16
CA ALA C 958 5.75 -1.39 -9.18
C ALA C 958 4.44 -0.96 -9.80
N LEU C 959 4.49 -0.46 -11.03
CA LEU C 959 3.26 -0.07 -11.70
C LEU C 959 2.48 -1.24 -12.20
N ASN C 960 3.12 -2.29 -12.65
CA ASN C 960 2.34 -3.39 -13.14
C ASN C 960 1.59 -4.03 -12.02
N THR C 961 2.17 -4.06 -10.83
CA THR C 961 1.49 -4.61 -9.69
C THR C 961 0.31 -3.75 -9.32
N LEU C 962 0.51 -2.43 -9.34
CA LEU C 962 -0.54 -1.51 -8.99
C LEU C 962 -1.74 -1.72 -9.89
N VAL C 963 -1.47 -1.92 -11.17
CA VAL C 963 -2.54 -2.16 -12.13
C VAL C 963 -3.16 -3.52 -11.95
N LYS C 964 -2.38 -4.56 -11.77
CA LYS C 964 -2.95 -5.88 -11.64
C LYS C 964 -3.88 -5.99 -10.45
N GLN C 965 -3.58 -5.26 -9.37
CA GLN C 965 -4.43 -5.29 -8.18
C GLN C 965 -5.85 -4.79 -8.47
N LEU C 966 -6.05 -4.05 -9.55
CA LEU C 966 -7.37 -3.54 -9.89
C LEU C 966 -8.32 -4.68 -10.19
N SER C 967 -7.79 -5.81 -10.63
CA SER C 967 -8.60 -6.93 -11.01
C SER C 967 -8.99 -7.80 -9.84
N SER C 968 -8.41 -7.56 -8.65
CA SER C 968 -8.69 -8.38 -7.48
C SER C 968 -10.05 -8.08 -6.88
N ASN C 969 -10.71 -9.12 -6.38
CA ASN C 969 -12.03 -8.97 -5.78
C ASN C 969 -12.00 -8.38 -4.40
N PHE C 970 -10.97 -8.72 -3.66
CA PHE C 970 -10.81 -8.32 -2.28
C PHE C 970 -11.95 -8.81 -1.41
N GLY C 971 -12.69 -9.82 -1.86
CA GLY C 971 -13.82 -10.41 -1.15
C GLY C 971 -15.19 -9.96 -1.70
N ALA C 972 -15.20 -9.01 -2.61
CA ALA C 972 -16.43 -8.53 -3.25
C ALA C 972 -16.86 -9.55 -4.30
N ILE C 973 -18.11 -9.51 -4.75
CA ILE C 973 -18.57 -10.46 -5.78
C ILE C 973 -17.88 -10.23 -7.13
N SER C 974 -17.28 -9.07 -7.29
CA SER C 974 -16.52 -8.70 -8.47
C SER C 974 -15.55 -7.59 -8.19
N SER C 975 -14.48 -7.57 -8.95
CA SER C 975 -13.49 -6.50 -8.90
C SER C 975 -13.90 -5.28 -9.71
N VAL C 976 -14.93 -5.45 -10.52
CA VAL C 976 -15.43 -4.41 -11.41
C VAL C 976 -16.58 -3.66 -10.79
N LEU C 977 -16.48 -2.33 -10.73
CA LEU C 977 -17.52 -1.53 -10.11
C LEU C 977 -18.84 -1.65 -10.83
N ASN C 978 -18.79 -1.82 -12.12
CA ASN C 978 -20.00 -1.94 -12.88
C ASN C 978 -20.75 -3.23 -12.55
N ASP C 979 -20.04 -4.30 -12.14
CA ASP C 979 -20.69 -5.55 -11.81
C ASP C 979 -21.29 -5.44 -10.44
N ILE C 980 -20.61 -4.70 -9.58
CA ILE C 980 -21.10 -4.52 -8.24
C ILE C 980 -22.38 -3.72 -8.31
N LEU C 981 -22.41 -2.68 -9.13
CA LEU C 981 -23.63 -1.93 -9.25
C LEU C 981 -24.72 -2.71 -10.00
N SER C 982 -24.37 -3.41 -11.08
CA SER C 982 -25.39 -4.08 -11.87
C SER C 982 -26.09 -5.23 -11.19
N ARG C 983 -25.37 -5.99 -10.39
CA ARG C 983 -25.96 -7.15 -9.76
C ARG C 983 -26.52 -6.92 -8.37
N LEU C 984 -26.40 -5.71 -7.82
CA LEU C 984 -26.80 -5.48 -6.43
C LEU C 984 -27.72 -4.29 -6.24
N ASP C 985 -28.59 -4.38 -5.25
CA ASP C 985 -29.41 -3.21 -4.95
C ASP C 985 -28.47 -2.13 -4.45
N PRO C 986 -28.75 -0.84 -4.64
CA PRO C 986 -27.90 0.25 -4.19
C PRO C 986 -27.24 0.05 -2.81
N PRO C 987 -27.94 -0.27 -1.69
CA PRO C 987 -27.32 -0.45 -0.38
C PRO C 987 -26.40 -1.66 -0.29
N GLU C 988 -26.58 -2.61 -1.20
CA GLU C 988 -25.75 -3.79 -1.18
C GLU C 988 -24.48 -3.47 -1.92
N ALA C 989 -24.65 -2.71 -3.01
CA ALA C 989 -23.54 -2.31 -3.82
C ALA C 989 -22.63 -1.42 -3.01
N GLU C 990 -23.19 -0.56 -2.17
CA GLU C 990 -22.35 0.33 -1.39
C GLU C 990 -21.42 -0.41 -0.46
N VAL C 991 -21.89 -1.52 0.09
CA VAL C 991 -21.04 -2.26 1.00
C VAL C 991 -19.88 -2.85 0.24
N GLN C 992 -20.16 -3.42 -0.92
CA GLN C 992 -19.09 -4.04 -1.66
C GLN C 992 -18.17 -3.04 -2.36
N ILE C 993 -18.68 -1.87 -2.71
CA ILE C 993 -17.85 -0.84 -3.31
C ILE C 993 -16.91 -0.37 -2.25
N ASP C 994 -17.41 -0.14 -1.05
CA ASP C 994 -16.58 0.33 0.04
C ASP C 994 -15.49 -0.67 0.33
N ARG C 995 -15.83 -1.95 0.23
CA ARG C 995 -14.85 -2.98 0.46
C ARG C 995 -13.73 -2.87 -0.62
N LEU C 996 -14.12 -2.66 -1.88
CA LEU C 996 -13.13 -2.49 -2.93
C LEU C 996 -12.32 -1.22 -2.71
N ILE C 997 -12.94 -0.15 -2.24
CA ILE C 997 -12.17 1.07 -2.02
C ILE C 997 -11.08 0.81 -1.03
N THR C 998 -11.37 0.12 0.05
CA THR C 998 -10.30 -0.13 0.98
C THR C 998 -9.17 -0.87 0.30
N GLY C 999 -9.48 -1.90 -0.48
CA GLY C 999 -8.44 -2.66 -1.17
C GLY C 999 -7.63 -1.82 -2.17
N ARG C 1000 -8.31 -0.99 -2.94
CA ARG C 1000 -7.66 -0.17 -3.94
C ARG C 1000 -6.80 0.90 -3.30
N LEU C 1001 -7.31 1.48 -2.24
CA LEU C 1001 -6.63 2.53 -1.52
C LEU C 1001 -5.36 1.92 -0.93
N GLN C 1002 -5.46 0.71 -0.38
CA GLN C 1002 -4.30 0.04 0.16
C GLN C 1002 -3.23 -0.10 -0.89
N SER C 1003 -3.61 -0.48 -2.11
CA SER C 1003 -2.61 -0.64 -3.16
C SER C 1003 -1.92 0.67 -3.47
N LEU C 1004 -2.66 1.79 -3.49
CA LEU C 1004 -2.00 3.05 -3.73
C LEU C 1004 -1.07 3.44 -2.62
N GLN C 1005 -1.43 3.18 -1.36
CA GLN C 1005 -0.53 3.56 -0.29
C GLN C 1005 0.71 2.71 -0.33
N THR C 1006 0.56 1.44 -0.70
CA THR C 1006 1.69 0.55 -0.76
C THR C 1006 2.62 1.00 -1.85
N TYR C 1007 2.06 1.36 -3.00
CA TYR C 1007 2.83 1.86 -4.12
C TYR C 1007 3.59 3.09 -3.74
N VAL C 1008 2.92 4.06 -3.13
CA VAL C 1008 3.65 5.25 -2.81
C VAL C 1008 4.74 4.98 -1.82
N THR C 1009 4.49 4.17 -0.80
CA THR C 1009 5.56 3.95 0.16
C THR C 1009 6.75 3.33 -0.51
N GLN C 1010 6.55 2.33 -1.38
CA GLN C 1010 7.73 1.74 -2.00
C GLN C 1010 8.39 2.72 -2.95
N GLN C 1011 7.65 3.68 -3.52
CA GLN C 1011 8.32 4.63 -4.39
C GLN C 1011 9.08 5.63 -3.59
N LEU C 1012 8.62 5.98 -2.40
CA LEU C 1012 9.38 6.91 -1.58
C LEU C 1012 10.67 6.26 -1.17
N ILE C 1013 10.64 4.98 -0.87
CA ILE C 1013 11.86 4.32 -0.49
C ILE C 1013 12.79 4.25 -1.70
N ARG C 1014 12.29 3.90 -2.88
CA ARG C 1014 13.19 3.87 -4.02
C ARG C 1014 13.73 5.25 -4.32
N ALA C 1015 12.92 6.27 -4.13
CA ALA C 1015 13.40 7.60 -4.39
C ALA C 1015 14.56 7.90 -3.49
N ALA C 1016 14.53 7.42 -2.26
CA ALA C 1016 15.63 7.69 -1.35
C ALA C 1016 16.90 7.04 -1.84
N GLU C 1017 16.78 5.84 -2.40
CA GLU C 1017 17.95 5.15 -2.90
C GLU C 1017 18.54 5.92 -4.06
N ILE C 1018 17.68 6.46 -4.90
CA ILE C 1018 18.11 7.26 -6.03
C ILE C 1018 18.69 8.57 -5.57
N ARG C 1019 18.13 9.22 -4.58
CA ARG C 1019 18.75 10.46 -4.12
C ARG C 1019 20.15 10.16 -3.67
N ALA C 1020 20.34 9.08 -2.93
CA ALA C 1020 21.68 8.77 -2.47
C ALA C 1020 22.62 8.53 -3.62
N SER C 1021 22.16 7.83 -4.65
CA SER C 1021 23.01 7.55 -5.79
C SER C 1021 23.33 8.83 -6.52
N ALA C 1022 22.34 9.68 -6.72
CA ALA C 1022 22.53 10.93 -7.41
C ALA C 1022 23.48 11.82 -6.65
N ASN C 1023 23.41 11.80 -5.32
CA ASN C 1023 24.30 12.63 -4.54
C ASN C 1023 25.71 12.15 -4.72
N LEU C 1024 25.89 10.84 -4.79
CA LEU C 1024 27.19 10.30 -5.00
C LEU C 1024 27.69 10.64 -6.37
N ALA C 1025 26.82 10.54 -7.37
CA ALA C 1025 27.22 10.85 -8.72
C ALA C 1025 27.63 12.29 -8.84
N ALA C 1026 26.90 13.18 -8.18
CA ALA C 1026 27.24 14.58 -8.25
C ALA C 1026 28.56 14.81 -7.57
N THR C 1027 28.81 14.11 -6.48
CA THR C 1027 30.05 14.27 -5.76
C THR C 1027 31.19 13.84 -6.64
N LYS C 1028 31.06 12.71 -7.31
CA LYS C 1028 32.12 12.23 -8.18
C LYS C 1028 32.37 13.19 -9.31
N MET C 1029 31.33 13.76 -9.87
CA MET C 1029 31.62 14.65 -10.93
C MET C 1029 32.35 15.87 -10.41
N SER C 1030 31.94 16.39 -9.26
CA SER C 1030 32.62 17.56 -8.76
C SER C 1030 34.06 17.28 -8.37
N GLU C 1031 34.33 16.12 -7.79
CA GLU C 1031 35.68 15.83 -7.34
C GLU C 1031 36.64 15.17 -8.33
N CYS C 1032 36.14 14.37 -9.29
CA CYS C 1032 36.93 13.61 -10.25
C CYS C 1032 36.81 14.16 -11.66
N VAL C 1033 35.70 14.78 -12.02
CA VAL C 1033 35.64 15.35 -13.36
C VAL C 1033 36.17 16.77 -13.33
N LEU C 1034 35.77 17.51 -12.32
CA LEU C 1034 36.21 18.89 -12.19
C LEU C 1034 37.47 19.01 -11.35
N GLY C 1035 38.08 17.89 -11.00
CA GLY C 1035 39.27 17.92 -10.17
C GLY C 1035 40.05 16.62 -10.18
N GLN C 1036 41.09 16.58 -9.37
CA GLN C 1036 41.92 15.39 -9.28
C GLN C 1036 41.90 14.85 -7.87
N SER C 1037 41.04 13.89 -7.64
CA SER C 1037 40.85 13.34 -6.32
C SER C 1037 41.98 12.46 -5.83
N LYS C 1038 42.27 12.55 -4.54
CA LYS C 1038 43.25 11.70 -3.89
C LYS C 1038 42.61 10.64 -3.02
N ARG C 1039 41.30 10.51 -3.13
CA ARG C 1039 40.59 9.53 -2.34
C ARG C 1039 40.75 8.16 -3.00
N VAL C 1040 41.22 7.22 -2.23
CA VAL C 1040 41.49 5.90 -2.77
C VAL C 1040 40.23 5.18 -3.13
N ASP C 1041 40.22 4.68 -4.35
CA ASP C 1041 39.13 3.95 -4.96
C ASP C 1041 37.87 4.74 -5.09
N PHE C 1042 37.96 6.03 -4.90
CA PHE C 1042 36.79 6.85 -5.10
C PHE C 1042 36.44 6.96 -6.58
N CYS C 1043 37.45 7.13 -7.45
CA CYS C 1043 37.33 7.31 -8.90
C CYS C 1043 38.28 6.38 -9.65
N GLY C 1044 37.99 5.09 -9.53
CA GLY C 1044 38.76 4.06 -10.19
C GLY C 1044 39.85 3.51 -9.31
N LYS C 1045 40.30 2.31 -9.64
CA LYS C 1045 41.40 1.68 -8.94
C LYS C 1045 42.67 2.24 -9.53
N GLY C 1046 43.68 2.43 -8.71
CA GLY C 1046 44.93 2.99 -9.19
C GLY C 1046 44.99 4.40 -8.68
N TYR C 1047 45.95 5.17 -9.13
CA TYR C 1047 46.04 6.51 -8.62
C TYR C 1047 45.28 7.38 -9.61
N HIS C 1048 44.41 8.23 -9.14
CA HIS C 1048 43.59 8.97 -10.08
C HIS C 1048 44.32 10.03 -10.88
N LEU C 1049 44.10 10.06 -12.20
CA LEU C 1049 44.61 11.11 -13.09
C LEU C 1049 43.50 12.06 -13.45
N MET C 1050 42.43 11.54 -14.03
CA MET C 1050 41.31 12.36 -14.52
C MET C 1050 40.11 11.52 -14.84
N SER C 1051 38.98 12.14 -15.13
CA SER C 1051 37.85 11.36 -15.56
C SER C 1051 37.00 12.14 -16.54
N PHE C 1052 36.18 11.40 -17.26
CA PHE C 1052 35.29 11.99 -18.22
C PHE C 1052 33.90 11.43 -18.07
N PRO C 1053 32.86 12.24 -17.94
CA PRO C 1053 31.49 11.82 -17.88
C PRO C 1053 31.00 11.47 -19.25
N GLN C 1054 30.03 10.58 -19.31
CA GLN C 1054 29.24 10.23 -20.49
C GLN C 1054 27.79 10.11 -20.01
N SER C 1055 26.83 10.53 -20.81
CA SER C 1055 25.44 10.37 -20.40
C SER C 1055 24.89 8.98 -20.68
N ALA C 1056 23.76 8.66 -20.05
CA ALA C 1056 23.08 7.40 -20.23
C ALA C 1056 21.64 7.59 -19.83
N PRO C 1057 20.67 6.77 -20.25
CA PRO C 1057 19.32 6.93 -19.80
C PRO C 1057 19.27 6.85 -18.30
N HIS C 1058 18.65 7.83 -17.68
CA HIS C 1058 18.49 7.86 -16.25
C HIS C 1058 19.76 7.70 -15.44
N GLY C 1059 20.90 8.17 -15.94
CA GLY C 1059 22.10 7.99 -15.16
C GLY C 1059 23.33 8.58 -15.76
N VAL C 1060 24.44 8.36 -15.10
CA VAL C 1060 25.70 8.91 -15.56
C VAL C 1060 26.75 7.83 -15.59
N VAL C 1061 27.59 7.89 -16.59
CA VAL C 1061 28.67 6.96 -16.70
C VAL C 1061 29.99 7.68 -16.64
N PHE C 1062 30.85 7.25 -15.76
CA PHE C 1062 32.14 7.89 -15.67
C PHE C 1062 33.24 7.00 -16.17
N LEU C 1063 34.14 7.60 -16.93
CA LEU C 1063 35.33 6.90 -17.34
C LEU C 1063 36.45 7.42 -16.50
N HIS C 1064 37.01 6.57 -15.68
CA HIS C 1064 38.04 7.00 -14.76
C HIS C 1064 39.38 6.59 -15.26
N VAL C 1065 40.26 7.55 -15.44
CA VAL C 1065 41.57 7.30 -15.98
C VAL C 1065 42.54 7.28 -14.83
N THR C 1066 43.23 6.17 -14.65
CA THR C 1066 44.14 6.08 -13.52
C THR C 1066 45.53 5.61 -13.91
N TYR C 1067 46.48 5.95 -13.07
CA TYR C 1067 47.86 5.54 -13.21
C TYR C 1067 48.11 4.31 -12.39
N VAL C 1068 48.54 3.24 -13.01
CA VAL C 1068 48.78 2.02 -12.28
C VAL C 1068 50.19 1.51 -12.55
N PRO C 1069 51.03 1.32 -11.54
CA PRO C 1069 52.37 0.79 -11.71
C PRO C 1069 52.21 -0.55 -12.41
N ALA C 1070 53.06 -0.82 -13.40
CA ALA C 1070 52.90 -2.04 -14.18
C ALA C 1070 54.00 -3.06 -13.99
N GLN C 1071 55.21 -2.60 -13.86
CA GLN C 1071 56.34 -3.50 -13.76
C GLN C 1071 57.11 -3.07 -12.58
N GLU C 1072 57.77 -4.01 -11.92
CA GLU C 1072 58.54 -3.72 -10.73
C GLU C 1072 59.82 -4.50 -10.63
N LYS C 1073 60.73 -3.96 -9.84
CA LYS C 1073 61.99 -4.59 -9.54
C LYS C 1073 62.30 -4.51 -8.06
N ASN C 1074 62.93 -5.57 -7.54
CA ASN C 1074 63.36 -5.58 -6.15
C ASN C 1074 64.71 -4.94 -6.00
N PHE C 1075 64.81 -4.06 -5.03
CA PHE C 1075 66.03 -3.36 -4.73
C PHE C 1075 66.36 -3.40 -3.26
N THR C 1076 67.62 -3.21 -2.93
CA THR C 1076 68.01 -3.14 -1.53
C THR C 1076 67.73 -1.74 -1.07
N THR C 1077 67.30 -1.58 0.17
CA THR C 1077 67.08 -0.22 0.65
C THR C 1077 67.68 0.11 1.99
N ALA C 1078 67.61 1.39 2.32
CA ALA C 1078 68.07 1.86 3.62
C ALA C 1078 67.31 3.12 3.95
N PRO C 1079 67.04 3.40 5.23
CA PRO C 1079 66.41 4.60 5.68
C PRO C 1079 67.24 5.86 5.57
N ALA C 1080 68.56 5.72 5.51
CA ALA C 1080 69.42 6.88 5.48
C ALA C 1080 70.80 6.51 4.98
N ILE C 1081 71.54 7.52 4.55
CA ILE C 1081 72.93 7.35 4.18
C ILE C 1081 73.82 8.03 5.22
N CYS C 1082 74.84 7.32 5.71
CA CYS C 1082 75.86 7.82 6.63
C CYS C 1082 77.07 8.25 5.81
N HIS C 1083 77.48 9.49 5.94
CA HIS C 1083 78.63 9.92 5.14
C HIS C 1083 79.73 10.57 5.94
N ASP C 1084 79.52 11.79 6.34
CA ASP C 1084 80.48 12.59 7.04
C ASP C 1084 80.22 12.60 8.53
N GLY C 1085 79.67 11.48 9.01
CA GLY C 1085 79.35 11.26 10.40
C GLY C 1085 77.93 11.65 10.71
N LYS C 1086 77.27 12.22 9.71
CA LYS C 1086 75.92 12.67 9.80
C LYS C 1086 75.01 11.83 8.95
N ALA C 1087 73.71 11.85 9.29
CA ALA C 1087 72.70 11.11 8.55
C ALA C 1087 71.99 11.95 7.49
N HIS C 1088 72.00 11.43 6.28
CA HIS C 1088 71.38 12.06 5.13
C HIS C 1088 70.10 11.33 4.76
N PHE C 1089 69.01 12.05 4.61
CA PHE C 1089 67.72 11.47 4.27
C PHE C 1089 67.26 12.04 2.94
N PRO C 1090 66.51 11.34 2.09
CA PRO C 1090 66.05 11.89 0.84
C PRO C 1090 65.09 13.01 1.15
N ARG C 1091 65.09 14.07 0.38
CA ARG C 1091 64.07 15.07 0.64
C ARG C 1091 62.73 14.59 0.14
N GLU C 1092 62.74 13.99 -1.03
CA GLU C 1092 61.54 13.47 -1.69
C GLU C 1092 61.91 12.21 -2.43
N GLY C 1093 62.19 11.16 -1.71
CA GLY C 1093 62.65 9.96 -2.40
C GLY C 1093 62.98 8.83 -1.47
N VAL C 1094 63.61 7.83 -2.02
CA VAL C 1094 64.01 6.65 -1.30
C VAL C 1094 65.45 6.30 -1.61
N PHE C 1095 66.21 5.83 -0.62
CA PHE C 1095 67.55 5.37 -0.96
C PHE C 1095 67.45 3.92 -1.36
N VAL C 1096 67.87 3.68 -2.57
CA VAL C 1096 67.76 2.40 -3.20
C VAL C 1096 69.07 1.94 -3.81
N SER C 1097 69.34 0.65 -3.79
CA SER C 1097 70.54 0.20 -4.44
C SER C 1097 70.48 -1.13 -5.18
N ASN C 1098 71.42 -1.23 -6.14
CA ASN C 1098 71.77 -2.42 -6.91
C ASN C 1098 72.95 -3.05 -6.17
N GLY C 1099 73.55 -4.14 -6.70
CA GLY C 1099 74.65 -4.86 -6.03
C GLY C 1099 75.92 -4.03 -5.70
N THR C 1100 76.13 -2.89 -6.36
CA THR C 1100 77.31 -2.08 -6.07
C THR C 1100 77.05 -0.61 -5.69
N HIS C 1101 75.92 -0.03 -6.12
CA HIS C 1101 75.71 1.39 -5.85
C HIS C 1101 74.35 1.84 -5.35
N TRP C 1102 74.45 2.85 -4.52
CA TRP C 1102 73.30 3.55 -3.96
C TRP C 1102 72.95 4.77 -4.76
N PHE C 1103 71.65 4.89 -4.99
CA PHE C 1103 70.97 5.93 -5.72
C PHE C 1103 69.78 6.41 -4.97
N VAL C 1104 69.31 7.58 -5.32
CA VAL C 1104 68.08 8.05 -4.74
C VAL C 1104 67.05 8.15 -5.83
N THR C 1105 65.86 7.65 -5.56
CA THR C 1105 64.77 7.70 -6.53
C THR C 1105 63.50 8.26 -6.01
N GLN C 1106 62.62 8.59 -6.92
CA GLN C 1106 61.28 8.97 -6.59
C GLN C 1106 60.57 7.69 -6.25
N ARG C 1107 59.51 7.77 -5.46
CA ARG C 1107 58.84 6.56 -5.03
C ARG C 1107 58.04 5.78 -6.07
N ASN C 1108 57.39 6.49 -7.01
CA ASN C 1108 56.47 5.81 -7.92
C ASN C 1108 56.97 5.43 -9.31
N PHE C 1109 58.25 5.61 -9.59
CA PHE C 1109 58.79 5.25 -10.91
C PHE C 1109 60.30 5.25 -10.85
N TYR C 1110 60.92 4.10 -11.03
CA TYR C 1110 62.35 4.04 -10.86
C TYR C 1110 63.09 4.92 -11.82
N GLU C 1111 63.92 5.77 -11.26
CA GLU C 1111 64.75 6.71 -11.96
C GLU C 1111 65.93 7.06 -11.08
N PRO C 1112 66.99 6.28 -11.08
CA PRO C 1112 68.09 6.44 -10.16
C PRO C 1112 68.83 7.70 -10.44
N GLN C 1113 69.17 8.41 -9.39
CA GLN C 1113 69.97 9.58 -9.49
C GLN C 1113 71.08 9.49 -8.47
N ILE C 1114 72.17 10.17 -8.75
CA ILE C 1114 73.29 10.18 -7.83
C ILE C 1114 72.88 10.85 -6.57
N ILE C 1115 73.26 10.28 -5.46
CA ILE C 1115 72.90 10.87 -4.19
C ILE C 1115 73.85 12.02 -3.98
N THR C 1116 73.27 13.21 -3.87
CA THR C 1116 73.98 14.46 -3.73
C THR C 1116 73.32 15.26 -2.64
N THR C 1117 73.95 16.36 -2.29
CA THR C 1117 73.45 17.28 -1.28
C THR C 1117 72.20 18.04 -1.75
N ASP C 1118 71.88 17.91 -3.04
CA ASP C 1118 70.69 18.52 -3.61
C ASP C 1118 69.51 17.58 -3.42
N ASN C 1119 69.79 16.30 -3.29
CA ASN C 1119 68.75 15.31 -3.17
C ASN C 1119 68.44 14.96 -1.72
N THR C 1120 69.40 15.12 -0.82
CA THR C 1120 69.19 14.73 0.57
C THR C 1120 69.35 15.88 1.54
N PHE C 1121 68.82 15.71 2.74
CA PHE C 1121 68.97 16.70 3.77
C PHE C 1121 69.65 16.06 4.94
N VAL C 1122 70.28 16.86 5.78
CA VAL C 1122 70.98 16.27 6.89
C VAL C 1122 70.38 16.59 8.21
N SER C 1123 70.13 15.56 8.98
CA SER C 1123 69.58 15.76 10.29
C SER C 1123 69.94 14.63 11.23
N GLY C 1124 70.61 14.95 12.32
CA GLY C 1124 70.99 13.91 13.26
C GLY C 1124 72.29 13.29 12.81
N ASN C 1125 72.87 12.48 13.69
CA ASN C 1125 74.13 11.81 13.43
C ASN C 1125 73.90 10.41 12.85
N CYS C 1126 74.97 9.69 12.53
CA CYS C 1126 74.94 8.31 12.00
C CYS C 1126 74.65 7.24 13.05
N ASP C 1127 74.59 7.59 14.32
CA ASP C 1127 74.42 6.58 15.34
C ASP C 1127 72.95 6.31 15.64
N VAL C 1128 72.13 7.34 15.48
CA VAL C 1128 70.72 7.25 15.81
C VAL C 1128 69.84 6.46 14.82
N VAL C 1129 70.13 6.49 13.53
CA VAL C 1129 69.27 5.78 12.60
C VAL C 1129 69.57 4.29 12.54
N ILE C 1130 68.55 3.51 12.79
CA ILE C 1130 68.68 2.08 12.79
C ILE C 1130 68.67 1.62 11.35
N GLY C 1131 69.70 0.90 10.94
CA GLY C 1131 69.75 0.43 9.57
C GLY C 1131 70.42 1.40 8.60
N ILE C 1132 71.07 2.45 9.11
CA ILE C 1132 71.75 3.39 8.23
C ILE C 1132 72.91 2.72 7.53
N VAL C 1133 73.10 3.04 6.24
CA VAL C 1133 74.17 2.45 5.44
C VAL C 1133 75.23 3.49 5.11
N ASN C 1134 76.48 3.11 5.16
CA ASN C 1134 77.56 4.06 4.86
C ASN C 1134 77.72 4.26 3.35
N ASN C 1135 77.78 5.52 2.92
CA ASN C 1135 78.00 5.85 1.52
C ASN C 1135 78.44 7.31 1.38
N THR C 1136 78.68 7.77 0.16
CA THR C 1136 79.10 9.14 -0.06
C THR C 1136 78.05 9.98 -0.73
N VAL C 1137 77.79 11.15 -0.16
CA VAL C 1137 76.84 12.06 -0.75
C VAL C 1137 77.63 13.11 -1.49
N TYR C 1138 77.45 13.18 -2.78
CA TYR C 1138 78.21 14.07 -3.61
C TYR C 1138 77.88 15.55 -3.45
N ASP C 1139 78.91 16.36 -3.34
CA ASP C 1139 78.78 17.81 -3.21
C ASP C 1139 79.26 18.55 -4.48
N PRO C 1140 78.35 19.03 -5.35
CA PRO C 1140 78.59 19.72 -6.61
C PRO C 1140 79.37 21.02 -6.49
N LEU C 1141 79.46 21.58 -5.29
CA LEU C 1141 80.16 22.84 -5.09
C LEU C 1141 81.66 22.68 -4.93
N GLN C 1142 82.09 21.57 -4.34
CA GLN C 1142 83.51 21.44 -4.05
C GLN C 1142 84.43 21.53 -5.27
N PRO C 1143 84.11 20.93 -6.44
CA PRO C 1143 84.90 20.99 -7.67
C PRO C 1143 85.06 22.39 -8.32
N GLU C 1144 84.24 23.40 -7.92
CA GLU C 1144 84.23 24.74 -8.49
C GLU C 1144 85.23 25.60 -7.73
N GLU D 1 -84.45 -46.23 -17.69
CA GLU D 1 -83.12 -46.80 -17.43
C GLU D 1 -82.52 -46.30 -16.09
N VAL D 2 -82.75 -45.02 -15.75
CA VAL D 2 -82.32 -44.32 -14.53
C VAL D 2 -83.52 -43.83 -13.78
N GLN D 3 -83.55 -44.18 -12.51
CA GLN D 3 -84.67 -43.76 -11.69
C GLN D 3 -84.22 -42.75 -10.67
N LEU D 4 -84.42 -41.49 -11.05
CA LEU D 4 -83.95 -40.31 -10.36
C LEU D 4 -85.07 -39.69 -9.56
N VAL D 5 -84.84 -39.55 -8.25
CA VAL D 5 -85.84 -39.04 -7.32
C VAL D 5 -85.36 -37.92 -6.38
N GLU D 6 -86.19 -36.86 -6.26
CA GLU D 6 -85.97 -35.72 -5.37
C GLU D 6 -86.29 -35.99 -3.90
N SER D 7 -85.68 -35.19 -3.05
CA SER D 7 -85.97 -35.07 -1.62
C SER D 7 -85.76 -33.61 -1.20
N GLY D 8 -86.59 -33.11 -0.30
CA GLY D 8 -86.44 -31.74 0.12
C GLY D 8 -87.39 -31.40 1.25
N GLY D 9 -87.48 -30.12 1.57
CA GLY D 9 -88.29 -29.66 2.70
C GLY D 9 -89.70 -29.20 2.34
N GLY D 10 -90.30 -28.49 3.31
CA GLY D 10 -91.66 -27.97 3.21
C GLY D 10 -91.60 -26.46 3.15
N LEU D 11 -92.05 -25.81 4.22
CA LEU D 11 -92.00 -24.36 4.33
C LEU D 11 -90.78 -23.90 5.10
N VAL D 12 -90.07 -22.98 4.48
CA VAL D 12 -88.90 -22.36 5.03
C VAL D 12 -89.13 -20.85 4.99
N GLN D 13 -88.38 -20.09 5.75
CA GLN D 13 -88.59 -18.66 5.76
C GLN D 13 -87.56 -17.94 4.90
N PRO D 14 -87.84 -16.73 4.38
CA PRO D 14 -86.91 -15.89 3.69
C PRO D 14 -85.71 -15.65 4.59
N GLY D 15 -84.54 -15.68 3.99
CA GLY D 15 -83.29 -15.49 4.68
C GLY D 15 -82.74 -16.81 5.19
N GLY D 16 -83.52 -17.88 5.06
CA GLY D 16 -83.10 -19.17 5.54
C GLY D 16 -82.34 -19.94 4.49
N SER D 17 -82.25 -21.24 4.75
CA SER D 17 -81.52 -22.17 3.92
C SER D 17 -82.22 -23.51 3.93
N LEU D 18 -81.91 -24.34 2.93
CA LEU D 18 -82.50 -25.67 2.82
C LEU D 18 -81.65 -26.63 2.02
N ARG D 19 -81.40 -27.81 2.55
CA ARG D 19 -80.63 -28.78 1.78
C ARG D 19 -81.54 -29.72 1.00
N LEU D 20 -81.45 -29.64 -0.31
CA LEU D 20 -82.24 -30.48 -1.19
C LEU D 20 -81.35 -31.62 -1.64
N SER D 21 -81.95 -32.74 -2.01
CA SER D 21 -81.19 -33.91 -2.44
C SER D 21 -81.85 -34.75 -3.55
N CYS D 22 -81.02 -35.29 -4.48
CA CYS D 22 -81.39 -36.19 -5.57
C CYS D 22 -80.53 -37.44 -5.58
N ALA D 23 -81.14 -38.57 -5.90
CA ALA D 23 -80.34 -39.78 -6.05
C ALA D 23 -80.97 -40.66 -7.09
N ALA D 24 -80.19 -41.55 -7.72
CA ALA D 24 -80.82 -42.40 -8.72
C ALA D 24 -80.23 -43.77 -8.87
N SER D 25 -81.09 -44.68 -9.26
CA SER D 25 -80.68 -46.03 -9.62
C SER D 25 -80.12 -45.99 -11.01
N GLY D 26 -79.02 -46.72 -11.24
CA GLY D 26 -78.43 -46.82 -12.58
C GLY D 26 -77.61 -45.59 -12.97
N LEU D 27 -77.11 -44.84 -11.98
CA LEU D 27 -76.38 -43.63 -12.29
C LEU D 27 -75.24 -43.28 -11.33
N LEU D 28 -74.08 -42.92 -11.87
CA LEU D 28 -72.99 -42.42 -11.03
C LEU D 28 -73.01 -40.90 -11.00
N VAL D 29 -73.17 -40.29 -9.83
CA VAL D 29 -73.28 -38.83 -9.78
C VAL D 29 -71.96 -38.18 -10.20
N SER D 30 -70.87 -38.86 -9.87
CA SER D 30 -69.52 -38.43 -10.12
C SER D 30 -69.16 -38.43 -11.59
N ARG D 31 -69.99 -39.06 -12.41
CA ARG D 31 -69.72 -39.18 -13.80
C ARG D 31 -70.64 -38.35 -14.65
N ASN D 32 -71.44 -37.48 -14.04
CA ASN D 32 -72.36 -36.72 -14.85
C ASN D 32 -72.41 -35.26 -14.56
N TYR D 33 -72.89 -34.54 -15.55
CA TYR D 33 -73.13 -33.14 -15.37
C TYR D 33 -74.51 -33.10 -14.77
N MET D 34 -74.66 -32.49 -13.63
CA MET D 34 -75.98 -32.50 -13.05
C MET D 34 -76.50 -31.11 -12.86
N ASN D 35 -77.77 -30.97 -13.14
CA ASN D 35 -78.44 -29.69 -12.98
C ASN D 35 -79.54 -29.68 -11.98
N TRP D 36 -79.74 -28.51 -11.41
CA TRP D 36 -80.97 -28.26 -10.72
C TRP D 36 -81.69 -27.28 -11.61
N VAL D 37 -82.92 -27.62 -11.88
CA VAL D 37 -83.78 -26.85 -12.75
C VAL D 37 -84.99 -26.40 -11.98
N ARG D 38 -85.35 -25.15 -12.13
CA ARG D 38 -86.47 -24.66 -11.39
C ARG D 38 -87.66 -24.32 -12.27
N GLN D 39 -88.85 -24.72 -11.84
CA GLN D 39 -90.04 -24.32 -12.55
C GLN D 39 -90.76 -23.30 -11.73
N ALA D 40 -90.70 -22.08 -12.19
CA ALA D 40 -91.29 -21.02 -11.46
C ALA D 40 -92.76 -21.39 -11.37
N PRO D 41 -93.43 -21.09 -10.26
CA PRO D 41 -94.78 -21.53 -9.94
C PRO D 41 -95.88 -20.89 -10.77
N GLY D 42 -95.97 -21.36 -12.01
CA GLY D 42 -96.94 -20.86 -12.98
C GLY D 42 -96.29 -19.84 -13.90
N LYS D 43 -94.97 -19.77 -13.82
CA LYS D 43 -94.22 -18.82 -14.62
C LYS D 43 -93.32 -19.45 -15.69
N GLY D 44 -92.77 -20.65 -15.46
CA GLY D 44 -91.87 -21.24 -16.48
C GLY D 44 -90.51 -21.74 -15.99
N LEU D 45 -89.81 -22.47 -16.86
CA LEU D 45 -88.52 -23.07 -16.51
C LEU D 45 -87.34 -22.13 -16.56
N GLU D 46 -86.46 -22.28 -15.58
CA GLU D 46 -85.19 -21.59 -15.48
C GLU D 46 -84.10 -22.55 -15.03
N TRP D 47 -82.92 -22.42 -15.58
CA TRP D 47 -81.83 -23.23 -15.06
C TRP D 47 -81.24 -22.53 -13.88
N VAL D 48 -80.89 -23.27 -12.83
CA VAL D 48 -80.33 -22.60 -11.69
C VAL D 48 -78.85 -22.89 -11.50
N SER D 49 -78.49 -24.18 -11.45
CA SER D 49 -77.10 -24.50 -11.17
C SER D 49 -76.65 -25.81 -11.78
N ILE D 50 -75.35 -25.89 -12.08
CA ILE D 50 -74.75 -27.10 -12.63
C ILE D 50 -73.47 -27.48 -11.95
N ILE D 51 -73.28 -28.77 -11.82
CA ILE D 51 -72.01 -29.28 -11.36
C ILE D 51 -71.47 -30.09 -12.51
N TYR D 52 -70.24 -29.84 -12.84
CA TYR D 52 -69.59 -30.52 -13.92
C TYR D 52 -69.22 -31.92 -13.57
N SER D 53 -69.18 -32.78 -14.55
CA SER D 53 -68.85 -34.15 -14.24
C SER D 53 -67.45 -34.22 -13.74
N GLY D 54 -67.31 -34.53 -12.47
CA GLY D 54 -66.00 -34.61 -11.88
C GLY D 54 -65.34 -33.24 -11.69
N GLY D 55 -66.10 -32.15 -11.83
CA GLY D 55 -65.51 -30.82 -11.79
C GLY D 55 -66.20 -29.73 -10.95
N SER D 56 -66.14 -28.53 -11.52
CA SER D 56 -66.57 -27.23 -10.99
C SER D 56 -68.03 -26.94 -11.11
N THR D 57 -68.47 -25.83 -10.53
CA THR D 57 -69.87 -25.48 -10.62
C THR D 57 -70.09 -24.10 -11.22
N PHE D 58 -71.27 -23.94 -11.84
CA PHE D 58 -71.70 -22.67 -12.42
C PHE D 58 -73.11 -22.36 -11.98
N TYR D 59 -73.42 -21.09 -11.87
CA TYR D 59 -74.74 -20.69 -11.42
C TYR D 59 -75.31 -19.63 -12.32
N ALA D 60 -76.63 -19.53 -12.38
CA ALA D 60 -77.25 -18.46 -13.13
C ALA D 60 -77.26 -17.18 -12.30
N ASP D 61 -76.55 -16.16 -12.78
CA ASP D 61 -76.41 -14.90 -12.07
C ASP D 61 -77.71 -14.13 -12.11
N SER D 62 -78.46 -14.42 -13.15
CA SER D 62 -79.76 -13.87 -13.42
C SER D 62 -80.81 -14.44 -12.47
N VAL D 63 -80.47 -15.50 -11.74
CA VAL D 63 -81.36 -16.17 -10.83
C VAL D 63 -81.04 -15.91 -9.38
N GLU D 64 -79.77 -16.04 -9.03
CA GLU D 64 -79.37 -16.00 -7.64
C GLU D 64 -77.97 -15.50 -7.38
N GLY D 65 -77.74 -15.16 -6.11
CA GLY D 65 -76.40 -14.83 -5.66
C GLY D 65 -75.78 -16.18 -5.43
N ARG D 66 -75.60 -16.61 -4.20
CA ARG D 66 -75.00 -17.94 -4.10
C ARG D 66 -75.66 -18.91 -3.15
N PHE D 67 -75.99 -20.00 -3.81
CA PHE D 67 -76.59 -21.25 -3.40
C PHE D 67 -75.52 -22.20 -3.87
N THR D 68 -75.37 -23.37 -3.29
CA THR D 68 -74.32 -24.21 -3.85
C THR D 68 -74.76 -25.59 -4.26
N ILE D 69 -74.08 -26.11 -5.26
CA ILE D 69 -74.36 -27.46 -5.73
C ILE D 69 -73.17 -28.34 -5.40
N SER D 70 -73.43 -29.53 -4.88
CA SER D 70 -72.38 -30.45 -4.50
C SER D 70 -72.82 -31.89 -4.66
N ARG D 71 -71.88 -32.81 -4.62
CA ARG D 71 -72.24 -34.22 -4.76
C ARG D 71 -71.43 -35.12 -3.85
N ASP D 72 -72.02 -36.26 -3.50
CA ASP D 72 -71.34 -37.29 -2.72
C ASP D 72 -71.33 -38.58 -3.49
N GLU D 73 -70.17 -38.88 -4.07
CA GLU D 73 -69.98 -40.01 -4.96
C GLU D 73 -70.11 -41.37 -4.30
N SER D 74 -70.06 -41.41 -2.96
CA SER D 74 -70.20 -42.69 -2.29
C SER D 74 -71.67 -43.04 -2.13
N LYS D 75 -72.53 -42.04 -2.38
CA LYS D 75 -73.97 -42.17 -2.22
C LYS D 75 -74.68 -42.03 -3.55
N ASN D 76 -74.00 -41.43 -4.54
CA ASN D 76 -74.59 -41.05 -5.81
C ASN D 76 -75.73 -40.12 -5.55
N THR D 77 -75.46 -39.22 -4.63
CA THR D 77 -76.43 -38.24 -4.25
C THR D 77 -75.94 -36.83 -4.55
N LEU D 78 -76.81 -36.09 -5.21
CA LEU D 78 -76.61 -34.71 -5.60
C LEU D 78 -77.30 -33.82 -4.60
N TYR D 79 -76.68 -32.72 -4.25
CA TYR D 79 -77.30 -31.83 -3.30
C TYR D 79 -77.31 -30.40 -3.77
N LEU D 80 -78.32 -29.67 -3.32
CA LEU D 80 -78.36 -28.22 -3.50
C LEU D 80 -78.57 -27.57 -2.17
N GLN D 81 -77.64 -26.75 -1.77
CA GLN D 81 -77.79 -26.08 -0.51
C GLN D 81 -78.28 -24.70 -0.80
N MET D 82 -79.53 -24.49 -0.50
CA MET D 82 -80.16 -23.25 -0.78
C MET D 82 -79.84 -22.34 0.36
N ASN D 83 -79.73 -21.06 0.09
CA ASN D 83 -79.50 -20.10 1.13
C ASN D 83 -80.05 -18.80 0.65
N SER D 84 -79.97 -17.75 1.46
CA SER D 84 -80.45 -16.45 1.02
C SER D 84 -81.83 -16.58 0.38
N LEU D 85 -82.72 -17.31 1.04
CA LEU D 85 -84.01 -17.53 0.43
C LEU D 85 -84.87 -16.29 0.37
N ARG D 86 -85.64 -16.19 -0.69
CA ARG D 86 -86.61 -15.12 -0.88
C ARG D 86 -87.97 -15.76 -1.14
N THR D 87 -89.06 -15.03 -1.00
CA THR D 87 -90.37 -15.64 -1.29
C THR D 87 -90.52 -15.85 -2.79
N ASP D 88 -89.64 -15.17 -3.51
CA ASP D 88 -89.50 -15.16 -4.94
C ASP D 88 -88.99 -16.52 -5.42
N ASP D 89 -88.42 -17.30 -4.50
CA ASP D 89 -87.83 -18.58 -4.80
C ASP D 89 -88.82 -19.72 -4.59
N THR D 90 -90.08 -19.43 -4.26
CA THR D 90 -91.00 -20.56 -4.17
C THR D 90 -91.06 -21.12 -5.55
N ALA D 91 -90.81 -22.41 -5.67
CA ALA D 91 -90.77 -23.04 -6.99
C ALA D 91 -90.62 -24.52 -6.91
N VAL D 92 -90.82 -25.20 -8.03
CA VAL D 92 -90.51 -26.62 -8.06
C VAL D 92 -89.07 -26.82 -8.49
N TYR D 93 -88.31 -27.54 -7.69
CA TYR D 93 -86.93 -27.80 -8.01
C TYR D 93 -86.80 -29.24 -8.49
N TYR D 94 -86.18 -29.41 -9.63
CA TYR D 94 -86.05 -30.72 -10.24
C TYR D 94 -84.62 -31.22 -10.32
N CYS D 95 -84.49 -32.55 -10.20
CA CYS D 95 -83.28 -33.32 -10.45
C CYS D 95 -83.12 -33.38 -11.97
N ALA D 96 -81.88 -33.29 -12.46
CA ALA D 96 -81.67 -33.45 -13.89
C ALA D 96 -80.25 -33.95 -14.26
N ARG D 97 -80.20 -34.91 -15.19
CA ARG D 97 -78.94 -35.43 -15.73
C ARG D 97 -78.74 -34.91 -17.12
N ASP D 98 -77.71 -34.09 -17.26
CA ASP D 98 -77.37 -33.31 -18.43
C ASP D 98 -76.27 -33.88 -19.36
N LEU D 99 -76.65 -34.25 -20.58
CA LEU D 99 -75.73 -34.77 -21.57
C LEU D 99 -75.29 -33.67 -22.53
N SER D 100 -75.58 -32.42 -22.15
CA SER D 100 -75.13 -31.28 -22.97
C SER D 100 -75.50 -31.55 -24.42
N ASP D 101 -74.60 -31.27 -25.35
CA ASP D 101 -74.87 -31.40 -26.79
C ASP D 101 -75.17 -32.84 -27.19
N TYR D 102 -74.47 -33.81 -26.60
CA TYR D 102 -74.57 -35.22 -27.00
C TYR D 102 -76.01 -35.66 -26.80
N GLY D 103 -76.70 -35.23 -25.73
CA GLY D 103 -78.12 -35.62 -25.62
C GLY D 103 -78.97 -34.84 -24.64
N GLY D 104 -78.75 -33.53 -24.44
CA GLY D 104 -79.61 -32.71 -23.60
C GLY D 104 -79.95 -33.33 -22.26
N ILE D 105 -81.07 -32.94 -21.67
CA ILE D 105 -81.34 -33.53 -20.38
C ILE D 105 -82.17 -34.77 -20.54
N ASP D 106 -81.44 -35.86 -20.45
CA ASP D 106 -81.90 -37.22 -20.61
C ASP D 106 -82.77 -37.66 -19.47
N CYS D 107 -82.39 -37.29 -18.26
CA CYS D 107 -83.15 -37.80 -17.13
C CYS D 107 -83.58 -36.76 -16.17
N TRP D 108 -84.85 -36.82 -15.84
CA TRP D 108 -85.49 -35.89 -14.93
C TRP D 108 -86.09 -36.56 -13.72
N GLY D 109 -86.17 -35.80 -12.64
CA GLY D 109 -86.85 -36.25 -11.44
C GLY D 109 -88.33 -35.92 -11.57
N GLN D 110 -89.06 -35.87 -10.46
CA GLN D 110 -90.50 -35.63 -10.50
C GLN D 110 -90.82 -34.18 -10.21
N GLY D 111 -89.97 -33.58 -9.39
CA GLY D 111 -90.05 -32.20 -8.94
C GLY D 111 -90.55 -32.02 -7.51
N THR D 112 -89.78 -31.28 -6.69
CA THR D 112 -90.13 -31.00 -5.30
C THR D 112 -90.26 -29.52 -5.07
N LEU D 113 -91.37 -29.10 -4.51
CA LEU D 113 -91.53 -27.69 -4.30
C LEU D 113 -91.01 -27.27 -2.96
N VAL D 114 -90.38 -26.12 -2.98
CA VAL D 114 -89.88 -25.47 -1.80
C VAL D 114 -90.72 -24.25 -1.60
N THR D 115 -91.33 -24.13 -0.43
CA THR D 115 -92.17 -22.97 -0.18
C THR D 115 -91.41 -22.00 0.67
N VAL D 116 -91.32 -20.76 0.24
CA VAL D 116 -90.61 -19.80 1.06
C VAL D 116 -91.63 -18.71 1.44
N SER D 117 -91.80 -18.46 2.77
CA SER D 117 -92.77 -17.48 3.32
C SER D 117 -92.47 -17.18 4.79
N GLU E 1 -81.15 -15.63 -25.56
CA GLU E 1 -82.18 -16.54 -25.11
C GLU E 1 -83.03 -17.01 -26.32
N LEU E 2 -84.04 -17.87 -26.02
CA LEU E 2 -84.93 -18.50 -27.00
C LEU E 2 -86.31 -17.86 -27.00
N THR E 3 -86.74 -17.40 -28.17
CA THR E 3 -88.04 -16.75 -28.30
C THR E 3 -89.09 -17.83 -28.42
N GLN E 4 -90.37 -17.47 -28.28
CA GLN E 4 -91.46 -18.43 -28.44
C GLN E 4 -92.69 -17.82 -29.11
N PRO E 5 -93.46 -18.59 -29.90
CA PRO E 5 -94.77 -18.26 -30.36
C PRO E 5 -95.51 -18.49 -29.08
N LEU E 6 -96.68 -17.97 -28.88
CA LEU E 6 -97.22 -18.28 -27.58
C LEU E 6 -98.11 -19.51 -27.53
N SER E 7 -98.80 -19.84 -28.62
CA SER E 7 -99.68 -21.00 -28.56
C SER E 7 -100.11 -21.62 -29.89
N VAL E 8 -100.55 -22.87 -29.80
CA VAL E 8 -101.20 -23.63 -30.86
C VAL E 8 -102.47 -24.21 -30.23
N SER E 9 -103.62 -24.03 -30.86
CA SER E 9 -104.83 -24.55 -30.23
C SER E 9 -105.78 -25.17 -31.20
N MET E 10 -106.48 -26.19 -30.70
CA MET E 10 -107.43 -26.99 -31.45
C MET E 10 -106.77 -27.54 -32.69
N ALA E 11 -105.53 -27.95 -32.52
CA ALA E 11 -104.81 -28.51 -33.63
C ALA E 11 -105.09 -29.97 -33.61
N LEU E 12 -105.99 -30.42 -34.47
CA LEU E 12 -106.41 -31.80 -34.44
C LEU E 12 -106.30 -32.40 -35.84
N GLY E 13 -105.48 -33.42 -35.98
CA GLY E 13 -105.28 -34.13 -37.25
C GLY E 13 -104.29 -33.43 -38.19
N GLN E 14 -103.78 -32.30 -37.76
CA GLN E 14 -102.87 -31.48 -38.55
C GLN E 14 -101.48 -31.48 -37.98
N THR E 15 -100.56 -30.81 -38.62
CA THR E 15 -99.25 -30.73 -38.01
C THR E 15 -99.26 -29.62 -37.00
N ALA E 16 -98.25 -29.60 -36.15
CA ALA E 16 -98.07 -28.49 -35.23
C ALA E 16 -96.60 -28.14 -35.19
N ARG E 17 -96.30 -26.84 -35.12
CA ARG E 17 -94.90 -26.41 -35.07
C ARG E 17 -94.60 -25.31 -34.07
N ILE E 18 -93.43 -25.40 -33.47
CA ILE E 18 -92.96 -24.38 -32.53
C ILE E 18 -91.62 -23.86 -32.98
N SER E 19 -91.38 -22.55 -32.89
CA SER E 19 -90.04 -22.04 -33.26
C SER E 19 -89.42 -21.23 -32.13
N CYS E 20 -88.13 -21.40 -31.95
CA CYS E 20 -87.42 -20.58 -30.95
C CYS E 20 -86.43 -19.74 -31.75
N GLY E 21 -86.41 -18.43 -31.51
CA GLY E 21 -85.53 -17.55 -32.28
C GLY E 21 -84.42 -17.02 -31.40
N GLY E 22 -83.18 -17.17 -31.86
CA GLY E 22 -82.06 -16.62 -31.11
C GLY E 22 -80.93 -16.09 -31.96
N ASP E 23 -80.14 -15.17 -31.42
CA ASP E 23 -78.86 -14.79 -32.06
C ASP E 23 -78.15 -16.12 -31.92
N ASN E 24 -78.61 -16.89 -30.92
CA ASN E 24 -78.13 -18.27 -30.75
C ASN E 24 -78.47 -18.82 -32.09
N VAL E 25 -77.54 -19.54 -32.63
CA VAL E 25 -77.83 -19.91 -34.00
C VAL E 25 -78.32 -21.34 -33.98
N GLY E 26 -79.06 -21.67 -35.00
CA GLY E 26 -79.49 -23.06 -35.18
C GLY E 26 -78.20 -23.80 -34.96
N SER E 27 -77.10 -23.05 -35.05
CA SER E 27 -75.78 -23.62 -34.75
C SER E 27 -75.76 -24.08 -33.29
N GLN E 28 -76.34 -23.36 -32.35
CA GLN E 28 -76.34 -23.93 -30.98
C GLN E 28 -77.20 -25.17 -31.07
N ASN E 29 -76.79 -26.26 -30.46
CA ASN E 29 -77.64 -27.44 -30.68
C ASN E 29 -78.95 -27.06 -30.04
N VAL E 30 -80.09 -27.27 -30.68
CA VAL E 30 -81.32 -26.91 -29.91
C VAL E 30 -82.12 -28.17 -29.58
N HIS E 31 -82.38 -28.33 -28.30
CA HIS E 31 -83.08 -29.54 -27.84
C HIS E 31 -84.47 -29.10 -27.43
N TRP E 32 -85.39 -30.04 -27.31
CA TRP E 32 -86.78 -29.75 -27.01
C TRP E 32 -87.36 -30.68 -25.99
N TYR E 33 -88.24 -30.14 -25.16
CA TYR E 33 -88.91 -30.84 -24.10
C TYR E 33 -90.42 -30.68 -24.13
N GLN E 34 -91.11 -31.73 -23.72
CA GLN E 34 -92.55 -31.68 -23.56
C GLN E 34 -92.93 -31.76 -22.12
N GLN E 35 -93.46 -30.68 -21.54
CA GLN E 35 -93.81 -30.72 -20.14
C GLN E 35 -95.31 -30.77 -19.94
N ARG E 36 -95.82 -31.94 -19.66
CA ARG E 36 -97.24 -32.01 -19.44
C ARG E 36 -97.40 -31.33 -18.09
N PRO E 37 -98.37 -30.46 -17.84
CA PRO E 37 -98.48 -29.80 -16.58
C PRO E 37 -98.51 -30.82 -15.48
N GLY E 38 -97.76 -30.57 -14.42
CA GLY E 38 -97.67 -31.44 -13.27
C GLY E 38 -96.51 -32.43 -13.36
N GLN E 39 -95.90 -32.54 -14.54
CA GLN E 39 -94.79 -33.44 -14.79
C GLN E 39 -93.49 -32.73 -15.05
N ALA E 40 -92.37 -33.43 -14.86
CA ALA E 40 -91.08 -32.90 -15.24
C ALA E 40 -91.03 -32.86 -16.76
N PRO E 41 -90.30 -31.95 -17.38
CA PRO E 41 -90.14 -31.87 -18.80
C PRO E 41 -89.60 -33.18 -19.34
N VAL E 42 -90.12 -33.60 -20.49
CA VAL E 42 -89.67 -34.83 -21.12
C VAL E 42 -88.86 -34.54 -22.36
N LEU E 43 -87.66 -35.05 -22.48
CA LEU E 43 -86.93 -34.74 -23.70
C LEU E 43 -87.66 -35.36 -24.87
N VAL E 44 -87.92 -34.56 -25.89
CA VAL E 44 -88.54 -35.06 -27.11
C VAL E 44 -87.65 -34.95 -28.34
N ILE E 45 -86.86 -33.89 -28.43
CA ILE E 45 -85.97 -33.73 -29.58
C ILE E 45 -84.57 -33.34 -29.14
N TYR E 46 -83.58 -33.98 -29.72
CA TYR E 46 -82.23 -33.70 -29.19
C TYR E 46 -81.33 -33.47 -30.39
N ARG E 47 -80.13 -32.95 -30.12
CA ARG E 47 -79.16 -32.70 -31.20
C ARG E 47 -79.97 -32.08 -32.32
N ASP E 48 -80.75 -31.06 -32.01
CA ASP E 48 -81.47 -30.32 -33.06
C ASP E 48 -82.73 -31.05 -33.56
N SER E 49 -82.67 -32.32 -33.96
CA SER E 49 -83.88 -32.89 -34.61
C SER E 49 -84.23 -34.29 -34.13
N ASN E 50 -83.24 -35.06 -33.76
CA ASN E 50 -83.42 -36.47 -33.48
C ASN E 50 -84.45 -36.71 -32.39
N ARG E 51 -85.12 -37.86 -32.41
CA ARG E 51 -86.07 -38.12 -31.36
C ARG E 51 -85.56 -39.28 -30.52
N PRO E 52 -85.87 -39.34 -29.22
CA PRO E 52 -85.56 -40.43 -28.35
C PRO E 52 -86.51 -41.55 -28.57
N SER E 53 -86.04 -42.74 -28.28
CA SER E 53 -86.94 -43.85 -28.28
C SER E 53 -87.89 -43.60 -27.14
N GLY E 54 -89.15 -43.98 -27.30
CA GLY E 54 -90.11 -43.82 -26.23
C GLY E 54 -91.11 -42.70 -26.49
N ILE E 55 -90.90 -41.87 -27.50
CA ILE E 55 -91.91 -40.85 -27.73
C ILE E 55 -92.51 -41.21 -29.08
N PRO E 56 -93.64 -40.60 -29.51
CA PRO E 56 -94.28 -40.84 -30.78
C PRO E 56 -93.36 -40.49 -31.93
N GLU E 57 -93.55 -41.22 -33.03
CA GLU E 57 -92.82 -41.07 -34.28
C GLU E 57 -93.21 -39.78 -34.96
N ARG E 58 -94.27 -39.19 -34.43
CA ARG E 58 -94.83 -37.97 -34.89
C ARG E 58 -93.83 -36.84 -34.71
N PHE E 59 -92.94 -36.97 -33.72
CA PHE E 59 -91.99 -35.93 -33.43
C PHE E 59 -90.70 -35.98 -34.21
N SER E 60 -90.30 -34.82 -34.69
CA SER E 60 -89.03 -34.64 -35.35
C SER E 60 -88.68 -33.17 -35.29
N GLY E 61 -87.42 -32.83 -35.51
CA GLY E 61 -87.11 -31.40 -35.55
C GLY E 61 -86.44 -30.97 -36.82
N SER E 62 -86.24 -29.67 -36.93
CA SER E 62 -85.61 -29.02 -38.05
C SER E 62 -85.10 -27.67 -37.63
N LYS E 63 -84.41 -26.97 -38.51
CA LYS E 63 -83.95 -25.64 -38.16
C LYS E 63 -83.72 -24.74 -39.36
N SER E 64 -83.70 -23.44 -39.08
CA SER E 64 -83.39 -22.38 -40.00
C SER E 64 -82.13 -21.68 -39.53
N GLY E 65 -81.90 -20.46 -40.01
CA GLY E 65 -80.66 -19.73 -39.73
C GLY E 65 -80.33 -19.58 -38.26
N ASN E 66 -81.26 -19.02 -37.48
CA ASN E 66 -81.12 -18.79 -36.06
C ASN E 66 -82.24 -19.42 -35.28
N THR E 67 -83.08 -20.18 -35.97
CA THR E 67 -84.29 -20.69 -35.35
C THR E 67 -84.45 -22.20 -35.35
N ALA E 68 -84.68 -22.76 -34.18
CA ALA E 68 -84.93 -24.19 -34.09
C ALA E 68 -86.41 -24.43 -34.23
N THR E 69 -86.82 -25.53 -34.85
CA THR E 69 -88.24 -25.85 -34.94
C THR E 69 -88.60 -27.27 -34.49
N LEU E 70 -89.69 -27.38 -33.74
CA LEU E 70 -90.26 -28.66 -33.34
C LEU E 70 -91.42 -28.95 -34.23
N THR E 71 -91.55 -30.18 -34.73
CA THR E 71 -92.70 -30.55 -35.53
C THR E 71 -93.37 -31.82 -35.04
N ILE E 72 -94.69 -31.78 -34.96
CA ILE E 72 -95.52 -32.95 -34.66
C ILE E 72 -96.30 -33.23 -35.93
N SER E 73 -96.18 -34.43 -36.51
CA SER E 73 -96.85 -34.73 -37.77
C SER E 73 -98.38 -34.74 -37.74
N ARG E 74 -98.96 -35.15 -36.63
CA ARG E 74 -100.40 -35.13 -36.47
C ARG E 74 -100.70 -34.72 -35.07
N ALA E 75 -101.46 -33.68 -34.92
CA ALA E 75 -101.76 -33.15 -33.63
C ALA E 75 -102.96 -33.86 -33.03
N GLN E 76 -102.87 -34.13 -31.74
CA GLN E 76 -103.93 -34.75 -30.99
C GLN E 76 -104.27 -33.99 -29.73
N ALA E 77 -105.48 -34.15 -29.23
CA ALA E 77 -105.83 -33.52 -27.95
C ALA E 77 -104.89 -34.05 -26.85
N GLY E 78 -104.46 -35.29 -27.00
CA GLY E 78 -103.58 -35.94 -26.04
C GLY E 78 -102.16 -35.39 -26.05
N ASP E 79 -101.84 -34.49 -26.96
CA ASP E 79 -100.51 -33.91 -27.04
C ASP E 79 -100.43 -32.63 -26.22
N GLU E 80 -101.51 -32.23 -25.56
CA GLU E 80 -101.40 -30.98 -24.84
C GLU E 80 -100.30 -30.98 -23.81
N ALA E 81 -99.45 -29.96 -23.89
CA ALA E 81 -98.33 -29.78 -23.00
C ALA E 81 -97.74 -28.39 -23.18
N ASP E 82 -96.91 -27.99 -22.23
CA ASP E 82 -96.17 -26.78 -22.39
C ASP E 82 -94.84 -27.19 -22.99
N TYR E 83 -94.57 -26.75 -24.20
CA TYR E 83 -93.38 -27.22 -24.85
C TYR E 83 -92.28 -26.19 -24.73
N TYR E 84 -91.09 -26.69 -24.48
CA TYR E 84 -89.91 -25.87 -24.28
C TYR E 84 -88.74 -26.28 -25.15
N CYS E 85 -87.81 -25.35 -25.34
CA CYS E 85 -86.54 -25.51 -26.01
C CYS E 85 -85.48 -25.01 -25.04
N GLN E 86 -84.27 -25.59 -25.14
CA GLN E 86 -83.13 -25.17 -24.25
C GLN E 86 -81.81 -24.95 -25.01
N VAL E 87 -80.93 -24.11 -24.46
CA VAL E 87 -79.65 -23.72 -25.12
C VAL E 87 -78.51 -23.87 -24.14
N TRP E 88 -77.44 -24.56 -24.53
CA TRP E 88 -76.22 -24.68 -23.71
C TRP E 88 -75.36 -23.45 -23.98
N ASP E 89 -75.71 -22.28 -23.46
CA ASP E 89 -74.94 -21.07 -23.86
C ASP E 89 -73.86 -20.71 -22.86
N SER E 90 -72.60 -20.91 -23.20
CA SER E 90 -71.48 -20.47 -22.33
C SER E 90 -71.61 -21.04 -20.92
N SER E 91 -72.02 -22.31 -20.79
CA SER E 91 -72.18 -22.95 -19.46
C SER E 91 -73.40 -22.37 -18.76
N THR E 92 -74.24 -21.70 -19.52
CA THR E 92 -75.49 -21.21 -18.94
C THR E 92 -76.57 -21.97 -19.65
N VAL E 93 -77.41 -22.61 -18.87
CA VAL E 93 -78.43 -23.46 -19.50
C VAL E 93 -79.66 -22.58 -19.46
N ALA E 94 -80.04 -22.08 -20.61
CA ALA E 94 -81.24 -21.28 -20.71
C ALA E 94 -82.39 -21.99 -21.41
N PHE E 95 -83.59 -21.55 -21.08
CA PHE E 95 -84.82 -22.08 -21.66
C PHE E 95 -85.64 -20.98 -22.28
N GLY E 96 -86.46 -21.35 -23.24
CA GLY E 96 -87.42 -20.39 -23.79
C GLY E 96 -88.54 -20.27 -22.76
N GLY E 97 -89.52 -19.40 -22.97
CA GLY E 97 -90.58 -19.23 -21.96
C GLY E 97 -91.66 -20.31 -22.01
N GLY E 98 -91.64 -21.10 -23.05
CA GLY E 98 -92.60 -22.17 -23.29
C GLY E 98 -93.72 -21.76 -24.24
N THR E 99 -94.21 -22.74 -25.00
CA THR E 99 -95.29 -22.54 -25.95
C THR E 99 -96.47 -23.39 -25.51
N LYS E 100 -97.67 -22.84 -25.50
CA LYS E 100 -98.81 -23.63 -25.06
C LYS E 100 -99.48 -24.35 -26.22
N LEU E 101 -99.39 -25.67 -26.27
CA LEU E 101 -99.99 -26.36 -27.41
C LEU E 101 -101.05 -27.33 -26.93
N THR E 102 -102.19 -27.40 -27.67
CA THR E 102 -103.32 -28.31 -27.39
C THR E 102 -104.04 -28.71 -28.70
C1 NAG F . 57.99 12.34 24.80
C2 NAG F . 59.49 12.66 25.21
C3 NAG F . 60.24 11.30 25.47
C4 NAG F . 59.51 10.51 26.59
C5 NAG F . 58.01 10.26 26.15
C6 NAG F . 57.18 9.56 27.23
C7 NAG F . 60.27 14.76 24.13
C8 NAG F . 60.89 15.47 22.96
N2 NAG F . 60.13 13.41 24.11
O3 NAG F . 61.59 11.58 25.88
O4 NAG F . 60.17 9.26 26.79
O5 NAG F . 57.35 11.56 25.87
O6 NAG F . 57.53 8.19 27.41
O7 NAG F . 59.88 15.44 25.10
C1 NAG G . 53.44 -8.78 21.51
C2 NAG G . 54.74 -9.66 21.72
C3 NAG G . 54.32 -11.02 22.39
C4 NAG G . 53.61 -10.73 23.76
C5 NAG G . 52.36 -9.81 23.51
C6 NAG G . 51.67 -9.36 24.80
C7 NAG G . 56.67 -9.77 20.16
C8 NAG G . 57.22 -10.01 18.79
N2 NAG G . 55.36 -9.90 20.39
O3 NAG G . 55.49 -11.84 22.62
O4 NAG G . 53.21 -11.97 24.35
O5 NAG G . 52.80 -8.56 22.82
O6 NAG G . 51.00 -10.42 25.47
O7 NAG G . 57.46 -9.47 21.07
C1 NAG H . 66.07 47.14 9.72
C2 NAG H . 65.50 48.11 10.86
C3 NAG H . 64.96 49.41 10.18
C4 NAG H . 66.09 50.11 9.37
C5 NAG H . 66.64 49.11 8.29
C6 NAG H . 67.81 49.66 7.48
C7 NAG H . 64.49 46.93 12.81
C8 NAG H . 63.33 46.22 13.43
N2 NAG H . 64.40 47.39 11.56
O3 NAG H . 64.48 50.30 11.19
O4 NAG H . 65.57 51.28 8.73
O5 NAG H . 67.12 47.86 8.97
O6 NAG H . 67.40 50.64 6.54
O7 NAG H . 65.53 47.06 13.49
C1 NAG I . -24.50 -8.34 -41.92
C2 NAG I . -23.29 -9.12 -42.62
C3 NAG I . -22.56 -8.14 -43.60
C4 NAG I . -23.58 -7.59 -44.67
C5 NAG I . -24.76 -6.88 -43.92
C6 NAG I . -25.86 -6.40 -44.87
C7 NAG I . -22.29 -10.85 -41.12
C8 NAG I . -21.29 -11.20 -40.06
N2 NAG I . -22.34 -9.59 -41.57
O3 NAG I . -21.51 -8.84 -44.27
O4 NAG I . -22.91 -6.68 -45.53
O5 NAG I . -25.39 -7.81 -42.97
O6 NAG I . -26.48 -7.47 -45.59
O7 NAG I . -23.06 -11.71 -41.55
C1 NAG J . -48.01 -14.88 -40.99
C2 NAG J . -46.80 -14.12 -40.29
C3 NAG J . -47.05 -12.57 -40.38
C4 NAG J . -47.20 -12.14 -41.88
C5 NAG J . -48.38 -12.94 -42.53
C6 NAG J . -48.55 -12.65 -44.02
C7 NAG J . -45.64 -14.91 -38.23
C8 NAG J . -45.67 -15.32 -36.79
N2 NAG J . -46.76 -14.54 -38.86
O3 NAG J . -45.94 -11.86 -39.78
O4 NAG J . -47.45 -10.74 -41.96
O5 NAG J . -48.12 -14.39 -42.39
O6 NAG J . -49.75 -13.23 -44.52
O7 NAG J . -44.54 -14.92 -38.82
C1 NAG K . 33.74 45.76 11.87
C2 NAG K . 34.40 47.03 12.56
C3 NAG K . 33.26 47.84 13.28
C4 NAG K . 32.16 48.26 12.25
C5 NAG K . 31.58 46.97 11.60
C6 NAG K . 30.54 47.26 10.51
C7 NAG K . 36.70 46.58 13.40
C8 NAG K . 37.60 46.06 14.48
N2 NAG K . 35.38 46.55 13.57
O3 NAG K . 33.84 49.03 13.86
O4 NAG K . 31.13 48.98 12.95
O5 NAG K . 32.68 46.20 10.94
O6 NAG K . 29.32 47.76 11.04
O7 NAG K . 37.20 47.01 12.36
C1 NAG L . 43.14 43.38 -7.94
C2 NAG L . 44.02 44.68 -8.24
C3 NAG L . 43.70 45.75 -7.14
C4 NAG L . 42.17 46.08 -7.15
C5 NAG L . 41.37 44.77 -6.90
C6 NAG L . 39.85 44.97 -6.96
C7 NAG L . 46.20 44.05 -9.27
C8 NAG L . 47.63 43.66 -9.11
N2 NAG L . 45.45 44.30 -8.18
O3 NAG L . 44.44 46.95 -7.41
O4 NAG L . 41.88 47.03 -6.11
O5 NAG L . 41.72 43.77 -7.94
O6 NAG L . 39.15 43.76 -6.68
O7 NAG L . 45.72 44.14 -10.41
C1 NAG M . 56.40 -0.46 -20.73
C2 NAG M . 57.80 -0.40 -21.45
C3 NAG M . 57.58 -0.08 -22.97
C4 NAG M . 56.67 -1.19 -23.60
C5 NAG M . 55.31 -1.23 -22.83
C6 NAG M . 54.37 -2.34 -23.30
C7 NAG M . 59.65 0.44 -20.02
C8 NAG M . 60.39 1.58 -19.38
N2 NAG M . 58.59 0.69 -20.80
O3 NAG M . 58.85 -0.06 -23.65
O4 NAG M . 56.46 -0.88 -24.98
O5 NAG M . 55.56 -1.48 -21.38
O6 NAG M . 53.81 -2.07 -24.59
O7 NAG M . 60.05 -0.71 -19.81
C1 NAG N . 40.96 8.29 -33.30
C2 NAG N . 41.47 9.16 -34.52
C3 NAG N . 40.50 8.90 -35.73
C4 NAG N . 40.48 7.39 -36.09
C5 NAG N . 40.01 6.58 -34.83
C6 NAG N . 40.02 5.06 -35.03
C7 NAG N . 42.53 11.27 -33.71
C8 NAG N . 42.42 12.71 -33.30
N2 NAG N . 41.44 10.59 -34.11
O3 NAG N . 40.97 9.65 -36.87
O4 NAG N . 39.57 7.18 -37.17
O5 NAG N . 40.93 6.86 -33.68
O6 NAG N . 38.96 4.62 -35.87
O7 NAG N . 43.64 10.71 -33.66
C1 NAG O . 74.63 -0.03 -10.54
C2 NAG O . 75.34 -1.10 -11.48
C3 NAG O . 76.65 -0.46 -12.08
C4 NAG O . 76.28 0.83 -12.88
C5 NAG O . 75.54 1.83 -11.93
C6 NAG O . 75.07 3.11 -12.65
C7 NAG O . 75.18 -3.49 -10.77
C8 NAG O . 75.64 -4.59 -9.86
N2 NAG O . 75.72 -2.28 -10.65
O3 NAG O . 77.29 -1.41 -12.96
O4 NAG O . 77.48 1.43 -13.39
O5 NAG O . 74.33 1.17 -11.34
O6 NAG O . 75.86 4.25 -12.29
O7 NAG O . 74.29 -3.72 -11.61
C1 NAG P . -3.08 -45.68 32.80
C2 NAG P . -2.28 -44.83 33.90
C3 NAG P . -0.76 -45.22 33.82
C4 NAG P . -0.59 -46.76 34.05
C5 NAG P . -1.41 -47.53 32.96
C6 NAG P . -1.37 -49.05 33.14
C7 NAG P . -3.28 -42.57 34.23
C8 NAG P . -3.39 -41.13 33.83
N2 NAG P . -2.44 -43.39 33.59
O3 NAG P . -0.04 -44.49 34.83
O4 NAG P . 0.80 -47.11 33.96
O5 NAG P . -2.85 -47.11 33.04
O6 NAG P . -1.97 -49.73 32.04
O7 NAG P . -4.01 -42.98 35.16
#